data_6CSJ
#
_entry.id   6CSJ
#
_cell.length_a   211.672
_cell.length_b   211.772
_cell.length_c   149.430
_cell.angle_alpha   90.000
_cell.angle_beta   90.000
_cell.angle_gamma   90.000
#
_symmetry.space_group_name_H-M   'C 2 2 21'
#
loop_
_entity.id
_entity.type
_entity.pdbx_description
1 polymer 'Glycerol dehydrogenase'
2 water water
#
_entity_poly.entity_id   1
_entity_poly.type   'polypeptide(L)'
_entity_poly.pdbx_seq_one_letter_code
;MTKIITSPSKFIQGPDELSRLSAYTERLGKKAFIIADDFVTGLVGKTVEESYAGKETGYQMALFGGECSKPEIERLCEMS
KSEEADVVVGIGGGKTLDTAKAVGYYNNIPVIVAPTIASTNAPTSALSVIYKENGEFEEYLMLPLNPTFVIMDTKVIASA
PARLLVSGMGDALATYFEARATKRANKTTMAGGRVTEAAIALAKLCYDTQILEGLKAKLAAEKHLVTEAVEKIIEANTYL
SGIGSESGGLAAAHAIHNGLTVLEETHHMYHGEKVAFGTLAQLILEDAPKAEIEEVVSFCLSVGLPVTLGDLGVKELNEE
KLRKVAELSCAEGETIYNMPFEVTPDLVYAAIVTADSVGRYYKEKW
;
_entity_poly.pdbx_strand_id   A,B,C,D,E,F,G,H
#
# COMPACT_ATOMS: atom_id res chain seq x y z
N MET A 1 23.05 -10.78 -31.48
CA MET A 1 21.72 -10.20 -31.12
C MET A 1 20.50 -11.16 -31.17
N THR A 2 20.70 -12.40 -31.58
CA THR A 2 19.64 -13.39 -31.70
C THR A 2 19.18 -13.93 -30.33
N LYS A 3 17.86 -14.07 -30.18
CA LYS A 3 17.26 -14.72 -28.99
C LYS A 3 16.69 -16.07 -29.44
N ILE A 4 16.92 -17.11 -28.63
CA ILE A 4 16.42 -18.45 -28.91
C ILE A 4 15.77 -19.03 -27.65
N ILE A 5 14.61 -19.66 -27.84
CA ILE A 5 14.00 -20.53 -26.83
C ILE A 5 13.72 -21.86 -27.51
N THR A 6 14.11 -22.93 -26.83
CA THR A 6 13.92 -24.28 -27.32
C THR A 6 13.03 -25.06 -26.35
N SER A 7 12.39 -26.11 -26.87
CA SER A 7 11.43 -26.89 -26.10
C SER A 7 11.25 -28.29 -26.67
N PRO A 8 10.84 -29.24 -25.81
CA PRO A 8 10.21 -30.45 -26.35
C PRO A 8 9.01 -30.05 -27.19
N SER A 9 8.67 -30.86 -28.18
CA SER A 9 7.53 -30.57 -29.04
C SER A 9 6.22 -30.68 -28.24
N LYS A 10 6.18 -31.61 -27.29
CA LYS A 10 5.05 -31.75 -26.37
C LYS A 10 5.56 -32.14 -24.99
N PHE A 11 4.98 -31.52 -23.95
CA PHE A 11 5.20 -31.92 -22.57
C PHE A 11 3.84 -32.31 -22.00
N ILE A 12 3.75 -33.54 -21.50
CA ILE A 12 2.48 -34.20 -21.19
C ILE A 12 2.53 -34.72 -19.76
N GLN A 13 1.55 -34.34 -18.94
CA GLN A 13 1.60 -34.67 -17.51
C GLN A 13 0.22 -35.05 -16.98
N GLY A 14 0.19 -36.08 -16.15
CA GLY A 14 -1.04 -36.57 -15.55
C GLY A 14 -0.84 -37.92 -14.89
N PRO A 15 -1.79 -38.33 -14.02
CA PRO A 15 -1.68 -39.65 -13.40
C PRO A 15 -1.98 -40.77 -14.40
N ASP A 16 -1.18 -41.84 -14.34
CA ASP A 16 -1.37 -43.04 -15.17
C ASP A 16 -1.19 -42.80 -16.70
N GLU A 17 -0.38 -41.81 -17.04
CA GLU A 17 -0.03 -41.48 -18.44
C GLU A 17 0.65 -42.62 -19.23
N LEU A 18 1.43 -43.47 -18.56
CA LEU A 18 2.06 -44.62 -19.22
C LEU A 18 1.04 -45.63 -19.76
N SER A 19 -0.16 -45.67 -19.18
CA SER A 19 -1.25 -46.51 -19.68
C SER A 19 -1.76 -46.04 -21.04
N ARG A 20 -1.45 -44.82 -21.44
CA ARG A 20 -1.74 -44.31 -22.79
C ARG A 20 -0.48 -44.16 -23.65
N LEU A 21 0.60 -44.86 -23.28
CA LEU A 21 1.86 -44.72 -24.01
C LEU A 21 1.71 -45.01 -25.50
N SER A 22 0.94 -46.06 -25.82
CA SER A 22 0.66 -46.45 -27.20
C SER A 22 -0.04 -45.36 -28.01
N ALA A 23 -0.94 -44.61 -27.38
CA ALA A 23 -1.58 -43.46 -28.05
C ALA A 23 -0.54 -42.40 -28.45
N TYR A 24 0.46 -42.17 -27.60
CA TYR A 24 1.52 -41.19 -27.88
C TYR A 24 2.55 -41.70 -28.91
N THR A 25 3.04 -42.93 -28.75
CA THR A 25 3.99 -43.48 -29.75
C THR A 25 3.37 -43.59 -31.15
N GLU A 26 2.09 -43.97 -31.21
CA GLU A 26 1.33 -44.02 -32.49
C GLU A 26 1.26 -42.67 -33.24
N ARG A 27 1.30 -41.54 -32.53
CA ARG A 27 1.34 -40.21 -33.18
C ARG A 27 2.67 -39.94 -33.91
N LEU A 28 3.74 -40.58 -33.48
CA LEU A 28 5.08 -40.39 -34.03
C LEU A 28 5.54 -41.49 -34.98
N GLY A 29 5.11 -42.72 -34.75
CA GLY A 29 5.43 -43.84 -35.64
C GLY A 29 4.65 -45.13 -35.41
N LYS A 30 4.88 -46.10 -36.29
CA LYS A 30 4.20 -47.39 -36.26
C LYS A 30 4.79 -48.42 -35.29
N LYS A 31 6.07 -48.26 -34.94
CA LYS A 31 6.79 -49.27 -34.15
C LYS A 31 7.73 -48.62 -33.12
N ALA A 32 7.39 -48.77 -31.85
CA ALA A 32 8.14 -48.18 -30.75
C ALA A 32 9.21 -49.12 -30.20
N PHE A 33 10.36 -48.55 -29.87
CA PHE A 33 11.45 -49.26 -29.20
C PHE A 33 11.57 -48.67 -27.79
N ILE A 34 11.20 -49.45 -26.78
CA ILE A 34 10.98 -48.95 -25.43
C ILE A 34 12.09 -49.44 -24.50
N ILE A 35 12.98 -48.52 -24.13
CA ILE A 35 14.17 -48.82 -23.33
C ILE A 35 13.86 -48.61 -21.85
N ALA A 36 14.21 -49.59 -21.02
CA ALA A 36 14.05 -49.52 -19.58
C ALA A 36 14.97 -50.52 -18.88
N ASP A 37 15.49 -50.16 -17.70
CA ASP A 37 16.34 -51.08 -16.94
C ASP A 37 15.51 -52.19 -16.26
N ASP A 38 16.20 -53.08 -15.56
CA ASP A 38 15.57 -54.21 -14.85
C ASP A 38 14.46 -53.75 -13.90
N PHE A 39 14.80 -52.87 -12.97
CA PHE A 39 13.85 -52.38 -11.97
C PHE A 39 12.61 -51.72 -12.58
N VAL A 40 12.81 -50.82 -13.54
CA VAL A 40 11.70 -50.07 -14.16
C VAL A 40 10.85 -50.98 -15.05
N THR A 41 11.47 -51.96 -15.70
CA THR A 41 10.71 -52.97 -16.47
C THR A 41 9.72 -53.73 -15.57
N GLY A 42 10.17 -54.14 -14.39
CA GLY A 42 9.30 -54.75 -13.39
C GLY A 42 8.24 -53.79 -12.86
N LEU A 43 8.62 -52.53 -12.67
CA LEU A 43 7.72 -51.50 -12.14
C LEU A 43 6.55 -51.16 -13.07
N VAL A 44 6.85 -50.88 -14.33
CA VAL A 44 5.85 -50.36 -15.30
C VAL A 44 5.58 -51.28 -16.52
N GLY A 45 6.24 -52.43 -16.57
CA GLY A 45 6.16 -53.32 -17.73
C GLY A 45 4.76 -53.75 -18.06
N LYS A 46 3.99 -54.10 -17.03
CA LYS A 46 2.59 -54.52 -17.21
C LYS A 46 1.72 -53.40 -17.77
N THR A 47 1.89 -52.18 -17.26
CA THR A 47 1.14 -51.02 -17.73
C THR A 47 1.40 -50.72 -19.20
N VAL A 48 2.68 -50.79 -19.59
CA VAL A 48 3.09 -50.53 -20.97
C VAL A 48 2.52 -51.60 -21.91
N GLU A 49 2.73 -52.87 -21.55
CA GLU A 49 2.16 -54.02 -22.28
C GLU A 49 0.64 -53.87 -22.47
N GLU A 50 -0.07 -53.55 -21.39
CA GLU A 50 -1.53 -53.35 -21.45
C GLU A 50 -1.96 -52.16 -22.30
N SER A 51 -1.12 -51.13 -22.38
CA SER A 51 -1.37 -49.97 -23.26
C SER A 51 -1.44 -50.33 -24.73
N TYR A 52 -0.66 -51.34 -25.14
CA TYR A 52 -0.61 -51.80 -26.54
C TYR A 52 -1.59 -52.95 -26.88
N ALA A 53 -2.58 -53.24 -26.05
CA ALA A 53 -3.68 -54.17 -26.38
C ALA A 53 -4.33 -53.85 -27.74
N GLY A 54 -4.36 -54.84 -28.62
CA GLY A 54 -4.89 -54.65 -29.97
C GLY A 54 -3.97 -53.97 -30.95
N LYS A 55 -2.74 -53.66 -30.53
CA LYS A 55 -1.72 -52.92 -31.31
C LYS A 55 -0.42 -53.67 -31.08
N GLU A 56 -0.47 -54.94 -30.75
CA GLU A 56 0.67 -55.65 -30.11
C GLU A 56 1.95 -55.80 -30.95
N THR A 57 1.88 -55.57 -32.27
CA THR A 57 3.06 -55.48 -33.13
C THR A 57 3.64 -54.08 -33.24
N GLY A 58 3.08 -53.14 -32.46
CA GLY A 58 3.50 -51.75 -32.51
C GLY A 58 4.50 -51.30 -31.48
N TYR A 59 5.10 -52.25 -30.74
CA TYR A 59 6.17 -51.98 -29.81
C TYR A 59 7.03 -53.21 -29.52
N GLN A 60 8.24 -52.98 -29.01
CA GLN A 60 9.03 -54.00 -28.34
C GLN A 60 9.81 -53.37 -27.20
N MET A 61 9.91 -54.10 -26.09
CA MET A 61 10.71 -53.71 -24.94
C MET A 61 12.14 -54.10 -25.18
N ALA A 62 13.06 -53.33 -24.60
CA ALA A 62 14.48 -53.64 -24.65
C ALA A 62 15.06 -53.36 -23.28
N LEU A 63 15.83 -54.32 -22.76
CA LEU A 63 16.45 -54.20 -21.45
C LEU A 63 17.70 -53.32 -21.52
N PHE A 64 17.70 -52.26 -20.73
CA PHE A 64 18.84 -51.32 -20.62
C PHE A 64 19.81 -51.85 -19.55
N GLY A 65 21.10 -51.84 -19.87
CA GLY A 65 22.15 -52.31 -18.95
C GLY A 65 22.41 -51.43 -17.74
N GLY A 66 21.95 -50.18 -17.78
CA GLY A 66 22.03 -49.27 -16.63
C GLY A 66 22.98 -48.09 -16.78
N GLU A 67 23.88 -48.18 -17.78
CA GLU A 67 24.86 -47.13 -18.05
C GLU A 67 24.66 -46.51 -19.43
N CYS A 68 24.63 -45.18 -19.47
CA CYS A 68 24.57 -44.45 -20.74
C CYS A 68 25.98 -44.34 -21.27
N SER A 69 26.40 -45.37 -21.98
CA SER A 69 27.72 -45.44 -22.60
C SER A 69 27.60 -45.60 -24.10
N LYS A 70 28.70 -45.37 -24.82
CA LYS A 70 28.72 -45.53 -26.28
C LYS A 70 28.46 -46.98 -26.74
N PRO A 71 29.09 -47.99 -26.07
CA PRO A 71 28.77 -49.39 -26.42
C PRO A 71 27.29 -49.75 -26.25
N GLU A 72 26.71 -49.36 -25.11
CA GLU A 72 25.30 -49.63 -24.83
C GLU A 72 24.38 -48.84 -25.81
N ILE A 73 24.74 -47.61 -26.15
CA ILE A 73 24.00 -46.84 -27.17
C ILE A 73 24.07 -47.52 -28.54
N GLU A 74 25.25 -47.99 -28.94
CA GLU A 74 25.41 -48.68 -30.22
C GLU A 74 24.62 -49.99 -30.26
N ARG A 75 24.70 -50.78 -29.19
CA ARG A 75 23.95 -52.04 -29.08
C ARG A 75 22.44 -51.81 -29.28
N LEU A 76 21.90 -50.81 -28.60
CA LEU A 76 20.47 -50.48 -28.68
C LEU A 76 20.06 -49.87 -30.02
N CYS A 77 20.92 -49.05 -30.61
CA CYS A 77 20.71 -48.56 -32.00
C CYS A 77 20.57 -49.71 -33.00
N GLU A 78 21.44 -50.73 -32.89
CA GLU A 78 21.41 -51.89 -33.79
C GLU A 78 20.12 -52.69 -33.58
N MET A 79 19.80 -53.01 -32.33
CA MET A 79 18.54 -53.67 -32.01
C MET A 79 17.33 -52.91 -32.56
N SER A 80 17.34 -51.59 -32.39
CA SER A 80 16.28 -50.71 -32.89
C SER A 80 16.13 -50.76 -34.42
N LYS A 81 17.25 -50.67 -35.16
CA LYS A 81 17.23 -50.83 -36.63
C LYS A 81 16.77 -52.24 -37.05
N SER A 82 17.29 -53.24 -36.35
CA SER A 82 16.91 -54.65 -36.54
C SER A 82 15.40 -54.93 -36.36
N GLU A 83 14.77 -54.28 -35.37
CA GLU A 83 13.32 -54.39 -35.15
C GLU A 83 12.51 -53.41 -36.01
N GLU A 84 13.18 -52.63 -36.87
CA GLU A 84 12.56 -51.60 -37.71
C GLU A 84 11.76 -50.54 -36.95
N ALA A 85 12.26 -50.16 -35.78
CA ALA A 85 11.61 -49.13 -34.95
C ALA A 85 11.77 -47.74 -35.56
N ASP A 86 10.68 -46.98 -35.56
CA ASP A 86 10.67 -45.58 -36.05
C ASP A 86 10.32 -44.53 -34.95
N VAL A 87 10.35 -44.97 -33.68
CA VAL A 87 10.26 -44.06 -32.53
C VAL A 87 10.88 -44.76 -31.31
N VAL A 88 11.65 -44.01 -30.52
CA VAL A 88 12.32 -44.59 -29.34
C VAL A 88 11.76 -43.97 -28.06
N VAL A 89 11.59 -44.81 -27.04
CA VAL A 89 11.06 -44.38 -25.76
C VAL A 89 12.06 -44.79 -24.68
N GLY A 90 12.33 -43.87 -23.76
CA GLY A 90 13.10 -44.16 -22.55
C GLY A 90 12.20 -43.96 -21.35
N ILE A 91 12.26 -44.91 -20.41
CA ILE A 91 11.45 -44.87 -19.19
C ILE A 91 12.36 -45.16 -18.02
N GLY A 92 12.48 -44.21 -17.09
CA GLY A 92 13.33 -44.37 -15.92
C GLY A 92 14.05 -43.10 -15.52
N GLY A 93 15.25 -43.29 -14.96
CA GLY A 93 16.11 -42.20 -14.53
C GLY A 93 16.91 -41.60 -15.67
N GLY A 94 17.72 -40.60 -15.33
CA GLY A 94 18.48 -39.81 -16.30
C GLY A 94 19.33 -40.59 -17.27
N LYS A 95 20.02 -41.62 -16.78
CA LYS A 95 20.86 -42.46 -17.64
C LYS A 95 20.03 -43.15 -18.74
N THR A 96 18.87 -43.70 -18.37
CA THR A 96 17.95 -44.29 -19.35
C THR A 96 17.42 -43.27 -20.34
N LEU A 97 17.00 -42.12 -19.85
CA LEU A 97 16.41 -41.08 -20.71
C LEU A 97 17.43 -40.56 -21.71
N ASP A 98 18.64 -40.30 -21.23
CA ASP A 98 19.74 -39.84 -22.09
C ASP A 98 20.12 -40.87 -23.15
N THR A 99 20.10 -42.15 -22.77
CA THR A 99 20.36 -43.25 -23.72
C THR A 99 19.33 -43.23 -24.84
N ALA A 100 18.05 -43.07 -24.49
CA ALA A 100 16.98 -42.97 -25.49
C ALA A 100 17.17 -41.76 -26.41
N LYS A 101 17.59 -40.63 -25.87
CA LYS A 101 17.81 -39.43 -26.70
C LYS A 101 18.94 -39.65 -27.69
N ALA A 102 20.04 -40.23 -27.20
CA ALA A 102 21.19 -40.61 -28.05
C ALA A 102 20.78 -41.57 -29.18
N VAL A 103 20.01 -42.62 -28.83
CA VAL A 103 19.51 -43.58 -29.83
C VAL A 103 18.65 -42.89 -30.90
N GLY A 104 17.79 -41.96 -30.49
CA GLY A 104 16.97 -41.23 -31.44
C GLY A 104 17.78 -40.35 -32.37
N TYR A 105 18.83 -39.75 -31.82
CA TYR A 105 19.79 -38.94 -32.58
C TYR A 105 20.54 -39.77 -33.62
N TYR A 106 21.18 -40.85 -33.18
CA TYR A 106 21.96 -41.71 -34.09
C TYR A 106 21.11 -42.42 -35.17
N ASN A 107 19.96 -42.98 -34.79
CA ASN A 107 19.04 -43.61 -35.77
C ASN A 107 18.12 -42.61 -36.48
N ASN A 108 18.19 -41.31 -36.13
CA ASN A 108 17.36 -40.27 -36.75
C ASN A 108 15.85 -40.56 -36.64
N ILE A 109 15.41 -40.91 -35.44
CA ILE A 109 13.99 -41.15 -35.16
C ILE A 109 13.54 -40.30 -33.95
N PRO A 110 12.24 -39.92 -33.91
CA PRO A 110 11.75 -39.11 -32.77
C PRO A 110 11.85 -39.87 -31.44
N VAL A 111 11.86 -39.10 -30.34
CA VAL A 111 12.13 -39.63 -29.00
C VAL A 111 11.02 -39.24 -28.02
N ILE A 112 10.69 -40.19 -27.12
CA ILE A 112 9.82 -39.94 -25.98
C ILE A 112 10.61 -40.28 -24.74
N VAL A 113 10.70 -39.33 -23.80
CA VAL A 113 11.32 -39.56 -22.50
C VAL A 113 10.22 -39.53 -21.47
N ALA A 114 10.23 -40.54 -20.59
CA ALA A 114 9.21 -40.71 -19.57
C ALA A 114 9.90 -40.97 -18.24
N PRO A 115 10.28 -39.89 -17.51
CA PRO A 115 10.95 -40.07 -16.22
C PRO A 115 10.03 -40.73 -15.21
N THR A 116 10.61 -41.60 -14.39
CA THR A 116 9.92 -42.21 -13.26
C THR A 116 10.19 -41.46 -11.95
N ILE A 117 10.98 -40.40 -12.03
CA ILE A 117 11.29 -39.50 -10.90
C ILE A 117 11.33 -38.08 -11.44
N ALA A 118 11.22 -37.10 -10.54
CA ALA A 118 11.24 -35.68 -10.92
C ALA A 118 12.28 -34.98 -10.04
N SER A 119 13.54 -35.38 -10.22
CA SER A 119 14.67 -34.99 -9.38
C SER A 119 15.68 -34.05 -10.05
N THR A 120 15.59 -33.85 -11.36
CA THR A 120 16.46 -32.88 -12.04
C THR A 120 15.68 -32.22 -13.17
N ASN A 121 16.26 -31.16 -13.74
CA ASN A 121 15.69 -30.51 -14.92
C ASN A 121 16.31 -31.00 -16.25
N ALA A 122 17.00 -32.14 -16.23
CA ALA A 122 17.60 -32.72 -17.45
C ALA A 122 16.64 -33.27 -18.52
N PRO A 123 15.49 -33.87 -18.11
CA PRO A 123 14.64 -34.58 -19.08
C PRO A 123 14.24 -33.84 -20.34
N THR A 124 13.89 -32.56 -20.22
CA THR A 124 13.46 -31.77 -21.39
C THR A 124 14.62 -31.33 -22.28
N SER A 125 15.87 -31.48 -21.82
CA SER A 125 17.01 -30.82 -22.46
C SER A 125 17.59 -31.62 -23.66
N ALA A 126 18.16 -30.86 -24.60
CA ALA A 126 18.83 -31.41 -25.77
C ALA A 126 20.25 -31.86 -25.43
N LEU A 127 20.37 -32.86 -24.56
CA LEU A 127 21.66 -33.20 -23.96
C LEU A 127 21.64 -34.63 -23.43
N SER A 128 22.65 -35.42 -23.81
CA SER A 128 22.89 -36.73 -23.21
C SER A 128 24.25 -36.71 -22.52
N VAL A 129 24.29 -37.10 -21.26
CA VAL A 129 25.56 -37.19 -20.55
C VAL A 129 26.04 -38.62 -20.75
N ILE A 130 27.18 -38.76 -21.43
CA ILE A 130 27.75 -40.07 -21.77
C ILE A 130 28.86 -40.43 -20.80
N TYR A 131 28.85 -41.68 -20.35
CA TYR A 131 29.85 -42.23 -19.42
C TYR A 131 30.60 -43.36 -20.09
N LYS A 132 31.82 -43.63 -19.62
CA LYS A 132 32.52 -44.88 -19.94
C LYS A 132 31.78 -46.03 -19.26
N GLU A 133 32.04 -47.25 -19.71
CA GLU A 133 31.37 -48.45 -19.16
C GLU A 133 31.65 -48.65 -17.67
N ASN A 134 32.81 -48.19 -17.19
CA ASN A 134 33.16 -48.27 -15.76
C ASN A 134 32.49 -47.22 -14.86
N GLY A 135 31.78 -46.25 -15.45
CA GLY A 135 31.01 -45.26 -14.69
C GLY A 135 31.58 -43.85 -14.67
N GLU A 136 32.80 -43.66 -15.20
CA GLU A 136 33.42 -42.34 -15.24
C GLU A 136 32.85 -41.48 -16.38
N PHE A 137 32.76 -40.17 -16.14
CA PHE A 137 32.27 -39.22 -17.14
C PHE A 137 33.11 -39.28 -18.42
N GLU A 138 32.45 -39.38 -19.57
CA GLU A 138 33.17 -39.33 -20.86
C GLU A 138 32.93 -38.00 -21.55
N GLU A 139 31.69 -37.71 -21.95
CA GLU A 139 31.41 -36.45 -22.66
C GLU A 139 29.97 -35.96 -22.57
N TYR A 140 29.79 -34.68 -22.87
CA TYR A 140 28.48 -34.07 -23.07
C TYR A 140 28.12 -34.16 -24.55
N LEU A 141 27.10 -34.95 -24.87
CA LEU A 141 26.58 -35.05 -26.25
C LEU A 141 25.44 -34.04 -26.42
N MET A 142 25.71 -32.97 -27.17
CA MET A 142 24.74 -31.91 -27.48
C MET A 142 23.88 -32.42 -28.62
N LEU A 143 22.57 -32.42 -28.45
CA LEU A 143 21.66 -32.91 -29.46
C LEU A 143 21.13 -31.76 -30.29
N PRO A 144 20.82 -32.00 -31.58
CA PRO A 144 20.24 -30.93 -32.41
C PRO A 144 18.84 -30.48 -31.96
N LEU A 145 18.09 -31.40 -31.35
CA LEU A 145 16.72 -31.13 -30.92
C LEU A 145 16.47 -31.62 -29.50
N ASN A 146 15.62 -30.89 -28.77
CA ASN A 146 15.06 -31.39 -27.52
C ASN A 146 14.20 -32.60 -27.83
N PRO A 147 14.09 -33.56 -26.90
CA PRO A 147 13.28 -34.75 -27.15
C PRO A 147 11.88 -34.39 -27.62
N THR A 148 11.34 -35.18 -28.54
CA THR A 148 10.06 -34.87 -29.18
C THR A 148 8.93 -34.73 -28.12
N PHE A 149 8.74 -35.75 -27.28
CA PHE A 149 7.75 -35.71 -26.20
C PHE A 149 8.45 -35.98 -24.87
N VAL A 150 8.01 -35.26 -23.83
CA VAL A 150 8.30 -35.60 -22.46
C VAL A 150 6.97 -35.98 -21.79
N ILE A 151 6.92 -37.14 -21.14
CA ILE A 151 5.70 -37.65 -20.51
C ILE A 151 5.92 -37.90 -19.02
N MET A 152 5.13 -37.24 -18.17
CA MET A 152 5.24 -37.35 -16.72
C MET A 152 4.02 -38.09 -16.14
N ASP A 153 4.23 -39.36 -15.79
CA ASP A 153 3.20 -40.16 -15.12
C ASP A 153 3.32 -39.88 -13.63
N THR A 154 2.45 -38.99 -13.14
CA THR A 154 2.57 -38.49 -11.78
C THR A 154 2.29 -39.56 -10.73
N LYS A 155 1.49 -40.57 -11.10
CA LYS A 155 1.22 -41.71 -10.23
C LYS A 155 2.47 -42.55 -10.02
N VAL A 156 3.16 -42.87 -11.12
CA VAL A 156 4.43 -43.59 -11.04
C VAL A 156 5.47 -42.77 -10.28
N ILE A 157 5.57 -41.47 -10.59
CA ILE A 157 6.56 -40.57 -9.97
C ILE A 157 6.37 -40.46 -8.46
N ALA A 158 5.12 -40.39 -8.01
CA ALA A 158 4.83 -40.29 -6.58
C ALA A 158 5.25 -41.54 -5.79
N SER A 159 5.38 -42.71 -6.43
CA SER A 159 5.88 -43.91 -5.76
C SER A 159 7.38 -43.87 -5.41
N ALA A 160 8.14 -42.95 -6.03
CA ALA A 160 9.56 -42.74 -5.66
C ALA A 160 9.72 -42.14 -4.26
N PRO A 161 10.88 -42.36 -3.61
CA PRO A 161 11.12 -41.69 -2.31
C PRO A 161 11.05 -40.16 -2.41
N ALA A 162 10.47 -39.52 -1.40
CA ALA A 162 10.25 -38.06 -1.42
C ALA A 162 11.56 -37.26 -1.49
N ARG A 163 12.64 -37.82 -0.96
CA ARG A 163 13.95 -37.22 -1.09
C ARG A 163 14.30 -36.82 -2.54
N LEU A 164 13.88 -37.66 -3.48
CA LEU A 164 14.11 -37.39 -4.90
C LEU A 164 13.29 -36.22 -5.44
N LEU A 165 12.04 -36.09 -4.99
CA LEU A 165 11.20 -34.95 -5.40
C LEU A 165 11.76 -33.65 -4.82
N VAL A 166 12.18 -33.71 -3.56
CA VAL A 166 12.78 -32.58 -2.86
C VAL A 166 14.08 -32.16 -3.55
N SER A 167 14.91 -33.14 -3.92
CA SER A 167 16.13 -32.85 -4.68
C SER A 167 15.82 -32.11 -5.99
N GLY A 168 14.73 -32.48 -6.66
CA GLY A 168 14.25 -31.75 -7.83
C GLY A 168 13.84 -30.31 -7.55
N MET A 169 13.33 -30.06 -6.35
CA MET A 169 13.05 -28.70 -5.88
C MET A 169 14.35 -27.90 -5.74
N GLY A 170 15.39 -28.54 -5.22
CA GLY A 170 16.71 -27.91 -5.09
C GLY A 170 17.28 -27.48 -6.43
N ASP A 171 17.22 -28.39 -7.39
CA ASP A 171 17.62 -28.14 -8.78
C ASP A 171 16.80 -26.99 -9.39
N ALA A 172 15.48 -27.03 -9.18
CA ALA A 172 14.56 -25.97 -9.66
C ALA A 172 14.80 -24.59 -9.01
N LEU A 173 15.28 -24.59 -7.78
CA LEU A 173 15.52 -23.38 -7.00
C LEU A 173 16.54 -22.45 -7.66
N ALA A 174 17.56 -23.02 -8.30
CA ALA A 174 18.59 -22.25 -8.97
C ALA A 174 18.13 -21.52 -10.22
N THR A 175 17.08 -22.01 -10.87
CA THR A 175 16.78 -21.61 -12.24
C THR A 175 16.57 -20.12 -12.45
N TYR A 176 15.75 -19.48 -11.62
CA TYR A 176 15.51 -18.03 -11.75
C TYR A 176 16.77 -17.20 -11.54
N PHE A 177 17.56 -17.54 -10.53
CA PHE A 177 18.73 -16.76 -10.17
C PHE A 177 19.82 -16.83 -11.24
N GLU A 178 19.99 -18.03 -11.81
CA GLU A 178 20.96 -18.27 -12.89
C GLU A 178 20.52 -17.60 -14.17
N ALA A 179 19.24 -17.69 -14.49
CA ALA A 179 18.67 -17.03 -15.68
C ALA A 179 18.69 -15.52 -15.57
N ARG A 180 18.34 -15.00 -14.39
CA ARG A 180 18.41 -13.55 -14.09
C ARG A 180 19.82 -13.03 -14.31
N ALA A 181 20.80 -13.74 -13.75
CA ALA A 181 22.21 -13.36 -13.90
C ALA A 181 22.64 -13.31 -15.37
N THR A 182 22.32 -14.36 -16.11
CA THR A 182 22.66 -14.48 -17.53
C THR A 182 22.02 -13.36 -18.36
N LYS A 183 20.75 -13.08 -18.12
CA LYS A 183 20.07 -12.00 -18.86
C LYS A 183 20.66 -10.63 -18.51
N ARG A 184 20.94 -10.39 -17.22
CA ARG A 184 21.62 -9.18 -16.75
C ARG A 184 22.96 -9.00 -17.45
N ALA A 185 23.73 -10.08 -17.53
CA ALA A 185 25.02 -10.10 -18.22
C ALA A 185 24.94 -9.97 -19.74
N ASN A 186 23.75 -10.10 -20.34
CA ASN A 186 23.57 -10.16 -21.79
C ASN A 186 24.34 -11.33 -22.44
N LYS A 187 24.49 -12.43 -21.70
CA LYS A 187 25.22 -13.61 -22.15
C LYS A 187 24.24 -14.63 -22.77
N THR A 188 24.78 -15.70 -23.33
CA THR A 188 24.01 -16.67 -24.09
C THR A 188 23.78 -17.96 -23.31
N THR A 189 22.77 -18.71 -23.76
CA THR A 189 22.27 -19.91 -23.10
C THR A 189 22.67 -21.19 -23.85
N MET A 190 22.41 -22.36 -23.24
CA MET A 190 22.53 -23.65 -23.95
C MET A 190 21.68 -23.74 -25.23
N ALA A 191 20.56 -23.02 -25.28
CA ALA A 191 19.76 -22.93 -26.50
C ALA A 191 20.45 -22.16 -27.64
N GLY A 192 21.52 -21.42 -27.33
CA GLY A 192 22.42 -20.86 -28.35
C GLY A 192 22.27 -19.39 -28.68
N GLY A 193 21.41 -18.68 -27.95
CA GLY A 193 21.26 -17.24 -28.13
C GLY A 193 21.13 -16.53 -26.80
N ARG A 194 20.70 -15.28 -26.87
CA ARG A 194 20.34 -14.52 -25.68
C ARG A 194 18.95 -14.93 -25.16
N VAL A 195 18.62 -14.42 -23.98
CA VAL A 195 17.46 -14.89 -23.21
C VAL A 195 16.17 -14.21 -23.66
N THR A 196 15.18 -15.03 -24.04
CA THR A 196 13.82 -14.54 -24.36
C THR A 196 13.08 -14.11 -23.09
N GLU A 197 12.07 -13.26 -23.29
CA GLU A 197 11.14 -12.92 -22.22
C GLU A 197 10.36 -14.15 -21.72
N ALA A 198 10.00 -15.04 -22.65
CA ALA A 198 9.33 -16.30 -22.29
C ALA A 198 10.16 -17.13 -21.29
N ALA A 199 11.45 -17.29 -21.55
CA ALA A 199 12.28 -18.15 -20.70
C ALA A 199 12.50 -17.60 -19.28
N ILE A 200 12.71 -16.29 -19.18
CA ILE A 200 12.90 -15.65 -17.86
C ILE A 200 11.57 -15.68 -17.07
N ALA A 201 10.45 -15.49 -17.76
CA ALA A 201 9.12 -15.63 -17.14
C ALA A 201 8.85 -17.04 -16.61
N LEU A 202 9.21 -18.07 -17.38
CA LEU A 202 9.08 -19.46 -16.95
C LEU A 202 10.03 -19.80 -15.78
N ALA A 203 11.25 -19.25 -15.81
CA ALA A 203 12.20 -19.39 -14.72
C ALA A 203 11.68 -18.74 -13.42
N LYS A 204 11.10 -17.56 -13.55
CA LYS A 204 10.50 -16.83 -12.40
C LYS A 204 9.31 -17.62 -11.81
N LEU A 205 8.42 -18.10 -12.69
CA LEU A 205 7.31 -18.95 -12.24
C LEU A 205 7.81 -20.22 -11.55
N CYS A 206 8.91 -20.77 -12.05
CA CYS A 206 9.52 -21.95 -11.44
C CYS A 206 9.85 -21.67 -9.98
N TYR A 207 10.61 -20.59 -9.72
CA TYR A 207 10.98 -20.18 -8.36
C TYR A 207 9.76 -19.94 -7.46
N ASP A 208 8.83 -19.12 -7.94
CA ASP A 208 7.60 -18.81 -7.21
C ASP A 208 6.80 -20.06 -6.84
N THR A 209 6.75 -21.03 -7.75
CA THR A 209 6.05 -22.29 -7.51
C THR A 209 6.74 -23.11 -6.42
N GLN A 210 8.07 -23.12 -6.38
CA GLN A 210 8.78 -23.82 -5.31
C GLN A 210 8.42 -23.23 -3.95
N ILE A 211 8.47 -21.91 -3.83
CA ILE A 211 8.20 -21.21 -2.57
C ILE A 211 6.75 -21.45 -2.09
N LEU A 212 5.79 -21.29 -3.00
CA LEU A 212 4.36 -21.46 -2.66
C LEU A 212 3.92 -22.91 -2.44
N GLU A 213 4.51 -23.86 -3.19
CA GLU A 213 3.98 -25.23 -3.30
C GLU A 213 4.86 -26.34 -2.76
N GLY A 214 6.16 -26.09 -2.56
CA GLY A 214 7.11 -27.16 -2.24
C GLY A 214 6.78 -27.97 -1.02
N LEU A 215 6.45 -27.28 0.07
CA LEU A 215 6.14 -27.91 1.36
C LEU A 215 4.85 -28.74 1.25
N LYS A 216 3.79 -28.15 0.69
CA LYS A 216 2.54 -28.88 0.47
C LYS A 216 2.74 -30.14 -0.37
N ALA A 217 3.58 -30.02 -1.39
CA ALA A 217 3.92 -31.14 -2.25
C ALA A 217 4.72 -32.19 -1.50
N LYS A 218 5.72 -31.77 -0.74
CA LYS A 218 6.50 -32.73 0.07
C LYS A 218 5.62 -33.55 1.03
N LEU A 219 4.73 -32.88 1.76
CA LEU A 219 3.88 -33.57 2.74
C LEU A 219 2.99 -34.66 2.12
N ALA A 220 2.55 -34.43 0.88
CA ALA A 220 1.84 -35.44 0.10
C ALA A 220 2.77 -36.54 -0.44
N ALA A 221 3.92 -36.15 -1.00
CA ALA A 221 4.85 -37.10 -1.65
C ALA A 221 5.54 -38.05 -0.66
N GLU A 222 5.75 -37.61 0.58
CA GLU A 222 6.23 -38.48 1.66
C GLU A 222 5.35 -39.73 1.89
N LYS A 223 4.04 -39.60 1.63
CA LYS A 223 3.09 -40.71 1.73
C LYS A 223 2.79 -41.32 0.36
N HIS A 224 3.61 -40.97 -0.64
CA HIS A 224 3.46 -41.43 -2.00
C HIS A 224 2.10 -41.11 -2.62
N LEU A 225 1.57 -39.93 -2.30
CA LEU A 225 0.26 -39.49 -2.77
C LEU A 225 0.40 -38.31 -3.70
N VAL A 226 -0.54 -38.21 -4.64
CA VAL A 226 -0.58 -37.14 -5.62
C VAL A 226 -1.69 -36.16 -5.31
N THR A 227 -1.32 -34.94 -4.94
CA THR A 227 -2.23 -33.79 -4.87
C THR A 227 -1.88 -32.81 -5.99
N GLU A 228 -2.71 -31.79 -6.18
CA GLU A 228 -2.43 -30.74 -7.17
C GLU A 228 -1.12 -29.97 -6.87
N ALA A 229 -0.71 -29.92 -5.60
CA ALA A 229 0.57 -29.34 -5.23
C ALA A 229 1.71 -30.18 -5.81
N VAL A 230 1.57 -31.50 -5.76
CA VAL A 230 2.56 -32.39 -6.35
C VAL A 230 2.58 -32.22 -7.87
N GLU A 231 1.40 -32.11 -8.48
CA GLU A 231 1.28 -31.83 -9.92
C GLU A 231 2.03 -30.56 -10.31
N LYS A 232 1.85 -29.48 -9.56
CA LYS A 232 2.50 -28.21 -9.89
C LYS A 232 4.02 -28.26 -9.73
N ILE A 233 4.48 -28.96 -8.69
CA ILE A 233 5.91 -29.13 -8.43
C ILE A 233 6.57 -30.00 -9.51
N ILE A 234 5.90 -31.06 -9.93
CA ILE A 234 6.43 -31.90 -11.02
C ILE A 234 6.60 -31.08 -12.29
N GLU A 235 5.60 -30.26 -12.63
CA GLU A 235 5.70 -29.36 -13.78
C GLU A 235 6.85 -28.36 -13.59
N ALA A 236 6.96 -27.77 -12.40
CA ALA A 236 8.03 -26.81 -12.10
C ALA A 236 9.43 -27.42 -12.15
N ASN A 237 9.59 -28.59 -11.53
CA ASN A 237 10.84 -29.35 -11.52
C ASN A 237 11.30 -29.78 -12.91
N THR A 238 10.38 -29.93 -13.86
CA THR A 238 10.67 -30.52 -15.16
C THR A 238 10.55 -29.52 -16.30
N TYR A 239 9.35 -29.05 -16.60
CA TYR A 239 9.19 -28.15 -17.74
C TYR A 239 9.73 -26.75 -17.43
N LEU A 240 9.21 -26.12 -16.39
CA LEU A 240 9.54 -24.74 -16.07
C LEU A 240 11.04 -24.56 -15.83
N SER A 241 11.60 -25.43 -14.98
CA SER A 241 13.03 -25.41 -14.68
C SER A 241 13.88 -25.84 -15.89
N GLY A 242 13.37 -26.80 -16.67
CA GLY A 242 14.05 -27.28 -17.87
C GLY A 242 14.20 -26.21 -18.95
N ILE A 243 13.10 -25.57 -19.32
CA ILE A 243 13.13 -24.47 -20.29
C ILE A 243 13.86 -23.26 -19.69
N GLY A 244 13.58 -22.99 -18.42
CA GLY A 244 14.19 -21.87 -17.70
C GLY A 244 15.70 -21.92 -17.67
N SER A 245 16.28 -23.09 -17.40
CA SER A 245 17.73 -23.18 -17.32
C SER A 245 18.38 -23.31 -18.70
N GLU A 246 17.85 -24.18 -19.55
CA GLU A 246 18.42 -24.37 -20.89
C GLU A 246 18.28 -23.13 -21.79
N SER A 247 17.12 -22.47 -21.77
CA SER A 247 16.90 -21.27 -22.58
C SER A 247 17.03 -19.94 -21.82
N GLY A 248 17.28 -20.01 -20.50
CA GLY A 248 17.52 -18.81 -19.68
C GLY A 248 18.94 -18.63 -19.18
N GLY A 249 19.69 -19.73 -19.04
CA GLY A 249 21.12 -19.68 -18.77
C GLY A 249 21.47 -20.32 -17.45
N LEU A 250 22.61 -20.99 -17.40
CA LEU A 250 23.19 -21.43 -16.13
C LEU A 250 24.26 -20.39 -15.69
N ALA A 251 24.69 -20.49 -14.44
CA ALA A 251 25.62 -19.52 -13.87
C ALA A 251 26.41 -20.13 -12.69
N ALA A 252 26.46 -19.46 -11.55
CA ALA A 252 27.40 -19.84 -10.49
C ALA A 252 26.98 -21.09 -9.75
N ALA A 253 25.67 -21.28 -9.57
CA ALA A 253 25.12 -22.41 -8.82
C ALA A 253 25.49 -23.76 -9.43
N HIS A 254 25.33 -23.90 -10.74
CA HIS A 254 25.74 -25.12 -11.44
C HIS A 254 27.26 -25.30 -11.48
N ALA A 255 27.98 -24.21 -11.68
CA ALA A 255 29.45 -24.25 -11.64
C ALA A 255 29.95 -24.70 -10.27
N ILE A 256 29.35 -24.15 -9.21
CA ILE A 256 29.69 -24.53 -7.84
C ILE A 256 29.28 -25.99 -7.55
N HIS A 257 28.12 -26.43 -8.06
CA HIS A 257 27.76 -27.87 -8.06
C HIS A 257 28.89 -28.75 -8.63
N ASN A 258 29.42 -28.37 -9.79
CA ASN A 258 30.49 -29.13 -10.45
C ASN A 258 31.76 -29.15 -9.63
N GLY A 259 32.15 -27.99 -9.11
CA GLY A 259 33.32 -27.89 -8.25
C GLY A 259 33.28 -28.72 -6.97
N LEU A 260 32.09 -28.94 -6.43
CA LEU A 260 31.93 -29.74 -5.22
C LEU A 260 32.30 -31.22 -5.38
N THR A 261 32.45 -31.69 -6.63
CA THR A 261 32.90 -33.07 -6.90
C THR A 261 34.26 -33.38 -6.24
N VAL A 262 35.10 -32.34 -6.10
CA VAL A 262 36.38 -32.40 -5.36
C VAL A 262 36.20 -32.93 -3.94
N LEU A 263 35.12 -32.55 -3.27
CA LEU A 263 34.81 -33.05 -1.93
C LEU A 263 34.10 -34.42 -2.01
N GLU A 264 34.87 -35.48 -1.72
CA GLU A 264 34.41 -36.86 -1.81
C GLU A 264 33.18 -37.18 -0.95
N GLU A 265 33.12 -36.60 0.25
CA GLU A 265 31.95 -36.70 1.13
C GLU A 265 30.61 -36.26 0.49
N THR A 266 30.65 -35.40 -0.53
CA THR A 266 29.42 -34.92 -1.18
C THR A 266 28.92 -35.78 -2.33
N HIS A 267 29.66 -36.83 -2.71
CA HIS A 267 29.23 -37.73 -3.78
C HIS A 267 27.94 -38.51 -3.46
N HIS A 268 27.66 -38.76 -2.19
CA HIS A 268 26.41 -39.40 -1.78
C HIS A 268 25.16 -38.48 -1.87
N MET A 269 25.37 -37.16 -2.05
CA MET A 269 24.26 -36.22 -2.21
C MET A 269 23.84 -36.15 -3.68
N TYR A 270 22.55 -35.98 -3.90
CA TYR A 270 22.02 -35.89 -5.26
C TYR A 270 22.29 -34.52 -5.89
N HIS A 271 22.12 -34.47 -7.21
CA HIS A 271 22.40 -33.31 -8.04
C HIS A 271 21.74 -32.05 -7.50
N GLY A 272 20.42 -32.09 -7.32
CA GLY A 272 19.66 -30.91 -6.92
C GLY A 272 19.88 -30.45 -5.48
N GLU A 273 20.24 -31.39 -4.61
CA GLU A 273 20.62 -31.07 -3.24
C GLU A 273 21.88 -30.19 -3.23
N LYS A 274 22.86 -30.56 -4.05
CA LYS A 274 24.07 -29.75 -4.17
C LYS A 274 23.82 -28.42 -4.89
N VAL A 275 22.94 -28.43 -5.89
CA VAL A 275 22.55 -27.19 -6.58
C VAL A 275 21.86 -26.22 -5.61
N ALA A 276 21.08 -26.74 -4.65
CA ALA A 276 20.44 -25.89 -3.64
C ALA A 276 21.47 -25.07 -2.86
N PHE A 277 22.54 -25.74 -2.42
CA PHE A 277 23.61 -25.06 -1.69
C PHE A 277 24.38 -24.12 -2.61
N GLY A 278 24.63 -24.55 -3.84
CA GLY A 278 25.22 -23.70 -4.87
C GLY A 278 24.42 -22.44 -5.15
N THR A 279 23.10 -22.53 -5.03
CA THR A 279 22.25 -21.36 -5.17
C THR A 279 22.50 -20.36 -4.05
N LEU A 280 22.63 -20.86 -2.81
CA LEU A 280 22.92 -19.99 -1.68
C LEU A 280 24.26 -19.29 -1.89
N ALA A 281 25.27 -20.05 -2.32
CA ALA A 281 26.59 -19.50 -2.67
C ALA A 281 26.49 -18.44 -3.77
N GLN A 282 25.66 -18.68 -4.81
CA GLN A 282 25.47 -17.65 -5.84
C GLN A 282 24.90 -16.38 -5.23
N LEU A 283 23.94 -16.51 -4.32
CA LEU A 283 23.31 -15.33 -3.71
C LEU A 283 24.29 -14.49 -2.88
N ILE A 284 25.22 -15.15 -2.20
CA ILE A 284 26.31 -14.46 -1.50
C ILE A 284 27.24 -13.77 -2.54
N LEU A 285 27.62 -14.51 -3.58
CA LEU A 285 28.51 -14.01 -4.62
C LEU A 285 27.97 -12.73 -5.28
N GLU A 286 26.71 -12.74 -5.68
CA GLU A 286 26.05 -11.54 -6.27
C GLU A 286 25.55 -10.56 -5.19
N ASP A 287 25.68 -10.96 -3.93
CA ASP A 287 25.25 -10.18 -2.77
C ASP A 287 23.78 -9.80 -2.88
N ALA A 288 22.93 -10.81 -3.10
CA ALA A 288 21.49 -10.63 -3.14
C ALA A 288 21.02 -10.06 -1.79
N PRO A 289 19.88 -9.34 -1.79
CA PRO A 289 19.37 -8.79 -0.52
C PRO A 289 19.19 -9.86 0.54
N LYS A 290 19.44 -9.50 1.79
CA LYS A 290 19.25 -10.41 2.92
C LYS A 290 17.84 -11.03 2.93
N ALA A 291 16.82 -10.28 2.49
CA ALA A 291 15.44 -10.79 2.42
C ALA A 291 15.29 -11.96 1.44
N GLU A 292 15.95 -11.84 0.29
CA GLU A 292 15.99 -12.91 -0.72
C GLU A 292 16.73 -14.16 -0.19
N ILE A 293 17.83 -13.96 0.50
CA ILE A 293 18.59 -15.06 1.13
C ILE A 293 17.76 -15.79 2.19
N GLU A 294 17.10 -15.03 3.05
CA GLU A 294 16.25 -15.59 4.10
C GLU A 294 15.10 -16.42 3.52
N GLU A 295 14.48 -15.93 2.44
CA GLU A 295 13.41 -16.68 1.79
C GLU A 295 13.91 -18.03 1.25
N VAL A 296 15.09 -18.06 0.65
CA VAL A 296 15.70 -19.30 0.13
C VAL A 296 16.09 -20.26 1.25
N VAL A 297 16.79 -19.75 2.27
CA VAL A 297 17.25 -20.60 3.36
C VAL A 297 16.05 -21.18 4.11
N SER A 298 15.02 -20.35 4.32
CA SER A 298 13.79 -20.75 4.98
C SER A 298 13.07 -21.87 4.22
N PHE A 299 12.88 -21.67 2.92
CA PHE A 299 12.32 -22.71 2.08
C PHE A 299 13.11 -24.02 2.16
N CYS A 300 14.43 -23.94 2.06
CA CYS A 300 15.30 -25.12 2.09
C CYS A 300 15.16 -25.88 3.42
N LEU A 301 15.15 -25.15 4.53
CA LEU A 301 14.94 -25.78 5.84
C LEU A 301 13.55 -26.42 5.96
N SER A 302 12.52 -25.81 5.38
CA SER A 302 11.16 -26.36 5.44
C SER A 302 11.02 -27.70 4.72
N VAL A 303 11.74 -27.91 3.62
CA VAL A 303 11.63 -29.14 2.82
C VAL A 303 12.80 -30.12 2.97
N GLY A 304 13.86 -29.73 3.68
CA GLY A 304 14.99 -30.63 3.97
C GLY A 304 16.12 -30.56 2.95
N LEU A 305 16.27 -29.42 2.28
CA LEU A 305 17.39 -29.19 1.37
C LEU A 305 18.59 -28.65 2.19
N PRO A 306 19.83 -28.97 1.74
CA PRO A 306 21.02 -28.50 2.48
C PRO A 306 21.29 -27.00 2.33
N VAL A 307 21.65 -26.35 3.44
CA VAL A 307 22.10 -24.93 3.45
C VAL A 307 23.51 -24.75 4.06
N THR A 308 24.23 -25.83 4.31
CA THR A 308 25.61 -25.78 4.78
C THR A 308 26.41 -26.88 4.08
N LEU A 309 27.74 -26.78 4.18
CA LEU A 309 28.63 -27.85 3.75
C LEU A 309 28.45 -29.09 4.62
N GLY A 310 28.19 -28.90 5.91
CA GLY A 310 27.79 -29.98 6.82
C GLY A 310 26.62 -30.79 6.31
N ASP A 311 25.57 -30.12 5.84
CA ASP A 311 24.38 -30.80 5.28
C ASP A 311 24.71 -31.65 4.03
N LEU A 312 25.81 -31.33 3.34
CA LEU A 312 26.33 -32.14 2.24
C LEU A 312 27.31 -33.25 2.67
N GLY A 313 27.50 -33.45 3.98
CA GLY A 313 28.39 -34.48 4.51
C GLY A 313 29.80 -34.04 4.89
N VAL A 314 30.13 -32.76 4.68
CA VAL A 314 31.48 -32.25 4.94
C VAL A 314 31.61 -31.93 6.43
N LYS A 315 32.33 -32.77 7.16
CA LYS A 315 32.47 -32.64 8.61
C LYS A 315 33.43 -31.53 9.04
N GLU A 316 34.45 -31.24 8.23
CA GLU A 316 35.46 -30.21 8.51
C GLU A 316 35.68 -29.31 7.31
N LEU A 317 35.67 -27.99 7.53
CA LEU A 317 36.14 -27.03 6.53
C LEU A 317 37.66 -27.17 6.40
N ASN A 318 38.11 -27.57 5.22
CA ASN A 318 39.52 -27.69 4.89
C ASN A 318 39.81 -26.63 3.82
N GLU A 319 40.74 -25.73 4.12
CA GLU A 319 41.05 -24.62 3.20
C GLU A 319 41.57 -25.13 1.85
N GLU A 320 42.48 -26.08 1.87
CA GLU A 320 43.10 -26.60 0.64
C GLU A 320 42.04 -27.22 -0.29
N LYS A 321 41.15 -28.03 0.30
CA LYS A 321 40.09 -28.68 -0.46
C LYS A 321 39.09 -27.67 -1.02
N LEU A 322 38.68 -26.71 -0.19
CA LEU A 322 37.73 -25.69 -0.61
C LEU A 322 38.29 -24.75 -1.68
N ARG A 323 39.59 -24.49 -1.65
CA ARG A 323 40.27 -23.77 -2.76
C ARG A 323 40.13 -24.54 -4.08
N LYS A 324 40.32 -25.86 -4.02
CA LYS A 324 40.19 -26.71 -5.21
C LYS A 324 38.75 -26.67 -5.76
N VAL A 325 37.77 -26.70 -4.84
CA VAL A 325 36.36 -26.53 -5.22
C VAL A 325 36.15 -25.22 -6.01
N ALA A 326 36.69 -24.14 -5.47
CA ALA A 326 36.60 -22.83 -6.10
C ALA A 326 37.32 -22.76 -7.45
N GLU A 327 38.51 -23.36 -7.51
CA GLU A 327 39.30 -23.41 -8.75
C GLU A 327 38.56 -24.19 -9.84
N LEU A 328 38.03 -25.36 -9.48
CA LEU A 328 37.27 -26.17 -10.44
C LEU A 328 35.99 -25.45 -10.89
N SER A 329 35.33 -24.72 -9.97
CA SER A 329 34.14 -23.92 -10.31
C SER A 329 34.45 -22.84 -11.34
N CYS A 330 35.68 -22.31 -11.32
CA CYS A 330 36.15 -21.26 -12.24
C CYS A 330 36.96 -21.74 -13.46
N ALA A 331 36.96 -23.05 -13.74
CA ALA A 331 37.65 -23.59 -14.93
C ALA A 331 37.21 -22.92 -16.21
N GLU A 332 38.08 -22.91 -17.21
CA GLU A 332 37.85 -22.15 -18.47
C GLU A 332 36.46 -21.89 -19.02
N GLY A 333 35.74 -22.91 -19.51
CA GLY A 333 34.39 -22.71 -20.06
C GLY A 333 33.23 -22.84 -19.09
N GLU A 334 33.47 -22.76 -17.78
CA GLU A 334 32.40 -22.90 -16.79
C GLU A 334 31.33 -21.82 -16.89
N THR A 335 30.13 -22.15 -16.41
CA THR A 335 28.97 -21.28 -16.50
C THR A 335 29.01 -20.11 -15.50
N ILE A 336 29.92 -20.18 -14.52
CA ILE A 336 30.11 -19.08 -13.57
C ILE A 336 30.42 -17.74 -14.22
N TYR A 337 31.00 -17.75 -15.42
CA TYR A 337 31.29 -16.51 -16.15
C TYR A 337 30.08 -15.84 -16.79
N ASN A 338 28.89 -16.45 -16.65
CA ASN A 338 27.64 -15.79 -17.03
C ASN A 338 27.14 -14.79 -15.98
N MET A 339 27.78 -14.75 -14.80
CA MET A 339 27.51 -13.69 -13.83
C MET A 339 27.84 -12.32 -14.46
N PRO A 340 27.05 -11.27 -14.17
CA PRO A 340 27.30 -9.96 -14.80
C PRO A 340 28.44 -9.14 -14.16
N PHE A 341 29.41 -9.80 -13.54
CA PHE A 341 30.59 -9.15 -12.96
C PHE A 341 31.78 -10.13 -13.07
N GLU A 342 32.99 -9.63 -12.83
CA GLU A 342 34.18 -10.46 -12.87
C GLU A 342 34.20 -11.43 -11.67
N VAL A 343 34.65 -12.64 -11.93
CA VAL A 343 34.69 -13.72 -10.96
C VAL A 343 36.11 -14.27 -10.88
N THR A 344 36.58 -14.55 -9.66
CA THR A 344 37.90 -15.17 -9.44
C THR A 344 37.73 -16.30 -8.43
N PRO A 345 38.69 -17.22 -8.39
CA PRO A 345 38.65 -18.29 -7.37
C PRO A 345 38.55 -17.79 -5.93
N ASP A 346 39.26 -16.72 -5.59
CA ASP A 346 39.17 -16.09 -4.26
C ASP A 346 37.75 -15.65 -3.94
N LEU A 347 37.08 -15.04 -4.91
CA LEU A 347 35.72 -14.54 -4.76
C LEU A 347 34.72 -15.69 -4.57
N VAL A 348 34.91 -16.77 -5.34
CA VAL A 348 34.07 -17.97 -5.23
C VAL A 348 34.34 -18.74 -3.93
N TYR A 349 35.61 -18.85 -3.53
CA TYR A 349 35.96 -19.37 -2.20
C TYR A 349 35.22 -18.60 -1.10
N ALA A 350 35.26 -17.27 -1.18
CA ALA A 350 34.58 -16.41 -0.21
C ALA A 350 33.06 -16.65 -0.19
N ALA A 351 32.46 -16.77 -1.37
CA ALA A 351 31.02 -17.06 -1.49
C ALA A 351 30.62 -18.41 -0.86
N ILE A 352 31.42 -19.44 -1.11
CA ILE A 352 31.14 -20.79 -0.61
C ILE A 352 31.22 -20.86 0.91
N VAL A 353 32.32 -20.38 1.47
CA VAL A 353 32.54 -20.45 2.92
C VAL A 353 31.53 -19.55 3.64
N THR A 354 31.23 -18.39 3.05
CA THR A 354 30.25 -17.47 3.63
C THR A 354 28.82 -18.01 3.50
N ALA A 355 28.52 -18.71 2.41
CA ALA A 355 27.23 -19.40 2.28
C ALA A 355 27.05 -20.41 3.42
N ASP A 356 28.10 -21.18 3.68
CA ASP A 356 28.13 -22.11 4.82
C ASP A 356 27.92 -21.38 6.16
N SER A 357 28.59 -20.24 6.36
CA SER A 357 28.39 -19.43 7.59
C SER A 357 26.96 -18.90 7.70
N VAL A 358 26.39 -18.39 6.59
CA VAL A 358 25.01 -17.90 6.56
C VAL A 358 24.01 -19.02 6.90
N GLY A 359 24.21 -20.19 6.32
CA GLY A 359 23.37 -21.34 6.60
C GLY A 359 23.40 -21.79 8.05
N ARG A 360 24.61 -21.88 8.60
CA ARG A 360 24.80 -22.22 10.02
C ARG A 360 24.11 -21.18 10.87
N TYR A 361 24.30 -19.91 10.53
CA TYR A 361 23.71 -18.79 11.28
C TYR A 361 22.20 -18.90 11.37
N TYR A 362 21.53 -19.14 10.25
CA TYR A 362 20.06 -19.21 10.22
C TYR A 362 19.49 -20.51 10.82
N LYS A 363 20.19 -21.63 10.64
CA LYS A 363 19.83 -22.87 11.36
C LYS A 363 19.81 -22.69 12.89
N GLU A 364 20.82 -22.02 13.41
CA GLU A 364 20.92 -21.79 14.86
C GLU A 364 19.88 -20.78 15.33
N LYS A 365 19.65 -19.73 14.55
CA LYS A 365 18.70 -18.68 14.90
C LYS A 365 17.22 -19.09 14.79
N TRP A 366 16.88 -20.08 13.94
CA TRP A 366 15.48 -20.49 13.71
C TRP A 366 15.08 -21.86 14.32
N MET B 1 -30.03 -21.60 -16.55
CA MET B 1 -29.50 -20.24 -16.25
C MET B 1 -30.15 -19.50 -15.04
N THR B 2 -31.12 -20.12 -14.37
CA THR B 2 -31.82 -19.52 -13.25
C THR B 2 -30.96 -19.50 -11.97
N LYS B 3 -31.04 -18.37 -11.25
CA LYS B 3 -30.40 -18.23 -9.93
C LYS B 3 -31.52 -18.17 -8.89
N ILE B 4 -31.33 -18.90 -7.78
CA ILE B 4 -32.29 -18.93 -6.68
C ILE B 4 -31.57 -18.71 -5.35
N ILE B 5 -32.18 -17.88 -4.51
CA ILE B 5 -31.81 -17.78 -3.08
C ILE B 5 -33.09 -17.98 -2.28
N THR B 6 -33.00 -18.83 -1.27
CA THR B 6 -34.12 -19.13 -0.40
C THR B 6 -33.77 -18.75 1.04
N SER B 7 -34.79 -18.52 1.84
CA SER B 7 -34.63 -18.03 3.20
C SER B 7 -35.85 -18.34 4.07
N PRO B 8 -35.63 -18.44 5.40
CA PRO B 8 -36.75 -18.27 6.30
C PRO B 8 -37.40 -16.91 6.05
N SER B 9 -38.69 -16.80 6.32
CA SER B 9 -39.40 -15.54 6.12
C SER B 9 -38.90 -14.49 7.12
N LYS B 10 -38.55 -14.93 8.33
CA LYS B 10 -37.95 -14.06 9.34
C LYS B 10 -36.91 -14.85 10.13
N PHE B 11 -35.78 -14.20 10.39
CA PHE B 11 -34.76 -14.73 11.30
C PHE B 11 -34.62 -13.69 12.42
N ILE B 12 -34.82 -14.14 13.67
CA ILE B 12 -35.02 -13.28 14.83
C ILE B 12 -34.04 -13.70 15.92
N GLN B 13 -33.24 -12.76 16.42
CA GLN B 13 -32.18 -13.09 17.37
C GLN B 13 -32.05 -12.05 18.47
N GLY B 14 -31.86 -12.52 19.70
CA GLY B 14 -31.72 -11.66 20.86
C GLY B 14 -31.81 -12.45 22.15
N PRO B 15 -31.38 -11.83 23.27
CA PRO B 15 -31.50 -12.52 24.56
C PRO B 15 -32.95 -12.58 25.04
N ASP B 16 -33.36 -13.73 25.57
CA ASP B 16 -34.70 -13.93 26.16
C ASP B 16 -35.86 -13.81 25.15
N GLU B 17 -35.58 -14.13 23.89
CA GLU B 17 -36.58 -14.15 22.80
C GLU B 17 -37.76 -15.12 23.02
N LEU B 18 -37.53 -16.25 23.69
CA LEU B 18 -38.61 -17.20 24.01
C LEU B 18 -39.69 -16.58 24.93
N SER B 19 -39.32 -15.58 25.72
CA SER B 19 -40.29 -14.85 26.54
C SER B 19 -41.28 -14.03 25.71
N ARG B 20 -40.97 -13.80 24.43
CA ARG B 20 -41.90 -13.17 23.48
C ARG B 20 -42.43 -14.16 22.44
N LEU B 21 -42.37 -15.47 22.74
CA LEU B 21 -42.80 -16.49 21.77
C LEU B 21 -44.24 -16.26 21.32
N SER B 22 -45.12 -15.94 22.27
CA SER B 22 -46.53 -15.67 21.99
C SER B 22 -46.74 -14.51 21.02
N ALA B 23 -45.91 -13.48 21.11
CA ALA B 23 -45.98 -12.37 20.15
C ALA B 23 -45.68 -12.85 18.71
N TYR B 24 -44.72 -13.78 18.57
CA TYR B 24 -44.36 -14.34 17.26
C TYR B 24 -45.39 -15.35 16.73
N THR B 25 -45.84 -16.29 17.56
CA THR B 25 -46.88 -17.26 17.12
C THR B 25 -48.19 -16.56 16.74
N GLU B 26 -48.57 -15.53 17.50
CA GLU B 26 -49.76 -14.70 17.21
C GLU B 26 -49.72 -14.02 15.82
N ARG B 27 -48.55 -13.70 15.28
CA ARG B 27 -48.43 -13.16 13.91
C ARG B 27 -48.78 -14.16 12.83
N LEU B 28 -48.63 -15.46 13.12
CA LEU B 28 -48.87 -16.54 12.16
C LEU B 28 -50.19 -17.27 12.36
N GLY B 29 -50.67 -17.38 13.60
CA GLY B 29 -51.97 -17.99 13.88
C GLY B 29 -52.49 -17.81 15.30
N LYS B 30 -53.71 -18.31 15.52
CA LYS B 30 -54.41 -18.18 16.80
C LYS B 30 -54.03 -19.24 17.84
N LYS B 31 -53.50 -20.38 17.39
CA LYS B 31 -53.27 -21.53 18.26
C LYS B 31 -51.96 -22.26 17.92
N ALA B 32 -50.98 -22.17 18.82
CA ALA B 32 -49.66 -22.76 18.62
C ALA B 32 -49.57 -24.17 19.19
N PHE B 33 -48.87 -25.04 18.47
CA PHE B 33 -48.55 -26.39 18.92
C PHE B 33 -47.03 -26.42 19.12
N ILE B 34 -46.60 -26.50 20.38
CA ILE B 34 -45.20 -26.27 20.75
C ILE B 34 -44.53 -27.59 21.15
N ILE B 35 -43.65 -28.09 20.28
CA ILE B 35 -43.01 -29.38 20.45
C ILE B 35 -41.66 -29.19 21.15
N ALA B 36 -41.41 -29.99 22.18
CA ALA B 36 -40.14 -29.99 22.91
C ALA B 36 -39.95 -31.29 23.68
N ASP B 37 -38.71 -31.76 23.78
CA ASP B 37 -38.42 -32.97 24.54
C ASP B 37 -38.48 -32.73 26.06
N ASP B 38 -38.25 -33.80 26.83
CA ASP B 38 -38.29 -33.73 28.29
C ASP B 38 -37.35 -32.65 28.86
N PHE B 39 -36.07 -32.73 28.50
CA PHE B 39 -35.07 -31.80 29.00
C PHE B 39 -35.39 -30.33 28.68
N VAL B 40 -35.74 -30.05 27.42
CA VAL B 40 -36.01 -28.67 26.99
C VAL B 40 -37.31 -28.14 27.58
N THR B 41 -38.30 -29.01 27.76
CA THR B 41 -39.56 -28.62 28.44
C THR B 41 -39.27 -28.13 29.87
N GLY B 42 -38.41 -28.84 30.60
CA GLY B 42 -37.96 -28.40 31.92
C GLY B 42 -37.14 -27.12 31.86
N LEU B 43 -36.29 -26.99 30.83
CA LEU B 43 -35.42 -25.83 30.68
C LEU B 43 -36.16 -24.52 30.40
N VAL B 44 -37.06 -24.52 29.43
CA VAL B 44 -37.75 -23.30 28.95
C VAL B 44 -39.27 -23.28 29.14
N GLY B 45 -39.83 -24.33 29.74
CA GLY B 45 -41.28 -24.47 29.87
C GLY B 45 -41.94 -23.32 30.59
N LYS B 46 -41.32 -22.86 31.67
CA LYS B 46 -41.84 -21.75 32.47
C LYS B 46 -41.84 -20.44 31.66
N THR B 47 -40.76 -20.19 30.91
CA THR B 47 -40.66 -18.99 30.07
C THR B 47 -41.75 -18.94 29.00
N VAL B 48 -41.98 -20.08 28.36
CA VAL B 48 -42.99 -20.20 27.31
C VAL B 48 -44.40 -19.98 27.88
N GLU B 49 -44.71 -20.72 28.95
CA GLU B 49 -45.97 -20.57 29.69
C GLU B 49 -46.22 -19.10 30.09
N GLU B 50 -45.21 -18.45 30.66
CA GLU B 50 -45.32 -17.03 31.06
C GLU B 50 -45.49 -16.07 29.88
N SER B 51 -44.95 -16.43 28.71
CA SER B 51 -45.15 -15.64 27.48
C SER B 51 -46.59 -15.55 27.04
N TYR B 52 -47.36 -16.61 27.31
CA TYR B 52 -48.79 -16.67 26.94
C TYR B 52 -49.77 -16.19 28.04
N ALA B 53 -49.31 -15.51 29.07
CA ALA B 53 -50.19 -15.07 30.17
C ALA B 53 -51.52 -14.46 29.88
N GLY B 54 -51.78 -13.49 28.98
CA GLY B 54 -53.15 -13.03 28.78
C GLY B 54 -54.01 -13.96 27.88
N LYS B 55 -53.38 -15.00 27.31
CA LYS B 55 -53.63 -15.53 25.92
C LYS B 55 -53.67 -17.04 26.07
N GLU B 56 -54.03 -17.55 27.25
CA GLU B 56 -53.72 -18.94 27.64
C GLU B 56 -54.36 -20.06 26.82
N THR B 57 -55.38 -19.75 26.00
CA THR B 57 -55.95 -20.71 25.03
C THR B 57 -55.25 -20.66 23.67
N GLY B 58 -54.18 -19.88 23.57
CA GLY B 58 -53.47 -19.70 22.32
C GLY B 58 -52.24 -20.56 22.09
N TYR B 59 -52.03 -21.56 22.95
CA TYR B 59 -50.98 -22.55 22.78
C TYR B 59 -51.27 -23.85 23.54
N GLN B 60 -50.58 -24.92 23.14
CA GLN B 60 -50.45 -26.14 23.95
C GLN B 60 -49.07 -26.73 23.73
N MET B 61 -48.49 -27.24 24.81
CA MET B 61 -47.21 -27.96 24.77
C MET B 61 -47.48 -29.38 24.38
N ALA B 62 -46.50 -29.99 23.70
CA ALA B 62 -46.54 -31.40 23.37
C ALA B 62 -45.16 -31.98 23.63
N LEU B 63 -45.11 -33.11 24.32
CA LEU B 63 -43.86 -33.78 24.65
C LEU B 63 -43.36 -34.57 23.44
N PHE B 64 -42.13 -34.25 23.01
CA PHE B 64 -41.45 -34.93 21.90
C PHE B 64 -40.70 -36.15 22.45
N GLY B 65 -40.83 -37.30 21.77
CA GLY B 65 -40.19 -38.54 22.20
C GLY B 65 -38.68 -38.59 22.02
N GLY B 66 -38.13 -37.67 21.20
CA GLY B 66 -36.67 -37.51 21.07
C GLY B 66 -36.12 -37.92 19.71
N GLU B 67 -36.92 -38.65 18.92
CA GLU B 67 -36.51 -39.10 17.60
C GLU B 67 -37.40 -38.52 16.50
N CYS B 68 -36.77 -37.98 15.46
CA CYS B 68 -37.50 -37.49 14.29
C CYS B 68 -37.74 -38.68 13.39
N SER B 69 -38.84 -39.38 13.66
CA SER B 69 -39.26 -40.54 12.88
C SER B 69 -40.65 -40.31 12.30
N LYS B 70 -41.03 -41.14 11.33
CA LYS B 70 -42.36 -41.06 10.72
C LYS B 70 -43.52 -41.33 11.71
N PRO B 71 -43.39 -42.36 12.57
CA PRO B 71 -44.43 -42.57 13.60
C PRO B 71 -44.61 -41.39 14.55
N GLU B 72 -43.50 -40.84 15.04
CA GLU B 72 -43.54 -39.68 15.93
C GLU B 72 -44.08 -38.42 15.20
N ILE B 73 -43.72 -38.24 13.94
CA ILE B 73 -44.28 -37.15 13.13
C ILE B 73 -45.79 -37.30 12.93
N GLU B 74 -46.24 -38.53 12.62
CA GLU B 74 -47.68 -38.81 12.45
C GLU B 74 -48.45 -38.58 13.76
N ARG B 75 -47.92 -39.08 14.88
CA ARG B 75 -48.54 -38.90 16.20
C ARG B 75 -48.77 -37.40 16.51
N LEU B 76 -47.72 -36.60 16.28
CA LEU B 76 -47.78 -35.16 16.55
C LEU B 76 -48.67 -34.39 15.58
N CYS B 77 -48.67 -34.79 14.30
CA CYS B 77 -49.63 -34.24 13.32
C CYS B 77 -51.09 -34.42 13.76
N GLU B 78 -51.41 -35.63 14.25
CA GLU B 78 -52.77 -35.96 14.71
C GLU B 78 -53.13 -35.13 15.93
N MET B 79 -52.25 -35.11 16.94
CA MET B 79 -52.45 -34.24 18.11
C MET B 79 -52.65 -32.78 17.71
N SER B 80 -51.84 -32.29 16.78
CA SER B 80 -51.93 -30.91 16.27
C SER B 80 -53.28 -30.61 15.60
N LYS B 81 -53.76 -31.50 14.72
CA LYS B 81 -55.10 -31.38 14.12
C LYS B 81 -56.21 -31.46 15.18
N SER B 82 -56.08 -32.41 16.09
CA SER B 82 -56.99 -32.59 17.23
C SER B 82 -57.12 -31.33 18.13
N GLU B 83 -56.02 -30.64 18.37
CA GLU B 83 -56.03 -29.37 19.14
C GLU B 83 -56.36 -28.15 18.27
N GLU B 84 -56.63 -28.35 16.98
CA GLU B 84 -56.90 -27.30 16.01
C GLU B 84 -55.79 -26.25 15.89
N ALA B 85 -54.54 -26.68 15.98
CA ALA B 85 -53.38 -25.79 15.87
C ALA B 85 -53.19 -25.32 14.43
N ASP B 86 -52.91 -24.02 14.27
CA ASP B 86 -52.64 -23.41 12.95
C ASP B 86 -51.20 -22.82 12.83
N VAL B 87 -50.33 -23.16 13.80
CA VAL B 87 -48.89 -22.87 13.72
C VAL B 87 -48.14 -23.85 14.62
N VAL B 88 -47.00 -24.36 14.14
CA VAL B 88 -46.22 -25.33 14.89
C VAL B 88 -44.86 -24.72 15.30
N VAL B 89 -44.43 -25.03 16.51
CA VAL B 89 -43.17 -24.54 17.03
C VAL B 89 -42.35 -25.72 17.50
N GLY B 90 -41.06 -25.73 17.14
CA GLY B 90 -40.09 -26.68 17.66
C GLY B 90 -39.06 -25.93 18.46
N ILE B 91 -38.72 -26.46 19.65
CA ILE B 91 -37.74 -25.85 20.54
C ILE B 91 -36.78 -26.94 20.99
N GLY B 92 -35.49 -26.79 20.66
CA GLY B 92 -34.49 -27.78 21.05
C GLY B 92 -33.43 -27.99 19.99
N GLY B 93 -32.92 -29.22 19.95
CA GLY B 93 -31.90 -29.62 18.98
C GLY B 93 -32.50 -30.00 17.64
N GLY B 94 -31.62 -30.40 16.72
CA GLY B 94 -31.96 -30.67 15.33
C GLY B 94 -33.12 -31.63 15.10
N LYS B 95 -33.15 -32.72 15.87
CA LYS B 95 -34.23 -33.69 15.76
C LYS B 95 -35.61 -33.08 16.08
N THR B 96 -35.67 -32.27 17.13
CA THR B 96 -36.91 -31.55 17.46
C THR B 96 -37.31 -30.54 16.38
N LEU B 97 -36.35 -29.77 15.90
CA LEU B 97 -36.62 -28.73 14.89
C LEU B 97 -37.10 -29.34 13.60
N ASP B 98 -36.44 -30.40 13.16
CA ASP B 98 -36.84 -31.12 11.94
C ASP B 98 -38.23 -31.76 12.06
N THR B 99 -38.55 -32.27 13.25
CA THR B 99 -39.88 -32.82 13.52
C THR B 99 -40.95 -31.73 13.35
N ALA B 100 -40.70 -30.56 13.91
CA ALA B 100 -41.61 -29.43 13.74
C ALA B 100 -41.78 -29.01 12.27
N LYS B 101 -40.69 -29.02 11.51
CA LYS B 101 -40.77 -28.64 10.08
C LYS B 101 -41.63 -29.65 9.30
N ALA B 102 -41.39 -30.95 9.57
CA ALA B 102 -42.19 -32.03 8.99
C ALA B 102 -43.69 -31.91 9.32
N VAL B 103 -43.99 -31.64 10.60
CA VAL B 103 -45.38 -31.45 11.04
C VAL B 103 -46.04 -30.27 10.31
N GLY B 104 -45.30 -29.17 10.14
CA GLY B 104 -45.83 -28.01 9.42
C GLY B 104 -46.10 -28.30 7.96
N TYR B 105 -45.21 -29.10 7.36
CA TYR B 105 -45.38 -29.55 5.97
C TYR B 105 -46.62 -30.44 5.80
N TYR B 106 -46.71 -31.50 6.60
CA TYR B 106 -47.84 -32.45 6.50
C TYR B 106 -49.22 -31.81 6.84
N ASN B 107 -49.30 -31.02 7.92
CA ASN B 107 -50.53 -30.31 8.28
C ASN B 107 -50.73 -28.99 7.52
N ASN B 108 -49.78 -28.60 6.66
CA ASN B 108 -49.87 -27.36 5.87
C ASN B 108 -50.08 -26.11 6.74
N ILE B 109 -49.26 -25.99 7.79
CA ILE B 109 -49.30 -24.82 8.68
C ILE B 109 -47.88 -24.21 8.80
N PRO B 110 -47.78 -22.89 9.05
CA PRO B 110 -46.46 -22.26 9.20
C PRO B 110 -45.68 -22.81 10.40
N VAL B 111 -44.36 -22.64 10.38
CA VAL B 111 -43.44 -23.26 11.33
C VAL B 111 -42.52 -22.22 11.96
N ILE B 112 -42.25 -22.40 13.26
CA ILE B 112 -41.25 -21.64 13.99
C ILE B 112 -40.26 -22.65 14.56
N VAL B 113 -38.98 -22.47 14.25
CA VAL B 113 -37.92 -23.29 14.84
C VAL B 113 -37.12 -22.40 15.76
N ALA B 114 -36.87 -22.89 16.97
CA ALA B 114 -36.18 -22.15 18.01
C ALA B 114 -35.10 -23.04 18.61
N PRO B 115 -33.89 -23.05 18.00
CA PRO B 115 -32.81 -23.89 18.51
C PRO B 115 -32.37 -23.43 19.89
N THR B 116 -32.04 -24.40 20.74
CA THR B 116 -31.46 -24.15 22.04
C THR B 116 -29.93 -24.26 22.02
N ILE B 117 -29.37 -24.55 20.83
CA ILE B 117 -27.92 -24.61 20.59
C ILE B 117 -27.67 -24.04 19.20
N ALA B 118 -26.43 -23.64 18.94
CA ALA B 118 -26.04 -23.08 17.64
C ALA B 118 -24.83 -23.85 17.11
N SER B 119 -25.06 -25.13 16.83
CA SER B 119 -24.02 -26.11 16.50
C SER B 119 -24.00 -26.60 15.05
N THR B 120 -25.03 -26.27 14.27
CA THR B 120 -25.04 -26.61 12.85
C THR B 120 -25.78 -25.50 12.08
N ASN B 121 -25.66 -25.55 10.76
CA ASN B 121 -26.41 -24.64 9.89
C ASN B 121 -27.74 -25.23 9.35
N ALA B 122 -28.22 -26.32 9.97
CA ALA B 122 -29.49 -26.96 9.58
C ALA B 122 -30.79 -26.16 9.86
N PRO B 123 -30.86 -25.39 10.98
CA PRO B 123 -32.12 -24.77 11.38
C PRO B 123 -32.89 -23.97 10.33
N THR B 124 -32.18 -23.17 9.54
CA THR B 124 -32.83 -22.34 8.51
C THR B 124 -33.24 -23.12 7.27
N SER B 125 -32.79 -24.37 7.13
CA SER B 125 -32.91 -25.10 5.86
C SER B 125 -34.26 -25.78 5.65
N ALA B 126 -34.63 -25.91 4.37
CA ALA B 126 -35.85 -26.59 3.94
C ALA B 126 -35.64 -28.11 3.91
N LEU B 127 -35.37 -28.71 5.07
CA LEU B 127 -34.90 -30.09 5.14
C LEU B 127 -35.17 -30.69 6.51
N SER B 128 -35.77 -31.87 6.54
CA SER B 128 -35.89 -32.67 7.76
C SER B 128 -35.16 -33.98 7.55
N VAL B 129 -34.26 -34.32 8.46
CA VAL B 129 -33.56 -35.60 8.41
C VAL B 129 -34.41 -36.56 9.22
N ILE B 130 -34.94 -37.59 8.55
CA ILE B 130 -35.83 -38.57 9.15
C ILE B 130 -35.06 -39.84 9.49
N TYR B 131 -35.31 -40.38 10.68
CA TYR B 131 -34.68 -41.61 11.18
C TYR B 131 -35.74 -42.66 11.43
N LYS B 132 -35.34 -43.93 11.39
CA LYS B 132 -36.17 -45.02 11.92
C LYS B 132 -36.25 -44.86 13.43
N GLU B 133 -37.22 -45.54 14.05
CA GLU B 133 -37.44 -45.43 15.50
C GLU B 133 -36.25 -45.94 16.31
N ASN B 134 -35.47 -46.87 15.74
CA ASN B 134 -34.25 -47.38 16.40
C ASN B 134 -33.03 -46.45 16.30
N GLY B 135 -33.12 -45.37 15.53
CA GLY B 135 -32.04 -44.38 15.43
C GLY B 135 -31.25 -44.36 14.14
N GLU B 136 -31.48 -45.34 13.26
CA GLU B 136 -30.78 -45.39 11.96
C GLU B 136 -31.37 -44.40 10.96
N PHE B 137 -30.53 -43.84 10.11
CA PHE B 137 -30.96 -42.92 9.05
C PHE B 137 -31.99 -43.56 8.14
N GLU B 138 -33.10 -42.86 7.88
CA GLU B 138 -34.09 -43.36 6.92
C GLU B 138 -34.05 -42.54 5.64
N GLU B 139 -34.38 -41.25 5.70
CA GLU B 139 -34.38 -40.42 4.49
C GLU B 139 -34.22 -38.91 4.73
N TYR B 140 -33.85 -38.22 3.64
CA TYR B 140 -33.85 -36.77 3.59
C TYR B 140 -35.21 -36.30 3.06
N LEU B 141 -36.00 -35.64 3.91
CA LEU B 141 -37.27 -35.06 3.50
C LEU B 141 -37.05 -33.59 3.08
N MET B 142 -37.13 -33.33 1.78
CA MET B 142 -36.96 -32.00 1.18
C MET B 142 -38.28 -31.29 1.34
N LEU B 143 -38.26 -30.09 1.94
CA LEU B 143 -39.49 -29.34 2.17
C LEU B 143 -39.67 -28.31 1.07
N PRO B 144 -40.92 -27.97 0.72
CA PRO B 144 -41.15 -26.92 -0.28
C PRO B 144 -40.69 -25.52 0.15
N LEU B 145 -40.71 -25.27 1.45
CA LEU B 145 -40.33 -23.96 2.00
C LEU B 145 -39.38 -24.08 3.19
N ASN B 146 -38.49 -23.11 3.32
CA ASN B 146 -37.72 -22.94 4.54
C ASN B 146 -38.69 -22.58 5.66
N PRO B 147 -38.36 -22.96 6.92
CA PRO B 147 -39.27 -22.66 8.02
C PRO B 147 -39.65 -21.18 8.06
N THR B 148 -40.89 -20.89 8.43
CA THR B 148 -41.41 -19.52 8.38
C THR B 148 -40.56 -18.56 9.23
N PHE B 149 -40.37 -18.87 10.52
CA PHE B 149 -39.52 -18.09 11.42
C PHE B 149 -38.44 -18.99 12.01
N VAL B 150 -37.24 -18.45 12.15
CA VAL B 150 -36.19 -19.01 12.98
C VAL B 150 -35.95 -18.01 14.12
N ILE B 151 -35.97 -18.49 15.36
CA ILE B 151 -35.82 -17.66 16.56
C ILE B 151 -34.63 -18.13 17.41
N MET B 152 -33.66 -17.24 17.63
CA MET B 152 -32.45 -17.55 18.40
C MET B 152 -32.46 -16.81 19.74
N ASP B 153 -32.77 -17.53 20.82
CA ASP B 153 -32.72 -16.98 22.17
C ASP B 153 -31.29 -17.15 22.65
N THR B 154 -30.51 -16.08 22.56
CA THR B 154 -29.08 -16.14 22.82
C THR B 154 -28.76 -16.43 24.28
N LYS B 155 -29.66 -16.06 25.18
CA LYS B 155 -29.51 -16.36 26.60
C LYS B 155 -29.64 -17.85 26.85
N VAL B 156 -30.66 -18.47 26.28
CA VAL B 156 -30.82 -19.92 26.37
C VAL B 156 -29.65 -20.64 25.72
N ILE B 157 -29.25 -20.19 24.52
CA ILE B 157 -28.16 -20.82 23.75
C ILE B 157 -26.82 -20.78 24.50
N ALA B 158 -26.53 -19.66 25.16
CA ALA B 158 -25.29 -19.53 25.91
C ALA B 158 -25.19 -20.50 27.10
N SER B 159 -26.31 -20.99 27.62
CA SER B 159 -26.29 -22.01 28.69
C SER B 159 -25.81 -23.41 28.24
N ALA B 160 -25.80 -23.67 26.92
CA ALA B 160 -25.24 -24.92 26.38
C ALA B 160 -23.71 -24.99 26.54
N PRO B 161 -23.14 -26.21 26.58
CA PRO B 161 -21.66 -26.32 26.61
C PRO B 161 -21.00 -25.66 25.41
N ALA B 162 -19.87 -24.98 25.63
CA ALA B 162 -19.19 -24.22 24.58
C ALA B 162 -18.71 -25.09 23.41
N ARG B 163 -18.42 -26.36 23.69
CA ARG B 163 -18.09 -27.32 22.64
C ARG B 163 -19.10 -27.30 21.47
N LEU B 164 -20.38 -27.13 21.81
CA LEU B 164 -21.44 -27.08 20.81
C LEU B 164 -21.41 -25.80 19.96
N LEU B 165 -21.07 -24.67 20.58
CA LEU B 165 -20.95 -23.41 19.83
C LEU B 165 -19.73 -23.47 18.89
N VAL B 166 -18.64 -24.04 19.40
CA VAL B 166 -17.40 -24.24 18.64
C VAL B 166 -17.66 -25.17 17.46
N SER B 167 -18.39 -26.26 17.71
CA SER B 167 -18.77 -27.17 16.63
C SER B 167 -19.54 -26.45 15.52
N GLY B 168 -20.42 -25.51 15.90
CA GLY B 168 -21.10 -24.65 14.94
C GLY B 168 -20.19 -23.75 14.14
N MET B 169 -19.08 -23.32 14.76
CA MET B 169 -18.02 -22.59 14.04
C MET B 169 -17.36 -23.48 12.98
N GLY B 170 -17.14 -24.75 13.32
CA GLY B 170 -16.57 -25.72 12.38
C GLY B 170 -17.44 -25.91 11.15
N ASP B 171 -18.74 -26.11 11.39
CA ASP B 171 -19.75 -26.20 10.35
C ASP B 171 -19.79 -24.93 9.49
N ALA B 172 -19.78 -23.77 10.14
CA ALA B 172 -19.74 -22.46 9.45
C ALA B 172 -18.48 -22.21 8.61
N LEU B 173 -17.36 -22.80 9.04
CA LEU B 173 -16.06 -22.63 8.39
C LEU B 173 -16.04 -23.12 6.95
N ALA B 174 -16.79 -24.20 6.66
CA ALA B 174 -16.86 -24.77 5.32
C ALA B 174 -17.62 -23.90 4.32
N THR B 175 -18.54 -23.07 4.79
CA THR B 175 -19.53 -22.45 3.93
C THR B 175 -18.99 -21.66 2.74
N TYR B 176 -18.04 -20.77 2.99
CA TYR B 176 -17.45 -19.95 1.91
C TYR B 176 -16.73 -20.81 0.86
N PHE B 177 -15.93 -21.78 1.32
CA PHE B 177 -15.12 -22.57 0.44
C PHE B 177 -15.97 -23.48 -0.46
N GLU B 178 -17.03 -24.04 0.11
CA GLU B 178 -17.98 -24.89 -0.62
C GLU B 178 -18.79 -24.08 -1.61
N ALA B 179 -19.24 -22.90 -1.19
CA ALA B 179 -19.99 -21.99 -2.07
C ALA B 179 -19.12 -21.42 -3.20
N ARG B 180 -17.89 -21.04 -2.87
CA ARG B 180 -16.92 -20.57 -3.86
C ARG B 180 -16.68 -21.64 -4.93
N ALA B 181 -16.45 -22.87 -4.49
CA ALA B 181 -16.25 -23.99 -5.40
C ALA B 181 -17.42 -24.20 -6.36
N THR B 182 -18.63 -24.24 -5.79
CA THR B 182 -19.87 -24.42 -6.54
C THR B 182 -20.09 -23.31 -7.57
N LYS B 183 -19.88 -22.05 -7.17
CA LYS B 183 -20.04 -20.93 -8.09
C LYS B 183 -18.98 -20.97 -9.21
N ARG B 184 -17.73 -21.29 -8.86
CA ARG B 184 -16.64 -21.49 -9.84
C ARG B 184 -17.02 -22.56 -10.86
N ALA B 185 -17.56 -23.68 -10.35
CA ALA B 185 -18.01 -24.78 -11.20
C ALA B 185 -19.27 -24.47 -12.03
N ASN B 186 -19.96 -23.37 -11.75
CA ASN B 186 -21.27 -23.06 -12.36
C ASN B 186 -22.32 -24.14 -12.09
N LYS B 187 -22.23 -24.79 -10.93
CA LYS B 187 -23.15 -25.87 -10.52
C LYS B 187 -24.29 -25.30 -9.67
N THR B 188 -25.26 -26.14 -9.33
CA THR B 188 -26.46 -25.73 -8.66
C THR B 188 -26.47 -26.11 -7.18
N THR B 189 -27.35 -25.44 -6.43
CA THR B 189 -27.43 -25.53 -4.98
C THR B 189 -28.68 -26.31 -4.53
N MET B 190 -28.77 -26.60 -3.23
CA MET B 190 -30.01 -27.13 -2.63
C MET B 190 -31.24 -26.24 -2.87
N ALA B 191 -31.03 -24.94 -3.00
CA ALA B 191 -32.12 -24.01 -3.36
C ALA B 191 -32.64 -24.21 -4.80
N GLY B 192 -31.89 -24.94 -5.64
CA GLY B 192 -32.40 -25.43 -6.92
C GLY B 192 -31.95 -24.69 -8.18
N GLY B 193 -31.06 -23.72 -8.02
CA GLY B 193 -30.50 -22.99 -9.17
C GLY B 193 -29.03 -22.73 -8.98
N ARG B 194 -28.51 -21.84 -9.82
CA ARG B 194 -27.14 -21.37 -9.67
C ARG B 194 -27.04 -20.31 -8.54
N VAL B 195 -25.80 -19.95 -8.20
CA VAL B 195 -25.52 -19.17 -7.01
C VAL B 195 -25.70 -17.66 -7.25
N THR B 196 -26.53 -17.04 -6.42
CA THR B 196 -26.70 -15.58 -6.42
C THR B 196 -25.47 -14.87 -5.82
N GLU B 197 -25.32 -13.60 -6.16
CA GLU B 197 -24.33 -12.74 -5.53
C GLU B 197 -24.60 -12.58 -4.02
N ALA B 198 -25.87 -12.48 -3.66
CA ALA B 198 -26.27 -12.41 -2.25
C ALA B 198 -25.75 -13.61 -1.44
N ALA B 199 -25.91 -14.81 -1.95
CA ALA B 199 -25.52 -16.02 -1.19
C ALA B 199 -24.01 -16.15 -0.99
N ILE B 200 -23.23 -15.85 -2.04
CA ILE B 200 -21.77 -15.92 -1.93
C ILE B 200 -21.26 -14.82 -1.00
N ALA B 201 -21.86 -13.64 -1.05
CA ALA B 201 -21.54 -12.55 -0.11
C ALA B 201 -21.83 -12.92 1.35
N LEU B 202 -22.97 -13.57 1.62
CA LEU B 202 -23.29 -14.04 2.96
C LEU B 202 -22.37 -15.18 3.42
N ALA B 203 -22.00 -16.07 2.51
CA ALA B 203 -21.03 -17.12 2.78
C ALA B 203 -19.65 -16.54 3.15
N LYS B 204 -19.22 -15.53 2.41
CA LYS B 204 -17.94 -14.84 2.65
C LYS B 204 -17.95 -14.13 4.01
N LEU B 205 -19.04 -13.40 4.30
CA LEU B 205 -19.20 -12.77 5.62
C LEU B 205 -19.19 -13.81 6.75
N CYS B 206 -19.78 -14.97 6.49
CA CYS B 206 -19.77 -16.07 7.45
C CYS B 206 -18.34 -16.43 7.84
N TYR B 207 -17.51 -16.72 6.84
CA TYR B 207 -16.09 -17.07 7.05
C TYR B 207 -15.33 -15.97 7.79
N ASP B 208 -15.42 -14.74 7.29
CA ASP B 208 -14.76 -13.59 7.91
C ASP B 208 -15.15 -13.40 9.38
N THR B 209 -16.43 -13.62 9.68
CA THR B 209 -16.93 -13.49 11.05
C THR B 209 -16.34 -14.57 11.97
N GLN B 210 -16.18 -15.80 11.46
CA GLN B 210 -15.53 -16.85 12.25
C GLN B 210 -14.10 -16.46 12.63
N ILE B 211 -13.33 -15.99 11.64
CA ILE B 211 -11.92 -15.62 11.84
C ILE B 211 -11.79 -14.46 12.84
N LEU B 212 -12.57 -13.40 12.64
CA LEU B 212 -12.53 -12.21 13.50
C LEU B 212 -13.11 -12.40 14.91
N GLU B 213 -14.17 -13.22 15.03
CA GLU B 213 -15.00 -13.26 16.24
C GLU B 213 -15.01 -14.58 17.02
N GLY B 214 -14.57 -15.67 16.41
CA GLY B 214 -14.74 -17.01 17.02
C GLY B 214 -14.12 -17.16 18.39
N LEU B 215 -12.87 -16.73 18.51
CA LEU B 215 -12.12 -16.84 19.78
C LEU B 215 -12.76 -15.98 20.86
N LYS B 216 -13.04 -14.72 20.55
CA LYS B 216 -13.73 -13.83 21.49
C LYS B 216 -15.07 -14.40 21.98
N ALA B 217 -15.80 -15.01 21.04
CA ALA B 217 -17.06 -15.65 21.35
C ALA B 217 -16.87 -16.88 22.21
N LYS B 218 -15.89 -17.72 21.88
CA LYS B 218 -15.61 -18.90 22.71
C LYS B 218 -15.28 -18.53 24.17
N LEU B 219 -14.41 -17.56 24.37
CA LEU B 219 -13.99 -17.15 25.72
C LEU B 219 -15.17 -16.69 26.62
N ALA B 220 -16.16 -16.05 26.00
CA ALA B 220 -17.41 -15.71 26.66
C ALA B 220 -18.33 -16.93 26.88
N ALA B 221 -18.50 -17.75 25.84
CA ALA B 221 -19.43 -18.89 25.88
C ALA B 221 -18.99 -20.02 26.83
N GLU B 222 -17.69 -20.20 27.02
CA GLU B 222 -17.15 -21.10 28.05
C GLU B 222 -17.66 -20.80 29.46
N LYS B 223 -17.95 -19.54 29.75
CA LYS B 223 -18.51 -19.11 31.04
C LYS B 223 -20.03 -18.92 30.96
N HIS B 224 -20.62 -19.39 29.87
CA HIS B 224 -22.05 -19.28 29.61
C HIS B 224 -22.56 -17.84 29.58
N LEU B 225 -21.74 -16.94 29.04
CA LEU B 225 -22.06 -15.52 28.98
C LEU B 225 -22.27 -15.08 27.55
N VAL B 226 -23.12 -14.06 27.38
CA VAL B 226 -23.43 -13.49 26.07
C VAL B 226 -22.78 -12.12 25.93
N THR B 227 -21.81 -12.03 25.02
CA THR B 227 -21.28 -10.75 24.52
C THR B 227 -21.71 -10.57 23.07
N GLU B 228 -21.46 -9.39 22.52
CA GLU B 228 -21.74 -9.12 21.11
C GLU B 228 -20.96 -10.04 20.15
N ALA B 229 -19.81 -10.54 20.57
CA ALA B 229 -19.07 -11.54 19.80
C ALA B 229 -19.87 -12.83 19.69
N VAL B 230 -20.49 -13.22 20.80
CA VAL B 230 -21.35 -14.41 20.82
C VAL B 230 -22.57 -14.18 19.93
N GLU B 231 -23.16 -12.99 20.00
CA GLU B 231 -24.26 -12.61 19.11
C GLU B 231 -23.90 -12.74 17.63
N LYS B 232 -22.73 -12.23 17.25
CA LYS B 232 -22.31 -12.30 15.84
C LYS B 232 -22.03 -13.73 15.37
N ILE B 233 -21.44 -14.54 16.24
CA ILE B 233 -21.16 -15.94 15.93
C ILE B 233 -22.45 -16.76 15.81
N ILE B 234 -23.42 -16.51 16.69
CA ILE B 234 -24.71 -17.20 16.58
C ILE B 234 -25.39 -16.88 15.24
N GLU B 235 -25.36 -15.60 14.83
CA GLU B 235 -25.89 -15.20 13.53
C GLU B 235 -25.11 -15.89 12.39
N ALA B 236 -23.77 -15.89 12.49
CA ALA B 236 -22.94 -16.52 11.46
C ALA B 236 -23.13 -18.04 11.36
N ASN B 237 -23.17 -18.72 12.51
CA ASN B 237 -23.41 -20.16 12.59
C ASN B 237 -24.78 -20.59 12.06
N THR B 238 -25.76 -19.68 12.07
CA THR B 238 -27.14 -20.03 11.76
C THR B 238 -27.63 -19.39 10.47
N TYR B 239 -27.78 -18.07 10.43
CA TYR B 239 -28.33 -17.46 9.23
C TYR B 239 -27.30 -17.44 8.10
N LEU B 240 -26.15 -16.83 8.33
CA LEU B 240 -25.14 -16.62 7.29
C LEU B 240 -24.69 -17.95 6.67
N SER B 241 -24.34 -18.91 7.55
CA SER B 241 -23.93 -20.23 7.12
C SER B 241 -25.09 -21.05 6.51
N GLY B 242 -26.29 -20.86 7.06
CA GLY B 242 -27.50 -21.52 6.56
C GLY B 242 -27.87 -21.13 5.15
N ILE B 243 -27.97 -19.82 4.91
CA ILE B 243 -28.27 -19.31 3.55
C ILE B 243 -27.05 -19.56 2.64
N GLY B 244 -25.86 -19.35 3.18
CA GLY B 244 -24.63 -19.56 2.43
C GLY B 244 -24.46 -20.96 1.88
N SER B 245 -24.75 -21.98 2.69
CA SER B 245 -24.57 -23.35 2.22
C SER B 245 -25.77 -23.83 1.38
N GLU B 246 -26.99 -23.59 1.83
CA GLU B 246 -28.17 -24.03 1.08
C GLU B 246 -28.34 -23.30 -0.26
N SER B 247 -28.11 -21.99 -0.30
CA SER B 247 -28.23 -21.22 -1.55
C SER B 247 -26.88 -20.92 -2.24
N GLY B 248 -25.77 -21.33 -1.64
CA GLY B 248 -24.43 -21.16 -2.25
C GLY B 248 -23.77 -22.45 -2.69
N GLY B 249 -24.12 -23.58 -2.07
CA GLY B 249 -23.71 -24.90 -2.54
C GLY B 249 -22.86 -25.63 -1.53
N LEU B 250 -23.03 -26.94 -1.44
CA LEU B 250 -22.12 -27.80 -0.70
C LEU B 250 -21.11 -28.41 -1.70
N ALA B 251 -20.04 -28.99 -1.17
CA ALA B 251 -18.96 -29.52 -2.00
C ALA B 251 -18.17 -30.62 -1.26
N ALA B 252 -16.84 -30.54 -1.23
CA ALA B 252 -16.04 -31.68 -0.78
C ALA B 252 -16.07 -31.86 0.72
N ALA B 253 -16.15 -30.75 1.47
CA ALA B 253 -16.13 -30.81 2.94
C ALA B 253 -17.29 -31.60 3.53
N HIS B 254 -18.50 -31.34 3.04
CA HIS B 254 -19.67 -32.12 3.47
C HIS B 254 -19.64 -33.56 2.99
N ALA B 255 -19.19 -33.78 1.75
CA ALA B 255 -19.02 -35.14 1.24
C ALA B 255 -18.01 -35.93 2.07
N ILE B 256 -16.89 -35.29 2.41
CA ILE B 256 -15.87 -35.92 3.26
C ILE B 256 -16.39 -36.14 4.69
N HIS B 257 -17.18 -35.20 5.23
CA HIS B 257 -17.93 -35.44 6.48
C HIS B 257 -18.75 -36.74 6.42
N ASN B 258 -19.50 -36.94 5.34
CA ASN B 258 -20.34 -38.13 5.17
C ASN B 258 -19.51 -39.40 5.09
N GLY B 259 -18.43 -39.37 4.31
CA GLY B 259 -17.52 -40.50 4.19
C GLY B 259 -16.86 -40.94 5.50
N LEU B 260 -16.62 -39.99 6.40
CA LEU B 260 -16.00 -40.30 7.68
C LEU B 260 -16.86 -41.22 8.60
N THR B 261 -18.15 -41.38 8.28
CA THR B 261 -19.04 -42.30 9.02
C THR B 261 -18.49 -43.75 9.04
N VAL B 262 -17.76 -44.12 7.98
CA VAL B 262 -17.03 -45.38 7.89
C VAL B 262 -16.09 -45.61 9.09
N LEU B 263 -15.44 -44.56 9.56
CA LEU B 263 -14.58 -44.63 10.74
C LEU B 263 -15.42 -44.52 12.03
N GLU B 264 -15.63 -45.65 12.68
CA GLU B 264 -16.46 -45.78 13.89
C GLU B 264 -16.01 -44.87 15.05
N GLU B 265 -14.70 -44.76 15.23
CA GLU B 265 -14.09 -43.82 16.21
C GLU B 265 -14.54 -42.35 16.08
N THR B 266 -14.99 -41.93 14.90
CA THR B 266 -15.42 -40.54 14.69
C THR B 266 -16.88 -40.27 14.99
N HIS B 267 -17.66 -41.31 15.30
CA HIS B 267 -19.09 -41.14 15.63
C HIS B 267 -19.34 -40.31 16.90
N HIS B 268 -18.40 -40.32 17.85
CA HIS B 268 -18.50 -39.46 19.05
C HIS B 268 -18.23 -37.95 18.78
N MET B 269 -17.70 -37.61 17.60
CA MET B 269 -17.49 -36.21 17.23
C MET B 269 -18.75 -35.62 16.62
N TYR B 270 -19.00 -34.34 16.89
CA TYR B 270 -20.17 -33.67 16.35
C TYR B 270 -19.99 -33.31 14.87
N HIS B 271 -21.12 -32.98 14.24
CA HIS B 271 -21.21 -32.69 12.81
C HIS B 271 -20.18 -31.65 12.38
N GLY B 272 -20.20 -30.48 13.02
CA GLY B 272 -19.35 -29.36 12.61
C GLY B 272 -17.86 -29.55 12.89
N GLU B 273 -17.54 -30.35 13.90
CA GLU B 273 -16.16 -30.73 14.19
C GLU B 273 -15.58 -31.54 13.02
N LYS B 274 -16.36 -32.49 12.51
CA LYS B 274 -15.94 -33.27 11.34
C LYS B 274 -15.92 -32.43 10.06
N VAL B 275 -16.87 -31.51 9.91
CA VAL B 275 -16.89 -30.59 8.78
C VAL B 275 -15.64 -29.70 8.78
N ALA B 276 -15.16 -29.29 9.96
CA ALA B 276 -13.92 -28.50 10.06
C ALA B 276 -12.73 -29.21 9.42
N PHE B 277 -12.59 -30.51 9.72
CA PHE B 277 -11.51 -31.31 9.14
C PHE B 277 -11.74 -31.54 7.65
N GLY B 278 -12.99 -31.78 7.28
CA GLY B 278 -13.38 -31.87 5.87
C GLY B 278 -13.06 -30.60 5.07
N THR B 279 -13.15 -29.46 5.73
CA THR B 279 -12.77 -28.19 5.11
C THR B 279 -11.27 -28.17 4.79
N LEU B 280 -10.46 -28.63 5.73
CA LEU B 280 -9.01 -28.69 5.53
C LEU B 280 -8.71 -29.61 4.35
N ALA B 281 -9.36 -30.78 4.32
CA ALA B 281 -9.23 -31.72 3.20
C ALA B 281 -9.67 -31.09 1.86
N GLN B 282 -10.75 -30.31 1.87
CA GLN B 282 -11.14 -29.61 0.63
C GLN B 282 -10.04 -28.65 0.17
N LEU B 283 -9.43 -27.94 1.11
CA LEU B 283 -8.39 -26.97 0.75
C LEU B 283 -7.14 -27.63 0.14
N ILE B 284 -6.79 -28.82 0.62
CA ILE B 284 -5.73 -29.62 -0.01
C ILE B 284 -6.18 -30.07 -1.41
N LEU B 285 -7.40 -30.59 -1.50
CA LEU B 285 -7.95 -31.08 -2.77
C LEU B 285 -7.93 -30.03 -3.87
N GLU B 286 -8.41 -28.82 -3.57
CA GLU B 286 -8.39 -27.70 -4.53
C GLU B 286 -7.03 -26.98 -4.55
N ASP B 287 -6.13 -27.38 -3.65
CA ASP B 287 -4.80 -26.81 -3.50
C ASP B 287 -4.87 -25.31 -3.27
N ALA B 288 -5.64 -24.92 -2.28
CA ALA B 288 -5.72 -23.52 -1.85
C ALA B 288 -4.33 -23.03 -1.44
N PRO B 289 -4.09 -21.71 -1.53
CA PRO B 289 -2.76 -21.17 -1.13
C PRO B 289 -2.40 -21.57 0.29
N LYS B 290 -1.11 -21.80 0.53
CA LYS B 290 -0.62 -22.11 1.87
C LYS B 290 -1.08 -21.07 2.93
N ALA B 291 -1.20 -19.79 2.53
CA ALA B 291 -1.66 -18.73 3.43
C ALA B 291 -3.11 -18.94 3.90
N GLU B 292 -3.97 -19.37 2.98
CA GLU B 292 -5.36 -19.71 3.27
C GLU B 292 -5.46 -20.93 4.20
N ILE B 293 -4.64 -21.94 3.96
CA ILE B 293 -4.57 -23.14 4.83
C ILE B 293 -4.12 -22.79 6.24
N GLU B 294 -3.07 -21.99 6.34
CA GLU B 294 -2.54 -21.57 7.64
C GLU B 294 -3.57 -20.77 8.45
N GLU B 295 -4.32 -19.89 7.79
CA GLU B 295 -5.37 -19.12 8.47
C GLU B 295 -6.47 -20.05 9.03
N VAL B 296 -6.87 -21.08 8.27
CA VAL B 296 -7.87 -22.05 8.74
C VAL B 296 -7.35 -22.91 9.88
N VAL B 297 -6.15 -23.47 9.72
CA VAL B 297 -5.59 -24.36 10.74
C VAL B 297 -5.37 -23.58 12.03
N SER B 298 -4.89 -22.35 11.90
CA SER B 298 -4.63 -21.46 13.04
C SER B 298 -5.92 -21.14 13.80
N PHE B 299 -6.95 -20.74 13.08
CA PHE B 299 -8.26 -20.52 13.68
C PHE B 299 -8.77 -21.78 14.42
N CYS B 300 -8.68 -22.94 13.77
CA CYS B 300 -9.16 -24.20 14.37
C CYS B 300 -8.41 -24.53 15.66
N LEU B 301 -7.09 -24.37 15.66
CA LEU B 301 -6.30 -24.58 16.89
C LEU B 301 -6.66 -23.58 17.99
N SER B 302 -6.96 -22.34 17.63
CA SER B 302 -7.32 -21.32 18.63
C SER B 302 -8.63 -21.62 19.36
N VAL B 303 -9.60 -22.23 18.68
CA VAL B 303 -10.92 -22.52 19.28
C VAL B 303 -11.17 -23.99 19.65
N GLY B 304 -10.25 -24.88 19.28
CA GLY B 304 -10.34 -26.30 19.66
C GLY B 304 -11.07 -27.18 18.66
N LEU B 305 -11.05 -26.79 17.39
CA LEU B 305 -11.59 -27.61 16.31
C LEU B 305 -10.51 -28.60 15.82
N PRO B 306 -10.91 -29.79 15.36
CA PRO B 306 -9.93 -30.78 14.91
C PRO B 306 -9.28 -30.43 13.56
N VAL B 307 -7.96 -30.65 13.47
CA VAL B 307 -7.20 -30.50 12.21
C VAL B 307 -6.43 -31.77 11.81
N THR B 308 -6.68 -32.89 12.49
CA THR B 308 -6.11 -34.19 12.13
C THR B 308 -7.17 -35.26 12.33
N LEU B 309 -6.91 -36.44 11.76
CA LEU B 309 -7.71 -37.64 12.02
C LEU B 309 -7.62 -38.06 13.48
N GLY B 310 -6.43 -37.89 14.08
CA GLY B 310 -6.23 -38.06 15.52
C GLY B 310 -7.21 -37.26 16.36
N ASP B 311 -7.39 -35.98 16.02
CA ASP B 311 -8.33 -35.10 16.74
C ASP B 311 -9.79 -35.59 16.64
N LEU B 312 -10.11 -36.38 15.62
CA LEU B 312 -11.41 -37.04 15.49
C LEU B 312 -11.50 -38.42 16.16
N GLY B 313 -10.45 -38.84 16.89
CA GLY B 313 -10.42 -40.12 17.60
C GLY B 313 -9.75 -41.28 16.88
N VAL B 314 -9.25 -41.05 15.66
CA VAL B 314 -8.60 -42.11 14.87
C VAL B 314 -7.16 -42.27 15.35
N LYS B 315 -6.88 -43.34 16.06
CA LYS B 315 -5.55 -43.57 16.67
C LYS B 315 -4.52 -44.07 15.63
N GLU B 316 -4.97 -44.82 14.62
CA GLU B 316 -4.11 -45.37 13.57
C GLU B 316 -4.65 -45.11 12.18
N LEU B 317 -3.79 -44.64 11.28
CA LEU B 317 -4.13 -44.56 9.85
C LEU B 317 -4.17 -45.98 9.29
N ASN B 318 -5.35 -46.40 8.84
CA ASN B 318 -5.55 -47.69 8.18
C ASN B 318 -5.88 -47.40 6.72
N GLU B 319 -5.07 -47.92 5.81
CA GLU B 319 -5.25 -47.66 4.37
C GLU B 319 -6.61 -48.16 3.87
N GLU B 320 -6.98 -49.37 4.24
CA GLU B 320 -8.24 -49.97 3.77
C GLU B 320 -9.46 -49.16 4.21
N LYS B 321 -9.47 -48.74 5.47
CA LYS B 321 -10.56 -47.92 6.01
C LYS B 321 -10.63 -46.55 5.35
N LEU B 322 -9.47 -45.91 5.21
CA LEU B 322 -9.40 -44.58 4.60
C LEU B 322 -9.78 -44.59 3.11
N ARG B 323 -9.50 -45.68 2.39
CA ARG B 323 -10.00 -45.88 1.03
C ARG B 323 -11.54 -45.89 1.01
N LYS B 324 -12.14 -46.58 1.97
CA LYS B 324 -13.60 -46.65 2.07
C LYS B 324 -14.20 -45.27 2.35
N VAL B 325 -13.54 -44.50 3.22
CA VAL B 325 -13.93 -43.10 3.46
C VAL B 325 -13.95 -42.30 2.14
N ALA B 326 -12.88 -42.43 1.37
CA ALA B 326 -12.78 -41.75 0.08
C ALA B 326 -13.82 -42.22 -0.93
N GLU B 327 -14.05 -43.53 -0.98
CA GLU B 327 -15.06 -44.12 -1.88
C GLU B 327 -16.46 -43.64 -1.52
N LEU B 328 -16.80 -43.66 -0.24
CA LEU B 328 -18.11 -43.17 0.21
C LEU B 328 -18.27 -41.66 -0.07
N SER B 329 -17.19 -40.89 0.10
CA SER B 329 -17.21 -39.45 -0.22
C SER B 329 -17.51 -39.18 -1.69
N CYS B 330 -17.10 -40.10 -2.56
CA CYS B 330 -17.31 -40.01 -4.02
C CYS B 330 -18.51 -40.79 -4.58
N ALA B 331 -19.41 -41.28 -3.72
CA ALA B 331 -20.63 -41.99 -4.17
C ALA B 331 -21.44 -41.15 -5.17
N GLU B 332 -22.20 -41.82 -6.02
CA GLU B 332 -23.03 -41.25 -7.05
C GLU B 332 -23.98 -40.28 -6.28
N GLY B 333 -24.00 -39.07 -6.77
CA GLY B 333 -24.89 -38.01 -6.20
C GLY B 333 -24.29 -37.14 -5.11
N GLU B 334 -23.12 -37.51 -4.58
CA GLU B 334 -22.46 -36.70 -3.55
C GLU B 334 -22.11 -35.28 -4.02
N THR B 335 -21.99 -34.39 -3.03
CA THR B 335 -21.74 -32.97 -3.29
C THR B 335 -20.30 -32.66 -3.71
N ILE B 336 -19.39 -33.63 -3.53
CA ILE B 336 -18.01 -33.49 -3.97
C ILE B 336 -17.85 -33.16 -5.46
N TYR B 337 -18.82 -33.55 -6.28
CA TYR B 337 -18.81 -33.26 -7.70
C TYR B 337 -19.14 -31.81 -8.05
N ASN B 338 -19.46 -30.99 -7.05
CA ASN B 338 -19.58 -29.53 -7.26
C ASN B 338 -18.23 -28.81 -7.30
N MET B 339 -17.14 -29.52 -6.99
CA MET B 339 -15.79 -28.98 -7.22
C MET B 339 -15.62 -28.67 -8.72
N PRO B 340 -14.91 -27.58 -9.08
CA PRO B 340 -14.77 -27.22 -10.50
C PRO B 340 -13.68 -28.02 -11.27
N PHE B 341 -13.40 -29.23 -10.83
CA PHE B 341 -12.47 -30.14 -11.50
C PHE B 341 -12.93 -31.58 -11.27
N GLU B 342 -12.35 -32.52 -12.02
CA GLU B 342 -12.68 -33.93 -11.87
C GLU B 342 -12.14 -34.47 -10.55
N VAL B 343 -12.94 -35.33 -9.91
CA VAL B 343 -12.61 -35.92 -8.61
C VAL B 343 -12.65 -37.43 -8.70
N THR B 344 -11.68 -38.10 -8.07
CA THR B 344 -11.65 -39.56 -8.00
C THR B 344 -11.37 -39.97 -6.55
N PRO B 345 -11.71 -41.22 -6.20
CA PRO B 345 -11.36 -41.71 -4.86
C PRO B 345 -9.88 -41.59 -4.48
N ASP B 346 -8.99 -41.86 -5.43
CA ASP B 346 -7.53 -41.68 -5.20
C ASP B 346 -7.19 -40.26 -4.82
N LEU B 347 -7.79 -39.30 -5.51
CA LEU B 347 -7.55 -37.86 -5.28
C LEU B 347 -8.07 -37.43 -3.91
N VAL B 348 -9.26 -37.94 -3.54
CA VAL B 348 -9.86 -37.65 -2.23
C VAL B 348 -9.10 -38.35 -1.09
N TYR B 349 -8.68 -39.59 -1.31
CA TYR B 349 -7.76 -40.28 -0.38
C TYR B 349 -6.51 -39.44 -0.12
N ALA B 350 -5.91 -38.94 -1.20
CA ALA B 350 -4.72 -38.09 -1.11
C ALA B 350 -4.97 -36.80 -0.33
N ALA B 351 -6.12 -36.17 -0.58
CA ALA B 351 -6.52 -34.95 0.15
C ALA B 351 -6.71 -35.19 1.66
N ILE B 352 -7.36 -36.29 2.01
CA ILE B 352 -7.65 -36.62 3.41
C ILE B 352 -6.36 -36.90 4.19
N VAL B 353 -5.52 -37.79 3.67
CA VAL B 353 -4.28 -38.17 4.37
C VAL B 353 -3.32 -36.99 4.43
N THR B 354 -3.29 -36.20 3.37
CA THR B 354 -2.42 -35.01 3.34
C THR B 354 -2.96 -33.90 4.25
N ALA B 355 -4.28 -33.77 4.36
CA ALA B 355 -4.87 -32.85 5.35
C ALA B 355 -4.44 -33.21 6.76
N ASP B 356 -4.47 -34.51 7.07
CA ASP B 356 -3.97 -35.03 8.34
C ASP B 356 -2.47 -34.72 8.53
N SER B 357 -1.65 -34.89 7.49
CA SER B 357 -0.22 -34.54 7.56
C SER B 357 0.00 -33.04 7.77
N VAL B 358 -0.75 -32.20 7.05
CA VAL B 358 -0.68 -30.74 7.20
C VAL B 358 -1.05 -30.30 8.63
N GLY B 359 -2.13 -30.89 9.15
CA GLY B 359 -2.55 -30.60 10.52
C GLY B 359 -1.53 -30.98 11.57
N ARG B 360 -0.97 -32.18 11.45
CA ARG B 360 0.08 -32.66 12.34
C ARG B 360 1.27 -31.73 12.24
N TYR B 361 1.63 -31.34 11.01
CA TYR B 361 2.78 -30.48 10.76
C TYR B 361 2.66 -29.14 11.50
N TYR B 362 1.50 -28.50 11.37
CA TYR B 362 1.28 -27.17 12.01
C TYR B 362 1.07 -27.24 13.52
N LYS B 363 0.43 -28.29 14.03
CA LYS B 363 0.38 -28.54 15.48
C LYS B 363 1.76 -28.64 16.12
N GLU B 364 2.68 -29.34 15.46
CA GLU B 364 4.04 -29.52 15.98
C GLU B 364 4.84 -28.22 15.86
N LYS B 365 4.67 -27.51 14.75
CA LYS B 365 5.39 -26.27 14.49
C LYS B 365 4.93 -25.07 15.36
N TRP B 366 3.67 -25.05 15.81
CA TRP B 366 3.11 -23.91 16.56
C TRP B 366 2.87 -24.14 18.07
N MET C 1 -28.22 20.61 20.15
CA MET C 1 -27.22 20.73 19.03
C MET C 1 -25.91 21.50 19.38
N THR C 2 -25.78 22.04 20.59
CA THR C 2 -24.61 22.79 20.99
C THR C 2 -23.39 21.89 21.27
N LYS C 3 -22.21 22.32 20.80
CA LYS C 3 -20.94 21.66 21.10
C LYS C 3 -20.15 22.58 22.03
N ILE C 4 -19.52 22.00 23.06
CA ILE C 4 -18.71 22.75 24.01
C ILE C 4 -17.38 22.03 24.22
N ILE C 5 -16.30 22.80 24.24
CA ILE C 5 -14.99 22.35 24.72
C ILE C 5 -14.55 23.36 25.77
N THR C 6 -14.09 22.83 26.90
CA THR C 6 -13.61 23.64 28.01
C THR C 6 -12.15 23.31 28.29
N SER C 7 -11.46 24.26 28.94
CA SER C 7 -10.03 24.13 29.16
C SER C 7 -9.58 25.03 30.33
N PRO C 8 -8.46 24.64 30.98
CA PRO C 8 -7.72 25.64 31.74
C PRO C 8 -7.33 26.78 30.84
N SER C 9 -7.19 27.98 31.39
CA SER C 9 -6.79 29.13 30.60
C SER C 9 -5.37 28.99 30.10
N LYS C 10 -4.50 28.36 30.90
CA LYS C 10 -3.14 28.03 30.50
C LYS C 10 -2.74 26.68 31.08
N PHE C 11 -2.06 25.87 30.26
CA PHE C 11 -1.42 24.65 30.73
C PHE C 11 0.07 24.79 30.44
N ILE C 12 0.88 24.66 31.49
CA ILE C 12 2.30 25.04 31.48
C ILE C 12 3.13 23.86 31.97
N GLN C 13 4.12 23.44 31.19
CA GLN C 13 4.88 22.24 31.50
C GLN C 13 6.36 22.40 31.18
N GLY C 14 7.20 21.90 32.09
CA GLY C 14 8.64 21.98 31.95
C GLY C 14 9.35 21.61 33.23
N PRO C 15 10.66 21.33 33.15
CA PRO C 15 11.41 21.03 34.38
C PRO C 15 11.64 22.27 35.23
N ASP C 16 11.47 22.13 36.56
CA ASP C 16 11.73 23.21 37.53
C ASP C 16 10.80 24.43 37.39
N GLU C 17 9.59 24.18 36.88
CA GLU C 17 8.54 25.21 36.75
C GLU C 17 8.11 25.88 38.08
N LEU C 18 8.15 25.16 39.20
CA LEU C 18 7.83 25.74 40.51
C LEU C 18 8.79 26.87 40.92
N SER C 19 10.02 26.85 40.39
CA SER C 19 10.99 27.92 40.62
C SER C 19 10.57 29.24 39.96
N ARG C 20 9.62 29.18 39.03
CA ARG C 20 9.02 30.38 38.42
C ARG C 20 7.57 30.60 38.89
N LEU C 21 7.18 29.99 40.02
CA LEU C 21 5.80 30.08 40.49
C LEU C 21 5.35 31.54 40.67
N SER C 22 6.23 32.37 41.23
CA SER C 22 5.96 33.79 41.44
C SER C 22 5.69 34.54 40.14
N ALA C 23 6.37 34.18 39.06
CA ALA C 23 6.09 34.79 37.76
C ALA C 23 4.65 34.49 37.29
N TYR C 24 4.17 33.27 37.57
CA TYR C 24 2.81 32.86 37.19
C TYR C 24 1.73 33.47 38.11
N THR C 25 1.92 33.40 39.44
CA THR C 25 0.95 34.02 40.36
C THR C 25 0.82 35.53 40.16
N GLU C 26 1.95 36.20 39.89
CA GLU C 26 1.98 37.65 39.58
C GLU C 26 1.12 38.04 38.34
N ARG C 27 0.96 37.15 37.37
CA ARG C 27 0.07 37.41 36.22
C ARG C 27 -1.41 37.47 36.59
N LEU C 28 -1.79 36.78 37.67
CA LEU C 28 -3.18 36.68 38.12
C LEU C 28 -3.53 37.57 39.30
N GLY C 29 -2.57 37.82 40.19
CA GLY C 29 -2.79 38.73 41.32
C GLY C 29 -1.53 39.13 42.10
N LYS C 30 -1.73 40.02 43.06
CA LYS C 30 -0.65 40.57 43.88
C LYS C 30 -0.24 39.70 45.07
N LYS C 31 -1.13 38.82 45.52
CA LYS C 31 -0.93 38.05 46.76
C LYS C 31 -1.45 36.61 46.62
N ALA C 32 -0.53 35.66 46.61
CA ALA C 32 -0.85 34.25 46.45
C ALA C 32 -1.06 33.55 47.79
N PHE C 33 -2.03 32.64 47.82
CA PHE C 33 -2.29 31.76 48.96
C PHE C 33 -1.95 30.34 48.48
N ILE C 34 -0.88 29.78 49.01
CA ILE C 34 -0.28 28.55 48.47
C ILE C 34 -0.53 27.38 49.43
N ILE C 35 -1.43 26.48 49.02
CA ILE C 35 -1.85 25.35 49.84
C ILE C 35 -1.02 24.12 49.51
N ALA C 36 -0.51 23.47 50.56
CA ALA C 36 0.26 22.23 50.41
C ALA C 36 0.29 21.46 51.73
N ASP C 37 0.28 20.13 51.65
CA ASP C 37 0.35 19.29 52.86
C ASP C 37 1.77 19.27 53.45
N ASP C 38 1.92 18.55 54.56
CA ASP C 38 3.20 18.43 55.26
C ASP C 38 4.33 17.95 54.34
N PHE C 39 4.12 16.79 53.71
CA PHE C 39 5.14 16.19 52.85
C PHE C 39 5.57 17.11 51.70
N VAL C 40 4.59 17.67 50.98
CA VAL C 40 4.88 18.51 49.81
C VAL C 40 5.51 19.84 50.21
N THR C 41 5.12 20.39 51.37
CA THR C 41 5.76 21.61 51.91
C THR C 41 7.27 21.37 52.12
N GLY C 42 7.63 20.23 52.71
CA GLY C 42 9.03 19.85 52.85
C GLY C 42 9.72 19.60 51.53
N LEU C 43 8.99 19.00 50.57
CA LEU C 43 9.54 18.67 49.25
C LEU C 43 9.89 19.90 48.41
N VAL C 44 8.95 20.84 48.28
CA VAL C 44 9.09 21.99 47.35
C VAL C 44 9.10 23.38 48.03
N GLY C 45 9.01 23.41 49.36
CA GLY C 45 8.90 24.65 50.10
C GLY C 45 10.02 25.63 49.82
N LYS C 46 11.25 25.12 49.78
CA LYS C 46 12.44 25.94 49.52
C LYS C 46 12.39 26.55 48.11
N THR C 47 12.00 25.75 47.11
CA THR C 47 11.91 26.23 45.73
C THR C 47 10.89 27.36 45.58
N VAL C 48 9.74 27.19 46.23
CA VAL C 48 8.66 28.18 46.18
C VAL C 48 9.10 29.48 46.86
N GLU C 49 9.61 29.36 48.09
CA GLU C 49 10.18 30.49 48.84
C GLU C 49 11.23 31.26 48.01
N GLU C 50 12.17 30.53 47.40
CA GLU C 50 13.20 31.14 46.55
C GLU C 50 12.66 31.82 45.28
N SER C 51 11.54 31.31 44.76
CA SER C 51 10.85 31.93 43.60
C SER C 51 10.35 33.33 43.91
N TYR C 52 9.96 33.60 45.16
CA TYR C 52 9.47 34.91 45.57
C TYR C 52 10.54 35.87 46.15
N ALA C 53 11.82 35.62 45.93
CA ALA C 53 12.91 36.54 46.30
C ALA C 53 12.67 37.95 45.73
N GLY C 54 12.69 38.96 46.61
CA GLY C 54 12.41 40.33 46.19
C GLY C 54 10.96 40.68 45.99
N LYS C 55 10.05 39.73 46.25
CA LYS C 55 8.59 39.85 46.04
C LYS C 55 7.96 39.27 47.31
N GLU C 56 8.66 39.28 48.43
CA GLU C 56 8.34 38.41 49.58
C GLU C 56 7.01 38.67 50.29
N THR C 57 6.35 39.82 50.03
CA THR C 57 4.98 40.08 50.50
C THR C 57 3.93 39.62 49.51
N GLY C 58 4.35 38.95 48.44
CA GLY C 58 3.44 38.48 47.40
C GLY C 58 2.94 37.06 47.49
N TYR C 59 3.21 36.39 48.62
CA TYR C 59 2.70 35.05 48.88
C TYR C 59 2.66 34.71 50.38
N GLN C 60 1.86 33.72 50.73
CA GLN C 60 1.96 33.03 52.03
C GLN C 60 1.62 31.56 51.83
N MET C 61 2.36 30.71 52.53
CA MET C 61 2.11 29.27 52.55
C MET C 61 1.03 28.98 53.57
N ALA C 62 0.26 27.93 53.33
CA ALA C 62 -0.74 27.45 54.26
C ALA C 62 -0.68 25.94 54.30
N LEU C 63 -0.64 25.36 55.50
CA LEU C 63 -0.55 23.92 55.68
C LEU C 63 -1.93 23.28 55.48
N PHE C 64 -2.00 22.33 54.54
CA PHE C 64 -3.23 21.58 54.24
C PHE C 64 -3.28 20.35 55.16
N GLY C 65 -4.45 20.08 55.76
CA GLY C 65 -4.63 18.96 56.66
C GLY C 65 -4.64 17.58 56.01
N GLY C 66 -4.81 17.54 54.69
CA GLY C 66 -4.69 16.28 53.91
C GLY C 66 -6.01 15.77 53.33
N GLU C 67 -7.13 16.30 53.82
CA GLU C 67 -8.45 15.90 53.35
C GLU C 67 -9.20 17.06 52.72
N CYS C 68 -9.76 16.82 51.52
CA CYS C 68 -10.59 17.82 50.85
C CYS C 68 -12.00 17.68 51.41
N SER C 69 -12.24 18.37 52.51
CA SER C 69 -13.53 18.39 53.19
C SER C 69 -14.07 19.80 53.27
N LYS C 70 -15.36 19.94 53.56
CA LYS C 70 -15.99 21.25 53.71
C LYS C 70 -15.42 22.09 54.88
N PRO C 71 -15.18 21.47 56.05
CA PRO C 71 -14.51 22.20 57.14
C PRO C 71 -13.12 22.74 56.78
N GLU C 72 -12.30 21.89 56.17
CA GLU C 72 -10.95 22.29 55.74
C GLU C 72 -11.01 23.35 54.63
N ILE C 73 -11.97 23.24 53.70
CA ILE C 73 -12.17 24.27 52.68
C ILE C 73 -12.60 25.61 53.30
N GLU C 74 -13.50 25.57 54.26
CA GLU C 74 -13.95 26.79 54.95
C GLU C 74 -12.80 27.46 55.74
N ARG C 75 -12.05 26.64 56.47
CA ARG C 75 -10.88 27.13 57.24
C ARG C 75 -9.89 27.88 56.33
N LEU C 76 -9.57 27.27 55.20
CA LEU C 76 -8.61 27.86 54.24
C LEU C 76 -9.17 29.09 53.51
N CYS C 77 -10.46 29.08 53.18
CA CYS C 77 -11.13 30.28 52.65
C CYS C 77 -11.00 31.48 53.59
N GLU C 78 -11.22 31.24 54.89
CA GLU C 78 -11.13 32.30 55.92
C GLU C 78 -9.70 32.82 56.02
N MET C 79 -8.74 31.92 56.16
CA MET C 79 -7.33 32.29 56.15
C MET C 79 -6.95 33.11 54.91
N SER C 80 -7.43 32.67 53.75
CA SER C 80 -7.19 33.36 52.47
C SER C 80 -7.78 34.78 52.43
N LYS C 81 -9.02 34.95 52.87
CA LYS C 81 -9.63 36.31 53.01
C LYS C 81 -8.87 37.17 54.04
N SER C 82 -8.53 36.56 55.17
CA SER C 82 -7.74 37.19 56.24
C SER C 82 -6.37 37.72 55.77
N GLU C 83 -5.69 36.95 54.91
CA GLU C 83 -4.40 37.37 54.31
C GLU C 83 -4.57 38.25 53.06
N GLU C 84 -5.82 38.57 52.70
CA GLU C 84 -6.16 39.34 51.50
C GLU C 84 -5.61 38.76 50.19
N ALA C 85 -5.62 37.44 50.08
CA ALA C 85 -5.13 36.75 48.88
C ALA C 85 -6.12 36.91 47.72
N ASP C 86 -5.58 37.19 46.54
CA ASP C 86 -6.38 37.32 45.30
C ASP C 86 -6.02 36.26 44.21
N VAL C 87 -5.27 35.23 44.61
CA VAL C 87 -5.03 34.04 43.78
C VAL C 87 -4.66 32.87 44.69
N VAL C 88 -5.20 31.69 44.39
CA VAL C 88 -4.95 30.50 45.22
C VAL C 88 -4.15 29.47 44.42
N VAL C 89 -3.21 28.81 45.09
CA VAL C 89 -2.36 27.79 44.47
C VAL C 89 -2.48 26.53 45.30
N GLY C 90 -2.63 25.40 44.61
CA GLY C 90 -2.57 24.07 45.22
C GLY C 90 -1.38 23.34 44.64
N ILE C 91 -0.60 22.69 45.50
CA ILE C 91 0.59 21.94 45.10
C ILE C 91 0.53 20.58 45.79
N GLY C 92 0.48 19.51 44.99
CA GLY C 92 0.41 18.16 45.54
C GLY C 92 -0.49 17.23 44.77
N GLY C 93 -1.09 16.28 45.49
CA GLY C 93 -2.01 15.29 44.92
C GLY C 93 -3.41 15.85 44.75
N GLY C 94 -4.30 14.99 44.24
CA GLY C 94 -5.67 15.37 43.91
C GLY C 94 -6.48 16.06 44.99
N LYS C 95 -6.36 15.56 46.22
CA LYS C 95 -7.07 16.16 47.35
C LYS C 95 -6.63 17.62 47.57
N THR C 96 -5.33 17.89 47.50
CA THR C 96 -4.83 19.27 47.61
C THR C 96 -5.30 20.15 46.46
N LEU C 97 -5.21 19.63 45.24
CA LEU C 97 -5.58 20.40 44.04
C LEU C 97 -7.05 20.75 44.06
N ASP C 98 -7.89 19.77 44.39
CA ASP C 98 -9.34 19.99 44.51
C ASP C 98 -9.71 21.00 45.59
N THR C 99 -8.98 20.95 46.71
CA THR C 99 -9.17 21.92 47.80
C THR C 99 -8.89 23.33 47.30
N ALA C 100 -7.79 23.51 46.57
CA ALA C 100 -7.47 24.81 45.98
C ALA C 100 -8.54 25.29 45.00
N LYS C 101 -9.10 24.39 44.19
CA LYS C 101 -10.13 24.77 43.22
C LYS C 101 -11.40 25.23 43.95
N ALA C 102 -11.79 24.48 44.98
CA ALA C 102 -12.92 24.84 45.84
C ALA C 102 -12.74 26.22 46.51
N VAL C 103 -11.55 26.45 47.07
CA VAL C 103 -11.22 27.75 47.69
C VAL C 103 -11.33 28.89 46.68
N GLY C 104 -10.85 28.68 45.46
CA GLY C 104 -10.95 29.71 44.42
C GLY C 104 -12.37 30.00 44.03
N TYR C 105 -13.19 28.94 43.98
CA TYR C 105 -14.62 29.05 43.70
C TYR C 105 -15.36 29.85 44.79
N TYR C 106 -15.21 29.44 46.05
CA TYR C 106 -15.89 30.11 47.17
C TYR C 106 -15.44 31.57 47.39
N ASN C 107 -14.13 31.83 47.35
CA ASN C 107 -13.60 33.21 47.47
C ASN C 107 -13.62 33.99 46.15
N ASN C 108 -14.04 33.38 45.05
CA ASN C 108 -14.12 34.03 43.72
C ASN C 108 -12.78 34.61 43.27
N ILE C 109 -11.73 33.81 43.38
CA ILE C 109 -10.38 34.21 42.93
C ILE C 109 -9.82 33.14 41.97
N PRO C 110 -8.94 33.55 41.03
CA PRO C 110 -8.34 32.56 40.10
C PRO C 110 -7.49 31.51 40.82
N VAL C 111 -7.30 30.36 40.16
CA VAL C 111 -6.67 29.18 40.74
C VAL C 111 -5.50 28.68 39.90
N ILE C 112 -4.45 28.23 40.58
CA ILE C 112 -3.32 27.53 39.96
C ILE C 112 -3.23 26.17 40.64
N VAL C 113 -3.25 25.10 39.83
CA VAL C 113 -3.04 23.75 40.34
C VAL C 113 -1.71 23.28 39.80
N ALA C 114 -0.90 22.71 40.69
CA ALA C 114 0.44 22.26 40.37
C ALA C 114 0.63 20.85 40.92
N PRO C 115 0.22 19.82 40.15
CA PRO C 115 0.37 18.44 40.62
C PRO C 115 1.83 18.06 40.78
N THR C 116 2.10 17.29 41.82
CA THR C 116 3.42 16.72 42.05
C THR C 116 3.51 15.27 41.52
N ILE C 117 2.41 14.78 40.95
CA ILE C 117 2.34 13.46 40.30
C ILE C 117 1.45 13.60 39.07
N ALA C 118 1.56 12.66 38.14
CA ALA C 118 0.78 12.68 36.90
C ALA C 118 0.09 11.32 36.74
N SER C 119 -0.82 11.06 37.67
CA SER C 119 -1.48 9.77 37.85
C SER C 119 -2.97 9.72 37.49
N THR C 120 -3.59 10.88 37.26
CA THR C 120 -4.98 10.92 36.82
C THR C 120 -5.16 12.11 35.88
N ASN C 121 -6.31 12.14 35.21
CA ASN C 121 -6.68 13.28 34.37
C ASN C 121 -7.58 14.32 35.08
N ALA C 122 -7.65 14.26 36.41
CA ALA C 122 -8.47 15.21 37.21
C ALA C 122 -7.97 16.67 37.26
N PRO C 123 -6.63 16.91 37.26
CA PRO C 123 -6.12 18.27 37.48
C PRO C 123 -6.71 19.39 36.63
N THR C 124 -6.90 19.15 35.35
CA THR C 124 -7.44 20.19 34.45
C THR C 124 -8.94 20.40 34.59
N SER C 125 -9.63 19.52 35.30
CA SER C 125 -11.11 19.48 35.27
C SER C 125 -11.78 20.46 36.22
N ALA C 126 -12.98 20.91 35.83
CA ALA C 126 -13.84 21.78 36.62
C ALA C 126 -14.60 20.99 37.68
N LEU C 127 -13.87 20.38 38.62
CA LEU C 127 -14.46 19.41 39.54
C LEU C 127 -13.61 19.25 40.79
N SER C 128 -14.25 19.34 41.95
CA SER C 128 -13.61 19.00 43.22
C SER C 128 -14.36 17.84 43.84
N VAL C 129 -13.65 16.78 44.22
CA VAL C 129 -14.27 15.66 44.89
C VAL C 129 -14.13 15.95 46.39
N ILE C 130 -15.29 16.13 47.05
CA ILE C 130 -15.36 16.46 48.46
C ILE C 130 -15.62 15.20 49.30
N TYR C 131 -14.89 15.08 50.40
CA TYR C 131 -15.01 13.98 51.35
C TYR C 131 -15.43 14.50 52.71
N LYS C 132 -16.06 13.63 53.51
CA LYS C 132 -16.26 13.90 54.94
C LYS C 132 -14.89 13.87 55.62
N GLU C 133 -14.82 14.42 56.82
CA GLU C 133 -13.55 14.47 57.57
C GLU C 133 -12.97 13.09 57.88
N ASN C 134 -13.83 12.08 58.00
CA ASN C 134 -13.38 10.69 58.23
C ASN C 134 -12.87 9.96 56.98
N GLY C 135 -12.99 10.56 55.80
CA GLY C 135 -12.46 9.99 54.56
C GLY C 135 -13.47 9.42 53.59
N GLU C 136 -14.74 9.33 53.98
CA GLU C 136 -15.80 8.84 53.09
C GLU C 136 -16.22 9.88 52.07
N PHE C 137 -16.58 9.44 50.87
CA PHE C 137 -17.07 10.32 49.81
C PHE C 137 -18.29 11.11 50.25
N GLU C 138 -18.29 12.43 50.05
CA GLU C 138 -19.46 13.25 50.34
C GLU C 138 -20.15 13.68 49.06
N GLU C 139 -19.49 14.47 48.21
CA GLU C 139 -20.13 14.96 46.98
C GLU C 139 -19.16 15.37 45.87
N TYR C 140 -19.70 15.44 44.66
CA TYR C 140 -19.03 16.03 43.51
C TYR C 140 -19.40 17.51 43.44
N LEU C 141 -18.42 18.38 43.65
CA LEU C 141 -18.63 19.82 43.48
C LEU C 141 -18.22 20.23 42.06
N MET C 142 -19.22 20.54 41.25
CA MET C 142 -19.03 20.95 39.84
C MET C 142 -18.69 22.43 39.88
N LEU C 143 -17.58 22.82 39.25
CA LEU C 143 -17.15 24.20 39.27
C LEU C 143 -17.59 24.89 38.00
N PRO C 144 -17.86 26.21 38.06
CA PRO C 144 -18.21 26.96 36.83
C PRO C 144 -17.08 27.04 35.80
N LEU C 145 -15.83 27.00 36.27
CA LEU C 145 -14.67 27.13 35.39
C LEU C 145 -13.61 26.08 35.71
N ASN C 146 -12.90 25.64 34.68
CA ASN C 146 -11.69 24.86 34.85
C ASN C 146 -10.66 25.76 35.51
N PRO C 147 -9.73 25.18 36.31
CA PRO C 147 -8.72 26.00 36.99
C PRO C 147 -8.00 26.92 36.01
N THR C 148 -7.67 28.12 36.46
CA THR C 148 -7.09 29.15 35.58
C THR C 148 -5.77 28.65 34.94
N PHE C 149 -4.81 28.20 35.75
CA PHE C 149 -3.55 27.64 35.26
C PHE C 149 -3.37 26.24 35.82
N VAL C 150 -2.84 25.34 35.00
CA VAL C 150 -2.29 24.07 35.43
C VAL C 150 -0.79 24.12 35.14
N ILE C 151 0.03 23.81 36.15
CA ILE C 151 1.49 23.86 36.04
C ILE C 151 2.11 22.50 36.36
N MET C 152 2.87 21.94 35.41
CA MET C 152 3.49 20.62 35.56
C MET C 152 5.02 20.77 35.65
N ASP C 153 5.55 20.64 36.87
CA ASP C 153 7.00 20.66 37.11
C ASP C 153 7.47 19.23 36.92
N THR C 154 8.02 18.95 35.74
CA THR C 154 8.37 17.59 35.35
C THR C 154 9.51 17.01 36.18
N LYS C 155 10.37 17.88 36.69
CA LYS C 155 11.47 17.48 37.57
C LYS C 155 10.92 16.97 38.90
N VAL C 156 10.01 17.72 39.50
CA VAL C 156 9.34 17.29 40.74
C VAL C 156 8.54 16.01 40.48
N ILE C 157 7.78 15.96 39.38
CA ILE C 157 6.94 14.81 39.05
C ILE C 157 7.74 13.52 38.87
N ALA C 158 8.90 13.62 38.22
CA ALA C 158 9.75 12.45 38.00
C ALA C 158 10.30 11.85 39.30
N SER C 159 10.37 12.63 40.39
CA SER C 159 10.80 12.07 41.70
C SER C 159 9.76 11.14 42.35
N ALA C 160 8.50 11.17 41.89
CA ALA C 160 7.46 10.24 42.37
C ALA C 160 7.73 8.80 41.90
N PRO C 161 7.22 7.79 42.64
CA PRO C 161 7.36 6.40 42.16
C PRO C 161 6.73 6.19 40.78
N ALA C 162 7.39 5.39 39.93
CA ALA C 162 6.94 5.20 38.54
C ALA C 162 5.56 4.55 38.43
N ARG C 163 5.19 3.75 39.43
CA ARG C 163 3.84 3.19 39.51
C ARG C 163 2.75 4.25 39.32
N LEU C 164 2.97 5.44 39.88
CA LEU C 164 2.02 6.54 39.74
C LEU C 164 1.95 7.11 38.32
N LEU C 165 3.08 7.19 37.62
CA LEU C 165 3.08 7.65 36.23
C LEU C 165 2.38 6.62 35.33
N VAL C 166 2.66 5.35 35.59
CA VAL C 166 2.05 4.23 34.87
C VAL C 166 0.53 4.22 35.10
N SER C 167 0.12 4.42 36.35
CA SER C 167 -1.31 4.54 36.66
C SER C 167 -1.99 5.66 35.85
N GLY C 168 -1.29 6.78 35.68
CA GLY C 168 -1.75 7.86 34.79
C GLY C 168 -1.90 7.46 33.34
N MET C 169 -1.03 6.55 32.88
CA MET C 169 -1.15 5.96 31.54
C MET C 169 -2.44 5.13 31.43
N GLY C 170 -2.75 4.38 32.50
CA GLY C 170 -3.99 3.59 32.55
C GLY C 170 -5.24 4.45 32.42
N ASP C 171 -5.27 5.52 33.21
CA ASP C 171 -6.32 6.53 33.17
C ASP C 171 -6.43 7.16 31.77
N ALA C 172 -5.28 7.53 31.19
CA ALA C 172 -5.21 8.10 29.83
C ALA C 172 -5.67 7.13 28.71
N LEU C 173 -5.47 5.84 28.94
CA LEU C 173 -5.80 4.79 27.98
C LEU C 173 -7.30 4.74 27.62
N ALA C 174 -8.16 5.02 28.61
CA ALA C 174 -9.60 5.01 28.40
C ALA C 174 -10.12 6.16 27.53
N THR C 175 -9.39 7.27 27.49
CA THR C 175 -9.95 8.53 26.98
C THR C 175 -10.49 8.48 25.56
N TYR C 176 -9.73 7.93 24.62
CA TYR C 176 -10.19 7.85 23.23
C TYR C 176 -11.44 6.97 23.07
N PHE C 177 -11.43 5.81 23.74
CA PHE C 177 -12.50 4.85 23.58
C PHE C 177 -13.82 5.37 24.16
N GLU C 178 -13.73 6.05 25.31
CA GLU C 178 -14.89 6.65 25.97
C GLU C 178 -15.42 7.83 25.17
N ALA C 179 -14.53 8.66 24.65
CA ALA C 179 -14.91 9.81 23.81
C ALA C 179 -15.50 9.37 22.47
N ARG C 180 -14.88 8.37 21.84
CA ARG C 180 -15.39 7.77 20.61
C ARG C 180 -16.82 7.26 20.80
N ALA C 181 -17.03 6.52 21.87
CA ALA C 181 -18.36 5.97 22.20
C ALA C 181 -19.41 7.08 22.35
N THR C 182 -19.08 8.10 23.14
CA THR C 182 -19.95 9.23 23.40
C THR C 182 -20.29 10.00 22.12
N LYS C 183 -19.31 10.25 21.27
CA LYS C 183 -19.56 10.95 20.01
C LYS C 183 -20.43 10.10 19.06
N ARG C 184 -20.14 8.80 18.98
CA ARG C 184 -20.96 7.84 18.22
C ARG C 184 -22.41 7.86 18.68
N ALA C 185 -22.60 7.85 20.00
CA ALA C 185 -23.92 7.94 20.62
C ALA C 185 -24.62 9.28 20.47
N ASN C 186 -23.91 10.32 20.03
CA ASN C 186 -24.41 11.70 20.01
C ASN C 186 -24.85 12.21 21.39
N LYS C 187 -24.16 11.73 22.44
CA LYS C 187 -24.46 12.09 23.83
C LYS C 187 -23.57 13.27 24.28
N THR C 188 -23.80 13.77 25.49
CA THR C 188 -23.15 14.97 25.98
C THR C 188 -22.06 14.65 27.00
N THR C 189 -21.18 15.64 27.20
CA THR C 189 -19.99 15.52 28.03
C THR C 189 -20.13 16.30 29.35
N MET C 190 -19.17 16.13 30.26
CA MET C 190 -19.07 16.99 31.46
C MET C 190 -18.96 18.49 31.14
N ALA C 191 -18.40 18.83 29.99
CA ALA C 191 -18.37 20.23 29.52
C ALA C 191 -19.76 20.79 29.16
N GLY C 192 -20.76 19.91 29.00
CA GLY C 192 -22.17 20.32 28.93
C GLY C 192 -22.82 20.34 27.56
N GLY C 193 -22.10 19.90 26.53
CA GLY C 193 -22.67 19.80 25.19
C GLY C 193 -22.22 18.53 24.51
N ARG C 194 -22.42 18.49 23.19
CA ARG C 194 -21.91 17.41 22.36
C ARG C 194 -20.40 17.62 22.08
N VAL C 195 -19.78 16.60 21.47
CA VAL C 195 -18.35 16.51 21.35
C VAL C 195 -17.81 17.30 20.15
N THR C 196 -16.89 18.22 20.40
CA THR C 196 -16.18 18.95 19.34
C THR C 196 -15.18 18.04 18.61
N GLU C 197 -14.82 18.44 17.40
CA GLU C 197 -13.74 17.79 16.66
C GLU C 197 -12.38 17.94 17.38
N ALA C 198 -12.16 19.10 18.01
CA ALA C 198 -10.96 19.34 18.81
C ALA C 198 -10.80 18.30 19.93
N ALA C 199 -11.86 18.02 20.67
CA ALA C 199 -11.77 17.11 21.82
C ALA C 199 -11.51 15.66 21.43
N ILE C 200 -12.17 15.18 20.37
CA ILE C 200 -11.95 13.82 19.90
C ILE C 200 -10.53 13.67 19.31
N ALA C 201 -10.06 14.70 18.61
CA ALA C 201 -8.67 14.72 18.11
C ALA C 201 -7.62 14.67 19.24
N LEU C 202 -7.85 15.43 20.32
CA LEU C 202 -6.97 15.39 21.49
C LEU C 202 -7.03 14.05 22.23
N ALA C 203 -8.23 13.47 22.31
CA ALA C 203 -8.42 12.13 22.88
C ALA C 203 -7.66 11.05 22.07
N LYS C 204 -7.75 11.15 20.75
CA LYS C 204 -7.05 10.23 19.84
C LYS C 204 -5.53 10.36 19.97
N LEU C 205 -5.04 11.61 19.98
CA LEU C 205 -3.61 11.85 20.22
C LEU C 205 -3.15 11.30 21.58
N CYS C 206 -4.02 11.43 22.59
CA CYS C 206 -3.74 10.88 23.91
C CYS C 206 -3.43 9.39 23.82
N TYR C 207 -4.34 8.61 23.22
CA TYR C 207 -4.18 7.17 23.03
C TYR C 207 -2.91 6.82 22.25
N ASP C 208 -2.74 7.45 21.09
CA ASP C 208 -1.56 7.24 20.25
C ASP C 208 -0.25 7.50 20.98
N THR C 209 -0.23 8.55 21.81
CA THR C 209 0.95 8.90 22.61
C THR C 209 1.27 7.82 23.65
N GLN C 210 0.24 7.25 24.28
CA GLN C 210 0.46 6.15 25.23
C GLN C 210 1.14 4.96 24.54
N ILE C 211 0.61 4.56 23.38
CA ILE C 211 1.12 3.40 22.64
C ILE C 211 2.57 3.63 22.17
N LEU C 212 2.84 4.80 21.58
CA LEU C 212 4.18 5.12 21.08
C LEU C 212 5.24 5.41 22.17
N GLU C 213 4.81 6.04 23.27
CA GLU C 213 5.73 6.64 24.24
C GLU C 213 5.74 6.05 25.65
N GLY C 214 4.72 5.28 26.02
CA GLY C 214 4.55 4.85 27.42
C GLY C 214 5.70 4.06 27.99
N LEU C 215 6.17 3.07 27.22
CA LEU C 215 7.27 2.20 27.63
C LEU C 215 8.57 3.00 27.78
N LYS C 216 8.91 3.80 26.76
CA LYS C 216 10.09 4.66 26.80
C LYS C 216 10.07 5.60 28.01
N ALA C 217 8.89 6.13 28.31
CA ALA C 217 8.68 7.01 29.46
C ALA C 217 8.83 6.24 30.76
N LYS C 218 8.23 5.06 30.86
CA LYS C 218 8.38 4.24 32.07
C LYS C 218 9.85 3.92 32.39
N LEU C 219 10.61 3.49 31.39
CA LEU C 219 12.02 3.12 31.59
C LEU C 219 12.88 4.26 32.15
N ALA C 220 12.56 5.49 31.73
CA ALA C 220 13.18 6.70 32.29
C ALA C 220 12.65 7.04 33.71
N ALA C 221 11.32 6.98 33.89
CA ALA C 221 10.69 7.38 35.17
C ALA C 221 10.98 6.43 36.32
N GLU C 222 11.21 5.15 36.04
CA GLU C 222 11.70 4.18 37.03
C GLU C 222 13.00 4.60 37.72
N LYS C 223 13.85 5.33 37.00
CA LYS C 223 15.12 5.86 37.55
C LYS C 223 14.97 7.33 37.95
N HIS C 224 13.73 7.81 38.01
CA HIS C 224 13.40 9.19 38.35
C HIS C 224 14.05 10.22 37.44
N LEU C 225 14.13 9.89 36.15
CA LEU C 225 14.76 10.75 35.14
C LEU C 225 13.73 11.28 34.16
N VAL C 226 13.99 12.47 33.64
CA VAL C 226 13.12 13.13 32.67
C VAL C 226 13.75 13.08 31.28
N THR C 227 13.12 12.34 30.38
CA THR C 227 13.39 12.43 28.94
C THR C 227 12.19 13.05 28.23
N GLU C 228 12.34 13.34 26.95
CA GLU C 228 11.23 13.88 26.15
C GLU C 228 10.03 12.92 26.07
N ALA C 229 10.27 11.62 26.21
CA ALA C 229 9.19 10.64 26.30
C ALA C 229 8.37 10.87 27.56
N VAL C 230 9.05 11.16 28.67
CA VAL C 230 8.38 11.47 29.92
C VAL C 230 7.59 12.77 29.79
N GLU C 231 8.18 13.77 29.14
CA GLU C 231 7.49 15.03 28.83
C GLU C 231 6.20 14.81 28.06
N LYS C 232 6.25 13.98 27.01
CA LYS C 232 5.06 13.74 26.19
C LYS C 232 3.96 12.98 26.95
N ILE C 233 4.37 12.01 27.78
CA ILE C 233 3.44 11.24 28.59
C ILE C 233 2.78 12.11 29.68
N ILE C 234 3.54 13.00 30.31
CA ILE C 234 2.97 13.90 31.30
C ILE C 234 1.91 14.80 30.65
N GLU C 235 2.19 15.33 29.46
CA GLU C 235 1.22 16.11 28.70
C GLU C 235 -0.02 15.26 28.36
N ALA C 236 0.21 14.03 27.88
CA ALA C 236 -0.88 13.12 27.52
C ALA C 236 -1.76 12.71 28.72
N ASN C 237 -1.11 12.35 29.83
CA ASN C 237 -1.78 12.00 31.07
C ASN C 237 -2.61 13.14 31.68
N THR C 238 -2.26 14.38 31.37
CA THR C 238 -2.85 15.53 32.04
C THR C 238 -3.71 16.39 31.09
N TYR C 239 -3.09 17.04 30.12
CA TYR C 239 -3.87 17.92 29.26
C TYR C 239 -4.71 17.13 28.27
N LEU C 240 -4.08 16.29 27.46
CA LEU C 240 -4.77 15.56 26.39
C LEU C 240 -5.90 14.70 26.93
N SER C 241 -5.59 13.90 27.95
CA SER C 241 -6.59 13.05 28.61
C SER C 241 -7.63 13.86 29.38
N GLY C 242 -7.20 14.98 29.99
CA GLY C 242 -8.11 15.86 30.73
C GLY C 242 -9.15 16.52 29.86
N ILE C 243 -8.72 17.17 28.77
CA ILE C 243 -9.65 17.78 27.82
C ILE C 243 -10.44 16.69 27.08
N GLY C 244 -9.74 15.61 26.71
CA GLY C 244 -10.34 14.49 26.01
C GLY C 244 -11.49 13.84 26.75
N SER C 245 -11.34 13.63 28.06
CA SER C 245 -12.41 12.97 28.82
C SER C 245 -13.51 13.96 29.23
N GLU C 246 -13.13 15.12 29.76
CA GLU C 246 -14.12 16.11 30.19
C GLU C 246 -14.93 16.71 29.03
N SER C 247 -14.28 17.02 27.90
CA SER C 247 -14.98 17.57 26.73
C SER C 247 -15.27 16.54 25.62
N GLY C 248 -14.84 15.29 25.79
CA GLY C 248 -15.14 14.20 24.85
C GLY C 248 -16.09 13.13 25.35
N GLY C 249 -16.16 12.95 26.67
CA GLY C 249 -17.18 12.11 27.30
C GLY C 249 -16.57 10.93 28.02
N LEU C 250 -17.17 10.56 29.15
CA LEU C 250 -16.86 9.29 29.80
C LEU C 250 -17.92 8.24 29.38
N ALA C 251 -17.64 6.98 29.66
CA ALA C 251 -18.50 5.88 29.23
C ALA C 251 -18.32 4.64 30.14
N ALA C 252 -18.11 3.46 29.57
CA ALA C 252 -18.20 2.22 30.33
C ALA C 252 -17.01 2.01 31.25
N ALA C 253 -15.82 2.43 30.81
CA ALA C 253 -14.58 2.23 31.58
C ALA C 253 -14.60 2.90 32.93
N HIS C 254 -15.02 4.17 32.98
CA HIS C 254 -15.16 4.87 34.25
C HIS C 254 -16.30 4.34 35.11
N ALA C 255 -17.43 3.98 34.48
CA ALA C 255 -18.53 3.33 35.20
C ALA C 255 -18.10 2.01 35.82
N ILE C 256 -17.36 1.21 35.06
CA ILE C 256 -16.83 -0.06 35.55
C ILE C 256 -15.78 0.16 36.66
N HIS C 257 -14.93 1.18 36.51
CA HIS C 257 -14.06 1.64 37.62
C HIS C 257 -14.84 1.87 38.91
N ASN C 258 -15.96 2.60 38.82
CA ASN C 258 -16.80 2.91 39.99
C ASN C 258 -17.40 1.65 40.61
N GLY C 259 -17.93 0.79 39.76
CA GLY C 259 -18.50 -0.49 40.22
C GLY C 259 -17.54 -1.42 40.94
N LEU C 260 -16.26 -1.35 40.57
CA LEU C 260 -15.24 -2.19 41.21
C LEU C 260 -15.00 -1.86 42.71
N THR C 261 -15.51 -0.72 43.19
CA THR C 261 -15.42 -0.35 44.62
C THR C 261 -16.08 -1.43 45.52
N VAL C 262 -17.09 -2.12 45.00
CA VAL C 262 -17.72 -3.28 45.64
C VAL C 262 -16.70 -4.35 46.04
N LEU C 263 -15.70 -4.60 45.20
CA LEU C 263 -14.63 -5.54 45.51
C LEU C 263 -13.56 -4.88 46.39
N GLU C 264 -13.58 -5.22 47.69
CA GLU C 264 -12.70 -4.63 48.70
C GLU C 264 -11.21 -4.82 48.40
N GLU C 265 -10.85 -6.00 47.88
CA GLU C 265 -9.47 -6.28 47.43
C GLU C 265 -8.90 -5.27 46.41
N THR C 266 -9.75 -4.56 45.66
CA THR C 266 -9.28 -3.59 44.66
C THR C 266 -9.05 -2.17 45.19
N HIS C 267 -9.40 -1.91 46.45
CA HIS C 267 -9.19 -0.58 47.05
C HIS C 267 -7.70 -0.17 47.13
N HIS C 268 -6.79 -1.13 47.24
CA HIS C 268 -5.34 -0.84 47.23
C HIS C 268 -4.79 -0.46 45.83
N MET C 269 -5.56 -0.67 44.77
CA MET C 269 -5.16 -0.28 43.41
C MET C 269 -5.54 1.18 43.16
N TYR C 270 -4.70 1.87 42.41
CA TYR C 270 -4.95 3.28 42.09
C TYR C 270 -6.02 3.42 41.00
N HIS C 271 -6.52 4.64 40.87
CA HIS C 271 -7.62 5.00 39.97
C HIS C 271 -7.35 4.53 38.54
N GLY C 272 -6.22 4.94 37.98
CA GLY C 272 -5.91 4.64 36.56
C GLY C 272 -5.61 3.18 36.26
N GLU C 273 -5.11 2.47 37.26
CA GLU C 273 -4.90 1.03 37.15
C GLU C 273 -6.23 0.30 36.96
N LYS C 274 -7.24 0.70 37.73
CA LYS C 274 -8.58 0.14 37.59
C LYS C 274 -9.26 0.60 36.31
N VAL C 275 -9.02 1.84 35.90
CA VAL C 275 -9.55 2.35 34.62
C VAL C 275 -8.97 1.56 33.44
N ALA C 276 -7.69 1.15 33.53
CA ALA C 276 -7.08 0.33 32.48
C ALA C 276 -7.85 -0.96 32.24
N PHE C 277 -8.23 -1.64 33.32
CA PHE C 277 -9.00 -2.88 33.22
C PHE C 277 -10.42 -2.59 32.75
N GLY C 278 -11.01 -1.50 33.25
CA GLY C 278 -12.30 -1.02 32.77
C GLY C 278 -12.32 -0.73 31.28
N THR C 279 -11.19 -0.27 30.74
CA THR C 279 -11.06 -0.05 29.31
C THR C 279 -11.15 -1.36 28.54
N LEU C 280 -10.48 -2.40 29.04
CA LEU C 280 -10.53 -3.71 28.42
C LEU C 280 -11.97 -4.23 28.42
N ALA C 281 -12.65 -4.10 29.56
CA ALA C 281 -14.07 -4.45 29.68
C ALA C 281 -14.94 -3.66 28.71
N GLN C 282 -14.68 -2.37 28.53
CA GLN C 282 -15.43 -1.58 27.53
C GLN C 282 -15.22 -2.17 26.12
N LEU C 283 -14.00 -2.56 25.81
CA LEU C 283 -13.70 -3.08 24.47
C LEU C 283 -14.43 -4.41 24.18
N ILE C 284 -14.57 -5.26 25.20
CA ILE C 284 -15.39 -6.47 25.09
C ILE C 284 -16.86 -6.08 24.91
N LEU C 285 -17.35 -5.16 25.75
CA LEU C 285 -18.73 -4.71 25.72
C LEU C 285 -19.16 -4.18 24.33
N GLU C 286 -18.34 -3.30 23.75
CA GLU C 286 -18.59 -2.78 22.39
C GLU C 286 -18.11 -3.73 21.28
N ASP C 287 -17.45 -4.81 21.70
CA ASP C 287 -16.90 -5.83 20.81
C ASP C 287 -15.95 -5.21 19.79
N ALA C 288 -14.98 -4.46 20.29
CA ALA C 288 -13.94 -3.86 19.46
C ALA C 288 -13.19 -4.97 18.73
N PRO C 289 -12.58 -4.65 17.55
CA PRO C 289 -11.84 -5.69 16.82
C PRO C 289 -10.75 -6.33 17.68
N LYS C 290 -10.51 -7.62 17.46
CA LYS C 290 -9.46 -8.34 18.18
C LYS C 290 -8.09 -7.63 18.10
N ALA C 291 -7.81 -6.98 16.97
CA ALA C 291 -6.55 -6.24 16.78
C ALA C 291 -6.42 -5.06 17.76
N GLU C 292 -7.52 -4.34 17.97
CA GLU C 292 -7.59 -3.23 18.93
C GLU C 292 -7.40 -3.73 20.37
N ILE C 293 -8.03 -4.86 20.71
CA ILE C 293 -7.89 -5.48 22.04
C ILE C 293 -6.44 -5.92 22.30
N GLU C 294 -5.83 -6.57 21.31
CA GLU C 294 -4.45 -7.03 21.42
C GLU C 294 -3.48 -5.87 21.62
N GLU C 295 -3.68 -4.77 20.91
CA GLU C 295 -2.84 -3.57 21.08
C GLU C 295 -2.92 -3.01 22.51
N VAL C 296 -4.13 -2.96 23.07
CA VAL C 296 -4.33 -2.49 24.45
C VAL C 296 -3.73 -3.43 25.48
N VAL C 297 -4.01 -4.72 25.35
CA VAL C 297 -3.51 -5.69 26.34
C VAL C 297 -1.98 -5.73 26.29
N SER C 298 -1.43 -5.68 25.07
CA SER C 298 0.02 -5.69 24.86
C SER C 298 0.69 -4.47 25.51
N PHE C 299 0.16 -3.29 25.25
CA PHE C 299 0.65 -2.09 25.89
C PHE C 299 0.60 -2.20 27.43
N CYS C 300 -0.54 -2.67 27.97
CA CYS C 300 -0.70 -2.79 29.42
C CYS C 300 0.33 -3.75 30.03
N LEU C 301 0.55 -4.89 29.39
CA LEU C 301 1.59 -5.83 29.85
C LEU C 301 2.99 -5.24 29.77
N SER C 302 3.28 -4.44 28.76
CA SER C 302 4.60 -3.81 28.61
C SER C 302 4.93 -2.82 29.74
N VAL C 303 3.94 -2.11 30.25
CA VAL C 303 4.16 -1.08 31.30
C VAL C 303 3.72 -1.48 32.71
N GLY C 304 3.05 -2.62 32.85
CA GLY C 304 2.66 -3.14 34.17
C GLY C 304 1.27 -2.72 34.63
N LEU C 305 0.39 -2.43 33.69
CA LEU C 305 -1.02 -2.14 33.98
C LEU C 305 -1.80 -3.47 34.08
N PRO C 306 -2.84 -3.52 34.92
CA PRO C 306 -3.61 -4.76 35.08
C PRO C 306 -4.52 -5.07 33.87
N VAL C 307 -4.57 -6.34 33.47
CA VAL C 307 -5.50 -6.83 32.44
C VAL C 307 -6.39 -8.00 32.90
N THR C 308 -6.38 -8.29 34.21
CA THR C 308 -7.27 -9.27 34.81
C THR C 308 -7.77 -8.75 36.16
N LEU C 309 -8.81 -9.40 36.68
CA LEU C 309 -9.26 -9.17 38.05
C LEU C 309 -8.21 -9.59 39.07
N GLY C 310 -7.49 -10.66 38.77
CA GLY C 310 -6.30 -11.07 39.54
C GLY C 310 -5.29 -9.95 39.72
N ASP C 311 -4.96 -9.25 38.63
CA ASP C 311 -4.01 -8.13 38.68
C ASP C 311 -4.49 -6.98 39.59
N LEU C 312 -5.81 -6.88 39.82
CA LEU C 312 -6.40 -5.94 40.78
C LEU C 312 -6.51 -6.48 42.21
N GLY C 313 -5.97 -7.68 42.48
CA GLY C 313 -6.01 -8.30 43.81
C GLY C 313 -7.13 -9.29 44.08
N VAL C 314 -8.01 -9.52 43.10
CA VAL C 314 -9.14 -10.43 43.26
C VAL C 314 -8.66 -11.86 43.05
N LYS C 315 -8.55 -12.61 44.15
CA LYS C 315 -8.01 -13.99 44.11
C LYS C 315 -9.02 -15.02 43.58
N GLU C 316 -10.32 -14.78 43.82
CA GLU C 316 -11.40 -15.69 43.39
C GLU C 316 -12.52 -14.94 42.71
N LEU C 317 -12.96 -15.43 41.55
CA LEU C 317 -14.17 -14.92 40.91
C LEU C 317 -15.38 -15.38 41.74
N ASN C 318 -16.10 -14.42 42.29
CA ASN C 318 -17.33 -14.68 43.04
C ASN C 318 -18.48 -14.11 42.21
N GLU C 319 -19.44 -14.95 41.84
CA GLU C 319 -20.56 -14.51 41.00
C GLU C 319 -21.39 -13.42 41.66
N GLU C 320 -21.72 -13.60 42.93
CA GLU C 320 -22.57 -12.64 43.66
C GLU C 320 -21.92 -11.25 43.72
N LYS C 321 -20.63 -11.22 44.04
CA LYS C 321 -19.88 -9.96 44.11
C LYS C 321 -19.77 -9.29 42.74
N LEU C 322 -19.45 -10.07 41.72
CA LEU C 322 -19.30 -9.54 40.35
C LEU C 322 -20.62 -9.03 39.78
N ARG C 323 -21.75 -9.64 40.16
CA ARG C 323 -23.08 -9.11 39.82
C ARG C 323 -23.27 -7.71 40.42
N LYS C 324 -22.87 -7.55 41.67
CA LYS C 324 -22.97 -6.25 42.34
C LYS C 324 -22.12 -5.19 41.66
N VAL C 325 -20.91 -5.58 41.24
CA VAL C 325 -20.03 -4.71 40.44
C VAL C 325 -20.77 -4.22 39.18
N ALA C 326 -21.39 -5.16 38.45
CA ALA C 326 -22.14 -4.85 37.26
C ALA C 326 -23.36 -3.96 37.52
N GLU C 327 -24.08 -4.26 38.60
CA GLU C 327 -25.25 -3.48 39.00
C GLU C 327 -24.86 -2.05 39.36
N LEU C 328 -23.80 -1.90 40.15
CA LEU C 328 -23.32 -0.55 40.52
C LEU C 328 -22.82 0.22 39.29
N SER C 329 -22.18 -0.48 38.35
CA SER C 329 -21.72 0.14 37.09
C SER C 329 -22.89 0.69 36.27
N CYS C 330 -24.06 0.05 36.37
CA CYS C 330 -25.28 0.45 35.66
C CYS C 330 -26.28 1.29 36.47
N ALA C 331 -25.89 1.82 37.63
CA ALA C 331 -26.76 2.70 38.43
C ALA C 331 -27.27 3.88 37.64
N GLU C 332 -28.44 4.39 38.04
CA GLU C 332 -29.17 5.42 37.27
C GLU C 332 -28.43 6.46 36.40
N GLY C 333 -27.67 7.40 36.96
CA GLY C 333 -26.97 8.40 36.17
C GLY C 333 -25.56 8.06 35.70
N GLU C 334 -25.16 6.78 35.76
CA GLU C 334 -23.80 6.39 35.38
C GLU C 334 -23.44 6.68 33.92
N THR C 335 -22.15 6.82 33.67
CA THR C 335 -21.63 7.19 32.35
C THR C 335 -21.68 6.04 31.32
N ILE C 336 -21.91 4.82 31.81
CA ILE C 336 -22.06 3.66 30.92
C ILE C 336 -23.17 3.82 29.88
N TYR C 337 -24.17 4.63 30.16
CA TYR C 337 -25.25 4.90 29.20
C TYR C 337 -24.86 5.83 28.05
N ASN C 338 -23.62 6.32 28.03
CA ASN C 338 -23.09 7.03 26.86
C ASN C 338 -22.60 6.09 25.75
N MET C 339 -22.58 4.78 26.01
CA MET C 339 -22.36 3.79 24.95
C MET C 339 -23.47 3.92 23.90
N PRO C 340 -23.16 3.75 22.60
CA PRO C 340 -24.17 3.93 21.55
C PRO C 340 -25.11 2.71 21.35
N PHE C 341 -25.31 1.90 22.40
CA PHE C 341 -26.22 0.77 22.37
C PHE C 341 -26.80 0.58 23.78
N GLU C 342 -27.84 -0.25 23.90
CA GLU C 342 -28.45 -0.52 25.20
C GLU C 342 -27.51 -1.37 26.07
N VAL C 343 -27.48 -1.06 27.36
CA VAL C 343 -26.62 -1.72 28.32
C VAL C 343 -27.47 -2.25 29.48
N THR C 344 -27.18 -3.47 29.92
CA THR C 344 -27.85 -4.07 31.08
C THR C 344 -26.80 -4.66 32.00
N PRO C 345 -27.15 -4.88 33.27
CA PRO C 345 -26.21 -5.54 34.20
C PRO C 345 -25.67 -6.89 33.71
N ASP C 346 -26.53 -7.71 33.09
CA ASP C 346 -26.08 -8.98 32.47
C ASP C 346 -24.99 -8.78 31.44
N LEU C 347 -25.17 -7.76 30.60
CA LEU C 347 -24.23 -7.46 29.51
C LEU C 347 -22.89 -6.96 30.07
N VAL C 348 -22.96 -6.13 31.12
CA VAL C 348 -21.75 -5.61 31.80
C VAL C 348 -21.04 -6.71 32.60
N TYR C 349 -21.81 -7.57 33.29
CA TYR C 349 -21.26 -8.78 33.91
C TYR C 349 -20.48 -9.62 32.90
N ALA C 350 -21.09 -9.84 31.74
CA ALA C 350 -20.46 -10.60 30.66
C ALA C 350 -19.17 -9.95 30.16
N ALA C 351 -19.19 -8.63 29.99
CA ALA C 351 -18.00 -7.87 29.58
C ALA C 351 -16.84 -7.95 30.59
N ILE C 352 -17.16 -7.84 31.88
CA ILE C 352 -16.15 -7.87 32.95
C ILE C 352 -15.48 -9.23 33.05
N VAL C 353 -16.29 -10.29 33.13
CA VAL C 353 -15.75 -11.64 33.30
C VAL C 353 -14.98 -12.06 32.04
N THR C 354 -15.50 -11.66 30.87
CA THR C 354 -14.84 -11.97 29.60
C THR C 354 -13.56 -11.15 29.42
N ALA C 355 -13.56 -9.91 29.89
CA ALA C 355 -12.31 -9.12 29.91
C ALA C 355 -11.23 -9.82 30.72
N ASP C 356 -11.61 -10.32 31.90
CA ASP C 356 -10.73 -11.15 32.73
C ASP C 356 -10.24 -12.40 32.00
N SER C 357 -11.13 -13.10 31.29
CA SER C 357 -10.74 -14.28 30.48
C SER C 357 -9.79 -13.91 29.34
N VAL C 358 -10.07 -12.81 28.63
CA VAL C 358 -9.21 -12.33 27.54
C VAL C 358 -7.81 -11.95 28.06
N GLY C 359 -7.75 -11.28 29.20
CA GLY C 359 -6.48 -10.92 29.83
C GLY C 359 -5.66 -12.12 30.23
N ARG C 360 -6.30 -13.08 30.89
CA ARG C 360 -5.65 -14.35 31.28
C ARG C 360 -5.14 -15.04 30.03
N TYR C 361 -5.98 -15.09 28.99
CA TYR C 361 -5.63 -15.75 27.73
C TYR C 361 -4.35 -15.20 27.11
N TYR C 362 -4.27 -13.87 27.02
CA TYR C 362 -3.09 -13.22 26.40
C TYR C 362 -1.84 -13.23 27.28
N LYS C 363 -2.00 -13.12 28.60
CA LYS C 363 -0.87 -13.34 29.53
C LYS C 363 -0.21 -14.71 29.36
N GLU C 364 -1.03 -15.75 29.23
CA GLU C 364 -0.53 -17.13 29.08
C GLU C 364 0.09 -17.32 27.69
N LYS C 365 -0.53 -16.75 26.66
CA LYS C 365 -0.05 -16.89 25.29
C LYS C 365 1.22 -16.09 24.97
N TRP C 366 1.49 -15.00 25.69
CA TRP C 366 2.65 -14.12 25.40
C TRP C 366 3.81 -14.17 26.42
N MET D 1 -7.82 -35.88 -17.00
CA MET D 1 -6.88 -35.19 -16.04
C MET D 1 -5.49 -34.80 -16.60
N THR D 2 -5.19 -35.15 -17.85
CA THR D 2 -3.90 -34.86 -18.46
C THR D 2 -3.74 -33.38 -18.85
N LYS D 3 -2.55 -32.83 -18.59
CA LYS D 3 -2.19 -31.49 -19.04
C LYS D 3 -1.13 -31.62 -20.14
N ILE D 4 -1.29 -30.82 -21.20
CA ILE D 4 -0.35 -30.83 -22.32
C ILE D 4 0.03 -29.39 -22.69
N ILE D 5 1.32 -29.18 -22.93
CA ILE D 5 1.82 -27.96 -23.57
C ILE D 5 2.68 -28.41 -24.74
N THR D 6 2.46 -27.77 -25.88
CA THR D 6 3.18 -28.05 -27.11
C THR D 6 3.91 -26.80 -27.58
N SER D 7 4.95 -27.00 -28.39
CA SER D 7 5.82 -25.92 -28.84
C SER D 7 6.56 -26.28 -30.12
N PRO D 8 6.95 -25.25 -30.91
CA PRO D 8 8.04 -25.48 -31.86
C PRO D 8 9.26 -25.97 -31.11
N SER D 9 10.11 -26.73 -31.79
CA SER D 9 11.33 -27.23 -31.15
C SER D 9 12.31 -26.09 -30.86
N LYS D 10 12.32 -25.08 -31.73
CA LYS D 10 13.11 -23.88 -31.52
C LYS D 10 12.33 -22.67 -32.06
N PHE D 11 12.37 -21.57 -31.29
CA PHE D 11 11.85 -20.29 -31.75
C PHE D 11 13.03 -19.31 -31.71
N ILE D 12 13.32 -18.71 -32.86
CA ILE D 12 14.57 -17.97 -33.09
C ILE D 12 14.23 -16.57 -33.61
N GLN D 13 14.74 -15.54 -32.95
CA GLN D 13 14.37 -14.17 -33.27
C GLN D 13 15.56 -13.23 -33.22
N GLY D 14 15.64 -12.34 -34.21
CA GLY D 14 16.71 -11.38 -34.29
C GLY D 14 16.73 -10.68 -35.64
N PRO D 15 17.46 -9.54 -35.75
CA PRO D 15 17.55 -8.87 -37.05
C PRO D 15 18.47 -9.66 -38.01
N ASP D 16 18.04 -9.74 -39.28
CA ASP D 16 18.81 -10.36 -40.36
C ASP D 16 19.05 -11.89 -40.17
N GLU D 17 18.12 -12.55 -39.48
CA GLU D 17 18.14 -14.01 -39.27
C GLU D 17 18.10 -14.86 -40.57
N LEU D 18 17.42 -14.36 -41.61
CA LEU D 18 17.39 -15.06 -42.89
C LEU D 18 18.78 -15.21 -43.55
N SER D 19 19.71 -14.29 -43.22
CA SER D 19 21.09 -14.38 -43.69
C SER D 19 21.83 -15.59 -43.09
N ARG D 20 21.31 -16.17 -42.02
CA ARG D 20 21.83 -17.41 -41.46
C ARG D 20 20.89 -18.61 -41.70
N LEU D 21 20.00 -18.52 -42.69
CA LEU D 21 19.04 -19.58 -42.96
C LEU D 21 19.72 -20.92 -43.20
N SER D 22 20.81 -20.92 -43.97
CA SER D 22 21.59 -22.12 -44.25
C SER D 22 22.15 -22.78 -43.00
N ALA D 23 22.57 -21.99 -42.01
CA ALA D 23 23.02 -22.56 -40.74
C ALA D 23 21.89 -23.34 -40.02
N TYR D 24 20.66 -22.82 -40.12
CA TYR D 24 19.49 -23.48 -39.49
C TYR D 24 19.01 -24.71 -40.29
N THR D 25 18.88 -24.61 -41.62
CA THR D 25 18.47 -25.77 -42.43
C THR D 25 19.48 -26.91 -42.34
N GLU D 26 20.78 -26.58 -42.30
CA GLU D 26 21.86 -27.58 -42.12
C GLU D 26 21.77 -28.38 -40.81
N ARG D 27 21.21 -27.82 -39.74
CA ARG D 27 20.99 -28.57 -38.49
C ARG D 27 19.93 -29.67 -38.62
N LEU D 28 18.99 -29.50 -39.57
CA LEU D 28 17.88 -30.43 -39.78
C LEU D 28 18.06 -31.38 -40.97
N GLY D 29 18.74 -30.93 -42.01
CA GLY D 29 19.03 -31.78 -43.18
C GLY D 29 20.05 -31.22 -44.17
N LYS D 30 20.36 -32.03 -45.17
CA LYS D 30 21.36 -31.70 -46.19
C LYS D 30 20.82 -30.87 -47.35
N LYS D 31 19.51 -30.88 -47.58
CA LYS D 31 18.92 -30.27 -48.77
C LYS D 31 17.57 -29.61 -48.44
N ALA D 32 17.53 -28.28 -48.50
CA ALA D 32 16.34 -27.50 -48.17
C ALA D 32 15.48 -27.22 -49.39
N PHE D 33 14.16 -27.27 -49.19
CA PHE D 33 13.18 -26.90 -50.19
C PHE D 33 12.48 -25.64 -49.66
N ILE D 34 12.75 -24.50 -50.31
CA ILE D 34 12.41 -23.19 -49.77
C ILE D 34 11.24 -22.58 -50.57
N ILE D 35 10.05 -22.55 -49.95
CA ILE D 35 8.83 -22.11 -50.60
C ILE D 35 8.61 -20.62 -50.31
N ALA D 36 8.33 -19.86 -51.37
CA ALA D 36 8.01 -18.44 -51.25
C ALA D 36 7.28 -17.95 -52.50
N ASP D 37 6.35 -17.01 -52.33
CA ASP D 37 5.62 -16.43 -53.46
C ASP D 37 6.49 -15.45 -54.26
N ASP D 38 5.92 -14.90 -55.33
CA ASP D 38 6.61 -13.96 -56.21
C ASP D 38 7.21 -12.77 -55.43
N PHE D 39 6.37 -12.05 -54.69
CA PHE D 39 6.79 -10.87 -53.96
C PHE D 39 7.92 -11.16 -52.94
N VAL D 40 7.75 -12.22 -52.14
CA VAL D 40 8.73 -12.55 -51.10
C VAL D 40 10.03 -13.07 -51.70
N THR D 41 9.95 -13.80 -52.81
CA THR D 41 11.15 -14.23 -53.54
C THR D 41 12.02 -13.03 -53.97
N GLY D 42 11.36 -11.98 -54.50
CA GLY D 42 12.05 -10.74 -54.83
C GLY D 42 12.57 -10.01 -53.60
N LEU D 43 11.80 -10.04 -52.51
CA LEU D 43 12.17 -9.36 -51.27
C LEU D 43 13.40 -9.93 -50.58
N VAL D 44 13.43 -11.25 -50.39
CA VAL D 44 14.49 -11.93 -49.61
C VAL D 44 15.36 -12.92 -50.40
N GLY D 45 15.11 -13.05 -51.69
CA GLY D 45 15.83 -14.00 -52.54
C GLY D 45 17.33 -13.87 -52.49
N LYS D 46 17.82 -12.63 -52.55
CA LYS D 46 19.26 -12.35 -52.49
C LYS D 46 19.88 -12.76 -51.16
N THR D 47 19.18 -12.46 -50.07
CA THR D 47 19.66 -12.82 -48.72
C THR D 47 19.78 -14.32 -48.54
N VAL D 48 18.77 -15.04 -49.02
CA VAL D 48 18.74 -16.51 -48.93
C VAL D 48 19.87 -17.12 -49.76
N GLU D 49 19.95 -16.72 -51.02
CA GLU D 49 21.04 -17.12 -51.93
C GLU D 49 22.41 -16.89 -51.32
N GLU D 50 22.64 -15.68 -50.76
CA GLU D 50 23.91 -15.35 -50.12
C GLU D 50 24.20 -16.17 -48.86
N SER D 51 23.15 -16.60 -48.15
CA SER D 51 23.31 -17.47 -46.98
C SER D 51 23.89 -18.84 -47.31
N TYR D 52 23.58 -19.34 -48.51
CA TYR D 52 24.08 -20.65 -48.96
C TYR D 52 25.42 -20.62 -49.75
N ALA D 53 25.78 -19.44 -50.26
CA ALA D 53 27.05 -19.27 -51.02
C ALA D 53 28.25 -19.70 -50.16
N GLY D 54 29.06 -20.59 -50.70
CA GLY D 54 30.23 -21.13 -49.97
C GLY D 54 29.90 -22.15 -48.87
N LYS D 55 28.66 -22.62 -48.83
CA LYS D 55 28.20 -23.52 -47.75
C LYS D 55 27.84 -24.98 -48.17
N GLU D 56 28.43 -25.96 -47.46
CA GLU D 56 28.39 -27.35 -47.88
C GLU D 56 27.04 -28.05 -47.93
N THR D 57 25.98 -27.47 -47.32
CA THR D 57 24.60 -27.96 -47.52
C THR D 57 23.88 -27.36 -48.75
N GLY D 58 22.82 -28.03 -49.15
CA GLY D 58 22.06 -27.68 -50.34
C GLY D 58 20.78 -26.89 -50.07
N TYR D 59 20.29 -26.28 -51.15
CA TYR D 59 18.94 -25.71 -51.19
C TYR D 59 18.42 -25.56 -52.63
N GLN D 60 17.11 -25.44 -52.76
CA GLN D 60 16.48 -24.97 -53.99
C GLN D 60 15.25 -24.15 -53.63
N MET D 61 15.03 -23.08 -54.38
CA MET D 61 13.85 -22.23 -54.23
C MET D 61 12.73 -22.83 -55.04
N ALA D 62 11.50 -22.63 -54.58
CA ALA D 62 10.32 -23.06 -55.30
C ALA D 62 9.29 -21.95 -55.22
N LEU D 63 8.71 -21.59 -56.37
CA LEU D 63 7.73 -20.52 -56.45
C LEU D 63 6.37 -21.02 -55.98
N PHE D 64 5.82 -20.35 -54.96
CA PHE D 64 4.49 -20.65 -54.41
C PHE D 64 3.44 -19.87 -55.20
N GLY D 65 2.35 -20.54 -55.58
CA GLY D 65 1.27 -19.92 -56.36
C GLY D 65 0.41 -18.90 -55.60
N GLY D 66 0.48 -18.92 -54.27
CA GLY D 66 -0.19 -17.92 -53.42
C GLY D 66 -1.35 -18.46 -52.60
N GLU D 67 -1.84 -19.65 -52.94
CA GLU D 67 -2.96 -20.28 -52.23
C GLU D 67 -2.54 -21.58 -51.57
N CYS D 68 -2.90 -21.73 -50.29
CA CYS D 68 -2.67 -22.98 -49.57
C CYS D 68 -3.84 -23.90 -49.89
N SER D 69 -3.70 -24.62 -51.00
CA SER D 69 -4.71 -25.58 -51.46
C SER D 69 -4.10 -26.97 -51.57
N LYS D 70 -4.95 -27.98 -51.68
CA LYS D 70 -4.49 -29.37 -51.83
C LYS D 70 -3.70 -29.61 -53.14
N PRO D 71 -4.17 -29.06 -54.29
CA PRO D 71 -3.39 -29.18 -55.53
C PRO D 71 -1.99 -28.56 -55.44
N GLU D 72 -1.91 -27.34 -54.90
CA GLU D 72 -0.62 -26.66 -54.72
C GLU D 72 0.28 -27.39 -53.70
N ILE D 73 -0.31 -27.94 -52.63
CA ILE D 73 0.44 -28.76 -51.68
C ILE D 73 0.99 -30.04 -52.33
N GLU D 74 0.15 -30.71 -53.13
CA GLU D 74 0.58 -31.93 -53.84
C GLU D 74 1.71 -31.62 -54.85
N ARG D 75 1.54 -30.55 -55.64
CA ARG D 75 2.56 -30.12 -56.61
C ARG D 75 3.93 -29.92 -55.93
N LEU D 76 3.93 -29.19 -54.82
CA LEU D 76 5.16 -28.88 -54.07
C LEU D 76 5.75 -30.10 -53.36
N CYS D 77 4.91 -30.98 -52.83
CA CYS D 77 5.38 -32.28 -52.30
C CYS D 77 6.14 -33.11 -53.34
N GLU D 78 5.61 -33.16 -54.57
CA GLU D 78 6.24 -33.90 -55.67
C GLU D 78 7.57 -33.28 -56.05
N MET D 79 7.58 -31.96 -56.27
CA MET D 79 8.83 -31.23 -56.52
C MET D 79 9.86 -31.48 -55.42
N SER D 80 9.43 -31.44 -54.17
CA SER D 80 10.29 -31.69 -53.01
C SER D 80 10.89 -33.09 -52.99
N LYS D 81 10.08 -34.12 -53.24
CA LYS D 81 10.57 -35.53 -53.38
C LYS D 81 11.53 -35.65 -54.57
N SER D 82 11.14 -35.06 -55.70
CA SER D 82 11.95 -35.02 -56.93
C SER D 82 13.35 -34.38 -56.73
N GLU D 83 13.43 -33.31 -55.94
CA GLU D 83 14.72 -32.67 -55.60
C GLU D 83 15.43 -33.34 -54.42
N GLU D 84 14.86 -34.42 -53.88
CA GLU D 84 15.37 -35.13 -52.70
C GLU D 84 15.57 -34.26 -51.46
N ALA D 85 14.65 -33.31 -51.25
CA ALA D 85 14.72 -32.42 -50.09
C ALA D 85 14.34 -33.16 -48.80
N ASP D 86 15.12 -32.92 -47.74
CA ASP D 86 14.88 -33.50 -46.41
C ASP D 86 14.57 -32.45 -45.31
N VAL D 87 14.30 -31.21 -45.73
CA VAL D 87 13.77 -30.15 -44.83
C VAL D 87 13.05 -29.11 -45.70
N VAL D 88 11.89 -28.64 -45.22
CA VAL D 88 11.09 -27.67 -45.98
C VAL D 88 11.06 -26.33 -45.23
N VAL D 89 11.13 -25.24 -45.99
CA VAL D 89 11.11 -23.91 -45.44
C VAL D 89 10.00 -23.13 -46.12
N GLY D 90 9.22 -22.40 -45.31
CA GLY D 90 8.23 -21.45 -45.82
C GLY D 90 8.65 -20.06 -45.39
N ILE D 91 8.58 -19.11 -46.30
CA ILE D 91 8.96 -17.72 -46.03
C ILE D 91 7.84 -16.83 -46.59
N GLY D 92 7.18 -16.07 -45.71
CA GLY D 92 6.10 -15.18 -46.14
C GLY D 92 4.96 -15.12 -45.16
N GLY D 93 3.76 -14.91 -45.69
CA GLY D 93 2.53 -14.84 -44.90
C GLY D 93 1.97 -16.20 -44.58
N GLY D 94 0.84 -16.20 -43.87
CA GLY D 94 0.20 -17.40 -43.34
C GLY D 94 -0.06 -18.52 -44.34
N LYS D 95 -0.54 -18.15 -45.52
CA LYS D 95 -0.79 -19.13 -46.58
C LYS D 95 0.49 -19.88 -46.99
N THR D 96 1.60 -19.15 -47.15
CA THR D 96 2.88 -19.77 -47.44
C THR D 96 3.38 -20.67 -46.30
N LEU D 97 3.28 -20.17 -45.07
CA LEU D 97 3.77 -20.91 -43.90
C LEU D 97 2.99 -22.21 -43.72
N ASP D 98 1.68 -22.12 -43.83
CA ASP D 98 0.80 -23.29 -43.73
C ASP D 98 1.07 -24.33 -44.83
N THR D 99 1.34 -23.85 -46.04
CA THR D 99 1.70 -24.72 -47.16
C THR D 99 2.98 -25.51 -46.84
N ALA D 100 3.99 -24.81 -46.31
CA ALA D 100 5.23 -25.47 -45.88
C ALA D 100 5.00 -26.52 -44.78
N LYS D 101 4.12 -26.22 -43.83
CA LYS D 101 3.83 -27.17 -42.74
C LYS D 101 3.15 -28.43 -43.28
N ALA D 102 2.18 -28.24 -44.19
CA ALA D 102 1.50 -29.34 -44.89
C ALA D 102 2.48 -30.21 -45.68
N VAL D 103 3.38 -29.56 -46.44
CA VAL D 103 4.41 -30.29 -47.20
C VAL D 103 5.31 -31.12 -46.28
N GLY D 104 5.70 -30.57 -45.14
CA GLY D 104 6.53 -31.30 -44.18
C GLY D 104 5.81 -32.49 -43.59
N TYR D 105 4.51 -32.31 -43.33
CA TYR D 105 3.64 -33.39 -42.84
C TYR D 105 3.52 -34.54 -43.85
N TYR D 106 3.12 -34.21 -45.08
CA TYR D 106 2.92 -35.23 -46.13
C TYR D 106 4.22 -35.96 -46.53
N ASN D 107 5.32 -35.22 -46.72
CA ASN D 107 6.64 -35.82 -47.04
C ASN D 107 7.40 -36.31 -45.80
N ASN D 108 6.85 -36.12 -44.60
CA ASN D 108 7.49 -36.55 -43.35
C ASN D 108 8.91 -36.00 -43.17
N ILE D 109 9.04 -34.69 -43.38
CA ILE D 109 10.33 -33.99 -43.18
C ILE D 109 10.12 -32.80 -42.23
N PRO D 110 11.18 -32.41 -41.47
CA PRO D 110 11.06 -31.26 -40.57
C PRO D 110 10.78 -29.95 -41.32
N VAL D 111 10.23 -28.97 -40.59
CA VAL D 111 9.73 -27.72 -41.19
C VAL D 111 10.34 -26.49 -40.49
N ILE D 112 10.65 -25.47 -41.30
CA ILE D 112 11.04 -24.15 -40.81
C ILE D 112 10.04 -23.15 -41.37
N VAL D 113 9.40 -22.38 -40.49
CA VAL D 113 8.52 -21.31 -40.91
C VAL D 113 9.20 -19.99 -40.55
N ALA D 114 9.22 -19.08 -41.51
CA ALA D 114 9.88 -17.80 -41.37
C ALA D 114 8.93 -16.70 -41.84
N PRO D 115 8.05 -16.22 -40.93
CA PRO D 115 7.11 -15.17 -41.31
C PRO D 115 7.83 -13.88 -41.67
N THR D 116 7.30 -13.19 -42.67
CA THR D 116 7.77 -11.86 -43.05
C THR D 116 6.90 -10.76 -42.43
N ILE D 117 5.89 -11.18 -41.65
CA ILE D 117 5.01 -10.27 -40.90
C ILE D 117 4.71 -10.94 -39.55
N ALA D 118 4.27 -10.15 -38.58
CA ALA D 118 3.93 -10.64 -37.25
C ALA D 118 2.51 -10.18 -36.89
N SER D 119 1.56 -10.70 -37.66
CA SER D 119 0.15 -10.26 -37.64
C SER D 119 -0.84 -11.27 -37.04
N THR D 120 -0.40 -12.50 -36.81
CA THR D 120 -1.26 -13.50 -36.17
C THR D 120 -0.40 -14.41 -35.30
N ASN D 121 -1.07 -15.21 -34.47
CA ASN D 121 -0.38 -16.23 -33.66
C ASN D 121 -0.39 -17.62 -34.32
N ALA D 122 -0.70 -17.70 -35.61
CA ALA D 122 -0.70 -18.97 -36.35
C ALA D 122 0.67 -19.65 -36.58
N PRO D 123 1.76 -18.88 -36.80
CA PRO D 123 3.04 -19.48 -37.19
C PRO D 123 3.56 -20.64 -36.35
N THR D 124 3.46 -20.53 -35.03
CA THR D 124 3.97 -21.59 -34.14
C THR D 124 3.05 -22.82 -34.07
N SER D 125 1.84 -22.72 -34.60
CA SER D 125 0.80 -23.73 -34.32
C SER D 125 0.87 -24.95 -35.24
N ALA D 126 0.42 -26.08 -34.71
CA ALA D 126 0.32 -27.35 -35.42
C ALA D 126 -0.96 -27.37 -36.28
N LEU D 127 -1.04 -26.49 -37.27
CA LEU D 127 -2.29 -26.25 -37.99
C LEU D 127 -2.02 -25.61 -39.34
N SER D 128 -2.60 -26.18 -40.40
CA SER D 128 -2.63 -25.55 -41.72
C SER D 128 -4.07 -25.29 -42.11
N VAL D 129 -4.38 -24.06 -42.49
CA VAL D 129 -5.72 -23.73 -42.96
C VAL D 129 -5.69 -23.93 -44.47
N ILE D 130 -6.48 -24.88 -44.95
CA ILE D 130 -6.54 -25.27 -46.36
C ILE D 130 -7.73 -24.60 -47.04
N TYR D 131 -7.49 -24.06 -48.23
CA TYR D 131 -8.51 -23.41 -49.05
C TYR D 131 -8.68 -24.16 -50.37
N LYS D 132 -9.85 -24.03 -50.98
CA LYS D 132 -10.03 -24.42 -52.38
C LYS D 132 -9.22 -23.47 -53.26
N GLU D 133 -8.97 -23.87 -54.50
CA GLU D 133 -8.18 -23.05 -55.43
C GLU D 133 -8.79 -21.68 -55.72
N ASN D 134 -10.12 -21.58 -55.63
CA ASN D 134 -10.83 -20.30 -55.81
C ASN D 134 -10.79 -19.35 -54.60
N GLY D 135 -10.26 -19.80 -53.47
CA GLY D 135 -10.08 -18.96 -52.28
C GLY D 135 -11.02 -19.23 -51.12
N GLU D 136 -12.03 -20.07 -51.31
CA GLU D 136 -12.97 -20.42 -50.23
C GLU D 136 -12.35 -21.41 -49.23
N PHE D 137 -12.72 -21.26 -47.95
CA PHE D 137 -12.24 -22.17 -46.90
C PHE D 137 -12.62 -23.62 -47.21
N GLU D 138 -11.66 -24.54 -47.12
CA GLU D 138 -11.96 -25.97 -47.28
C GLU D 138 -11.91 -26.68 -45.94
N GLU D 139 -10.75 -26.75 -45.29
CA GLU D 139 -10.64 -27.45 -44.02
C GLU D 139 -9.48 -27.03 -43.12
N TYR D 140 -9.59 -27.40 -41.84
CA TYR D 140 -8.51 -27.28 -40.87
C TYR D 140 -7.71 -28.58 -40.88
N LEU D 141 -6.45 -28.52 -41.32
CA LEU D 141 -5.55 -29.66 -41.26
C LEU D 141 -4.74 -29.61 -39.96
N MET D 142 -5.06 -30.51 -39.03
CA MET D 142 -4.39 -30.61 -37.72
C MET D 142 -3.12 -31.40 -37.95
N LEU D 143 -1.99 -30.85 -37.54
CA LEU D 143 -0.70 -31.51 -37.74
C LEU D 143 -0.30 -32.24 -36.46
N PRO D 144 0.44 -33.36 -36.59
CA PRO D 144 0.90 -34.08 -35.39
C PRO D 144 1.90 -33.29 -34.53
N LEU D 145 2.66 -32.42 -35.17
CA LEU D 145 3.70 -31.64 -34.50
C LEU D 145 3.65 -30.17 -34.90
N ASN D 146 3.99 -29.30 -33.94
CA ASN D 146 4.25 -27.90 -34.25
C ASN D 146 5.50 -27.84 -35.13
N PRO D 147 5.59 -26.83 -36.01
CA PRO D 147 6.76 -26.71 -36.88
C PRO D 147 8.06 -26.81 -36.11
N THR D 148 9.06 -27.45 -36.71
CA THR D 148 10.33 -27.72 -36.03
C THR D 148 10.99 -26.40 -35.56
N PHE D 149 11.21 -25.46 -36.47
CA PHE D 149 11.76 -24.15 -36.14
C PHE D 149 10.81 -23.06 -36.61
N VAL D 150 10.67 -22.01 -35.79
CA VAL D 150 10.08 -20.75 -36.21
C VAL D 150 11.20 -19.70 -36.16
N ILE D 151 11.38 -18.96 -37.25
CA ILE D 151 12.45 -17.96 -37.36
C ILE D 151 11.86 -16.58 -37.68
N MET D 152 12.13 -15.60 -36.81
CA MET D 152 11.62 -14.24 -36.95
C MET D 152 12.76 -13.27 -37.29
N ASP D 153 12.84 -12.88 -38.56
CA ASP D 153 13.81 -11.88 -39.02
C ASP D 153 13.17 -10.53 -38.79
N THR D 154 13.54 -9.88 -37.69
CA THR D 154 12.88 -8.66 -37.26
C THR D 154 13.12 -7.48 -38.20
N LYS D 155 14.25 -7.52 -38.91
CA LYS D 155 14.58 -6.50 -39.92
C LYS D 155 13.64 -6.61 -41.11
N VAL D 156 13.43 -7.82 -41.61
CA VAL D 156 12.47 -8.05 -42.70
C VAL D 156 11.06 -7.70 -42.23
N ILE D 157 10.68 -8.14 -41.03
CA ILE D 157 9.33 -7.90 -40.48
C ILE D 157 9.01 -6.43 -40.33
N ALA D 158 9.98 -5.64 -39.88
CA ALA D 158 9.79 -4.21 -39.71
C ALA D 158 9.52 -3.46 -41.03
N SER D 159 9.94 -4.02 -42.17
CA SER D 159 9.62 -3.41 -43.48
C SER D 159 8.14 -3.52 -43.90
N ALA D 160 7.38 -4.42 -43.24
CA ALA D 160 5.92 -4.52 -43.48
C ALA D 160 5.17 -3.29 -42.96
N PRO D 161 3.98 -2.99 -43.51
CA PRO D 161 3.16 -1.89 -42.96
C PRO D 161 2.81 -2.11 -41.48
N ALA D 162 2.84 -1.04 -40.69
CA ALA D 162 2.60 -1.13 -39.23
C ALA D 162 1.21 -1.65 -38.88
N ARG D 163 0.24 -1.41 -39.76
CA ARG D 163 -1.09 -1.97 -39.59
C ARG D 163 -1.07 -3.48 -39.30
N LEU D 164 -0.15 -4.21 -39.97
CA LEU D 164 0.00 -5.63 -39.78
C LEU D 164 0.56 -6.01 -38.40
N LEU D 165 1.51 -5.21 -37.89
CA LEU D 165 2.06 -5.46 -36.55
C LEU D 165 0.99 -5.19 -35.49
N VAL D 166 0.23 -4.10 -35.69
CA VAL D 166 -0.87 -3.72 -34.80
C VAL D 166 -1.95 -4.80 -34.81
N SER D 167 -2.29 -5.31 -35.99
CA SER D 167 -3.24 -6.42 -36.10
C SER D 167 -2.78 -7.64 -35.29
N GLY D 168 -1.48 -7.91 -35.29
CA GLY D 168 -0.90 -8.95 -34.44
C GLY D 168 -1.05 -8.69 -32.95
N MET D 169 -1.03 -7.42 -32.56
CA MET D 169 -1.33 -7.02 -31.17
C MET D 169 -2.79 -7.34 -30.82
N GLY D 170 -3.71 -7.10 -31.76
CA GLY D 170 -5.12 -7.43 -31.58
C GLY D 170 -5.35 -8.91 -31.34
N ASP D 171 -4.73 -9.73 -32.18
CA ASP D 171 -4.73 -11.19 -32.06
C ASP D 171 -4.14 -11.62 -30.71
N ALA D 172 -3.01 -11.03 -30.33
CA ALA D 172 -2.34 -11.31 -29.04
C ALA D 172 -3.18 -10.89 -27.81
N LEU D 173 -4.00 -9.85 -27.97
CA LEU D 173 -4.81 -9.30 -26.90
C LEU D 173 -5.82 -10.31 -26.33
N ALA D 174 -6.37 -11.17 -27.19
CA ALA D 174 -7.33 -12.19 -26.79
C ALA D 174 -6.74 -13.31 -25.94
N THR D 175 -5.44 -13.57 -26.08
CA THR D 175 -4.85 -14.81 -25.59
C THR D 175 -5.06 -15.10 -24.10
N TYR D 176 -4.78 -14.11 -23.24
CA TYR D 176 -4.94 -14.30 -21.80
C TYR D 176 -6.41 -14.55 -21.40
N PHE D 177 -7.32 -13.79 -21.97
CA PHE D 177 -8.73 -13.87 -21.61
C PHE D 177 -9.35 -15.20 -22.02
N GLU D 178 -8.97 -15.67 -23.21
CA GLU D 178 -9.44 -16.96 -23.72
C GLU D 178 -8.86 -18.12 -22.94
N ALA D 179 -7.57 -18.04 -22.62
CA ALA D 179 -6.89 -19.05 -21.80
C ALA D 179 -7.42 -19.08 -20.36
N ARG D 180 -7.61 -17.90 -19.77
CA ARG D 180 -8.19 -17.78 -18.44
C ARG D 180 -9.58 -18.44 -18.37
N ALA D 181 -10.41 -18.13 -19.35
CA ALA D 181 -11.75 -18.72 -19.45
C ALA D 181 -11.71 -20.25 -19.52
N THR D 182 -10.88 -20.77 -20.41
CA THR D 182 -10.70 -22.21 -20.60
C THR D 182 -10.20 -22.91 -19.33
N LYS D 183 -9.22 -22.32 -18.66
CA LYS D 183 -8.71 -22.90 -17.40
C LYS D 183 -9.76 -22.87 -16.29
N ARG D 184 -10.49 -21.75 -16.18
CA ARG D 184 -11.63 -21.61 -15.25
C ARG D 184 -12.67 -22.70 -15.49
N ALA D 185 -13.01 -22.91 -16.77
CA ALA D 185 -13.94 -23.95 -17.18
C ALA D 185 -13.44 -25.38 -17.01
N ASN D 186 -12.14 -25.57 -16.76
CA ASN D 186 -11.51 -26.89 -16.73
C ASN D 186 -11.65 -27.64 -18.07
N LYS D 187 -11.68 -26.89 -19.18
CA LYS D 187 -11.83 -27.43 -20.52
C LYS D 187 -10.45 -27.63 -21.17
N THR D 188 -10.44 -28.23 -22.36
CA THR D 188 -9.22 -28.64 -23.03
C THR D 188 -8.85 -27.71 -24.17
N THR D 189 -7.58 -27.79 -24.58
CA THR D 189 -6.99 -26.90 -25.58
C THR D 189 -6.73 -27.61 -26.91
N MET D 190 -6.33 -26.86 -27.93
CA MET D 190 -5.85 -27.45 -29.20
C MET D 190 -4.66 -28.41 -29.01
N ALA D 191 -3.85 -28.19 -27.98
CA ALA D 191 -2.77 -29.12 -27.63
C ALA D 191 -3.27 -30.48 -27.11
N GLY D 192 -4.55 -30.57 -26.74
CA GLY D 192 -5.22 -31.85 -26.49
C GLY D 192 -5.45 -32.25 -25.04
N GLY D 193 -5.10 -31.37 -24.10
CA GLY D 193 -5.33 -31.64 -22.67
C GLY D 193 -5.81 -30.38 -21.98
N ARG D 194 -5.79 -30.43 -20.65
CA ARG D 194 -6.07 -29.26 -19.83
C ARG D 194 -4.84 -28.33 -19.78
N VAL D 195 -5.05 -27.14 -19.21
CA VAL D 195 -4.10 -26.04 -19.30
C VAL D 195 -2.99 -26.14 -18.25
N THR D 196 -1.74 -26.15 -18.71
CA THR D 196 -0.57 -26.08 -17.83
C THR D 196 -0.41 -24.71 -17.19
N GLU D 197 0.31 -24.66 -16.07
CA GLU D 197 0.70 -23.39 -15.47
C GLU D 197 1.62 -22.59 -16.40
N ALA D 198 2.51 -23.27 -17.12
CA ALA D 198 3.38 -22.63 -18.11
C ALA D 198 2.57 -21.86 -19.17
N ALA D 199 1.53 -22.46 -19.72
CA ALA D 199 0.76 -21.83 -20.80
C ALA D 199 -0.02 -20.59 -20.36
N ILE D 200 -0.65 -20.67 -19.18
CA ILE D 200 -1.41 -19.53 -18.65
C ILE D 200 -0.45 -18.39 -18.27
N ALA D 201 0.72 -18.73 -17.73
CA ALA D 201 1.76 -17.73 -17.45
C ALA D 201 2.28 -17.03 -18.71
N LEU D 202 2.49 -17.78 -19.80
CA LEU D 202 2.89 -17.20 -21.08
C LEU D 202 1.78 -16.35 -21.71
N ALA D 203 0.53 -16.79 -21.57
CA ALA D 203 -0.62 -16.01 -22.01
C ALA D 203 -0.75 -14.68 -21.25
N LYS D 204 -0.54 -14.73 -19.95
CA LYS D 204 -0.58 -13.53 -19.09
C LYS D 204 0.56 -12.56 -19.47
N LEU D 205 1.77 -13.09 -19.63
CA LEU D 205 2.90 -12.26 -20.08
C LEU D 205 2.62 -11.64 -21.45
N CYS D 206 1.94 -12.39 -22.33
CA CYS D 206 1.55 -11.89 -23.64
C CYS D 206 0.73 -10.60 -23.49
N TYR D 207 -0.36 -10.68 -22.70
CA TYR D 207 -1.23 -9.54 -22.45
C TYR D 207 -0.49 -8.35 -21.84
N ASP D 208 0.25 -8.60 -20.76
CA ASP D 208 1.06 -7.58 -20.09
C ASP D 208 2.03 -6.87 -21.03
N THR D 209 2.65 -7.64 -21.93
CA THR D 209 3.60 -7.09 -22.91
C THR D 209 2.88 -6.18 -23.91
N GLN D 210 1.67 -6.53 -24.34
CA GLN D 210 0.90 -5.65 -25.23
C GLN D 210 0.63 -4.31 -24.56
N ILE D 211 0.16 -4.34 -23.31
CA ILE D 211 -0.19 -3.12 -22.57
C ILE D 211 1.04 -2.22 -22.36
N LEU D 212 2.15 -2.81 -21.90
CA LEU D 212 3.38 -2.06 -21.61
C LEU D 212 4.14 -1.59 -22.87
N GLU D 213 4.12 -2.38 -23.94
CA GLU D 213 5.03 -2.21 -25.07
C GLU D 213 4.39 -1.86 -26.43
N GLY D 214 3.09 -2.07 -26.58
CA GLY D 214 2.45 -1.97 -27.90
C GLY D 214 2.60 -0.61 -28.58
N LEU D 215 2.34 0.45 -27.82
CA LEU D 215 2.42 1.82 -28.33
C LEU D 215 3.86 2.17 -28.72
N LYS D 216 4.81 1.91 -27.84
CA LYS D 216 6.23 2.13 -28.13
C LYS D 216 6.69 1.39 -29.39
N ALA D 217 6.20 0.16 -29.54
CA ALA D 217 6.50 -0.66 -30.71
C ALA D 217 5.86 -0.09 -31.95
N LYS D 218 4.58 0.31 -31.87
CA LYS D 218 3.92 0.93 -33.02
C LYS D 218 4.65 2.18 -33.53
N LEU D 219 5.03 3.08 -32.64
CA LEU D 219 5.70 4.32 -33.03
C LEU D 219 7.02 4.09 -33.80
N ALA D 220 7.74 3.03 -33.43
CA ALA D 220 8.92 2.59 -34.17
C ALA D 220 8.57 1.91 -35.50
N ALA D 221 7.59 0.99 -35.48
CA ALA D 221 7.24 0.19 -36.67
C ALA D 221 6.58 1.01 -37.79
N GLU D 222 5.87 2.07 -37.44
CA GLU D 222 5.38 3.06 -38.43
C GLU D 222 6.46 3.64 -39.33
N LYS D 223 7.68 3.77 -38.81
CA LYS D 223 8.83 4.25 -39.58
C LYS D 223 9.71 3.10 -40.05
N HIS D 224 9.19 1.88 -39.96
CA HIS D 224 9.90 0.67 -40.36
C HIS D 224 11.21 0.45 -39.63
N LEU D 225 11.24 0.81 -38.34
CA LEU D 225 12.44 0.71 -37.51
C LEU D 225 12.26 -0.34 -36.44
N VAL D 226 13.37 -0.96 -36.04
CA VAL D 226 13.37 -2.00 -35.01
C VAL D 226 14.01 -1.45 -33.75
N THR D 227 13.19 -1.33 -32.70
CA THR D 227 13.65 -1.09 -31.34
C THR D 227 13.40 -2.34 -30.50
N GLU D 228 13.91 -2.37 -29.28
CA GLU D 228 13.66 -3.48 -28.36
C GLU D 228 12.16 -3.66 -28.02
N ALA D 229 11.38 -2.58 -28.11
CA ALA D 229 9.93 -2.67 -27.95
C ALA D 229 9.33 -3.48 -29.09
N VAL D 230 9.82 -3.26 -30.30
CA VAL D 230 9.38 -4.04 -31.46
C VAL D 230 9.78 -5.50 -31.30
N GLU D 231 11.00 -5.74 -30.82
CA GLU D 231 11.47 -7.10 -30.52
C GLU D 231 10.54 -7.81 -29.54
N LYS D 232 10.16 -7.14 -28.45
CA LYS D 232 9.30 -7.77 -27.44
C LYS D 232 7.89 -8.06 -27.96
N ILE D 233 7.35 -7.15 -28.77
CA ILE D 233 6.04 -7.31 -29.38
C ILE D 233 6.03 -8.44 -30.40
N ILE D 234 7.08 -8.56 -31.20
CA ILE D 234 7.19 -9.66 -32.15
C ILE D 234 7.19 -11.00 -31.41
N GLU D 235 7.95 -11.11 -30.32
CA GLU D 235 7.95 -12.30 -29.49
C GLU D 235 6.54 -12.56 -28.90
N ALA D 236 5.91 -11.51 -28.37
CA ALA D 236 4.57 -11.63 -27.79
C ALA D 236 3.50 -12.03 -28.80
N ASN D 237 3.52 -11.38 -29.97
CA ASN D 237 2.60 -11.68 -31.07
C ASN D 237 2.73 -13.09 -31.63
N THR D 238 3.91 -13.71 -31.46
CA THR D 238 4.22 -14.98 -32.12
C THR D 238 4.38 -16.12 -31.12
N TYR D 239 5.42 -16.09 -30.29
CA TYR D 239 5.65 -17.22 -29.39
C TYR D 239 4.65 -17.21 -28.23
N LEU D 240 4.63 -16.11 -27.48
CA LEU D 240 3.81 -16.02 -26.26
C LEU D 240 2.33 -16.26 -26.56
N SER D 241 1.82 -15.54 -27.55
CA SER D 241 0.43 -15.68 -28.00
C SER D 241 0.16 -17.04 -28.65
N GLY D 242 1.14 -17.56 -29.40
CA GLY D 242 1.04 -18.86 -30.05
C GLY D 242 0.92 -20.01 -29.08
N ILE D 243 1.84 -20.09 -28.12
CA ILE D 243 1.79 -21.13 -27.08
C ILE D 243 0.58 -20.87 -26.16
N GLY D 244 0.36 -19.60 -25.83
CA GLY D 244 -0.75 -19.20 -24.97
C GLY D 244 -2.10 -19.61 -25.48
N SER D 245 -2.36 -19.42 -26.77
CA SER D 245 -3.68 -19.76 -27.31
C SER D 245 -3.80 -21.26 -27.62
N GLU D 246 -2.81 -21.85 -28.27
CA GLU D 246 -2.85 -23.26 -28.62
C GLU D 246 -2.81 -24.19 -27.40
N SER D 247 -1.96 -23.89 -26.41
CA SER D 247 -1.87 -24.70 -25.19
C SER D 247 -2.63 -24.13 -23.99
N GLY D 248 -3.25 -22.95 -24.13
CA GLY D 248 -4.07 -22.35 -23.07
C GLY D 248 -5.57 -22.30 -23.36
N GLY D 249 -5.95 -22.29 -24.63
CA GLY D 249 -7.34 -22.47 -25.05
C GLY D 249 -7.88 -21.28 -25.78
N LEU D 250 -8.72 -21.52 -26.77
CA LEU D 250 -9.50 -20.45 -27.40
C LEU D 250 -10.91 -20.44 -26.77
N ALA D 251 -11.66 -19.37 -27.00
CA ALA D 251 -12.97 -19.19 -26.38
C ALA D 251 -13.85 -18.25 -27.22
N ALA D 252 -14.46 -17.24 -26.60
CA ALA D 252 -15.52 -16.49 -27.27
C ALA D 252 -14.99 -15.54 -28.33
N ALA D 253 -13.81 -14.97 -28.10
CA ALA D 253 -13.22 -13.99 -29.03
C ALA D 253 -12.95 -14.55 -30.41
N HIS D 254 -12.35 -15.74 -30.47
CA HIS D 254 -12.12 -16.43 -31.76
C HIS D 254 -13.42 -16.90 -32.40
N ALA D 255 -14.35 -17.41 -31.60
CA ALA D 255 -15.67 -17.80 -32.10
C ALA D 255 -16.42 -16.61 -32.70
N ILE D 256 -16.36 -15.46 -32.01
CA ILE D 256 -16.98 -14.23 -32.50
C ILE D 256 -16.26 -13.71 -33.75
N HIS D 257 -14.93 -13.82 -33.79
CA HIS D 257 -14.16 -13.56 -35.04
C HIS D 257 -14.73 -14.38 -36.22
N ASN D 258 -14.96 -15.67 -36.02
CA ASN D 258 -15.48 -16.55 -37.07
C ASN D 258 -16.88 -16.15 -37.50
N GLY D 259 -17.75 -15.88 -36.53
CA GLY D 259 -19.10 -15.42 -36.82
C GLY D 259 -19.21 -14.13 -37.61
N LEU D 260 -18.23 -13.23 -37.45
CA LEU D 260 -18.22 -11.97 -38.17
C LEU D 260 -18.05 -12.12 -39.70
N THR D 261 -17.66 -13.30 -40.17
CA THR D 261 -17.57 -13.58 -41.62
C THR D 261 -18.90 -13.34 -42.35
N VAL D 262 -20.02 -13.54 -41.64
CA VAL D 262 -21.36 -13.21 -42.10
C VAL D 262 -21.49 -11.76 -42.57
N LEU D 263 -20.84 -10.83 -41.87
CA LEU D 263 -20.82 -9.42 -42.27
C LEU D 263 -19.74 -9.17 -43.34
N GLU D 264 -20.20 -9.03 -44.59
CA GLU D 264 -19.33 -8.88 -45.77
C GLU D 264 -18.37 -7.67 -45.67
N GLU D 265 -18.90 -6.56 -45.13
CA GLU D 265 -18.07 -5.36 -44.87
C GLU D 265 -16.81 -5.59 -44.00
N THR D 266 -16.79 -6.65 -43.19
CA THR D 266 -15.64 -6.94 -42.33
C THR D 266 -14.55 -7.81 -42.96
N HIS D 267 -14.78 -8.31 -44.18
CA HIS D 267 -13.78 -9.13 -44.89
C HIS D 267 -12.48 -8.36 -45.23
N HIS D 268 -12.56 -7.05 -45.40
CA HIS D 268 -11.36 -6.22 -45.61
C HIS D 268 -10.50 -6.01 -44.33
N MET D 269 -11.02 -6.35 -43.16
CA MET D 269 -10.27 -6.25 -41.91
C MET D 269 -9.45 -7.52 -41.69
N TYR D 270 -8.26 -7.35 -41.12
CA TYR D 270 -7.39 -8.50 -40.85
C TYR D 270 -7.86 -9.29 -39.62
N HIS D 271 -7.31 -10.49 -39.50
CA HIS D 271 -7.69 -11.47 -38.48
C HIS D 271 -7.64 -10.86 -37.07
N GLY D 272 -6.49 -10.31 -36.69
CA GLY D 272 -6.29 -9.78 -35.35
C GLY D 272 -7.07 -8.53 -35.00
N GLU D 273 -7.39 -7.73 -36.01
CA GLU D 273 -8.25 -6.56 -35.85
C GLU D 273 -9.65 -7.01 -35.41
N LYS D 274 -10.19 -8.04 -36.06
CA LYS D 274 -11.48 -8.59 -35.68
C LYS D 274 -11.43 -9.33 -34.34
N VAL D 275 -10.31 -10.00 -34.05
CA VAL D 275 -10.13 -10.66 -32.75
C VAL D 275 -10.11 -9.63 -31.61
N ALA D 276 -9.54 -8.44 -31.86
CA ALA D 276 -9.55 -7.36 -30.86
C ALA D 276 -10.96 -6.99 -30.43
N PHE D 277 -11.86 -6.85 -31.40
CA PHE D 277 -13.26 -6.54 -31.11
C PHE D 277 -13.96 -7.72 -30.45
N GLY D 278 -13.66 -8.93 -30.93
CA GLY D 278 -14.13 -10.16 -30.30
C GLY D 278 -13.72 -10.30 -28.85
N THR D 279 -12.54 -9.78 -28.51
CA THR D 279 -12.08 -9.76 -27.13
C THR D 279 -12.96 -8.87 -26.27
N LEU D 280 -13.31 -7.69 -26.79
CA LEU D 280 -14.19 -6.76 -26.09
C LEU D 280 -15.55 -7.43 -25.86
N ALA D 281 -16.09 -8.08 -26.88
CA ALA D 281 -17.33 -8.83 -26.77
C ALA D 281 -17.22 -9.96 -25.74
N GLN D 282 -16.09 -10.68 -25.69
CA GLN D 282 -15.91 -11.69 -24.64
C GLN D 282 -15.98 -11.05 -23.26
N LEU D 283 -15.36 -9.89 -23.09
CA LEU D 283 -15.33 -9.23 -21.77
C LEU D 283 -16.74 -8.82 -21.29
N ILE D 284 -17.59 -8.38 -22.22
CA ILE D 284 -18.99 -8.12 -21.91
C ILE D 284 -19.70 -9.43 -21.55
N LEU D 285 -19.50 -10.46 -22.38
CA LEU D 285 -20.13 -11.76 -22.17
C LEU D 285 -19.84 -12.36 -20.79
N GLU D 286 -18.57 -12.36 -20.39
CA GLU D 286 -18.16 -12.84 -19.04
C GLU D 286 -18.35 -11.76 -17.96
N ASP D 287 -18.72 -10.56 -18.38
CA ASP D 287 -18.92 -9.41 -17.52
C ASP D 287 -17.67 -9.12 -16.69
N ALA D 288 -16.55 -8.98 -17.38
CA ALA D 288 -15.29 -8.60 -16.75
C ALA D 288 -15.45 -7.24 -16.06
N PRO D 289 -14.64 -6.97 -15.02
CA PRO D 289 -14.74 -5.67 -14.33
C PRO D 289 -14.58 -4.50 -15.30
N LYS D 290 -15.30 -3.42 -15.04
CA LYS D 290 -15.20 -2.21 -15.85
C LYS D 290 -13.75 -1.72 -16.00
N ALA D 291 -12.92 -1.91 -14.96
CA ALA D 291 -11.49 -1.52 -15.01
C ALA D 291 -10.71 -2.31 -16.07
N GLU D 292 -10.99 -3.60 -16.16
CA GLU D 292 -10.39 -4.48 -17.18
C GLU D 292 -10.82 -4.08 -18.59
N ILE D 293 -12.10 -3.76 -18.76
CA ILE D 293 -12.65 -3.30 -20.05
C ILE D 293 -11.99 -1.97 -20.49
N GLU D 294 -11.90 -1.03 -19.56
CA GLU D 294 -11.28 0.27 -19.84
C GLU D 294 -9.82 0.13 -20.25
N GLU D 295 -9.08 -0.75 -19.58
CA GLU D 295 -7.67 -0.98 -19.94
C GLU D 295 -7.54 -1.53 -21.39
N VAL D 296 -8.42 -2.45 -21.78
CA VAL D 296 -8.43 -3.01 -23.15
C VAL D 296 -8.84 -1.96 -24.19
N VAL D 297 -9.93 -1.26 -23.93
CA VAL D 297 -10.43 -0.28 -24.90
C VAL D 297 -9.40 0.84 -25.07
N SER D 298 -8.80 1.27 -23.96
CA SER D 298 -7.77 2.31 -23.95
C SER D 298 -6.55 1.91 -24.77
N PHE D 299 -6.04 0.72 -24.52
CA PHE D 299 -4.95 0.19 -25.31
C PHE D 299 -5.29 0.15 -26.82
N CYS D 300 -6.48 -0.36 -27.15
CA CYS D 300 -6.90 -0.46 -28.56
C CYS D 300 -6.97 0.91 -29.23
N LEU D 301 -7.53 1.90 -28.55
CA LEU D 301 -7.56 3.27 -29.08
C LEU D 301 -6.16 3.86 -29.25
N SER D 302 -5.23 3.56 -28.34
CA SER D 302 -3.86 4.07 -28.43
C SER D 302 -3.10 3.56 -29.66
N VAL D 303 -3.35 2.31 -30.08
CA VAL D 303 -2.63 1.70 -31.22
C VAL D 303 -3.44 1.59 -32.51
N GLY D 304 -4.73 1.92 -32.48
CA GLY D 304 -5.57 1.94 -33.68
C GLY D 304 -6.29 0.63 -33.98
N LEU D 305 -6.55 -0.16 -32.94
CA LEU D 305 -7.34 -1.38 -33.06
C LEU D 305 -8.84 -1.03 -32.95
N PRO D 306 -9.72 -1.79 -33.64
CA PRO D 306 -11.15 -1.51 -33.59
C PRO D 306 -11.81 -1.87 -32.25
N VAL D 307 -12.69 -1.00 -31.77
CA VAL D 307 -13.52 -1.25 -30.58
C VAL D 307 -15.04 -1.10 -30.84
N THR D 308 -15.43 -0.97 -32.12
CA THR D 308 -16.83 -0.95 -32.51
C THR D 308 -17.00 -1.74 -33.81
N LEU D 309 -18.26 -2.06 -34.13
CA LEU D 309 -18.61 -2.64 -35.43
C LEU D 309 -18.33 -1.64 -36.56
N GLY D 310 -18.55 -0.36 -36.30
CA GLY D 310 -18.15 0.72 -37.21
C GLY D 310 -16.69 0.65 -37.60
N ASP D 311 -15.80 0.45 -36.62
CA ASP D 311 -14.36 0.33 -36.89
C ASP D 311 -14.00 -0.86 -37.79
N LEU D 312 -14.88 -1.88 -37.82
CA LEU D 312 -14.75 -3.01 -38.74
C LEU D 312 -15.43 -2.80 -40.11
N GLY D 313 -15.94 -1.60 -40.38
CA GLY D 313 -16.60 -1.26 -41.65
C GLY D 313 -18.11 -1.38 -41.69
N VAL D 314 -18.73 -1.79 -40.58
CA VAL D 314 -20.19 -1.96 -40.51
C VAL D 314 -20.83 -0.61 -40.29
N LYS D 315 -21.45 -0.05 -41.33
CA LYS D 315 -22.05 1.29 -41.28
C LYS D 315 -23.41 1.31 -40.57
N GLU D 316 -24.16 0.21 -40.63
CA GLU D 316 -25.49 0.10 -40.01
C GLU D 316 -25.63 -1.18 -39.21
N LEU D 317 -26.09 -1.08 -37.97
CA LEU D 317 -26.47 -2.25 -37.18
C LEU D 317 -27.75 -2.82 -37.78
N ASN D 318 -27.67 -4.05 -38.29
CA ASN D 318 -28.80 -4.79 -38.83
C ASN D 318 -29.06 -5.96 -37.89
N GLU D 319 -30.26 -6.03 -37.33
CA GLU D 319 -30.59 -7.09 -36.36
C GLU D 319 -30.50 -8.49 -36.97
N GLU D 320 -31.04 -8.66 -38.18
CA GLU D 320 -31.04 -9.98 -38.83
C GLU D 320 -29.62 -10.50 -39.07
N LYS D 321 -28.76 -9.62 -39.57
CA LYS D 321 -27.36 -9.96 -39.83
C LYS D 321 -26.60 -10.28 -38.55
N LEU D 322 -26.78 -9.44 -37.53
CA LEU D 322 -26.10 -9.63 -36.25
C LEU D 322 -26.57 -10.90 -35.51
N ARG D 323 -27.83 -11.29 -35.68
CA ARG D 323 -28.32 -12.60 -35.20
C ARG D 323 -27.56 -13.75 -35.85
N LYS D 324 -27.34 -13.64 -37.17
CA LYS D 324 -26.59 -14.68 -37.90
C LYS D 324 -25.15 -14.77 -37.41
N VAL D 325 -24.54 -13.60 -37.15
CA VAL D 325 -23.19 -13.56 -36.54
C VAL D 325 -23.17 -14.35 -35.22
N ALA D 326 -24.15 -14.08 -34.36
CA ALA D 326 -24.27 -14.76 -33.08
C ALA D 326 -24.51 -16.27 -33.23
N GLU D 327 -25.39 -16.63 -34.17
CA GLU D 327 -25.70 -18.04 -34.44
C GLU D 327 -24.47 -18.79 -34.94
N LEU D 328 -23.75 -18.20 -35.89
CA LEU D 328 -22.52 -18.80 -36.40
C LEU D 328 -21.44 -18.91 -35.32
N SER D 329 -21.35 -17.91 -34.43
CA SER D 329 -20.41 -17.95 -33.29
C SER D 329 -20.71 -19.12 -32.35
N CYS D 330 -21.98 -19.51 -32.25
CA CYS D 330 -22.43 -20.61 -31.39
C CYS D 330 -22.65 -21.96 -32.10
N ALA D 331 -22.16 -22.12 -33.33
CA ALA D 331 -22.27 -23.40 -34.07
C ALA D 331 -21.67 -24.55 -33.28
N GLU D 332 -22.15 -25.77 -33.54
CA GLU D 332 -21.80 -26.96 -32.75
C GLU D 332 -20.45 -27.10 -32.04
N GLY D 333 -19.33 -27.24 -32.75
CA GLY D 333 -18.02 -27.40 -32.11
C GLY D 333 -17.24 -26.13 -31.86
N GLU D 334 -17.88 -24.96 -31.88
CA GLU D 334 -17.16 -23.69 -31.70
C GLU D 334 -16.48 -23.56 -30.33
N THR D 335 -15.45 -22.72 -30.28
CA THR D 335 -14.64 -22.52 -29.09
C THR D 335 -15.34 -21.69 -28.00
N ILE D 336 -16.45 -21.03 -28.36
CA ILE D 336 -17.24 -20.27 -27.39
C ILE D 336 -17.73 -21.11 -26.20
N TYR D 337 -17.88 -22.42 -26.39
CA TYR D 337 -18.29 -23.31 -25.30
C TYR D 337 -17.20 -23.61 -24.27
N ASN D 338 -15.99 -23.08 -24.47
CA ASN D 338 -14.94 -23.13 -23.43
C ASN D 338 -15.12 -22.06 -22.34
N MET D 339 -16.08 -21.14 -22.52
CA MET D 339 -16.48 -20.23 -21.44
C MET D 339 -16.99 -21.07 -20.25
N PRO D 340 -16.70 -20.63 -19.00
CA PRO D 340 -17.13 -21.41 -17.83
C PRO D 340 -18.61 -21.20 -17.42
N PHE D 341 -19.46 -20.86 -18.38
CA PHE D 341 -20.91 -20.72 -18.15
C PHE D 341 -21.64 -21.10 -19.45
N GLU D 342 -22.95 -21.27 -19.37
CA GLU D 342 -23.76 -21.59 -20.54
C GLU D 342 -23.86 -20.38 -21.47
N VAL D 343 -23.80 -20.65 -22.77
CA VAL D 343 -23.82 -19.64 -23.81
C VAL D 343 -24.95 -19.92 -24.79
N THR D 344 -25.67 -18.88 -25.20
CA THR D 344 -26.74 -19.01 -26.20
C THR D 344 -26.57 -17.89 -27.23
N PRO D 345 -27.15 -18.07 -28.43
CA PRO D 345 -27.10 -17.00 -29.42
C PRO D 345 -27.62 -15.63 -28.95
N ASP D 346 -28.70 -15.62 -28.15
CA ASP D 346 -29.21 -14.38 -27.54
C ASP D 346 -28.17 -13.69 -26.68
N LEU D 347 -27.45 -14.47 -25.89
CA LEU D 347 -26.42 -13.96 -24.98
C LEU D 347 -25.23 -13.39 -25.75
N VAL D 348 -24.84 -14.08 -26.83
CA VAL D 348 -23.75 -13.63 -27.70
C VAL D 348 -24.15 -12.39 -28.53
N TYR D 349 -25.39 -12.38 -29.04
CA TYR D 349 -25.95 -11.18 -29.66
C TYR D 349 -25.86 -9.97 -28.72
N ALA D 350 -26.28 -10.18 -27.46
CA ALA D 350 -26.23 -9.13 -26.44
C ALA D 350 -24.80 -8.65 -26.17
N ALA D 351 -23.86 -9.59 -26.09
CA ALA D 351 -22.44 -9.25 -25.90
C ALA D 351 -21.85 -8.42 -27.06
N ILE D 352 -22.18 -8.80 -28.28
CA ILE D 352 -21.66 -8.12 -29.48
C ILE D 352 -22.18 -6.69 -29.59
N VAL D 353 -23.50 -6.52 -29.49
CA VAL D 353 -24.11 -5.19 -29.64
C VAL D 353 -23.70 -4.30 -28.48
N THR D 354 -23.61 -4.88 -27.28
CA THR D 354 -23.20 -4.11 -26.10
C THR D 354 -21.71 -3.76 -26.15
N ALA D 355 -20.88 -4.66 -26.70
CA ALA D 355 -19.47 -4.34 -26.94
C ALA D 355 -19.33 -3.11 -27.86
N ASP D 356 -20.13 -3.10 -28.92
CA ASP D 356 -20.23 -1.95 -29.82
C ASP D 356 -20.67 -0.68 -29.09
N SER D 357 -21.67 -0.78 -28.21
CA SER D 357 -22.13 0.38 -27.41
C SER D 357 -21.03 0.86 -26.44
N VAL D 358 -20.34 -0.07 -25.78
CA VAL D 358 -19.24 0.26 -24.85
C VAL D 358 -18.09 0.97 -25.59
N GLY D 359 -17.75 0.45 -26.77
CA GLY D 359 -16.71 1.06 -27.60
C GLY D 359 -17.04 2.47 -28.04
N ARG D 360 -18.26 2.65 -28.53
CA ARG D 360 -18.75 3.98 -28.93
C ARG D 360 -18.70 4.90 -27.73
N TYR D 361 -19.16 4.42 -26.58
CA TYR D 361 -19.20 5.21 -25.35
C TYR D 361 -17.82 5.76 -24.97
N TYR D 362 -16.81 4.88 -24.96
CA TYR D 362 -15.45 5.28 -24.57
C TYR D 362 -14.70 6.11 -25.62
N LYS D 363 -14.93 5.83 -26.91
CA LYS D 363 -14.44 6.71 -27.98
C LYS D 363 -14.92 8.16 -27.83
N GLU D 364 -16.20 8.33 -27.52
CA GLU D 364 -16.78 9.67 -27.39
C GLU D 364 -16.29 10.34 -26.10
N LYS D 365 -16.17 9.57 -25.01
CA LYS D 365 -15.74 10.11 -23.73
C LYS D 365 -14.23 10.46 -23.66
N TRP D 366 -13.38 9.81 -24.46
CA TRP D 366 -11.92 10.02 -24.40
C TRP D 366 -11.28 10.79 -25.58
N MET E 1 24.77 31.58 5.37
CA MET E 1 23.94 30.86 4.34
C MET E 1 24.71 29.93 3.37
N THR E 2 26.03 29.86 3.48
CA THR E 2 26.86 29.02 2.61
C THR E 2 26.75 27.53 2.97
N LYS E 3 26.67 26.68 1.94
CA LYS E 3 26.73 25.23 2.10
C LYS E 3 28.07 24.75 1.52
N ILE E 4 28.74 23.84 2.24
CA ILE E 4 30.01 23.28 1.82
C ILE E 4 29.98 21.75 1.95
N ILE E 5 30.50 21.07 0.93
CA ILE E 5 30.83 19.64 1.01
C ILE E 5 32.28 19.51 0.58
N THR E 6 33.03 18.76 1.37
CA THR E 6 34.45 18.51 1.12
C THR E 6 34.68 17.01 0.92
N SER E 7 35.76 16.68 0.24
CA SER E 7 36.05 15.29 -0.12
C SER E 7 37.54 15.09 -0.41
N PRO E 8 38.03 13.85 -0.22
CA PRO E 8 39.26 13.47 -0.90
C PRO E 8 39.09 13.67 -2.40
N SER E 9 40.19 13.94 -3.09
CA SER E 9 40.13 14.12 -4.54
C SER E 9 39.78 12.82 -5.25
N LYS E 10 40.26 11.69 -4.69
CA LYS E 10 39.89 10.38 -5.18
C LYS E 10 39.75 9.41 -4.01
N PHE E 11 38.70 8.58 -4.06
CA PHE E 11 38.57 7.47 -3.13
C PHE E 11 38.54 6.18 -3.97
N ILE E 12 39.46 5.27 -3.66
CA ILE E 12 39.80 4.14 -4.52
C ILE E 12 39.71 2.85 -3.69
N GLN E 13 38.92 1.88 -4.16
CA GLN E 13 38.68 0.67 -3.38
C GLN E 13 38.66 -0.57 -4.24
N GLY E 14 39.27 -1.64 -3.73
CA GLY E 14 39.34 -2.91 -4.43
C GLY E 14 40.34 -3.85 -3.78
N PRO E 15 40.26 -5.14 -4.12
CA PRO E 15 41.24 -6.09 -3.56
C PRO E 15 42.62 -5.91 -4.20
N ASP E 16 43.67 -5.98 -3.36
CA ASP E 16 45.06 -5.91 -3.80
C ASP E 16 45.47 -4.56 -4.44
N GLU E 17 44.79 -3.49 -4.03
CA GLU E 17 45.08 -2.11 -4.48
C GLU E 17 46.51 -1.61 -4.16
N LEU E 18 47.11 -2.07 -3.06
CA LEU E 18 48.49 -1.70 -2.73
C LEU E 18 49.51 -2.19 -3.77
N SER E 19 49.18 -3.25 -4.50
CA SER E 19 50.02 -3.74 -5.59
C SER E 19 50.06 -2.77 -6.77
N ARG E 20 49.14 -1.82 -6.83
CA ARG E 20 49.16 -0.73 -7.83
C ARG E 20 49.50 0.63 -7.18
N LEU E 21 50.13 0.62 -6.00
CA LEU E 21 50.43 1.87 -5.30
C LEU E 21 51.27 2.82 -6.15
N SER E 22 52.25 2.27 -6.85
CA SER E 22 53.12 3.04 -7.74
C SER E 22 52.36 3.74 -8.86
N ALA E 23 51.33 3.11 -9.40
CA ALA E 23 50.48 3.76 -10.40
C ALA E 23 49.78 5.00 -9.83
N TYR E 24 49.36 4.93 -8.57
CA TYR E 24 48.69 6.06 -7.91
C TYR E 24 49.67 7.17 -7.49
N THR E 25 50.79 6.82 -6.86
CA THR E 25 51.80 7.84 -6.48
C THR E 25 52.37 8.57 -7.70
N GLU E 26 52.59 7.83 -8.80
CA GLU E 26 53.05 8.42 -10.08
C GLU E 26 52.11 9.49 -10.67
N ARG E 27 50.80 9.40 -10.40
CA ARG E 27 49.86 10.45 -10.83
C ARG E 27 50.05 11.78 -10.09
N LEU E 28 50.59 11.73 -8.88
CA LEU E 28 50.77 12.91 -8.03
C LEU E 28 52.19 13.44 -7.98
N GLY E 29 53.18 12.56 -8.12
CA GLY E 29 54.59 12.98 -8.17
C GLY E 29 55.59 11.90 -8.60
N LYS E 30 56.84 12.31 -8.70
CA LYS E 30 57.94 11.46 -9.16
C LYS E 30 58.56 10.60 -8.05
N LYS E 31 58.41 11.02 -6.78
CA LYS E 31 59.10 10.37 -5.67
C LYS E 31 58.20 10.31 -4.42
N ALA E 32 57.82 9.09 -4.04
CA ALA E 32 56.93 8.86 -2.91
C ALA E 32 57.71 8.60 -1.62
N PHE E 33 57.18 9.14 -0.52
CA PHE E 33 57.69 8.90 0.82
C PHE E 33 56.61 8.10 1.55
N ILE E 34 56.89 6.83 1.83
CA ILE E 34 55.88 5.88 2.27
C ILE E 34 56.08 5.53 3.76
N ILE E 35 55.19 6.05 4.60
CA ILE E 35 55.29 5.91 6.05
C ILE E 35 54.48 4.70 6.51
N ALA E 36 55.10 3.85 7.32
CA ALA E 36 54.43 2.69 7.91
C ALA E 36 55.19 2.22 9.16
N ASP E 37 54.46 1.72 10.15
CA ASP E 37 55.08 1.18 11.36
C ASP E 37 55.73 -0.19 11.12
N ASP E 38 56.35 -0.74 12.16
CA ASP E 38 57.03 -2.04 12.09
C ASP E 38 56.11 -3.15 11.56
N PHE E 39 54.97 -3.35 12.22
CA PHE E 39 54.04 -4.41 11.86
C PHE E 39 53.54 -4.30 10.40
N VAL E 40 53.12 -3.11 10.00
CA VAL E 40 52.55 -2.90 8.66
C VAL E 40 53.63 -3.00 7.58
N THR E 41 54.84 -2.56 7.89
CA THR E 41 55.98 -2.75 6.96
C THR E 41 56.22 -4.23 6.65
N GLY E 42 56.19 -5.08 7.68
CA GLY E 42 56.27 -6.53 7.50
C GLY E 42 55.05 -7.09 6.76
N LEU E 43 53.87 -6.55 7.04
CA LEU E 43 52.63 -7.02 6.42
C LEU E 43 52.55 -6.76 4.91
N VAL E 44 52.81 -5.52 4.49
CA VAL E 44 52.61 -5.09 3.09
C VAL E 44 53.90 -4.64 2.36
N GLY E 45 55.04 -4.71 3.03
CA GLY E 45 56.29 -4.19 2.48
C GLY E 45 56.66 -4.81 1.15
N LYS E 46 56.50 -6.13 1.04
CA LYS E 46 56.81 -6.85 -0.19
C LYS E 46 55.90 -6.42 -1.34
N THR E 47 54.61 -6.25 -1.07
CA THR E 47 53.63 -5.82 -2.09
C THR E 47 53.97 -4.44 -2.64
N VAL E 48 54.33 -3.52 -1.73
CA VAL E 48 54.67 -2.15 -2.10
C VAL E 48 55.96 -2.13 -2.95
N GLU E 49 57.00 -2.79 -2.44
CA GLU E 49 58.27 -2.96 -3.16
C GLU E 49 58.04 -3.53 -4.58
N GLU E 50 57.25 -4.59 -4.68
CA GLU E 50 56.93 -5.20 -5.98
C GLU E 50 56.13 -4.29 -6.92
N SER E 51 55.30 -3.41 -6.35
CA SER E 51 54.57 -2.40 -7.13
C SER E 51 55.46 -1.44 -7.88
N TYR E 52 56.64 -1.13 -7.32
CA TYR E 52 57.60 -0.20 -7.93
C TYR E 52 58.68 -0.88 -8.82
N ALA E 53 58.51 -2.13 -9.23
CA ALA E 53 59.35 -2.80 -10.23
C ALA E 53 59.53 -1.94 -11.51
N GLY E 54 60.78 -1.67 -11.86
CA GLY E 54 61.06 -0.83 -13.03
C GLY E 54 60.93 0.65 -12.80
N LYS E 55 60.62 1.08 -11.57
CA LYS E 55 60.36 2.47 -11.18
C LYS E 55 61.10 2.67 -9.87
N GLU E 56 62.13 1.90 -9.60
CA GLU E 56 62.64 1.71 -8.21
C GLU E 56 63.24 2.95 -7.52
N THR E 57 63.53 4.02 -8.26
CA THR E 57 63.92 5.31 -7.72
C THR E 57 62.74 6.23 -7.44
N GLY E 58 61.51 5.71 -7.61
CA GLY E 58 60.31 6.46 -7.41
C GLY E 58 59.64 6.36 -6.06
N TYR E 59 60.30 5.73 -5.09
CA TYR E 59 59.81 5.66 -3.72
C TYR E 59 60.92 5.37 -2.71
N GLN E 60 60.65 5.68 -1.44
CA GLN E 60 61.41 5.16 -0.31
C GLN E 60 60.47 4.92 0.87
N MET E 61 60.71 3.83 1.59
CA MET E 61 59.99 3.49 2.80
C MET E 61 60.60 4.24 3.96
N ALA E 62 59.79 4.58 4.95
CA ALA E 62 60.24 5.19 6.18
C ALA E 62 59.53 4.53 7.34
N LEU E 63 60.28 4.14 8.36
CA LEU E 63 59.73 3.49 9.54
C LEU E 63 59.08 4.53 10.47
N PHE E 64 57.81 4.34 10.76
CA PHE E 64 57.04 5.17 11.69
C PHE E 64 57.20 4.63 13.12
N GLY E 65 57.46 5.53 14.07
CA GLY E 65 57.65 5.16 15.48
C GLY E 65 56.40 4.69 16.21
N GLY E 66 55.23 4.99 15.66
CA GLY E 66 53.94 4.49 16.19
C GLY E 66 53.05 5.55 16.81
N GLU E 67 53.61 6.73 17.10
CA GLU E 67 52.86 7.84 17.69
C GLU E 67 52.81 9.05 16.76
N CYS E 68 51.61 9.60 16.57
CA CYS E 68 51.44 10.82 15.80
C CYS E 68 51.69 11.99 16.74
N SER E 69 52.97 12.35 16.85
CA SER E 69 53.42 13.47 17.69
C SER E 69 54.15 14.50 16.83
N LYS E 70 54.34 15.69 17.38
CA LYS E 70 55.06 16.77 16.69
C LYS E 70 56.53 16.43 16.41
N PRO E 71 57.26 15.83 17.38
CA PRO E 71 58.63 15.39 17.09
C PRO E 71 58.74 14.37 15.95
N GLU E 72 57.87 13.36 15.98
CA GLU E 72 57.85 12.34 14.93
C GLU E 72 57.41 12.92 13.58
N ILE E 73 56.46 13.86 13.57
CA ILE E 73 56.09 14.57 12.34
C ILE E 73 57.25 15.40 11.79
N GLU E 74 57.95 16.12 12.65
CA GLU E 74 59.11 16.92 12.23
C GLU E 74 60.23 16.03 11.67
N ARG E 75 60.55 14.93 12.36
CA ARG E 75 61.57 13.98 11.91
C ARG E 75 61.29 13.48 10.50
N LEU E 76 60.03 13.07 10.26
CA LEU E 76 59.61 12.54 8.95
C LEU E 76 59.54 13.61 7.86
N CYS E 77 59.10 14.81 8.21
CA CYS E 77 59.18 15.97 7.28
C CYS E 77 60.62 16.22 6.78
N GLU E 78 61.59 16.17 7.70
CA GLU E 78 63.00 16.40 7.36
C GLU E 78 63.51 15.28 6.44
N MET E 79 63.27 14.03 6.84
CA MET E 79 63.61 12.88 5.98
C MET E 79 63.00 13.00 4.59
N SER E 80 61.73 13.40 4.53
CA SER E 80 61.00 13.59 3.27
C SER E 80 61.62 14.68 2.38
N LYS E 81 61.95 15.84 2.96
CA LYS E 81 62.69 16.91 2.22
C LYS E 81 64.07 16.44 1.77
N SER E 82 64.78 15.77 2.68
CA SER E 82 66.10 15.16 2.41
C SER E 82 66.10 14.17 1.24
N GLU E 83 65.06 13.34 1.13
CA GLU E 83 64.90 12.40 0.01
C GLU E 83 64.25 13.04 -1.23
N GLU E 84 63.96 14.34 -1.18
CA GLU E 84 63.28 15.09 -2.23
C GLU E 84 61.92 14.52 -2.66
N ALA E 85 61.17 14.03 -1.69
CA ALA E 85 59.84 13.45 -1.94
C ALA E 85 58.82 14.56 -2.25
N ASP E 86 58.00 14.31 -3.27
CA ASP E 86 56.92 15.24 -3.68
C ASP E 86 55.50 14.63 -3.54
N VAL E 87 55.40 13.49 -2.84
CA VAL E 87 54.10 12.91 -2.43
C VAL E 87 54.34 12.00 -1.22
N VAL E 88 53.43 12.08 -0.24
CA VAL E 88 53.57 11.29 0.99
C VAL E 88 52.45 10.25 1.07
N VAL E 89 52.79 9.06 1.54
CA VAL E 89 51.85 7.96 1.68
C VAL E 89 51.91 7.47 3.11
N GLY E 90 50.73 7.25 3.71
CA GLY E 90 50.60 6.60 5.01
C GLY E 90 49.86 5.30 4.82
N ILE E 91 50.35 4.23 5.45
CA ILE E 91 49.76 2.90 5.36
C ILE E 91 49.65 2.34 6.78
N GLY E 92 48.43 2.07 7.22
CA GLY E 92 48.22 1.52 8.56
C GLY E 92 47.00 2.07 9.25
N GLY E 93 47.08 2.17 10.57
CA GLY E 93 46.00 2.70 11.41
C GLY E 93 45.99 4.20 11.46
N GLY E 94 45.04 4.74 12.21
CA GLY E 94 44.77 6.17 12.30
C GLY E 94 45.96 7.06 12.62
N LYS E 95 46.79 6.62 13.57
CA LYS E 95 47.99 7.37 13.95
C LYS E 95 48.95 7.52 12.77
N THR E 96 49.18 6.44 12.01
CA THR E 96 50.01 6.50 10.80
C THR E 96 49.41 7.41 9.73
N LEU E 97 48.11 7.28 9.49
CA LEU E 97 47.44 8.04 8.43
C LEU E 97 47.46 9.53 8.76
N ASP E 98 47.18 9.87 10.01
CA ASP E 98 47.22 11.27 10.47
C ASP E 98 48.63 11.88 10.38
N THR E 99 49.64 11.07 10.69
CA THR E 99 51.03 11.50 10.57
C THR E 99 51.35 11.85 9.11
N ALA E 100 50.93 10.99 8.18
CA ALA E 100 51.11 11.27 6.76
C ALA E 100 50.39 12.56 6.31
N LYS E 101 49.19 12.80 6.81
CA LYS E 101 48.44 14.00 6.46
C LYS E 101 49.16 15.26 6.95
N ALA E 102 49.62 15.21 8.20
CA ALA E 102 50.43 16.29 8.81
C ALA E 102 51.71 16.57 8.00
N VAL E 103 52.44 15.52 7.62
CA VAL E 103 53.65 15.65 6.80
C VAL E 103 53.34 16.32 5.45
N GLY E 104 52.24 15.94 4.82
CA GLY E 104 51.85 16.55 3.55
C GLY E 104 51.50 18.01 3.69
N TYR E 105 50.86 18.34 4.80
CA TYR E 105 50.53 19.73 5.14
C TYR E 105 51.78 20.59 5.36
N TYR E 106 52.67 20.15 6.25
CA TYR E 106 53.90 20.89 6.56
C TYR E 106 54.86 21.03 5.37
N ASN E 107 55.11 19.95 4.62
CA ASN E 107 55.95 19.98 3.42
C ASN E 107 55.22 20.47 2.17
N ASN E 108 53.91 20.74 2.27
CA ASN E 108 53.10 21.21 1.13
C ASN E 108 53.15 20.27 -0.08
N ILE E 109 52.96 18.97 0.18
CA ILE E 109 52.90 17.95 -0.88
C ILE E 109 51.60 17.14 -0.75
N PRO E 110 51.09 16.60 -1.88
CA PRO E 110 49.86 15.79 -1.82
C PRO E 110 50.03 14.52 -0.98
N VAL E 111 48.91 13.96 -0.52
CA VAL E 111 48.89 12.87 0.44
C VAL E 111 48.04 11.70 -0.06
N ILE E 112 48.50 10.48 0.22
CA ILE E 112 47.74 9.26 0.01
C ILE E 112 47.64 8.56 1.36
N VAL E 113 46.42 8.26 1.79
CA VAL E 113 46.20 7.48 3.01
C VAL E 113 45.63 6.13 2.58
N ALA E 114 46.21 5.07 3.13
CA ALA E 114 45.85 3.70 2.79
C ALA E 114 45.64 2.92 4.09
N PRO E 115 44.41 2.98 4.65
CA PRO E 115 44.15 2.26 5.90
C PRO E 115 44.25 0.75 5.70
N THR E 116 44.78 0.08 6.70
CA THR E 116 44.83 -1.38 6.74
C THR E 116 43.65 -1.96 7.55
N ILE E 117 42.79 -1.08 8.07
CA ILE E 117 41.57 -1.45 8.79
C ILE E 117 40.49 -0.45 8.39
N ALA E 118 39.23 -0.81 8.63
CA ALA E 118 38.09 0.06 8.31
C ALA E 118 37.21 0.17 9.55
N SER E 119 37.79 0.79 10.58
CA SER E 119 37.22 0.86 11.94
C SER E 119 36.74 2.24 12.38
N THR E 120 37.06 3.28 11.61
CA THR E 120 36.54 4.62 11.92
C THR E 120 36.31 5.36 10.59
N ASN E 121 35.64 6.51 10.70
CA ASN E 121 35.44 7.39 9.55
C ASN E 121 36.48 8.53 9.45
N ALA E 122 37.58 8.41 10.19
CA ALA E 122 38.66 9.44 10.18
C ALA E 122 39.48 9.55 8.87
N PRO E 123 39.76 8.43 8.16
CA PRO E 123 40.67 8.46 7.02
C PRO E 123 40.45 9.53 5.96
N THR E 124 39.19 9.77 5.58
CA THR E 124 38.89 10.77 4.54
C THR E 124 38.96 12.21 5.03
N SER E 125 39.06 12.42 6.36
CA SER E 125 38.85 13.75 6.95
C SER E 125 40.09 14.63 6.92
N ALA E 126 39.85 15.95 6.86
CA ALA E 126 40.89 16.98 6.92
C ALA E 126 41.32 17.25 8.35
N LEU E 127 41.89 16.24 9.00
CA LEU E 127 42.13 16.29 10.45
C LEU E 127 43.22 15.31 10.86
N SER E 128 44.18 15.79 11.62
CA SER E 128 45.18 14.93 12.27
C SER E 128 45.04 15.09 13.77
N VAL E 129 44.90 13.99 14.49
CA VAL E 129 44.85 14.03 15.94
C VAL E 129 46.29 13.86 16.42
N ILE E 130 46.81 14.89 17.07
CA ILE E 130 48.20 14.94 17.53
C ILE E 130 48.27 14.59 19.01
N TYR E 131 49.23 13.74 19.37
CA TYR E 131 49.48 13.32 20.75
C TYR E 131 50.87 13.76 21.19
N LYS E 132 51.06 13.90 22.50
CA LYS E 132 52.38 14.02 23.09
C LYS E 132 53.10 12.68 22.92
N GLU E 133 54.42 12.68 23.07
CA GLU E 133 55.22 11.46 22.91
C GLU E 133 54.85 10.35 23.91
N ASN E 134 54.36 10.74 25.08
CA ASN E 134 53.91 9.77 26.10
C ASN E 134 52.52 9.16 25.85
N GLY E 135 51.80 9.65 24.84
CA GLY E 135 50.50 9.07 24.45
C GLY E 135 49.28 9.90 24.79
N GLU E 136 49.44 10.98 25.56
CA GLU E 136 48.31 11.85 25.91
C GLU E 136 47.92 12.77 24.74
N PHE E 137 46.63 13.06 24.64
CA PHE E 137 46.11 13.97 23.61
C PHE E 137 46.76 15.35 23.71
N GLU E 138 47.24 15.87 22.59
CA GLU E 138 47.78 17.23 22.56
C GLU E 138 46.83 18.18 21.85
N GLU E 139 46.58 17.98 20.56
CA GLU E 139 45.69 18.88 19.82
C GLU E 139 45.03 18.29 18.57
N TYR E 140 43.96 18.95 18.12
CA TYR E 140 43.34 18.70 16.83
C TYR E 140 43.98 19.61 15.80
N LEU E 141 44.70 19.03 14.84
CA LEU E 141 45.26 19.79 13.73
C LEU E 141 44.29 19.75 12.54
N MET E 142 43.63 20.88 12.28
CA MET E 142 42.68 21.04 11.18
C MET E 142 43.49 21.30 9.94
N LEU E 143 43.26 20.50 8.89
CA LEU E 143 44.03 20.64 7.66
C LEU E 143 43.22 21.47 6.67
N PRO E 144 43.92 22.22 5.78
CA PRO E 144 43.20 22.98 4.75
C PRO E 144 42.47 22.10 3.72
N LEU E 145 42.98 20.90 3.48
CA LEU E 145 42.41 19.98 2.49
C LEU E 145 42.27 18.57 3.05
N ASN E 146 41.23 17.87 2.60
CA ASN E 146 41.13 16.43 2.80
C ASN E 146 42.26 15.76 2.04
N PRO E 147 42.75 14.61 2.52
CA PRO E 147 43.84 13.92 1.83
C PRO E 147 43.54 13.74 0.35
N THR E 148 44.57 13.87 -0.49
CA THR E 148 44.39 13.83 -1.94
C THR E 148 43.72 12.51 -2.40
N PHE E 149 44.30 11.36 -2.03
CA PHE E 149 43.74 10.05 -2.34
C PHE E 149 43.53 9.27 -1.04
N VAL E 150 42.44 8.53 -0.97
CA VAL E 150 42.23 7.47 0.00
C VAL E 150 42.16 6.16 -0.76
N ILE E 151 42.96 5.17 -0.35
CA ILE E 151 43.04 3.87 -1.03
C ILE E 151 42.70 2.73 -0.06
N MET E 152 41.67 1.94 -0.40
CA MET E 152 41.21 0.83 0.45
C MET E 152 41.53 -0.51 -0.22
N ASP E 153 42.57 -1.18 0.27
CA ASP E 153 42.93 -2.52 -0.19
C ASP E 153 42.10 -3.50 0.63
N THR E 154 41.00 -3.96 0.04
CA THR E 154 40.02 -4.76 0.77
C THR E 154 40.56 -6.13 1.17
N LYS E 155 41.53 -6.65 0.42
CA LYS E 155 42.19 -7.90 0.75
C LYS E 155 43.02 -7.75 2.01
N VAL E 156 43.82 -6.70 2.08
CA VAL E 156 44.59 -6.40 3.30
C VAL E 156 43.65 -6.13 4.48
N ILE E 157 42.61 -5.34 4.26
CA ILE E 157 41.66 -4.97 5.33
C ILE E 157 40.93 -6.18 5.91
N ALA E 158 40.55 -7.12 5.06
CA ALA E 158 39.87 -8.33 5.50
C ALA E 158 40.73 -9.23 6.40
N SER E 159 42.07 -9.12 6.32
CA SER E 159 42.96 -9.87 7.22
C SER E 159 42.95 -9.37 8.68
N ALA E 160 42.44 -8.16 8.93
CA ALA E 160 42.27 -7.64 10.30
C ALA E 160 41.18 -8.40 11.06
N PRO E 161 41.25 -8.41 12.42
CA PRO E 161 40.16 -9.02 13.20
C PRO E 161 38.80 -8.38 12.92
N ALA E 162 37.74 -9.18 12.85
CA ALA E 162 36.40 -8.69 12.49
C ALA E 162 35.85 -7.67 13.48
N ARG E 163 36.26 -7.76 14.74
CA ARG E 163 35.92 -6.76 15.74
C ARG E 163 36.17 -5.32 15.25
N LEU E 164 37.26 -5.12 14.52
CA LEU E 164 37.60 -3.81 13.96
C LEU E 164 36.65 -3.35 12.86
N LEU E 165 36.20 -4.28 12.00
CA LEU E 165 35.24 -3.94 10.96
C LEU E 165 33.88 -3.58 11.59
N VAL E 166 33.49 -4.38 12.59
CA VAL E 166 32.25 -4.16 13.33
C VAL E 166 32.29 -2.81 14.05
N SER E 167 33.42 -2.50 14.68
CA SER E 167 33.60 -1.20 15.31
C SER E 167 33.40 -0.05 14.31
N GLY E 168 33.87 -0.22 13.08
CA GLY E 168 33.61 0.73 12.01
C GLY E 168 32.14 0.86 11.64
N MET E 169 31.39 -0.22 11.77
CA MET E 169 29.92 -0.18 11.61
C MET E 169 29.29 0.68 12.71
N GLY E 170 29.79 0.55 13.94
CA GLY E 170 29.31 1.36 15.07
C GLY E 170 29.50 2.84 14.83
N ASP E 171 30.72 3.20 14.40
CA ASP E 171 31.07 4.57 14.02
C ASP E 171 30.16 5.08 12.88
N ALA E 172 29.98 4.24 11.85
CA ALA E 172 29.09 4.56 10.72
C ALA E 172 27.60 4.72 11.09
N LEU E 173 27.18 4.02 12.13
CA LEU E 173 25.79 4.02 12.58
C LEU E 173 25.30 5.40 13.03
N ALA E 174 26.20 6.18 13.65
CA ALA E 174 25.87 7.52 14.12
C ALA E 174 25.65 8.54 13.01
N THR E 175 26.24 8.32 11.83
CA THR E 175 26.38 9.37 10.83
C THR E 175 25.07 10.02 10.39
N TYR E 176 24.07 9.22 10.03
CA TYR E 176 22.79 9.78 9.59
C TYR E 176 22.08 10.58 10.68
N PHE E 177 22.07 10.05 11.90
CA PHE E 177 21.35 10.68 13.00
C PHE E 177 21.97 12.02 13.40
N GLU E 178 23.31 12.05 13.41
CA GLU E 178 24.05 13.27 13.73
C GLU E 178 23.91 14.33 12.64
N ALA E 179 23.97 13.88 11.38
CA ALA E 179 23.78 14.78 10.22
C ALA E 179 22.35 15.30 10.13
N ARG E 180 21.38 14.42 10.36
CA ARG E 180 19.95 14.80 10.40
C ARG E 180 19.71 15.88 11.44
N ALA E 181 20.24 15.65 12.64
CA ALA E 181 20.12 16.61 13.74
C ALA E 181 20.69 17.99 13.38
N THR E 182 21.92 17.99 12.85
CA THR E 182 22.61 19.21 12.45
C THR E 182 21.86 19.96 11.36
N LYS E 183 21.36 19.26 10.35
CA LYS E 183 20.59 19.91 9.29
C LYS E 183 19.27 20.48 9.81
N ARG E 184 18.57 19.71 10.67
CA ARG E 184 17.35 20.18 11.36
C ARG E 184 17.61 21.46 12.13
N ALA E 185 18.73 21.48 12.88
CA ALA E 185 19.16 22.64 13.64
C ALA E 185 19.64 23.82 12.79
N ASN E 186 19.85 23.63 11.49
CA ASN E 186 20.47 24.64 10.62
C ASN E 186 21.87 25.07 11.08
N LYS E 187 22.60 24.14 11.70
CA LYS E 187 23.95 24.39 12.23
C LYS E 187 25.01 23.97 11.20
N THR E 188 26.27 24.26 11.51
CA THR E 188 27.36 24.06 10.56
C THR E 188 28.21 22.83 10.89
N THR E 189 28.96 22.40 9.89
CA THR E 189 29.74 21.16 9.92
C THR E 189 31.25 21.43 10.02
N MET E 190 32.05 20.38 10.23
CA MET E 190 33.51 20.47 10.12
C MET E 190 33.99 21.01 8.76
N ALA E 191 33.24 20.76 7.70
CA ALA E 191 33.53 21.33 6.38
C ALA E 191 33.36 22.86 6.31
N GLY E 192 32.68 23.46 7.31
CA GLY E 192 32.69 24.91 7.50
C GLY E 192 31.44 25.66 7.06
N GLY E 193 30.41 24.95 6.62
CA GLY E 193 29.15 25.59 6.23
C GLY E 193 27.97 24.76 6.72
N ARG E 194 26.81 25.09 6.18
CA ARG E 194 25.61 24.29 6.38
C ARG E 194 25.62 23.04 5.49
N VAL E 195 24.66 22.16 5.73
CA VAL E 195 24.64 20.81 5.17
C VAL E 195 24.07 20.78 3.76
N THR E 196 24.85 20.26 2.81
CA THR E 196 24.38 20.01 1.44
C THR E 196 23.40 18.84 1.38
N GLU E 197 22.59 18.81 0.33
CA GLU E 197 21.75 17.66 0.03
C GLU E 197 22.59 16.41 -0.25
N ALA E 198 23.73 16.58 -0.93
CA ALA E 198 24.66 15.49 -1.19
C ALA E 198 25.12 14.80 0.11
N ALA E 199 25.52 15.57 1.10
CA ALA E 199 26.06 15.00 2.35
C ALA E 199 25.02 14.23 3.17
N ILE E 200 23.81 14.78 3.27
CA ILE E 200 22.73 14.10 4.02
C ILE E 200 22.30 12.82 3.28
N ALA E 201 22.26 12.86 1.95
CA ALA E 201 22.00 11.67 1.14
C ALA E 201 23.05 10.56 1.32
N LEU E 202 24.32 10.94 1.36
CA LEU E 202 25.40 9.98 1.62
C LEU E 202 25.37 9.43 3.06
N ALA E 203 25.02 10.29 4.02
CA ALA E 203 24.82 9.86 5.41
C ALA E 203 23.67 8.86 5.54
N LYS E 204 22.57 9.13 4.85
CA LYS E 204 21.40 8.24 4.83
C LYS E 204 21.75 6.89 4.20
N LEU E 205 22.42 6.92 3.04
CA LEU E 205 22.90 5.69 2.41
C LEU E 205 23.84 4.90 3.32
N CYS E 206 24.67 5.62 4.08
CA CYS E 206 25.56 5.00 5.04
C CYS E 206 24.77 4.13 6.03
N TYR E 207 23.77 4.74 6.69
CA TYR E 207 22.90 4.05 7.64
C TYR E 207 22.19 2.84 7.02
N ASP E 208 21.52 3.07 5.89
CA ASP E 208 20.82 2.02 5.17
C ASP E 208 21.72 0.83 4.81
N THR E 209 22.96 1.12 4.41
CA THR E 209 23.94 0.10 4.06
C THR E 209 24.33 -0.73 5.30
N GLN E 210 24.48 -0.10 6.45
CA GLN E 210 24.77 -0.85 7.69
C GLN E 210 23.65 -1.84 7.99
N ILE E 211 22.40 -1.38 7.93
CA ILE E 211 21.24 -2.22 8.26
C ILE E 211 21.10 -3.40 7.27
N LEU E 212 21.20 -3.12 5.98
CA LEU E 212 21.07 -4.15 4.94
C LEU E 212 22.26 -5.12 4.84
N GLU E 213 23.48 -4.63 5.07
CA GLU E 213 24.71 -5.34 4.72
C GLU E 213 25.62 -5.75 5.89
N GLY E 214 25.45 -5.16 7.06
CA GLY E 214 26.41 -5.34 8.17
C GLY E 214 26.63 -6.78 8.59
N LEU E 215 25.52 -7.50 8.78
CA LEU E 215 25.55 -8.89 9.23
C LEU E 215 26.21 -9.79 8.17
N LYS E 216 25.78 -9.66 6.91
CA LYS E 216 26.38 -10.40 5.81
C LYS E 216 27.89 -10.16 5.69
N ALA E 217 28.29 -8.90 5.89
CA ALA E 217 29.69 -8.51 5.87
C ALA E 217 30.43 -9.10 7.05
N LYS E 218 29.86 -9.03 8.25
CA LYS E 218 30.50 -9.63 9.43
C LYS E 218 30.77 -11.13 9.24
N LEU E 219 29.77 -11.88 8.79
CA LEU E 219 29.92 -13.34 8.61
C LEU E 219 31.06 -13.72 7.67
N ALA E 220 31.29 -12.91 6.64
CA ALA E 220 32.44 -13.06 5.75
C ALA E 220 33.76 -12.62 6.40
N ALA E 221 33.75 -11.46 7.05
CA ALA E 221 34.98 -10.86 7.64
C ALA E 221 35.53 -11.63 8.83
N GLU E 222 34.68 -12.30 9.59
CA GLU E 222 35.10 -13.25 10.63
C GLU E 222 36.05 -14.34 10.14
N LYS E 223 35.88 -14.75 8.88
CA LYS E 223 36.74 -15.76 8.24
C LYS E 223 37.80 -15.10 7.36
N HIS E 224 37.96 -13.78 7.51
CA HIS E 224 38.91 -12.99 6.75
C HIS E 224 38.71 -13.06 5.24
N LEU E 225 37.45 -13.12 4.82
CA LEU E 225 37.07 -13.25 3.41
C LEU E 225 36.38 -11.99 2.92
N VAL E 226 36.56 -11.70 1.63
CA VAL E 226 35.98 -10.54 0.99
C VAL E 226 34.83 -10.95 0.08
N THR E 227 33.60 -10.56 0.46
CA THR E 227 32.44 -10.62 -0.42
C THR E 227 32.02 -9.20 -0.79
N GLU E 228 31.07 -9.07 -1.71
CA GLU E 228 30.55 -7.75 -2.09
C GLU E 228 29.87 -7.02 -0.90
N ALA E 229 29.37 -7.77 0.08
CA ALA E 229 28.84 -7.18 1.30
C ALA E 229 29.96 -6.49 2.07
N VAL E 230 31.12 -7.13 2.14
CA VAL E 230 32.29 -6.53 2.79
C VAL E 230 32.74 -5.29 2.03
N GLU E 231 32.74 -5.36 0.69
CA GLU E 231 33.05 -4.21 -0.16
C GLU E 231 32.13 -3.02 0.14
N LYS E 232 30.82 -3.26 0.24
CA LYS E 232 29.87 -2.17 0.50
C LYS E 232 30.03 -1.56 1.89
N ILE E 233 30.30 -2.40 2.88
CA ILE E 233 30.52 -1.96 4.26
C ILE E 233 31.81 -1.15 4.38
N ILE E 234 32.88 -1.57 3.71
CA ILE E 234 34.12 -0.80 3.71
C ILE E 234 33.90 0.59 3.12
N GLU E 235 33.17 0.67 2.01
CA GLU E 235 32.80 1.96 1.41
C GLU E 235 31.95 2.79 2.40
N ALA E 236 30.95 2.16 3.01
CA ALA E 236 30.09 2.85 3.97
C ALA E 236 30.83 3.35 5.23
N ASN E 237 31.66 2.47 5.79
CA ASN E 237 32.49 2.81 6.95
C ASN E 237 33.48 3.93 6.71
N THR E 238 33.88 4.14 5.45
CA THR E 238 34.98 5.05 5.13
C THR E 238 34.50 6.27 4.33
N TYR E 239 34.06 6.08 3.10
CA TYR E 239 33.67 7.23 2.29
C TYR E 239 32.33 7.82 2.75
N LEU E 240 31.28 7.00 2.75
CA LEU E 240 29.93 7.48 3.05
C LEU E 240 29.84 8.11 4.44
N SER E 241 30.35 7.39 5.44
CA SER E 241 30.38 7.88 6.81
C SER E 241 31.35 9.06 6.99
N GLY E 242 32.48 9.04 6.26
CA GLY E 242 33.46 10.12 6.30
C GLY E 242 32.93 11.44 5.77
N ILE E 243 32.36 11.42 4.56
CA ILE E 243 31.76 12.63 3.98
C ILE E 243 30.50 13.00 4.77
N GLY E 244 29.71 11.99 5.15
CA GLY E 244 28.49 12.18 5.90
C GLY E 244 28.69 12.90 7.22
N SER E 245 29.71 12.52 7.98
CA SER E 245 29.92 13.15 9.28
C SER E 245 30.66 14.49 9.16
N GLU E 246 31.73 14.54 8.37
CA GLU E 246 32.49 15.78 8.21
C GLU E 246 31.71 16.88 7.50
N SER E 247 30.97 16.55 6.44
CA SER E 247 30.16 17.54 5.71
C SER E 247 28.66 17.54 6.07
N GLY E 248 28.23 16.63 6.95
CA GLY E 248 26.84 16.59 7.44
C GLY E 248 26.64 16.98 8.89
N GLY E 249 27.67 16.82 9.72
CA GLY E 249 27.69 17.35 11.08
C GLY E 249 27.79 16.25 12.12
N LEU E 250 28.49 16.51 13.20
CA LEU E 250 28.47 15.65 14.38
C LEU E 250 27.47 16.26 15.41
N ALA E 251 27.10 15.47 16.41
CA ALA E 251 26.09 15.88 17.38
C ALA E 251 26.28 15.13 18.72
N ALA E 252 25.22 14.53 19.26
CA ALA E 252 25.25 14.04 20.64
C ALA E 252 26.04 12.77 20.78
N ALA E 253 26.00 11.90 19.77
CA ALA E 253 26.69 10.60 19.82
C ALA E 253 28.19 10.72 19.98
N HIS E 254 28.81 11.60 19.20
CA HIS E 254 30.26 11.86 19.33
C HIS E 254 30.60 12.58 20.64
N ALA E 255 29.76 13.54 21.04
CA ALA E 255 29.95 14.21 22.33
C ALA E 255 29.86 13.23 23.49
N ILE E 256 28.89 12.33 23.44
CA ILE E 256 28.73 11.29 24.46
C ILE E 256 29.90 10.29 24.42
N HIS E 257 30.38 9.93 23.22
CA HIS E 257 31.65 9.18 23.07
C HIS E 257 32.80 9.85 23.85
N ASN E 258 32.97 11.16 23.68
CA ASN E 258 34.04 11.90 24.35
C ASN E 258 33.88 11.91 25.86
N GLY E 259 32.65 12.15 26.33
CA GLY E 259 32.35 12.11 27.76
C GLY E 259 32.61 10.79 28.44
N LEU E 260 32.47 9.68 27.72
CA LEU E 260 32.71 8.36 28.28
C LEU E 260 34.17 8.10 28.69
N THR E 261 35.11 8.94 28.23
CA THR E 261 36.52 8.85 28.64
C THR E 261 36.70 8.91 30.17
N VAL E 262 35.80 9.62 30.84
CA VAL E 262 35.70 9.66 32.31
C VAL E 262 35.61 8.27 32.94
N LEU E 263 34.87 7.36 32.30
CA LEU E 263 34.79 5.96 32.76
C LEU E 263 35.99 5.16 32.26
N GLU E 264 36.93 4.90 33.17
CA GLU E 264 38.21 4.22 32.87
C GLU E 264 38.01 2.81 32.28
N GLU E 265 37.03 2.08 32.78
CA GLU E 265 36.62 0.76 32.23
C GLU E 265 36.31 0.75 30.72
N THR E 266 35.93 1.89 30.14
CA THR E 266 35.59 1.97 28.72
C THR E 266 36.77 2.26 27.79
N HIS E 267 37.96 2.52 28.35
CA HIS E 267 39.16 2.79 27.53
C HIS E 267 39.60 1.60 26.67
N HIS E 268 39.31 0.37 27.10
CA HIS E 268 39.60 -0.82 26.30
C HIS E 268 38.63 -1.03 25.10
N MET E 269 37.53 -0.28 25.04
CA MET E 269 36.61 -0.34 23.90
C MET E 269 37.07 0.60 22.80
N TYR E 270 36.87 0.20 21.55
CA TYR E 270 37.27 1.02 20.41
C TYR E 270 36.29 2.18 20.17
N HIS E 271 36.74 3.13 19.36
CA HIS E 271 36.02 4.37 19.07
C HIS E 271 34.59 4.11 18.63
N GLY E 272 34.41 3.30 17.58
CA GLY E 272 33.10 3.06 17.00
C GLY E 272 32.13 2.25 17.86
N GLU E 273 32.69 1.39 18.71
CA GLU E 273 31.89 0.64 19.69
C GLU E 273 31.23 1.61 20.68
N LYS E 274 31.99 2.59 21.16
CA LYS E 274 31.45 3.61 22.05
C LYS E 274 30.49 4.56 21.33
N VAL E 275 30.79 4.88 20.06
CA VAL E 275 29.89 5.70 19.26
C VAL E 275 28.55 5.00 19.03
N ALA E 276 28.55 3.67 18.90
CA ALA E 276 27.30 2.91 18.76
C ALA E 276 26.37 3.13 19.95
N PHE E 277 26.92 3.07 21.17
CA PHE E 277 26.15 3.31 22.37
C PHE E 277 25.73 4.77 22.48
N GLY E 278 26.64 5.68 22.12
CA GLY E 278 26.33 7.10 22.02
C GLY E 278 25.19 7.41 21.06
N THR E 279 25.07 6.62 19.99
CA THR E 279 23.97 6.76 19.06
C THR E 279 22.65 6.42 19.72
N LEU E 280 22.63 5.34 20.51
CA LEU E 280 21.43 4.94 21.24
C LEU E 280 21.02 6.05 22.20
N ALA E 281 21.99 6.59 22.93
CA ALA E 281 21.78 7.73 23.83
C ALA E 281 21.23 8.96 23.07
N GLN E 282 21.76 9.24 21.88
CA GLN E 282 21.21 10.34 21.07
C GLN E 282 19.74 10.09 20.76
N LEU E 283 19.39 8.86 20.40
CA LEU E 283 18.02 8.53 20.03
C LEU E 283 17.02 8.72 21.19
N ILE E 284 17.46 8.40 22.42
CA ILE E 284 16.68 8.69 23.61
C ILE E 284 16.56 10.22 23.81
N LEU E 285 17.70 10.92 23.70
CA LEU E 285 17.76 12.37 23.89
C LEU E 285 16.78 13.11 22.96
N GLU E 286 16.80 12.78 21.66
CA GLU E 286 15.88 13.37 20.68
C GLU E 286 14.50 12.69 20.67
N ASP E 287 14.38 11.61 21.45
CA ASP E 287 13.17 10.82 21.58
C ASP E 287 12.70 10.32 20.22
N ALA E 288 13.61 9.67 19.50
CA ALA E 288 13.30 9.04 18.22
C ALA E 288 12.20 8.00 18.43
N PRO E 289 11.41 7.70 17.37
CA PRO E 289 10.34 6.69 17.52
C PRO E 289 10.88 5.37 18.02
N LYS E 290 10.08 4.66 18.82
CA LYS E 290 10.44 3.35 19.31
C LYS E 290 10.86 2.38 18.18
N ALA E 291 10.24 2.51 17.00
CA ALA E 291 10.58 1.67 15.84
C ALA E 291 12.03 1.90 15.35
N GLU E 292 12.44 3.16 15.33
CA GLU E 292 13.82 3.56 14.98
C GLU E 292 14.83 3.02 16.01
N ILE E 293 14.49 3.11 17.30
CA ILE E 293 15.34 2.58 18.38
C ILE E 293 15.49 1.06 18.28
N GLU E 294 14.38 0.37 18.06
CA GLU E 294 14.40 -1.10 17.92
C GLU E 294 15.25 -1.55 16.73
N GLU E 295 15.17 -0.84 15.60
CA GLU E 295 15.99 -1.17 14.45
C GLU E 295 17.49 -1.03 14.75
N VAL E 296 17.88 0.02 15.47
CA VAL E 296 19.29 0.23 15.87
C VAL E 296 19.76 -0.81 16.87
N VAL E 297 18.97 -1.05 17.92
CA VAL E 297 19.37 -2.00 18.96
C VAL E 297 19.48 -3.40 18.36
N SER E 298 18.53 -3.75 17.49
CA SER E 298 18.48 -5.05 16.82
C SER E 298 19.73 -5.26 15.94
N PHE E 299 20.04 -4.26 15.11
CA PHE E 299 21.25 -4.30 14.32
C PHE E 299 22.51 -4.49 15.18
N CYS E 300 22.61 -3.71 16.26
CA CYS E 300 23.78 -3.78 17.15
C CYS E 300 23.93 -5.17 17.77
N LEU E 301 22.83 -5.75 18.25
CA LEU E 301 22.86 -7.11 18.79
C LEU E 301 23.25 -8.15 17.73
N SER E 302 22.80 -7.98 16.48
CA SER E 302 23.13 -8.92 15.41
C SER E 302 24.61 -8.96 15.07
N VAL E 303 25.32 -7.82 15.17
CA VAL E 303 26.76 -7.75 14.81
C VAL E 303 27.71 -7.68 16.00
N GLY E 304 27.20 -7.54 17.22
CA GLY E 304 28.03 -7.54 18.43
C GLY E 304 28.51 -6.17 18.88
N LEU E 305 27.74 -5.13 18.54
CA LEU E 305 28.00 -3.77 19.03
C LEU E 305 27.34 -3.59 20.41
N PRO E 306 27.93 -2.76 21.28
CA PRO E 306 27.36 -2.56 22.62
C PRO E 306 26.07 -1.71 22.62
N VAL E 307 25.09 -2.12 23.42
CA VAL E 307 23.86 -1.35 23.65
C VAL E 307 23.59 -1.05 25.15
N THR E 308 24.57 -1.31 26.02
CA THR E 308 24.50 -0.94 27.42
C THR E 308 25.86 -0.45 27.88
N LEU E 309 25.89 0.19 29.05
CA LEU E 309 27.12 0.55 29.72
C LEU E 309 27.90 -0.71 30.14
N GLY E 310 27.19 -1.75 30.54
CA GLY E 310 27.77 -3.07 30.77
C GLY E 310 28.59 -3.59 29.59
N ASP E 311 28.04 -3.49 28.38
CA ASP E 311 28.74 -3.93 27.17
C ASP E 311 30.04 -3.13 26.91
N LEU E 312 30.15 -1.92 27.47
CA LEU E 312 31.38 -1.14 27.45
C LEU E 312 32.34 -1.41 28.64
N GLY E 313 32.03 -2.39 29.47
CA GLY E 313 32.86 -2.76 30.63
C GLY E 313 32.49 -2.17 31.97
N VAL E 314 31.43 -1.34 32.01
CA VAL E 314 31.00 -0.68 33.25
C VAL E 314 30.15 -1.65 34.06
N LYS E 315 30.73 -2.19 35.14
CA LYS E 315 30.06 -3.20 35.97
C LYS E 315 28.99 -2.62 36.90
N GLU E 316 29.17 -1.37 37.35
CA GLU E 316 28.25 -0.69 38.27
C GLU E 316 27.89 0.71 37.78
N LEU E 317 26.60 1.02 37.77
CA LEU E 317 26.15 2.39 37.55
C LEU E 317 26.50 3.23 38.77
N ASN E 318 27.38 4.22 38.58
CA ASN E 318 27.79 5.15 39.63
C ASN E 318 27.25 6.52 39.25
N GLU E 319 26.41 7.11 40.09
CA GLU E 319 25.79 8.40 39.78
C GLU E 319 26.82 9.51 39.60
N GLU E 320 27.79 9.58 40.51
CA GLU E 320 28.81 10.64 40.46
C GLU E 320 29.63 10.59 39.16
N LYS E 321 30.05 9.39 38.78
CA LYS E 321 30.81 9.19 37.54
C LYS E 321 29.98 9.51 36.30
N LEU E 322 28.75 9.03 36.27
CA LEU E 322 27.86 9.28 35.13
C LEU E 322 27.48 10.75 34.97
N ARG E 323 27.38 11.49 36.08
CA ARG E 323 27.22 12.96 36.02
C ARG E 323 28.42 13.61 35.33
N LYS E 324 29.62 13.14 35.66
CA LYS E 324 30.85 13.68 35.04
C LYS E 324 30.87 13.39 33.53
N VAL E 325 30.43 12.19 33.15
CA VAL E 325 30.28 11.83 31.73
C VAL E 325 29.35 12.84 31.02
N ALA E 326 28.21 13.12 31.63
CA ALA E 326 27.24 14.07 31.09
C ALA E 326 27.79 15.49 31.02
N GLU E 327 28.49 15.92 32.09
CA GLU E 327 29.11 17.24 32.14
C GLU E 327 30.17 17.40 31.06
N LEU E 328 31.05 16.41 30.90
CA LEU E 328 32.07 16.45 29.86
C LEU E 328 31.45 16.43 28.46
N SER E 329 30.36 15.68 28.28
CA SER E 329 29.63 15.67 26.99
C SER E 329 29.09 17.04 26.62
N CYS E 330 28.74 17.83 27.63
CA CYS E 330 28.18 19.19 27.44
C CYS E 330 29.19 20.34 27.60
N ALA E 331 30.50 20.06 27.60
CA ALA E 331 31.54 21.10 27.68
C ALA E 331 31.38 22.14 26.57
N GLU E 332 31.86 23.35 26.82
CA GLU E 332 31.64 24.50 25.93
C GLU E 332 31.45 24.35 24.41
N GLY E 333 32.49 23.96 23.66
CA GLY E 333 32.41 23.80 22.22
C GLY E 333 32.00 22.41 21.71
N GLU E 334 31.44 21.56 22.56
CA GLU E 334 31.06 20.20 22.14
C GLU E 334 30.00 20.17 21.04
N THR E 335 30.00 19.07 20.29
CA THR E 335 29.10 18.89 19.15
C THR E 335 27.65 18.61 19.55
N ILE E 336 27.42 18.28 20.83
CA ILE E 336 26.07 18.07 21.34
C ILE E 336 25.14 19.26 21.13
N TYR E 337 25.69 20.46 21.03
CA TYR E 337 24.88 21.66 20.78
C TYR E 337 24.39 21.81 19.34
N ASN E 338 24.76 20.86 18.46
CA ASN E 338 24.16 20.78 17.11
C ASN E 338 22.78 20.12 17.10
N MET E 339 22.36 19.55 18.23
CA MET E 339 20.98 19.09 18.37
C MET E 339 20.02 20.28 18.19
N PRO E 340 18.85 20.07 17.55
CA PRO E 340 17.93 21.19 17.29
C PRO E 340 17.05 21.59 18.50
N PHE E 341 17.52 21.34 19.72
CA PHE E 341 16.84 21.74 20.95
C PHE E 341 17.88 22.04 22.03
N GLU E 342 17.46 22.64 23.13
CA GLU E 342 18.37 22.94 24.23
C GLU E 342 18.78 21.64 24.95
N VAL E 343 20.05 21.59 25.35
CA VAL E 343 20.63 20.42 26.00
C VAL E 343 21.27 20.86 27.31
N THR E 344 21.10 20.07 28.36
CA THR E 344 21.73 20.32 29.66
C THR E 344 22.34 19.01 30.16
N PRO E 345 23.29 19.10 31.11
CA PRO E 345 23.84 17.87 31.69
C PRO E 345 22.81 16.90 32.28
N ASP E 346 21.78 17.43 32.94
CA ASP E 346 20.66 16.60 33.46
C ASP E 346 19.98 15.80 32.35
N LEU E 347 19.74 16.46 31.22
CA LEU E 347 19.07 15.86 30.07
C LEU E 347 19.94 14.77 29.44
N VAL E 348 21.25 15.03 29.34
CA VAL E 348 22.21 14.06 28.80
C VAL E 348 22.43 12.88 29.78
N TYR E 349 22.51 13.17 31.07
CA TYR E 349 22.51 12.11 32.11
C TYR E 349 21.29 11.19 31.94
N ALA E 350 20.11 11.79 31.77
CA ALA E 350 18.86 11.04 31.58
C ALA E 350 18.91 10.17 30.32
N ALA E 351 19.43 10.74 29.23
CA ALA E 351 19.58 10.00 27.96
C ALA E 351 20.53 8.79 28.08
N ILE E 352 21.65 8.98 28.76
CA ILE E 352 22.65 7.92 28.91
C ILE E 352 22.13 6.76 29.76
N VAL E 353 21.60 7.08 30.93
CA VAL E 353 21.12 6.03 31.85
C VAL E 353 19.90 5.32 31.24
N THR E 354 19.04 6.08 30.55
CA THR E 354 17.87 5.51 29.91
C THR E 354 18.24 4.68 28.68
N ALA E 355 19.27 5.10 27.94
CA ALA E 355 19.82 4.28 26.85
C ALA E 355 20.28 2.92 27.37
N ASP E 356 21.00 2.93 28.49
CA ASP E 356 21.40 1.71 29.19
C ASP E 356 20.19 0.85 29.61
N SER E 357 19.14 1.48 30.15
CA SER E 357 17.90 0.75 30.51
C SER E 357 17.20 0.16 29.28
N VAL E 358 17.12 0.93 28.19
CA VAL E 358 16.51 0.45 26.93
C VAL E 358 17.30 -0.74 26.36
N GLY E 359 18.62 -0.66 26.38
CA GLY E 359 19.47 -1.74 25.92
C GLY E 359 19.31 -3.03 26.72
N ARG E 360 19.32 -2.88 28.05
CA ARG E 360 19.09 -4.02 28.95
C ARG E 360 17.72 -4.61 28.67
N TYR E 361 16.72 -3.76 28.52
CA TYR E 361 15.35 -4.18 28.28
C TYR E 361 15.23 -5.05 27.03
N TYR E 362 15.81 -4.60 25.92
CA TYR E 362 15.73 -5.35 24.65
C TYR E 362 16.62 -6.60 24.59
N LYS E 363 17.79 -6.57 25.23
CA LYS E 363 18.60 -7.78 25.41
C LYS E 363 17.85 -8.90 26.14
N GLU E 364 17.12 -8.55 27.19
CA GLU E 364 16.37 -9.53 27.97
C GLU E 364 15.13 -10.01 27.20
N LYS E 365 14.47 -9.11 26.49
CA LYS E 365 13.27 -9.44 25.72
C LYS E 365 13.52 -10.25 24.45
N TRP E 366 14.71 -10.14 23.85
CA TRP E 366 15.03 -10.83 22.57
C TRP E 366 16.00 -12.02 22.65
N MET F 1 -33.39 -5.08 22.27
CA MET F 1 -32.11 -5.74 21.84
C MET F 1 -32.22 -6.81 20.73
N THR F 2 -33.44 -7.10 20.26
CA THR F 2 -33.68 -8.09 19.22
C THR F 2 -33.25 -7.60 17.82
N LYS F 3 -32.62 -8.49 17.05
CA LYS F 3 -32.28 -8.25 15.65
C LYS F 3 -33.18 -9.13 14.78
N ILE F 4 -33.70 -8.56 13.70
CA ILE F 4 -34.57 -9.28 12.77
C ILE F 4 -34.11 -9.02 11.33
N ILE F 5 -34.08 -10.09 10.54
CA ILE F 5 -33.95 -9.99 9.07
C ILE F 5 -35.11 -10.80 8.49
N THR F 6 -35.80 -10.21 7.53
CA THR F 6 -36.92 -10.83 6.85
C THR F 6 -36.63 -10.95 5.36
N SER F 7 -37.32 -11.88 4.71
CA SER F 7 -37.07 -12.18 3.30
C SER F 7 -38.26 -12.87 2.65
N PRO F 8 -38.39 -12.73 1.32
CA PRO F 8 -39.19 -13.69 0.58
C PRO F 8 -38.66 -15.10 0.83
N SER F 9 -39.53 -16.09 0.76
CA SER F 9 -39.12 -17.46 0.98
C SER F 9 -38.19 -17.94 -0.14
N LYS F 10 -38.44 -17.45 -1.36
CA LYS F 10 -37.58 -17.72 -2.51
C LYS F 10 -37.52 -16.47 -3.39
N PHE F 11 -36.31 -16.16 -3.87
CA PHE F 11 -36.12 -15.13 -4.89
C PHE F 11 -35.47 -15.82 -6.09
N ILE F 12 -36.12 -15.72 -7.24
CA ILE F 12 -35.83 -16.56 -8.42
C ILE F 12 -35.61 -15.63 -9.62
N GLN F 13 -34.48 -15.78 -10.29
CA GLN F 13 -34.11 -14.86 -11.37
C GLN F 13 -33.46 -15.58 -12.55
N GLY F 14 -33.86 -15.20 -13.75
CA GLY F 14 -33.34 -15.79 -14.97
C GLY F 14 -34.16 -15.37 -16.18
N PRO F 15 -33.61 -15.57 -17.39
CA PRO F 15 -34.38 -15.26 -18.60
C PRO F 15 -35.51 -16.27 -18.83
N ASP F 16 -36.69 -15.76 -19.23
CA ASP F 16 -37.85 -16.58 -19.60
C ASP F 16 -38.43 -17.42 -18.41
N GLU F 17 -38.25 -16.91 -17.19
CA GLU F 17 -38.80 -17.53 -15.96
C GLU F 17 -40.34 -17.67 -15.94
N LEU F 18 -41.06 -16.74 -16.56
CA LEU F 18 -42.53 -16.84 -16.64
C LEU F 18 -43.02 -18.07 -17.41
N SER F 19 -42.18 -18.60 -18.32
CA SER F 19 -42.48 -19.84 -19.03
C SER F 19 -42.50 -21.05 -18.10
N ARG F 20 -41.91 -20.94 -16.92
CA ARG F 20 -41.98 -21.97 -15.88
C ARG F 20 -42.89 -21.57 -14.70
N LEU F 21 -43.79 -20.61 -14.92
CA LEU F 21 -44.64 -20.11 -13.83
C LEU F 21 -45.46 -21.23 -13.19
N SER F 22 -45.99 -22.13 -14.01
CA SER F 22 -46.76 -23.29 -13.53
C SER F 22 -45.95 -24.20 -12.62
N ALA F 23 -44.67 -24.39 -12.91
CA ALA F 23 -43.80 -25.17 -12.01
C ALA F 23 -43.69 -24.52 -10.62
N TYR F 24 -43.64 -23.20 -10.57
CA TYR F 24 -43.56 -22.46 -9.29
C TYR F 24 -44.90 -22.41 -8.55
N THR F 25 -46.01 -22.10 -9.23
CA THR F 25 -47.33 -22.10 -8.57
C THR F 25 -47.72 -23.48 -8.04
N GLU F 26 -47.38 -24.53 -8.80
CA GLU F 26 -47.60 -25.93 -8.38
C GLU F 26 -46.89 -26.32 -7.06
N ARG F 27 -45.75 -25.69 -6.74
CA ARG F 27 -45.08 -25.94 -5.45
C ARG F 27 -45.86 -25.39 -4.25
N LEU F 28 -46.68 -24.36 -4.48
CA LEU F 28 -47.44 -23.69 -3.42
C LEU F 28 -48.92 -24.10 -3.35
N GLY F 29 -49.52 -24.43 -4.49
CA GLY F 29 -50.91 -24.89 -4.52
C GLY F 29 -51.38 -25.48 -5.85
N LYS F 30 -52.63 -25.97 -5.84
CA LYS F 30 -53.23 -26.62 -7.00
C LYS F 30 -53.86 -25.66 -8.00
N LYS F 31 -54.21 -24.45 -7.58
CA LYS F 31 -54.98 -23.52 -8.41
C LYS F 31 -54.51 -22.07 -8.22
N ALA F 32 -53.90 -21.51 -9.26
CA ALA F 32 -53.35 -20.16 -9.23
C ALA F 32 -54.35 -19.12 -9.71
N PHE F 33 -54.35 -17.97 -9.05
CA PHE F 33 -55.14 -16.80 -9.44
C PHE F 33 -54.12 -15.73 -9.89
N ILE F 34 -54.07 -15.45 -11.18
CA ILE F 34 -53.00 -14.68 -11.79
C ILE F 34 -53.51 -13.29 -12.19
N ILE F 35 -53.09 -12.27 -11.44
CA ILE F 35 -53.55 -10.90 -11.62
C ILE F 35 -52.59 -10.15 -12.54
N ALA F 36 -53.14 -9.47 -13.55
CA ALA F 36 -52.36 -8.64 -14.46
C ALA F 36 -53.28 -7.62 -15.15
N ASP F 37 -52.76 -6.42 -15.43
CA ASP F 37 -53.53 -5.40 -16.15
C ASP F 37 -53.64 -5.72 -17.65
N ASP F 38 -54.35 -4.85 -18.37
CA ASP F 38 -54.57 -5.03 -19.81
C ASP F 38 -53.25 -5.19 -20.59
N PHE F 39 -52.35 -4.21 -20.44
CA PHE F 39 -51.08 -4.22 -21.16
C PHE F 39 -50.23 -5.47 -20.88
N VAL F 40 -50.08 -5.82 -19.61
CA VAL F 40 -49.23 -6.97 -19.22
C VAL F 40 -49.87 -8.29 -19.63
N THR F 41 -51.20 -8.38 -19.59
CA THR F 41 -51.92 -9.58 -20.09
C THR F 41 -51.60 -9.83 -21.58
N GLY F 42 -51.62 -8.77 -22.39
CA GLY F 42 -51.21 -8.86 -23.79
C GLY F 42 -49.73 -9.18 -23.95
N LEU F 43 -48.90 -8.62 -23.08
CA LEU F 43 -47.44 -8.82 -23.15
C LEU F 43 -47.01 -10.26 -22.85
N VAL F 44 -47.49 -10.83 -21.75
CA VAL F 44 -47.04 -12.15 -21.26
C VAL F 44 -48.11 -13.25 -21.23
N GLY F 45 -49.33 -12.92 -21.67
CA GLY F 45 -50.46 -13.85 -21.64
C GLY F 45 -50.18 -15.17 -22.32
N LYS F 46 -49.55 -15.12 -23.50
CA LYS F 46 -49.22 -16.33 -24.25
C LYS F 46 -48.22 -17.22 -23.51
N THR F 47 -47.19 -16.59 -22.92
CA THR F 47 -46.17 -17.31 -22.17
C THR F 47 -46.75 -18.05 -20.96
N VAL F 48 -47.63 -17.35 -20.24
CA VAL F 48 -48.28 -17.91 -19.05
C VAL F 48 -49.18 -19.09 -19.43
N GLU F 49 -50.06 -18.85 -20.41
CA GLU F 49 -50.92 -19.90 -20.99
C GLU F 49 -50.13 -21.14 -21.41
N GLU F 50 -49.04 -20.93 -22.16
CA GLU F 50 -48.19 -22.04 -22.60
C GLU F 50 -47.48 -22.77 -21.45
N SER F 51 -47.19 -22.06 -20.35
CA SER F 51 -46.61 -22.68 -19.15
C SER F 51 -47.52 -23.72 -18.50
N TYR F 52 -48.83 -23.50 -18.58
CA TYR F 52 -49.83 -24.41 -17.99
C TYR F 52 -50.36 -25.52 -18.95
N ALA F 53 -50.17 -25.32 -20.26
CA ALA F 53 -50.61 -26.32 -21.26
C ALA F 53 -49.97 -27.68 -21.00
N GLY F 54 -50.80 -28.72 -20.89
CA GLY F 54 -50.32 -30.06 -20.58
C GLY F 54 -49.90 -30.30 -19.12
N LYS F 55 -50.23 -29.35 -18.24
CA LYS F 55 -49.77 -29.42 -16.83
C LYS F 55 -50.89 -29.63 -15.75
N GLU F 56 -50.69 -30.62 -14.89
CA GLU F 56 -51.75 -31.11 -14.02
C GLU F 56 -52.30 -30.14 -12.94
N THR F 57 -51.60 -29.04 -12.67
CA THR F 57 -52.17 -27.95 -11.83
C THR F 57 -52.99 -26.90 -12.61
N GLY F 58 -53.78 -26.14 -11.87
CA GLY F 58 -54.70 -25.18 -12.43
C GLY F 58 -54.22 -23.73 -12.39
N TYR F 59 -54.89 -22.92 -13.21
CA TYR F 59 -54.78 -21.46 -13.15
C TYR F 59 -56.00 -20.77 -13.76
N GLN F 60 -56.21 -19.50 -13.40
CA GLN F 60 -57.09 -18.61 -14.13
C GLN F 60 -56.51 -17.20 -14.09
N MET F 61 -56.63 -16.50 -15.21
CA MET F 61 -56.22 -15.10 -15.32
C MET F 61 -57.34 -14.23 -14.79
N ALA F 62 -56.97 -13.08 -14.24
CA ALA F 62 -57.92 -12.09 -13.80
C ALA F 62 -57.40 -10.72 -14.21
N LEU F 63 -58.27 -9.92 -14.82
CA LEU F 63 -57.91 -8.60 -15.31
C LEU F 63 -57.90 -7.60 -14.14
N PHE F 64 -56.75 -6.95 -13.95
CA PHE F 64 -56.56 -5.92 -12.91
C PHE F 64 -56.97 -4.56 -13.49
N GLY F 65 -57.75 -3.79 -12.72
CA GLY F 65 -58.23 -2.48 -13.16
C GLY F 65 -57.17 -1.39 -13.22
N GLY F 66 -56.02 -1.61 -12.58
CA GLY F 66 -54.87 -0.70 -12.68
C GLY F 66 -54.54 0.05 -11.39
N GLU F 67 -55.48 0.08 -10.44
CA GLU F 67 -55.29 0.77 -9.17
C GLU F 67 -55.33 -0.20 -7.99
N CYS F 68 -54.34 -0.09 -7.11
CA CYS F 68 -54.32 -0.87 -5.87
C CYS F 68 -55.18 -0.14 -4.85
N SER F 69 -56.48 -0.42 -4.90
CA SER F 69 -57.46 0.18 -3.99
C SER F 69 -58.17 -0.92 -3.22
N LYS F 70 -58.86 -0.53 -2.14
CA LYS F 70 -59.64 -1.48 -1.33
C LYS F 70 -60.79 -2.14 -2.09
N PRO F 71 -61.56 -1.36 -2.90
CA PRO F 71 -62.60 -1.98 -3.73
C PRO F 71 -62.06 -3.02 -4.72
N GLU F 72 -60.99 -2.68 -5.42
CA GLU F 72 -60.36 -3.60 -6.38
C GLU F 72 -59.75 -4.82 -5.66
N ILE F 73 -59.16 -4.63 -4.49
CA ILE F 73 -58.66 -5.75 -3.68
C ILE F 73 -59.81 -6.68 -3.23
N GLU F 74 -60.91 -6.10 -2.77
CA GLU F 74 -62.09 -6.88 -2.35
C GLU F 74 -62.69 -7.67 -3.53
N ARG F 75 -62.84 -7.01 -4.68
CA ARG F 75 -63.37 -7.65 -5.90
C ARG F 75 -62.54 -8.89 -6.27
N LEU F 76 -61.22 -8.73 -6.28
CA LEU F 76 -60.30 -9.83 -6.64
C LEU F 76 -60.23 -10.93 -5.59
N CYS F 77 -60.30 -10.57 -4.31
CA CYS F 77 -60.43 -11.57 -3.22
C CYS F 77 -61.66 -12.47 -3.42
N GLU F 78 -62.79 -11.85 -3.76
CA GLU F 78 -64.06 -12.60 -3.98
C GLU F 78 -63.93 -13.52 -5.18
N MET F 79 -63.47 -12.99 -6.30
CA MET F 79 -63.19 -13.81 -7.48
C MET F 79 -62.26 -14.98 -7.17
N SER F 80 -61.20 -14.71 -6.41
CA SER F 80 -60.23 -15.73 -5.99
C SER F 80 -60.85 -16.84 -5.13
N LYS F 81 -61.67 -16.47 -4.13
CA LYS F 81 -62.42 -17.47 -3.33
C LYS F 81 -63.42 -18.25 -4.19
N SER F 82 -64.14 -17.53 -5.04
CA SER F 82 -65.09 -18.11 -6.01
C SER F 82 -64.46 -19.15 -6.95
N GLU F 83 -63.25 -18.89 -7.43
CA GLU F 83 -62.50 -19.85 -8.27
C GLU F 83 -61.72 -20.90 -7.45
N GLU F 84 -61.85 -20.87 -6.12
CA GLU F 84 -61.16 -21.75 -5.19
C GLU F 84 -59.62 -21.74 -5.32
N ALA F 85 -59.07 -20.55 -5.57
CA ALA F 85 -57.62 -20.39 -5.72
C ALA F 85 -56.92 -20.49 -4.37
N ASP F 86 -55.80 -21.22 -4.35
CA ASP F 86 -54.98 -21.39 -3.13
C ASP F 86 -53.54 -20.82 -3.28
N VAL F 87 -53.31 -20.03 -4.34
CA VAL F 87 -52.08 -19.25 -4.52
C VAL F 87 -52.39 -18.07 -5.46
N VAL F 88 -51.86 -16.90 -5.13
CA VAL F 88 -52.11 -15.69 -5.92
C VAL F 88 -50.80 -15.21 -6.57
N VAL F 89 -50.90 -14.77 -7.83
CA VAL F 89 -49.76 -14.30 -8.58
C VAL F 89 -50.08 -12.89 -9.08
N GLY F 90 -49.11 -11.98 -8.94
CA GLY F 90 -49.18 -10.66 -9.53
C GLY F 90 -48.06 -10.53 -10.56
N ILE F 91 -48.39 -10.00 -11.73
CA ILE F 91 -47.42 -9.82 -12.80
C ILE F 91 -47.57 -8.39 -13.32
N GLY F 92 -46.51 -7.59 -13.22
CA GLY F 92 -46.54 -6.20 -13.69
C GLY F 92 -45.78 -5.25 -12.79
N GLY F 93 -46.25 -4.01 -12.74
CA GLY F 93 -45.66 -2.96 -11.93
C GLY F 93 -46.15 -3.02 -10.48
N GLY F 94 -45.66 -2.07 -9.68
CA GLY F 94 -45.87 -2.02 -8.24
C GLY F 94 -47.32 -2.11 -7.78
N LYS F 95 -48.21 -1.39 -8.47
CA LYS F 95 -49.62 -1.42 -8.11
C LYS F 95 -50.22 -2.84 -8.24
N THR F 96 -49.87 -3.54 -9.33
CA THR F 96 -50.31 -4.93 -9.51
C THR F 96 -49.72 -5.86 -8.44
N LEU F 97 -48.43 -5.72 -8.19
CA LEU F 97 -47.73 -6.59 -7.23
C LEU F 97 -48.30 -6.41 -5.83
N ASP F 98 -48.49 -5.16 -5.43
CA ASP F 98 -49.07 -4.85 -4.12
C ASP F 98 -50.51 -5.36 -3.97
N THR F 99 -51.28 -5.28 -5.05
CA THR F 99 -52.64 -5.83 -5.06
C THR F 99 -52.61 -7.34 -4.81
N ALA F 100 -51.72 -8.04 -5.48
CA ALA F 100 -51.53 -9.48 -5.25
C ALA F 100 -51.13 -9.81 -3.81
N LYS F 101 -50.26 -9.01 -3.22
CA LYS F 101 -49.83 -9.24 -1.83
C LYS F 101 -51.01 -9.06 -0.86
N ALA F 102 -51.77 -7.99 -1.07
CA ALA F 102 -52.99 -7.72 -0.30
C ALA F 102 -54.00 -8.87 -0.40
N VAL F 103 -54.25 -9.35 -1.63
CA VAL F 103 -55.15 -10.49 -1.85
C VAL F 103 -54.68 -11.74 -1.11
N GLY F 104 -53.39 -12.01 -1.13
CA GLY F 104 -52.84 -13.16 -0.42
C GLY F 104 -52.99 -13.04 1.08
N TYR F 105 -52.82 -11.82 1.58
CA TYR F 105 -53.02 -11.51 3.01
C TYR F 105 -54.48 -11.73 3.43
N TYR F 106 -55.43 -11.08 2.73
CA TYR F 106 -56.86 -11.19 3.07
C TYR F 106 -57.43 -12.62 2.92
N ASN F 107 -57.11 -13.31 1.82
CA ASN F 107 -57.53 -14.70 1.61
C ASN F 107 -56.64 -15.73 2.32
N ASN F 108 -55.57 -15.30 2.97
CA ASN F 108 -54.63 -16.19 3.67
C ASN F 108 -54.05 -17.29 2.77
N ILE F 109 -53.57 -16.89 1.60
CA ILE F 109 -52.92 -17.80 0.65
C ILE F 109 -51.52 -17.25 0.28
N PRO F 110 -50.58 -18.17 -0.06
CA PRO F 110 -49.23 -17.71 -0.46
C PRO F 110 -49.26 -16.85 -1.74
N VAL F 111 -48.21 -16.04 -1.92
CA VAL F 111 -48.14 -15.04 -2.99
C VAL F 111 -46.88 -15.18 -3.83
N ILE F 112 -47.02 -14.97 -5.14
CA ILE F 112 -45.91 -14.86 -6.07
C ILE F 112 -46.00 -13.49 -6.72
N VAL F 113 -44.92 -12.71 -6.63
CA VAL F 113 -44.85 -11.43 -7.33
C VAL F 113 -43.81 -11.57 -8.43
N ALA F 114 -44.18 -11.12 -9.63
CA ALA F 114 -43.35 -11.24 -10.80
C ALA F 114 -43.30 -9.88 -11.51
N PRO F 115 -42.38 -8.99 -11.08
CA PRO F 115 -42.28 -7.69 -11.71
C PRO F 115 -41.87 -7.78 -13.17
N THR F 116 -42.44 -6.92 -13.99
CA THR F 116 -42.05 -6.78 -15.39
C THR F 116 -41.06 -5.63 -15.58
N ILE F 117 -40.70 -4.96 -14.49
CA ILE F 117 -39.70 -3.89 -14.46
C ILE F 117 -38.89 -4.04 -13.17
N ALA F 118 -37.72 -3.43 -13.13
CA ALA F 118 -36.84 -3.49 -11.94
C ALA F 118 -36.43 -2.08 -11.55
N SER F 119 -37.45 -1.31 -11.14
CA SER F 119 -37.36 0.14 -10.92
C SER F 119 -37.46 0.56 -9.46
N THR F 120 -37.83 -0.34 -8.56
CA THR F 120 -37.88 -0.02 -7.13
C THR F 120 -37.49 -1.25 -6.33
N ASN F 121 -37.25 -1.06 -5.03
CA ASN F 121 -37.00 -2.18 -4.11
C ASN F 121 -38.26 -2.64 -3.36
N ALA F 122 -39.44 -2.24 -3.83
CA ALA F 122 -40.72 -2.64 -3.21
C ALA F 122 -41.10 -4.13 -3.33
N PRO F 123 -40.80 -4.80 -4.47
CA PRO F 123 -41.32 -6.16 -4.72
C PRO F 123 -41.11 -7.18 -3.61
N THR F 124 -39.93 -7.21 -2.99
CA THR F 124 -39.65 -8.18 -1.94
C THR F 124 -40.29 -7.85 -0.59
N SER F 125 -40.82 -6.64 -0.44
CA SER F 125 -41.20 -6.11 0.88
C SER F 125 -42.59 -6.55 1.34
N ALA F 126 -42.74 -6.64 2.66
CA ALA F 126 -44.01 -6.96 3.32
C ALA F 126 -44.89 -5.70 3.42
N LEU F 127 -45.29 -5.15 2.28
CA LEU F 127 -45.93 -3.84 2.24
C LEU F 127 -46.75 -3.67 0.96
N SER F 128 -47.99 -3.24 1.11
CA SER F 128 -48.82 -2.83 -0.02
C SER F 128 -49.19 -1.37 0.15
N VAL F 129 -48.93 -0.56 -0.86
CA VAL F 129 -49.32 0.85 -0.82
C VAL F 129 -50.71 0.92 -1.42
N ILE F 130 -51.68 1.33 -0.60
CA ILE F 130 -53.09 1.37 -0.99
C ILE F 130 -53.49 2.81 -1.36
N TYR F 131 -54.22 2.94 -2.46
CA TYR F 131 -54.72 4.22 -2.96
C TYR F 131 -56.24 4.22 -2.96
N LYS F 132 -56.84 5.40 -2.91
CA LYS F 132 -58.26 5.58 -3.22
C LYS F 132 -58.46 5.30 -4.71
N GLU F 133 -59.70 5.06 -5.13
CA GLU F 133 -60.01 4.76 -6.53
C GLU F 133 -59.63 5.90 -7.49
N ASN F 134 -59.66 7.14 -6.99
CA ASN F 134 -59.27 8.31 -7.79
C ASN F 134 -57.75 8.53 -7.94
N GLY F 135 -56.93 7.74 -7.23
CA GLY F 135 -55.47 7.79 -7.37
C GLY F 135 -54.71 8.42 -6.21
N GLU F 136 -55.41 9.00 -5.25
CA GLU F 136 -54.76 9.60 -4.07
C GLU F 136 -54.30 8.53 -3.07
N PHE F 137 -53.18 8.78 -2.40
CA PHE F 137 -52.67 7.86 -1.37
C PHE F 137 -53.69 7.67 -0.25
N GLU F 138 -53.96 6.41 0.12
CA GLU F 138 -54.83 6.13 1.26
C GLU F 138 -54.03 5.66 2.46
N GLU F 139 -53.37 4.51 2.36
CA GLU F 139 -52.61 3.98 3.50
C GLU F 139 -51.48 3.00 3.14
N TYR F 140 -50.58 2.81 4.11
CA TYR F 140 -49.57 1.76 4.07
C TYR F 140 -50.14 0.52 4.76
N LEU F 141 -50.36 -0.54 3.99
CA LEU F 141 -50.77 -1.82 4.55
C LEU F 141 -49.56 -2.70 4.83
N MET F 142 -49.23 -2.86 6.12
CA MET F 142 -48.08 -3.66 6.56
C MET F 142 -48.54 -5.11 6.57
N LEU F 143 -47.80 -5.98 5.90
CA LEU F 143 -48.18 -7.38 5.81
C LEU F 143 -47.41 -8.19 6.85
N PRO F 144 -48.00 -9.28 7.36
CA PRO F 144 -47.28 -10.14 8.31
C PRO F 144 -46.06 -10.85 7.71
N LEU F 145 -46.11 -11.13 6.42
CA LEU F 145 -45.04 -11.84 5.73
C LEU F 145 -44.63 -11.16 4.42
N ASN F 146 -43.34 -11.26 4.10
CA ASN F 146 -42.87 -10.91 2.77
C ASN F 146 -43.47 -11.91 1.79
N PRO F 147 -43.70 -11.49 0.53
CA PRO F 147 -44.27 -12.41 -0.46
C PRO F 147 -43.52 -13.73 -0.50
N THR F 148 -44.24 -14.84 -0.71
CA THR F 148 -43.65 -16.17 -0.67
C THR F 148 -42.52 -16.30 -1.71
N PHE F 149 -42.82 -16.02 -2.99
CA PHE F 149 -41.82 -16.05 -4.05
C PHE F 149 -41.78 -14.70 -4.74
N VAL F 150 -40.57 -14.26 -5.10
CA VAL F 150 -40.37 -13.18 -6.05
C VAL F 150 -39.68 -13.79 -7.27
N ILE F 151 -40.24 -13.54 -8.46
CA ILE F 151 -39.72 -14.12 -9.72
C ILE F 151 -39.36 -13.00 -10.70
N MET F 152 -38.09 -12.97 -11.13
CA MET F 152 -37.59 -11.94 -12.06
C MET F 152 -37.27 -12.57 -13.42
N ASP F 153 -38.16 -12.33 -14.38
CA ASP F 153 -37.96 -12.78 -15.77
C ASP F 153 -37.16 -11.68 -16.45
N THR F 154 -35.85 -11.90 -16.55
CA THR F 154 -34.93 -10.86 -17.02
C THR F 154 -35.14 -10.53 -18.50
N LYS F 155 -35.64 -11.49 -19.27
CA LYS F 155 -35.98 -11.26 -20.68
C LYS F 155 -37.14 -10.30 -20.81
N VAL F 156 -38.20 -10.54 -20.04
CA VAL F 156 -39.35 -9.63 -20.02
C VAL F 156 -38.93 -8.25 -19.50
N ILE F 157 -38.14 -8.23 -18.42
CA ILE F 157 -37.70 -6.96 -17.79
C ILE F 157 -36.86 -6.10 -18.73
N ALA F 158 -35.98 -6.74 -19.50
CA ALA F 158 -35.13 -6.02 -20.46
C ALA F 158 -35.93 -5.33 -21.57
N SER F 159 -37.14 -5.79 -21.87
CA SER F 159 -38.00 -5.10 -22.87
C SER F 159 -38.57 -3.75 -22.40
N ALA F 160 -38.53 -3.48 -21.09
CA ALA F 160 -38.93 -2.16 -20.55
C ALA F 160 -37.94 -1.06 -20.94
N PRO F 161 -38.38 0.21 -20.98
CA PRO F 161 -37.42 1.32 -21.22
C PRO F 161 -36.30 1.37 -20.19
N ALA F 162 -35.08 1.65 -20.63
CA ALA F 162 -33.90 1.67 -19.75
C ALA F 162 -34.00 2.69 -18.61
N ARG F 163 -34.74 3.78 -18.85
CA ARG F 163 -35.02 4.75 -17.80
C ARG F 163 -35.52 4.10 -16.51
N LEU F 164 -36.36 3.07 -16.64
CA LEU F 164 -36.89 2.35 -15.50
C LEU F 164 -35.84 1.52 -14.76
N LEU F 165 -34.91 0.91 -15.49
CA LEU F 165 -33.82 0.16 -14.85
C LEU F 165 -32.89 1.11 -14.11
N VAL F 166 -32.59 2.24 -14.74
CA VAL F 166 -31.75 3.30 -14.16
C VAL F 166 -32.41 3.86 -12.91
N SER F 167 -33.72 4.11 -12.97
CA SER F 167 -34.47 4.56 -11.79
C SER F 167 -34.33 3.56 -10.62
N GLY F 168 -34.34 2.27 -10.92
CA GLY F 168 -34.06 1.24 -9.92
C GLY F 168 -32.67 1.30 -9.33
N MET F 169 -31.70 1.74 -10.13
CA MET F 169 -30.35 2.00 -9.62
C MET F 169 -30.35 3.17 -8.62
N GLY F 170 -31.14 4.20 -8.91
CA GLY F 170 -31.30 5.35 -8.01
C GLY F 170 -31.86 4.95 -6.65
N ASP F 171 -32.93 4.15 -6.69
CA ASP F 171 -33.55 3.56 -5.51
C ASP F 171 -32.55 2.71 -4.72
N ALA F 172 -31.81 1.85 -5.44
CA ALA F 172 -30.76 0.99 -4.85
C ALA F 172 -29.59 1.77 -4.22
N LEU F 173 -29.31 2.94 -4.77
CA LEU F 173 -28.18 3.78 -4.34
C LEU F 173 -28.31 4.25 -2.88
N ALA F 174 -29.54 4.49 -2.44
CA ALA F 174 -29.80 4.93 -1.07
C ALA F 174 -29.57 3.87 -0.01
N THR F 175 -29.67 2.59 -0.40
CA THR F 175 -29.81 1.50 0.58
C THR F 175 -28.70 1.42 1.62
N TYR F 176 -27.43 1.45 1.17
CA TYR F 176 -26.30 1.36 2.10
C TYR F 176 -26.24 2.55 3.08
N PHE F 177 -26.45 3.75 2.56
CA PHE F 177 -26.33 4.96 3.36
C PHE F 177 -27.41 5.05 4.43
N GLU F 178 -28.64 4.65 4.06
CA GLU F 178 -29.76 4.63 4.98
C GLU F 178 -29.60 3.55 6.04
N ALA F 179 -29.14 2.37 5.62
CA ALA F 179 -28.88 1.26 6.54
C ALA F 179 -27.71 1.56 7.49
N ARG F 180 -26.64 2.13 6.95
CA ARG F 180 -25.49 2.56 7.75
C ARG F 180 -25.92 3.56 8.84
N ALA F 181 -26.71 4.55 8.44
CA ALA F 181 -27.22 5.55 9.38
C ALA F 181 -28.04 4.92 10.51
N THR F 182 -28.97 4.05 10.14
CA THR F 182 -29.84 3.36 11.08
C THR F 182 -29.05 2.48 12.06
N LYS F 183 -28.08 1.74 11.56
CA LYS F 183 -27.24 0.90 12.42
C LYS F 183 -26.38 1.75 13.37
N ARG F 184 -25.81 2.83 12.85
CA ARG F 184 -25.06 3.82 13.67
C ARG F 184 -25.94 4.37 14.79
N ALA F 185 -27.17 4.74 14.45
CA ALA F 185 -28.15 5.23 15.41
C ALA F 185 -28.66 4.18 16.40
N ASN F 186 -28.39 2.90 16.16
CA ASN F 186 -28.97 1.80 16.94
C ASN F 186 -30.51 1.79 16.91
N LYS F 187 -31.08 2.23 15.79
CA LYS F 187 -32.53 2.31 15.58
C LYS F 187 -33.03 1.05 14.88
N THR F 188 -34.36 0.95 14.74
CA THR F 188 -35.01 -0.25 14.24
C THR F 188 -35.49 -0.07 12.81
N THR F 189 -35.74 -1.22 12.17
CA THR F 189 -36.08 -1.31 10.75
C THR F 189 -37.56 -1.65 10.54
N MET F 190 -38.02 -1.60 9.28
CA MET F 190 -39.35 -2.13 8.91
C MET F 190 -39.55 -3.61 9.28
N ALA F 191 -38.48 -4.39 9.29
CA ALA F 191 -38.52 -5.78 9.77
C ALA F 191 -38.81 -5.92 11.27
N GLY F 192 -38.67 -4.82 12.04
CA GLY F 192 -39.18 -4.74 13.41
C GLY F 192 -38.15 -4.87 14.54
N GLY F 193 -36.87 -4.95 14.18
CA GLY F 193 -35.81 -5.01 15.17
C GLY F 193 -34.63 -4.16 14.76
N ARG F 194 -33.51 -4.36 15.45
CA ARG F 194 -32.25 -3.75 15.07
C ARG F 194 -31.60 -4.50 13.89
N VAL F 195 -30.53 -3.91 13.35
CA VAL F 195 -29.96 -4.32 12.08
C VAL F 195 -29.00 -5.50 12.24
N THR F 196 -29.27 -6.59 11.50
CA THR F 196 -28.35 -7.74 11.45
C THR F 196 -27.09 -7.41 10.63
N GLU F 197 -26.04 -8.19 10.86
CA GLU F 197 -24.84 -8.11 10.03
C GLU F 197 -25.13 -8.52 8.59
N ALA F 198 -26.01 -9.52 8.41
CA ALA F 198 -26.44 -9.93 7.07
C ALA F 198 -27.04 -8.78 6.27
N ALA F 199 -27.94 -8.00 6.87
CA ALA F 199 -28.64 -6.93 6.14
C ALA F 199 -27.71 -5.77 5.73
N ILE F 200 -26.81 -5.37 6.63
CA ILE F 200 -25.86 -4.29 6.31
C ILE F 200 -24.85 -4.76 5.23
N ALA F 201 -24.44 -6.03 5.30
CA ALA F 201 -23.58 -6.62 4.26
C ALA F 201 -24.26 -6.66 2.88
N LEU F 202 -25.53 -7.02 2.84
CA LEU F 202 -26.31 -7.01 1.59
C LEU F 202 -26.55 -5.58 1.06
N ALA F 203 -26.78 -4.64 1.98
CA ALA F 203 -26.89 -3.23 1.61
C ALA F 203 -25.59 -2.67 1.00
N LYS F 204 -24.47 -3.04 1.61
CA LYS F 204 -23.14 -2.63 1.13
C LYS F 204 -22.85 -3.24 -0.26
N LEU F 205 -23.12 -4.54 -0.42
CA LEU F 205 -23.00 -5.19 -1.73
C LEU F 205 -23.89 -4.53 -2.78
N CYS F 206 -25.08 -4.11 -2.36
CA CYS F 206 -26.00 -3.40 -3.25
C CYS F 206 -25.32 -2.16 -3.83
N TYR F 207 -24.80 -1.30 -2.96
CA TYR F 207 -24.09 -0.08 -3.37
C TYR F 207 -22.90 -0.36 -4.29
N ASP F 208 -22.03 -1.26 -3.85
CA ASP F 208 -20.85 -1.67 -4.62
C ASP F 208 -21.21 -2.18 -6.01
N THR F 209 -22.30 -2.95 -6.12
CA THR F 209 -22.77 -3.48 -7.40
C THR F 209 -23.24 -2.35 -8.33
N GLN F 210 -23.91 -1.34 -7.79
CA GLN F 210 -24.32 -0.19 -8.60
C GLN F 210 -23.10 0.52 -9.20
N ILE F 211 -22.09 0.78 -8.37
CA ILE F 211 -20.87 1.49 -8.80
C ILE F 211 -20.11 0.68 -9.86
N LEU F 212 -19.90 -0.61 -9.62
CA LEU F 212 -19.16 -1.47 -10.55
C LEU F 212 -19.92 -1.83 -11.85
N GLU F 213 -21.24 -1.99 -11.76
CA GLU F 213 -22.04 -2.62 -12.82
C GLU F 213 -23.08 -1.74 -13.51
N GLY F 214 -23.47 -0.61 -12.90
CA GLY F 214 -24.60 0.16 -13.39
C GLY F 214 -24.50 0.65 -14.83
N LEU F 215 -23.33 1.20 -15.17
CA LEU F 215 -23.09 1.72 -16.51
C LEU F 215 -23.09 0.60 -17.56
N LYS F 216 -22.37 -0.48 -17.29
CA LYS F 216 -22.37 -1.66 -18.17
C LYS F 216 -23.78 -2.21 -18.40
N ALA F 217 -24.57 -2.24 -17.33
CA ALA F 217 -25.96 -2.69 -17.40
C ALA F 217 -26.80 -1.72 -18.21
N LYS F 218 -26.66 -0.41 -17.97
CA LYS F 218 -27.41 0.58 -18.76
C LYS F 218 -27.15 0.45 -20.26
N LEU F 219 -25.88 0.34 -20.66
CA LEU F 219 -25.53 0.25 -22.08
C LEU F 219 -26.17 -0.93 -22.81
N ALA F 220 -26.32 -2.05 -22.09
CA ALA F 220 -27.05 -3.21 -22.58
C ALA F 220 -28.57 -3.01 -22.58
N ALA F 221 -29.12 -2.47 -21.48
CA ALA F 221 -30.57 -2.31 -21.33
C ALA F 221 -31.19 -1.27 -22.25
N GLU F 222 -30.43 -0.24 -22.63
CA GLU F 222 -30.83 0.71 -23.68
C GLU F 222 -31.20 0.06 -25.00
N LYS F 223 -30.56 -1.07 -25.33
CA LYS F 223 -30.87 -1.84 -26.53
C LYS F 223 -31.77 -3.04 -26.23
N HIS F 224 -32.36 -3.05 -25.04
CA HIS F 224 -33.22 -4.11 -24.57
C HIS F 224 -32.57 -5.49 -24.56
N LEU F 225 -31.29 -5.52 -24.21
CA LEU F 225 -30.51 -6.75 -24.19
C LEU F 225 -30.13 -7.13 -22.78
N VAL F 226 -29.99 -8.43 -22.54
CA VAL F 226 -29.62 -8.97 -21.24
C VAL F 226 -28.18 -9.48 -21.28
N THR F 227 -27.31 -8.80 -20.53
CA THR F 227 -25.97 -9.30 -20.21
C THR F 227 -25.91 -9.66 -18.73
N GLU F 228 -24.82 -10.29 -18.31
CA GLU F 228 -24.61 -10.61 -16.90
C GLU F 228 -24.57 -9.35 -16.00
N ALA F 229 -24.18 -8.21 -16.56
CA ALA F 229 -24.24 -6.94 -15.85
C ALA F 229 -25.68 -6.57 -15.53
N VAL F 230 -26.57 -6.80 -16.51
CA VAL F 230 -28.00 -6.54 -16.31
C VAL F 230 -28.54 -7.51 -15.26
N GLU F 231 -28.14 -8.78 -15.32
CA GLU F 231 -28.50 -9.78 -14.31
C GLU F 231 -28.10 -9.33 -12.89
N LYS F 232 -26.88 -8.85 -12.73
CA LYS F 232 -26.40 -8.43 -11.40
C LYS F 232 -27.15 -7.19 -10.87
N ILE F 233 -27.44 -6.25 -11.77
CA ILE F 233 -28.18 -5.04 -11.42
C ILE F 233 -29.62 -5.35 -11.05
N ILE F 234 -30.27 -6.26 -11.78
CA ILE F 234 -31.63 -6.67 -11.44
C ILE F 234 -31.67 -7.30 -10.03
N GLU F 235 -30.70 -8.16 -9.72
CA GLU F 235 -30.58 -8.73 -8.38
C GLU F 235 -30.34 -7.62 -7.33
N ALA F 236 -29.43 -6.69 -7.63
CA ALA F 236 -29.13 -5.59 -6.72
C ALA F 236 -30.32 -4.64 -6.48
N ASN F 237 -30.98 -4.26 -7.57
CA ASN F 237 -32.18 -3.42 -7.52
C ASN F 237 -33.34 -4.03 -6.76
N THR F 238 -33.40 -5.36 -6.68
CA THR F 238 -34.56 -6.05 -6.14
C THR F 238 -34.26 -6.78 -4.83
N TYR F 239 -33.44 -7.80 -4.85
CA TYR F 239 -33.18 -8.56 -3.62
C TYR F 239 -32.28 -7.79 -2.66
N LEU F 240 -31.09 -7.42 -3.12
CA LEU F 240 -30.09 -6.79 -2.24
C LEU F 240 -30.62 -5.49 -1.63
N SER F 241 -31.17 -4.63 -2.48
CA SER F 241 -31.77 -3.37 -2.04
C SER F 241 -33.04 -3.58 -1.22
N GLY F 242 -33.83 -4.58 -1.59
CA GLY F 242 -35.06 -4.92 -0.87
C GLY F 242 -34.81 -5.38 0.56
N ILE F 243 -33.93 -6.37 0.74
CA ILE F 243 -33.57 -6.85 2.07
C ILE F 243 -32.77 -5.76 2.81
N GLY F 244 -31.87 -5.10 2.09
CA GLY F 244 -31.04 -4.03 2.65
C GLY F 244 -31.83 -2.89 3.25
N SER F 245 -32.87 -2.44 2.56
CA SER F 245 -33.65 -1.30 3.08
C SER F 245 -34.68 -1.75 4.12
N GLU F 246 -35.43 -2.81 3.85
CA GLU F 246 -36.44 -3.28 4.79
C GLU F 246 -35.86 -3.83 6.10
N SER F 247 -34.77 -4.60 6.02
CA SER F 247 -34.12 -5.15 7.22
C SER F 247 -32.87 -4.37 7.68
N GLY F 248 -32.47 -3.33 6.94
CA GLY F 248 -31.34 -2.47 7.33
C GLY F 248 -31.71 -1.06 7.75
N GLY F 249 -32.84 -0.56 7.26
CA GLY F 249 -33.43 0.69 7.74
C GLY F 249 -33.52 1.74 6.66
N LEU F 250 -34.59 2.53 6.69
CA LEU F 250 -34.68 3.72 5.87
C LEU F 250 -34.28 4.93 6.74
N ALA F 251 -34.02 6.06 6.08
CA ALA F 251 -33.54 7.25 6.77
C ALA F 251 -33.89 8.53 5.98
N ALA F 252 -32.93 9.42 5.75
CA ALA F 252 -33.24 10.76 5.25
C ALA F 252 -33.63 10.76 3.78
N ALA F 253 -33.00 9.88 3.00
CA ALA F 253 -33.25 9.84 1.55
C ALA F 253 -34.70 9.52 1.18
N HIS F 254 -35.27 8.52 1.83
CA HIS F 254 -36.70 8.18 1.62
C HIS F 254 -37.63 9.25 2.18
N ALA F 255 -37.29 9.81 3.35
CA ALA F 255 -38.07 10.92 3.91
C ALA F 255 -38.06 12.12 2.99
N ILE F 256 -36.89 12.46 2.44
CA ILE F 256 -36.76 13.56 1.49
C ILE F 256 -37.50 13.25 0.18
N HIS F 257 -37.44 12.00 -0.29
CA HIS F 257 -38.30 11.54 -1.40
C HIS F 257 -39.79 11.88 -1.15
N ASN F 258 -40.28 11.56 0.05
CA ASN F 258 -41.69 11.80 0.41
C ASN F 258 -42.01 13.28 0.44
N GLY F 259 -41.14 14.06 1.05
CA GLY F 259 -41.30 15.52 1.08
C GLY F 259 -41.36 16.21 -0.27
N LEU F 260 -40.66 15.66 -1.25
CA LEU F 260 -40.64 16.23 -2.60
C LEU F 260 -42.01 16.18 -3.31
N THR F 261 -42.97 15.40 -2.80
CA THR F 261 -44.34 15.36 -3.34
C THR F 261 -45.01 16.76 -3.35
N VAL F 262 -44.61 17.61 -2.40
CA VAL F 262 -45.00 19.03 -2.35
C VAL F 262 -44.70 19.77 -3.66
N LEU F 263 -43.56 19.46 -4.28
CA LEU F 263 -43.22 20.05 -5.58
C LEU F 263 -43.89 19.28 -6.72
N GLU F 264 -44.95 19.88 -7.27
CA GLU F 264 -45.78 19.29 -8.33
C GLU F 264 -44.99 18.92 -9.59
N GLU F 265 -44.02 19.76 -9.97
CA GLU F 265 -43.10 19.47 -11.09
C GLU F 265 -42.34 18.13 -10.99
N THR F 266 -42.17 17.59 -9.77
CA THR F 266 -41.44 16.33 -9.58
C THR F 266 -42.30 15.08 -9.66
N HIS F 267 -43.62 15.22 -9.80
CA HIS F 267 -44.53 14.06 -9.91
C HIS F 267 -44.30 13.23 -11.18
N HIS F 268 -43.80 13.84 -12.25
CA HIS F 268 -43.45 13.09 -13.47
C HIS F 268 -42.14 12.26 -13.34
N MET F 269 -41.36 12.47 -12.29
CA MET F 269 -40.15 11.68 -12.03
C MET F 269 -40.50 10.41 -11.27
N TYR F 270 -39.79 9.33 -11.58
CA TYR F 270 -40.04 8.06 -10.91
C TYR F 270 -39.44 8.03 -9.50
N HIS F 271 -39.87 7.04 -8.74
CA HIS F 271 -39.53 6.88 -7.31
C HIS F 271 -38.01 6.92 -7.10
N GLY F 272 -37.29 6.04 -7.80
CA GLY F 272 -35.85 5.92 -7.60
C GLY F 272 -35.00 7.08 -8.08
N GLU F 273 -35.51 7.80 -9.09
CA GLU F 273 -34.87 9.03 -9.56
C GLU F 273 -34.87 10.08 -8.45
N LYS F 274 -36.00 10.23 -7.77
CA LYS F 274 -36.10 11.15 -6.64
C LYS F 274 -35.30 10.66 -5.42
N VAL F 275 -35.27 9.35 -5.19
CA VAL F 275 -34.46 8.77 -4.11
C VAL F 275 -32.97 9.03 -4.35
N ALA F 276 -32.52 9.01 -5.62
CA ALA F 276 -31.13 9.32 -5.95
C ALA F 276 -30.72 10.70 -5.46
N PHE F 277 -31.59 11.70 -5.70
CA PHE F 277 -31.33 13.06 -5.24
C PHE F 277 -31.44 13.15 -3.72
N GLY F 278 -32.42 12.47 -3.15
CA GLY F 278 -32.55 12.33 -1.70
C GLY F 278 -31.32 11.73 -1.03
N THR F 279 -30.64 10.82 -1.73
CA THR F 279 -29.40 10.25 -1.24
C THR F 279 -28.31 11.31 -1.16
N LEU F 280 -28.21 12.16 -2.18
CA LEU F 280 -27.24 13.24 -2.18
C LEU F 280 -27.51 14.19 -1.02
N ALA F 281 -28.78 14.55 -0.82
CA ALA F 281 -29.20 15.36 0.32
C ALA F 281 -28.85 14.71 1.65
N GLN F 282 -29.05 13.39 1.78
CA GLN F 282 -28.63 12.70 3.01
C GLN F 282 -27.13 12.85 3.24
N LEU F 283 -26.34 12.71 2.17
CA LEU F 283 -24.89 12.80 2.31
C LEU F 283 -24.41 14.19 2.78
N ILE F 284 -25.08 15.24 2.33
CA ILE F 284 -24.84 16.60 2.84
C ILE F 284 -25.25 16.69 4.31
N LEU F 285 -26.45 16.19 4.62
CA LEU F 285 -26.99 16.23 5.98
C LEU F 285 -26.06 15.57 7.00
N GLU F 286 -25.59 14.36 6.69
CA GLU F 286 -24.63 13.65 7.57
C GLU F 286 -23.18 14.11 7.36
N ASP F 287 -22.98 14.98 6.36
CA ASP F 287 -21.69 15.52 5.98
C ASP F 287 -20.69 14.41 5.68
N ALA F 288 -21.10 13.51 4.78
CA ALA F 288 -20.24 12.44 4.29
C ALA F 288 -18.98 13.05 3.65
N PRO F 289 -17.86 12.30 3.63
CA PRO F 289 -16.64 12.85 3.02
C PRO F 289 -16.86 13.27 1.58
N LYS F 290 -16.18 14.34 1.16
CA LYS F 290 -16.26 14.82 -0.22
C LYS F 290 -15.99 13.70 -1.25
N ALA F 291 -15.10 12.75 -0.92
CA ALA F 291 -14.79 11.61 -1.80
C ALA F 291 -15.99 10.71 -2.04
N GLU F 292 -16.75 10.45 -0.98
CA GLU F 292 -18.00 9.67 -1.04
C GLU F 292 -19.07 10.39 -1.87
N ILE F 293 -19.19 11.70 -1.70
CA ILE F 293 -20.14 12.52 -2.49
C ILE F 293 -19.78 12.51 -3.98
N GLU F 294 -18.50 12.69 -4.28
CA GLU F 294 -18.03 12.67 -5.66
C GLU F 294 -18.28 11.33 -6.35
N GLU F 295 -18.07 10.22 -5.63
CA GLU F 295 -18.33 8.90 -6.19
C GLU F 295 -19.84 8.72 -6.54
N VAL F 296 -20.72 9.20 -5.67
CA VAL F 296 -22.18 9.14 -5.92
C VAL F 296 -22.61 10.04 -7.08
N VAL F 297 -22.15 11.28 -7.07
CA VAL F 297 -22.55 12.24 -8.11
C VAL F 297 -22.02 11.77 -9.46
N SER F 298 -20.80 11.26 -9.48
CA SER F 298 -20.15 10.74 -10.69
C SER F 298 -20.93 9.56 -11.28
N PHE F 299 -21.25 8.59 -10.42
CA PHE F 299 -22.08 7.47 -10.84
C PHE F 299 -23.43 7.95 -11.43
N CYS F 300 -24.10 8.87 -10.73
CA CYS F 300 -25.40 9.38 -11.17
C CYS F 300 -25.31 10.06 -12.55
N LEU F 301 -24.29 10.88 -12.75
CA LEU F 301 -24.07 11.51 -14.05
C LEU F 301 -23.76 10.49 -15.16
N SER F 302 -23.04 9.42 -14.83
CA SER F 302 -22.72 8.39 -15.82
C SER F 302 -23.95 7.63 -16.33
N VAL F 303 -24.95 7.41 -15.48
CA VAL F 303 -26.16 6.64 -15.87
C VAL F 303 -27.41 7.47 -16.11
N GLY F 304 -27.36 8.78 -15.83
CA GLY F 304 -28.48 9.69 -16.11
C GLY F 304 -29.45 9.86 -14.96
N LEU F 305 -28.99 9.67 -13.72
CA LEU F 305 -29.79 9.93 -12.53
C LEU F 305 -29.68 11.41 -12.16
N PRO F 306 -30.75 11.99 -11.58
CA PRO F 306 -30.72 13.40 -11.20
C PRO F 306 -29.81 13.71 -9.98
N VAL F 307 -29.06 14.80 -10.07
CA VAL F 307 -28.26 15.33 -8.96
C VAL F 307 -28.59 16.80 -8.59
N THR F 308 -29.66 17.35 -9.17
CA THR F 308 -30.15 18.68 -8.83
C THR F 308 -31.66 18.67 -8.80
N LEU F 309 -32.24 19.71 -8.22
CA LEU F 309 -33.68 19.96 -8.28
C LEU F 309 -34.13 20.23 -9.71
N GLY F 310 -33.29 20.91 -10.48
CA GLY F 310 -33.49 21.07 -11.93
C GLY F 310 -33.70 19.76 -12.67
N ASP F 311 -32.85 18.77 -12.37
CA ASP F 311 -32.99 17.43 -12.99
C ASP F 311 -34.32 16.74 -12.65
N LEU F 312 -34.95 17.14 -11.54
CA LEU F 312 -36.30 16.68 -11.18
C LEU F 312 -37.44 17.53 -11.75
N GLY F 313 -37.12 18.52 -12.61
CA GLY F 313 -38.13 19.39 -13.23
C GLY F 313 -38.39 20.72 -12.56
N VAL F 314 -37.69 21.00 -11.45
CA VAL F 314 -37.89 22.25 -10.69
C VAL F 314 -37.09 23.35 -11.37
N LYS F 315 -37.79 24.26 -12.07
CA LYS F 315 -37.13 25.33 -12.84
C LYS F 315 -36.65 26.48 -11.96
N GLU F 316 -37.32 26.74 -10.84
CA GLU F 316 -36.98 27.84 -9.91
C GLU F 316 -36.94 27.36 -8.48
N LEU F 317 -35.86 27.70 -7.77
CA LEU F 317 -35.80 27.51 -6.32
C LEU F 317 -36.75 28.50 -5.67
N ASN F 318 -37.77 27.98 -4.99
CA ASN F 318 -38.76 28.77 -4.27
C ASN F 318 -38.58 28.44 -2.80
N GLU F 319 -38.28 29.45 -1.99
CA GLU F 319 -38.01 29.23 -0.56
C GLU F 319 -39.23 28.65 0.16
N GLU F 320 -40.42 29.20 -0.10
CA GLU F 320 -41.64 28.76 0.60
C GLU F 320 -41.94 27.29 0.31
N LYS F 321 -41.82 26.90 -0.97
CA LYS F 321 -42.06 25.52 -1.37
C LYS F 321 -41.05 24.55 -0.77
N LEU F 322 -39.77 24.94 -0.83
CA LEU F 322 -38.69 24.10 -0.30
C LEU F 322 -38.76 23.94 1.22
N ARG F 323 -39.24 24.97 1.93
CA ARG F 323 -39.53 24.84 3.37
C ARG F 323 -40.58 23.76 3.63
N LYS F 324 -41.62 23.75 2.80
CA LYS F 324 -42.69 22.75 2.93
C LYS F 324 -42.16 21.34 2.68
N VAL F 325 -41.28 21.21 1.68
CA VAL F 325 -40.58 19.94 1.41
C VAL F 325 -39.83 19.46 2.67
N ALA F 326 -39.08 20.36 3.29
CA ALA F 326 -38.33 20.05 4.50
C ALA F 326 -39.24 19.71 5.68
N GLU F 327 -40.33 20.47 5.84
CA GLU F 327 -41.31 20.22 6.91
C GLU F 327 -41.98 18.86 6.75
N LEU F 328 -42.41 18.55 5.53
CA LEU F 328 -43.02 17.23 5.26
C LEU F 328 -42.02 16.09 5.45
N SER F 329 -40.75 16.30 5.09
CA SER F 329 -39.69 15.31 5.32
C SER F 329 -39.49 15.00 6.81
N CYS F 330 -39.75 16.00 7.67
CA CYS F 330 -39.61 15.88 9.12
C CYS F 330 -40.91 15.62 9.89
N ALA F 331 -42.01 15.26 9.20
CA ALA F 331 -43.28 14.93 9.87
C ALA F 331 -43.10 13.83 10.92
N GLU F 332 -44.00 13.82 11.90
CA GLU F 332 -43.99 12.89 13.01
C GLU F 332 -44.08 11.49 12.35
N GLY F 333 -43.17 10.66 12.78
CA GLY F 333 -43.08 9.25 12.29
C GLY F 333 -42.19 9.01 11.08
N GLU F 334 -41.70 10.07 10.42
CA GLU F 334 -40.82 9.90 9.26
C GLU F 334 -39.50 9.18 9.58
N THR F 335 -38.93 8.58 8.55
CA THR F 335 -37.72 7.77 8.67
C THR F 335 -36.44 8.62 8.84
N ILE F 336 -36.54 9.92 8.60
CA ILE F 336 -35.42 10.84 8.81
C ILE F 336 -34.88 10.81 10.24
N TYR F 337 -35.70 10.46 11.21
CA TYR F 337 -35.26 10.35 12.61
C TYR F 337 -34.42 9.12 12.91
N ASN F 338 -34.19 8.26 11.93
CA ASN F 338 -33.20 7.16 12.06
C ASN F 338 -31.75 7.63 11.85
N MET F 339 -31.56 8.88 11.43
CA MET F 339 -30.22 9.48 11.42
C MET F 339 -29.66 9.49 12.85
N PRO F 340 -28.34 9.25 13.02
CA PRO F 340 -27.77 9.20 14.39
C PRO F 340 -27.49 10.58 15.03
N PHE F 341 -28.23 11.61 14.62
CA PHE F 341 -28.13 12.95 15.19
C PHE F 341 -29.51 13.62 15.13
N GLU F 342 -29.67 14.75 15.83
CA GLU F 342 -30.92 15.49 15.80
C GLU F 342 -31.13 16.15 14.45
N VAL F 343 -32.38 16.14 13.99
CA VAL F 343 -32.77 16.69 12.69
C VAL F 343 -33.88 17.72 12.88
N THR F 344 -33.79 18.83 12.16
CA THR F 344 -34.84 19.86 12.18
C THR F 344 -35.14 20.26 10.74
N PRO F 345 -36.32 20.86 10.50
CA PRO F 345 -36.63 21.35 9.16
C PRO F 345 -35.60 22.30 8.55
N ASP F 346 -35.04 23.20 9.36
CA ASP F 346 -33.95 24.10 8.92
C ASP F 346 -32.74 23.33 8.40
N LEU F 347 -32.37 22.27 9.13
CA LEU F 347 -31.21 21.44 8.78
C LEU F 347 -31.46 20.66 7.48
N VAL F 348 -32.68 20.14 7.32
CA VAL F 348 -33.08 19.42 6.11
C VAL F 348 -33.21 20.37 4.90
N TYR F 349 -33.80 21.56 5.12
CA TYR F 349 -33.79 22.62 4.10
C TYR F 349 -32.36 22.91 3.62
N ALA F 350 -31.45 23.06 4.57
CA ALA F 350 -30.04 23.33 4.25
C ALA F 350 -29.40 22.19 3.45
N ALA F 351 -29.69 20.95 3.84
CA ALA F 351 -29.20 19.76 3.11
C ALA F 351 -29.72 19.69 1.65
N ILE F 352 -31.00 19.97 1.46
CA ILE F 352 -31.63 19.90 0.14
C ILE F 352 -31.07 20.96 -0.81
N VAL F 353 -31.05 22.21 -0.36
CA VAL F 353 -30.59 23.31 -1.21
C VAL F 353 -29.10 23.16 -1.50
N THR F 354 -28.34 22.72 -0.49
CA THR F 354 -26.90 22.50 -0.66
C THR F 354 -26.61 21.28 -1.54
N ALA F 355 -27.43 20.24 -1.45
CA ALA F 355 -27.32 19.11 -2.38
C ALA F 355 -27.50 19.57 -3.83
N ASP F 356 -28.49 20.43 -4.06
CA ASP F 356 -28.70 21.07 -5.35
C ASP F 356 -27.48 21.90 -5.79
N SER F 357 -26.90 22.68 -4.88
CA SER F 357 -25.67 23.46 -5.18
C SER F 357 -24.48 22.53 -5.52
N VAL F 358 -24.29 21.47 -4.74
CA VAL F 358 -23.22 20.49 -4.97
C VAL F 358 -23.38 19.81 -6.34
N GLY F 359 -24.61 19.41 -6.67
CA GLY F 359 -24.91 18.81 -7.97
C GLY F 359 -24.62 19.72 -9.15
N ARG F 360 -25.08 20.98 -9.04
CA ARG F 360 -24.82 21.99 -10.06
C ARG F 360 -23.32 22.19 -10.20
N TYR F 361 -22.63 22.27 -9.07
CA TYR F 361 -21.18 22.49 -9.04
C TYR F 361 -20.43 21.40 -9.82
N TYR F 362 -20.74 20.14 -9.56
CA TYR F 362 -20.05 19.01 -10.21
C TYR F 362 -20.46 18.80 -11.67
N LYS F 363 -21.73 19.05 -12.02
CA LYS F 363 -22.16 19.07 -13.42
C LYS F 363 -21.36 20.08 -14.27
N GLU F 364 -21.14 21.27 -13.73
CA GLU F 364 -20.42 22.31 -14.44
C GLU F 364 -18.92 22.00 -14.52
N LYS F 365 -18.37 21.46 -13.43
CA LYS F 365 -16.94 21.13 -13.36
C LYS F 365 -16.54 19.90 -14.20
N TRP F 366 -17.46 18.95 -14.45
CA TRP F 366 -17.13 17.70 -15.18
C TRP F 366 -17.69 17.59 -16.61
N MET G 1 12.97 25.83 28.20
CA MET G 1 12.40 24.45 28.03
C MET G 1 10.90 24.28 28.34
N THR G 2 10.23 25.34 28.81
CA THR G 2 8.81 25.28 29.15
C THR G 2 7.90 25.26 27.91
N LYS G 3 6.86 24.42 27.95
CA LYS G 3 5.82 24.37 26.93
C LYS G 3 4.54 24.94 27.53
N ILE G 4 3.84 25.78 26.76
CA ILE G 4 2.59 26.40 27.19
C ILE G 4 1.53 26.26 26.09
N ILE G 5 0.32 25.89 26.51
CA ILE G 5 -0.88 25.99 25.65
C ILE G 5 -1.90 26.79 26.44
N THR G 6 -2.51 27.77 25.78
CA THR G 6 -3.52 28.62 26.36
C THR G 6 -4.83 28.49 25.59
N SER G 7 -5.93 28.82 26.26
CA SER G 7 -7.26 28.63 25.70
C SER G 7 -8.28 29.54 26.37
N PRO G 8 -9.38 29.86 25.65
CA PRO G 8 -10.58 30.30 26.35
C PRO G 8 -11.00 29.24 27.35
N SER G 9 -11.66 29.64 28.42
CA SER G 9 -12.12 28.70 29.43
C SER G 9 -13.22 27.80 28.87
N LYS G 10 -14.06 28.35 27.97
CA LYS G 10 -15.06 27.58 27.27
C LYS G 10 -15.19 28.11 25.84
N PHE G 11 -15.30 27.18 24.88
CA PHE G 11 -15.64 27.53 23.51
C PHE G 11 -16.95 26.79 23.19
N ILE G 12 -17.96 27.55 22.78
CA ILE G 12 -19.35 27.10 22.71
C ILE G 12 -19.90 27.39 21.32
N GLN G 13 -20.42 26.37 20.64
CA GLN G 13 -20.84 26.52 19.24
C GLN G 13 -22.14 25.77 18.96
N GLY G 14 -23.03 26.42 18.22
CA GLY G 14 -24.32 25.85 17.86
C GLY G 14 -25.25 26.90 17.26
N PRO G 15 -26.33 26.45 16.59
CA PRO G 15 -27.28 27.41 16.05
C PRO G 15 -28.13 28.06 17.17
N ASP G 16 -28.34 29.38 17.05
CA ASP G 16 -29.20 30.16 17.97
C ASP G 16 -28.67 30.22 19.42
N GLU G 17 -27.35 30.12 19.58
CA GLU G 17 -26.67 30.25 20.88
C GLU G 17 -26.89 31.59 21.62
N LEU G 18 -27.05 32.69 20.87
CA LEU G 18 -27.33 33.99 21.49
C LEU G 18 -28.67 34.03 22.25
N SER G 19 -29.60 33.16 21.87
CA SER G 19 -30.88 33.02 22.60
C SER G 19 -30.68 32.44 24.00
N ARG G 20 -29.53 31.83 24.27
CA ARG G 20 -29.16 31.38 25.61
C ARG G 20 -28.05 32.24 26.24
N LEU G 21 -27.87 33.46 25.75
CA LEU G 21 -26.78 34.32 26.24
C LEU G 21 -26.87 34.54 27.75
N SER G 22 -28.09 34.77 28.24
CA SER G 22 -28.34 34.96 29.67
C SER G 22 -27.92 33.76 30.52
N ALA G 23 -28.11 32.55 30.01
CA ALA G 23 -27.63 31.35 30.72
C ALA G 23 -26.11 31.35 30.88
N TYR G 24 -25.40 31.83 29.85
CA TYR G 24 -23.92 31.90 29.90
C TYR G 24 -23.40 33.07 30.77
N THR G 25 -23.96 34.27 30.61
CA THR G 25 -23.54 35.40 31.46
C THR G 25 -23.83 35.15 32.94
N GLU G 26 -24.96 34.52 33.25
CA GLU G 26 -25.31 34.13 34.63
C GLU G 26 -24.30 33.18 35.30
N ARG G 27 -23.58 32.35 34.54
CA ARG G 27 -22.52 31.51 35.10
C ARG G 27 -21.30 32.31 35.58
N LEU G 28 -21.08 33.48 35.01
CA LEU G 28 -19.93 34.33 35.31
C LEU G 28 -20.23 35.50 36.24
N GLY G 29 -21.44 36.05 36.16
CA GLY G 29 -21.86 37.15 37.04
C GLY G 29 -23.35 37.48 37.02
N LYS G 30 -23.73 38.41 37.89
CA LYS G 30 -25.12 38.85 38.06
C LYS G 30 -25.57 39.91 37.07
N LYS G 31 -24.64 40.65 36.48
CA LYS G 31 -24.98 41.82 35.65
C LYS G 31 -24.03 41.93 34.45
N ALA G 32 -24.58 41.71 33.25
CA ALA G 32 -23.82 41.74 32.01
C ALA G 32 -23.83 43.12 31.35
N PHE G 33 -22.68 43.50 30.79
CA PHE G 33 -22.53 44.71 30.00
C PHE G 33 -22.27 44.26 28.56
N ILE G 34 -23.25 44.48 27.68
CA ILE G 34 -23.26 43.87 26.35
C ILE G 34 -22.97 44.93 25.28
N ILE G 35 -21.77 44.86 24.69
CA ILE G 35 -21.29 45.85 23.73
C ILE G 35 -21.59 45.37 22.31
N ALA G 36 -22.18 46.24 21.51
CA ALA G 36 -22.48 45.96 20.10
C ALA G 36 -22.67 47.26 19.32
N ASP G 37 -22.26 47.28 18.06
CA ASP G 37 -22.44 48.46 17.21
C ASP G 37 -23.90 48.60 16.75
N ASP G 38 -24.17 49.66 15.99
CA ASP G 38 -25.52 49.95 15.49
C ASP G 38 -26.13 48.77 14.71
N PHE G 39 -25.41 48.31 13.68
CA PHE G 39 -25.89 47.23 12.83
C PHE G 39 -26.19 45.93 13.61
N VAL G 40 -25.25 45.51 14.46
CA VAL G 40 -25.39 44.26 15.21
C VAL G 40 -26.48 44.37 16.29
N THR G 41 -26.63 45.55 16.89
CA THR G 41 -27.73 45.79 17.84
C THR G 41 -29.10 45.55 17.17
N GLY G 42 -29.28 46.08 15.96
CA GLY G 42 -30.48 45.82 15.16
C GLY G 42 -30.62 44.35 14.76
N LEU G 43 -29.50 43.72 14.44
CA LEU G 43 -29.49 42.31 13.99
C LEU G 43 -29.90 41.32 15.08
N VAL G 44 -29.28 41.42 16.26
CA VAL G 44 -29.47 40.44 17.36
C VAL G 44 -30.12 40.99 18.64
N GLY G 45 -30.47 42.27 18.63
CA GLY G 45 -31.02 42.94 19.82
C GLY G 45 -32.23 42.25 20.41
N LYS G 46 -33.15 41.83 19.54
CA LYS G 46 -34.37 41.15 19.97
C LYS G 46 -34.07 39.80 20.62
N THR G 47 -33.14 39.04 20.02
CA THR G 47 -32.75 37.73 20.55
C THR G 47 -32.14 37.84 21.94
N VAL G 48 -31.27 38.83 22.11
CA VAL G 48 -30.58 39.05 23.38
C VAL G 48 -31.60 39.47 24.46
N GLU G 49 -32.42 40.47 24.14
CA GLU G 49 -33.51 40.91 25.01
C GLU G 49 -34.40 39.76 25.45
N GLU G 50 -34.83 38.93 24.49
CA GLU G 50 -35.68 37.76 24.80
C GLU G 50 -34.97 36.69 25.63
N SER G 51 -33.65 36.58 25.53
CA SER G 51 -32.87 35.66 26.36
C SER G 51 -32.93 36.02 27.85
N TYR G 52 -33.02 37.31 28.16
CA TYR G 52 -33.08 37.79 29.55
C TYR G 52 -34.50 37.95 30.15
N ALA G 53 -35.52 38.01 29.26
CA ALA G 53 -36.93 38.13 29.71
C ALA G 53 -37.30 36.97 30.65
N GLY G 54 -37.82 37.31 31.82
CA GLY G 54 -38.17 36.31 32.83
C GLY G 54 -36.98 35.67 33.58
N LYS G 55 -35.79 36.27 33.42
CA LYS G 55 -34.57 35.72 34.03
C LYS G 55 -33.90 36.55 35.16
N GLU G 56 -33.65 35.90 36.31
CA GLU G 56 -33.23 36.59 37.52
C GLU G 56 -31.86 37.29 37.49
N THR G 57 -31.02 37.03 36.48
CA THR G 57 -29.80 37.88 36.26
C THR G 57 -30.05 39.11 35.38
N GLY G 58 -29.11 40.05 35.48
CA GLY G 58 -29.22 41.34 34.81
C GLY G 58 -28.42 41.46 33.52
N TYR G 59 -28.79 42.48 32.74
CA TYR G 59 -27.99 42.96 31.61
C TYR G 59 -28.32 44.42 31.25
N GLN G 60 -27.40 45.06 30.53
CA GLN G 60 -27.69 46.29 29.82
C GLN G 60 -26.89 46.32 28.53
N MET G 61 -27.51 46.83 27.48
CA MET G 61 -26.86 47.02 26.18
C MET G 61 -26.12 48.32 26.20
N ALA G 62 -25.03 48.38 25.44
CA ALA G 62 -24.26 49.60 25.26
C ALA G 62 -23.88 49.70 23.80
N LEU G 63 -24.09 50.88 23.21
CA LEU G 63 -23.80 51.12 21.81
C LEU G 63 -22.30 51.37 21.62
N PHE G 64 -21.68 50.56 20.77
CA PHE G 64 -20.25 50.68 20.40
C PHE G 64 -20.13 51.64 19.23
N GLY G 65 -19.17 52.57 19.31
CA GLY G 65 -18.95 53.57 18.26
C GLY G 65 -18.33 53.04 16.98
N GLY G 66 -17.75 51.84 17.02
CA GLY G 66 -17.25 51.15 15.83
C GLY G 66 -15.74 51.02 15.75
N GLU G 67 -15.02 51.79 16.58
CA GLU G 67 -13.55 51.75 16.61
C GLU G 67 -13.04 51.27 17.96
N CYS G 68 -12.10 50.32 17.94
CA CYS G 68 -11.44 49.87 19.15
C CYS G 68 -10.28 50.82 19.43
N SER G 69 -10.62 51.91 20.12
CA SER G 69 -9.66 52.93 20.51
C SER G 69 -9.62 53.08 22.02
N LYS G 70 -8.57 53.74 22.53
CA LYS G 70 -8.44 53.99 23.98
C LYS G 70 -9.56 54.87 24.55
N PRO G 71 -9.95 55.96 23.85
CA PRO G 71 -11.11 56.76 24.32
C PRO G 71 -12.40 55.97 24.42
N GLU G 72 -12.71 55.20 23.38
CA GLU G 72 -13.92 54.36 23.37
C GLU G 72 -13.85 53.25 24.43
N ILE G 73 -12.68 52.67 24.64
CA ILE G 73 -12.48 51.68 25.72
C ILE G 73 -12.69 52.31 27.11
N GLU G 74 -12.13 53.51 27.32
CA GLU G 74 -12.31 54.22 28.59
C GLU G 74 -13.78 54.59 28.84
N ARG G 75 -14.46 55.12 27.81
CA ARG G 75 -15.88 55.47 27.91
C ARG G 75 -16.72 54.26 28.36
N LEU G 76 -16.49 53.13 27.72
CA LEU G 76 -17.25 51.89 28.02
C LEU G 76 -16.89 51.28 29.38
N CYS G 77 -15.61 51.35 29.76
CA CYS G 77 -15.19 50.96 31.13
C CYS G 77 -15.95 51.75 32.21
N GLU G 78 -16.07 53.07 32.02
CA GLU G 78 -16.76 53.94 32.97
C GLU G 78 -18.25 53.59 33.04
N MET G 79 -18.91 53.50 31.88
CA MET G 79 -20.30 53.06 31.82
C MET G 79 -20.50 51.70 32.52
N SER G 80 -19.59 50.76 32.27
CA SER G 80 -19.63 49.44 32.89
C SER G 80 -19.51 49.47 34.42
N LYS G 81 -18.57 50.25 34.95
CA LYS G 81 -18.44 50.47 36.42
C LYS G 81 -19.69 51.16 36.98
N SER G 82 -20.15 52.20 36.28
CA SER G 82 -21.37 52.94 36.62
C SER G 82 -22.64 52.05 36.71
N GLU G 83 -22.78 51.08 35.80
CA GLU G 83 -23.89 50.11 35.83
C GLU G 83 -23.63 48.91 36.75
N GLU G 84 -22.48 48.91 37.43
CA GLU G 84 -22.03 47.82 38.31
C GLU G 84 -21.97 46.45 37.64
N ALA G 85 -21.55 46.42 36.38
CA ALA G 85 -21.41 45.18 35.61
C ALA G 85 -20.23 44.35 36.10
N ASP G 86 -20.45 43.05 36.25
CA ASP G 86 -19.39 42.10 36.66
C ASP G 86 -19.07 41.02 35.57
N VAL G 87 -19.55 41.24 34.35
CA VAL G 87 -19.17 40.45 33.17
C VAL G 87 -19.43 41.29 31.91
N VAL G 88 -18.50 41.24 30.95
CA VAL G 88 -18.63 42.03 29.72
C VAL G 88 -18.80 41.09 28.51
N VAL G 89 -19.66 41.49 27.58
CA VAL G 89 -19.93 40.73 26.39
C VAL G 89 -19.71 41.62 25.19
N GLY G 90 -19.01 41.08 24.18
CA GLY G 90 -18.88 41.73 22.87
C GLY G 90 -19.57 40.86 21.83
N ILE G 91 -20.35 41.50 20.96
CA ILE G 91 -21.07 40.81 19.91
C ILE G 91 -20.84 41.56 18.61
N GLY G 92 -20.21 40.90 17.63
CA GLY G 92 -19.93 41.55 16.35
C GLY G 92 -18.60 41.13 15.76
N GLY G 93 -18.00 42.05 15.01
CA GLY G 93 -16.70 41.84 14.38
C GLY G 93 -15.54 42.06 15.33
N GLY G 94 -14.33 41.91 14.79
CA GLY G 94 -13.08 41.95 15.56
C GLY G 94 -12.88 43.19 16.43
N LYS G 95 -13.21 44.35 15.89
CA LYS G 95 -13.09 45.60 16.64
C LYS G 95 -13.98 45.60 17.89
N THR G 96 -15.22 45.13 17.75
CA THR G 96 -16.13 44.99 18.90
C THR G 96 -15.61 43.98 19.92
N LEU G 97 -15.17 42.83 19.44
CA LEU G 97 -14.70 41.74 20.33
C LEU G 97 -13.48 42.18 21.11
N ASP G 98 -12.52 42.80 20.42
CA ASP G 98 -11.31 43.32 21.06
C ASP G 98 -11.60 44.42 22.09
N THR G 99 -12.59 45.27 21.79
CA THR G 99 -13.03 46.30 22.73
C THR G 99 -13.55 45.65 24.02
N ALA G 100 -14.38 44.62 23.88
CA ALA G 100 -14.89 43.88 25.03
C ALA G 100 -13.76 43.23 25.86
N LYS G 101 -12.77 42.68 25.19
CA LYS G 101 -11.63 42.05 25.90
C LYS G 101 -10.83 43.09 26.69
N ALA G 102 -10.57 44.22 26.06
CA ALA G 102 -9.91 45.37 26.73
C ALA G 102 -10.70 45.85 27.95
N VAL G 103 -12.02 46.01 27.81
CA VAL G 103 -12.88 46.42 28.93
C VAL G 103 -12.81 45.42 30.08
N GLY G 104 -12.81 44.12 29.77
CA GLY G 104 -12.72 43.09 30.80
C GLY G 104 -11.38 43.13 31.52
N TYR G 105 -10.33 43.39 30.77
CA TYR G 105 -8.97 43.55 31.31
C TYR G 105 -8.87 44.75 32.27
N TYR G 106 -9.27 45.93 31.78
CA TYR G 106 -9.19 47.16 32.60
C TYR G 106 -10.10 47.13 33.86
N ASN G 107 -11.35 46.70 33.71
CA ASN G 107 -12.27 46.56 34.85
C ASN G 107 -12.08 45.26 35.65
N ASN G 108 -11.18 44.39 35.22
CA ASN G 108 -10.91 43.10 35.90
C ASN G 108 -12.17 42.24 36.06
N ILE G 109 -12.92 42.08 34.97
CA ILE G 109 -14.11 41.22 34.95
C ILE G 109 -14.01 40.21 33.80
N PRO G 110 -14.65 39.02 33.95
CA PRO G 110 -14.60 38.02 32.87
C PRO G 110 -15.29 38.52 31.58
N VAL G 111 -14.92 37.90 30.45
CA VAL G 111 -15.32 38.35 29.13
C VAL G 111 -15.98 37.22 28.32
N ILE G 112 -17.02 37.58 27.56
CA ILE G 112 -17.63 36.72 26.57
C ILE G 112 -17.52 37.41 25.22
N VAL G 113 -16.92 36.73 24.24
CA VAL G 113 -16.88 37.23 22.87
C VAL G 113 -17.78 36.34 22.04
N ALA G 114 -18.62 36.99 21.23
CA ALA G 114 -19.60 36.31 20.40
C ALA G 114 -19.53 36.89 19.00
N PRO G 115 -18.61 36.33 18.15
CA PRO G 115 -18.48 36.85 16.80
C PRO G 115 -19.75 36.59 15.98
N THR G 116 -20.08 37.55 15.14
CA THR G 116 -21.16 37.41 14.17
C THR G 116 -20.64 36.98 12.79
N ILE G 117 -19.32 36.80 12.68
CA ILE G 117 -18.65 36.30 11.48
C ILE G 117 -17.52 35.38 11.93
N ALA G 118 -17.05 34.53 11.03
CA ALA G 118 -15.96 33.60 11.31
C ALA G 118 -14.87 33.76 10.25
N SER G 119 -14.26 34.95 10.27
CA SER G 119 -13.33 35.43 9.24
C SER G 119 -11.86 35.52 9.67
N THR G 120 -11.58 35.39 10.95
CA THR G 120 -10.20 35.39 11.45
C THR G 120 -10.10 34.45 12.65
N ASN G 121 -8.87 34.16 13.05
CA ASN G 121 -8.61 33.38 14.26
C ASN G 121 -8.33 34.26 15.51
N ALA G 122 -8.67 35.55 15.43
CA ALA G 122 -8.49 36.49 16.56
C ALA G 122 -9.39 36.26 17.78
N PRO G 123 -10.66 35.85 17.60
CA PRO G 123 -11.61 35.79 18.74
C PRO G 123 -11.14 35.08 20.00
N THR G 124 -10.49 33.93 19.85
CA THR G 124 -10.04 33.17 21.02
C THR G 124 -8.80 33.73 21.70
N SER G 125 -8.12 34.68 21.05
CA SER G 125 -6.76 35.08 21.45
C SER G 125 -6.74 36.12 22.56
N ALA G 126 -5.67 36.09 23.36
CA ALA G 126 -5.38 37.04 24.42
C ALA G 126 -4.78 38.33 23.85
N LEU G 127 -5.55 39.03 23.03
CA LEU G 127 -5.00 40.15 22.24
C LEU G 127 -6.11 41.10 21.79
N SER G 128 -5.91 42.39 22.02
CA SER G 128 -6.76 43.44 21.46
C SER G 128 -5.92 44.32 20.57
N VAL G 129 -6.36 44.52 19.32
CA VAL G 129 -5.66 45.41 18.41
C VAL G 129 -6.30 46.79 18.60
N ILE G 130 -5.51 47.74 19.07
CA ILE G 130 -5.97 49.09 19.40
C ILE G 130 -5.62 50.04 18.25
N TYR G 131 -6.59 50.88 17.88
CA TYR G 131 -6.43 51.89 16.83
C TYR G 131 -6.60 53.29 17.42
N LYS G 132 -6.03 54.27 16.76
CA LYS G 132 -6.36 55.69 17.04
C LYS G 132 -7.79 55.93 16.57
N GLU G 133 -8.39 57.03 17.04
CA GLU G 133 -9.77 57.36 16.68
C GLU G 133 -9.98 57.59 15.18
N ASN G 134 -8.92 58.02 14.48
CA ASN G 134 -8.97 58.21 13.02
C ASN G 134 -8.84 56.92 12.19
N GLY G 135 -8.57 55.79 12.84
CA GLY G 135 -8.52 54.49 12.16
C GLY G 135 -7.14 53.88 11.97
N GLU G 136 -6.08 54.64 12.26
CA GLU G 136 -4.70 54.13 12.12
C GLU G 136 -4.32 53.21 13.28
N PHE G 137 -3.50 52.19 12.99
CA PHE G 137 -3.01 51.26 14.01
C PHE G 137 -2.27 52.00 15.12
N GLU G 138 -2.59 51.73 16.38
CA GLU G 138 -1.86 52.29 17.50
C GLU G 138 -0.97 51.25 18.16
N GLU G 139 -1.56 50.20 18.75
CA GLU G 139 -0.75 49.19 19.43
C GLU G 139 -1.42 47.81 19.58
N TYR G 140 -0.59 46.81 19.85
CA TYR G 140 -1.04 45.48 20.25
C TYR G 140 -1.14 45.43 21.78
N LEU G 141 -2.35 45.30 22.31
CA LEU G 141 -2.56 45.11 23.74
C LEU G 141 -2.61 43.62 24.07
N MET G 142 -1.56 43.12 24.70
CA MET G 142 -1.43 41.70 25.10
C MET G 142 -2.21 41.55 26.40
N LEU G 143 -3.13 40.61 26.45
CA LEU G 143 -3.95 40.40 27.64
C LEU G 143 -3.37 39.28 28.48
N PRO G 144 -3.54 39.32 29.81
CA PRO G 144 -3.08 38.23 30.66
C PRO G 144 -3.78 36.89 30.42
N LEU G 145 -5.04 36.96 30.00
CA LEU G 145 -5.86 35.77 29.79
C LEU G 145 -6.61 35.81 28.46
N ASN G 146 -6.79 34.63 27.86
CA ASN G 146 -7.71 34.50 26.74
C ASN G 146 -9.13 34.76 27.26
N PRO G 147 -10.03 35.28 26.41
CA PRO G 147 -11.39 35.55 26.84
C PRO G 147 -12.02 34.35 27.55
N THR G 148 -12.82 34.61 28.57
CA THR G 148 -13.39 33.54 29.39
C THR G 148 -14.23 32.57 28.53
N PHE G 149 -15.21 33.09 27.79
CA PHE G 149 -16.03 32.27 26.89
C PHE G 149 -15.95 32.86 25.48
N VAL G 150 -15.90 31.96 24.49
CA VAL G 150 -16.15 32.30 23.10
C VAL G 150 -17.42 31.57 22.68
N ILE G 151 -18.38 32.29 22.12
CA ILE G 151 -19.69 31.75 21.73
C ILE G 151 -19.94 31.97 20.24
N MET G 152 -20.15 30.88 19.50
CA MET G 152 -20.38 30.92 18.05
C MET G 152 -21.83 30.54 17.72
N ASP G 153 -22.65 31.55 17.42
CA ASP G 153 -24.02 31.35 16.99
C ASP G 153 -23.98 31.13 15.49
N THR G 154 -24.03 29.86 15.08
CA THR G 154 -23.81 29.50 13.69
C THR G 154 -24.94 29.98 12.77
N LYS G 155 -26.13 30.14 13.32
CA LYS G 155 -27.27 30.70 12.59
C LYS G 155 -27.03 32.16 12.25
N VAL G 156 -26.61 32.94 13.23
CA VAL G 156 -26.26 34.35 12.99
C VAL G 156 -25.08 34.45 12.02
N ILE G 157 -24.05 33.63 12.24
CA ILE G 157 -22.83 33.66 11.40
C ILE G 157 -23.12 33.34 9.94
N ALA G 158 -24.00 32.38 9.69
CA ALA G 158 -24.36 32.00 8.33
C ALA G 158 -25.06 33.13 7.54
N SER G 159 -25.69 34.09 8.25
CA SER G 159 -26.29 35.25 7.56
C SER G 159 -25.27 36.26 6.99
N ALA G 160 -24.00 36.19 7.41
CA ALA G 160 -22.92 37.00 6.83
C ALA G 160 -22.59 36.59 5.39
N PRO G 161 -22.04 37.50 4.58
CA PRO G 161 -21.60 37.11 3.22
C PRO G 161 -20.56 35.98 3.25
N ALA G 162 -20.65 35.04 2.32
CA ALA G 162 -19.75 33.88 2.26
C ALA G 162 -18.28 34.26 2.09
N ARG G 163 -18.02 35.40 1.43
CA ARG G 163 -16.67 35.92 1.33
C ARG G 163 -15.94 35.98 2.68
N LEU G 164 -16.68 36.33 3.73
CA LEU G 164 -16.11 36.41 5.09
C LEU G 164 -15.76 35.03 5.65
N LEU G 165 -16.58 34.01 5.39
CA LEU G 165 -16.29 32.65 5.85
C LEU G 165 -15.06 32.11 5.11
N VAL G 166 -15.01 32.37 3.80
CA VAL G 166 -13.89 31.97 2.95
C VAL G 166 -12.60 32.65 3.42
N SER G 167 -12.68 33.94 3.72
CA SER G 167 -11.53 34.67 4.27
C SER G 167 -11.01 34.00 5.55
N GLY G 168 -11.91 33.52 6.40
CA GLY G 168 -11.54 32.75 7.58
C GLY G 168 -10.85 31.45 7.28
N MET G 169 -11.20 30.82 6.15
CA MET G 169 -10.48 29.64 5.66
C MET G 169 -9.04 30.01 5.27
N GLY G 170 -8.87 31.17 4.65
CA GLY G 170 -7.54 31.67 4.28
C GLY G 170 -6.63 31.87 5.49
N ASP G 171 -7.19 32.52 6.51
CA ASP G 171 -6.53 32.71 7.80
C ASP G 171 -6.18 31.36 8.45
N ALA G 172 -7.14 30.44 8.46
CA ALA G 172 -6.94 29.08 8.99
C ALA G 172 -5.87 28.24 8.23
N LEU G 173 -5.74 28.51 6.94
CA LEU G 173 -4.82 27.79 6.07
C LEU G 173 -3.36 27.92 6.49
N ALA G 174 -2.98 29.08 7.01
CA ALA G 174 -1.61 29.33 7.46
C ALA G 174 -1.21 28.56 8.72
N THR G 175 -2.19 28.20 9.54
CA THR G 175 -1.91 27.79 10.93
C THR G 175 -0.96 26.60 11.06
N TYR G 176 -1.18 25.52 10.31
CA TYR G 176 -0.31 24.35 10.40
C TYR G 176 1.13 24.66 9.95
N PHE G 177 1.27 25.38 8.84
CA PHE G 177 2.57 25.65 8.27
C PHE G 177 3.42 26.56 9.16
N GLU G 178 2.77 27.55 9.77
CA GLU G 178 3.43 28.47 10.71
C GLU G 178 3.81 27.76 12.00
N ALA G 179 2.92 26.93 12.51
CA ALA G 179 3.17 26.14 13.71
C ALA G 179 4.26 25.07 13.50
N ARG G 180 4.20 24.39 12.36
CA ARG G 180 5.23 23.42 11.97
C ARG G 180 6.61 24.07 11.92
N ALA G 181 6.69 25.23 11.27
CA ALA G 181 7.94 25.98 11.19
C ALA G 181 8.50 26.35 12.55
N THR G 182 7.64 26.90 13.41
CA THR G 182 8.02 27.30 14.76
C THR G 182 8.50 26.11 15.61
N LYS G 183 7.80 25.00 15.54
CA LYS G 183 8.22 23.80 16.28
C LYS G 183 9.55 23.24 15.76
N ARG G 184 9.71 23.21 14.43
CA ARG G 184 10.98 22.83 13.79
C ARG G 184 12.13 23.71 14.27
N ALA G 185 11.89 25.01 14.31
CA ALA G 185 12.85 25.99 14.81
C ALA G 185 13.12 25.93 16.31
N ASN G 186 12.30 25.21 17.07
CA ASN G 186 12.35 25.20 18.54
C ASN G 186 12.15 26.61 19.15
N LYS G 187 11.35 27.43 18.47
CA LYS G 187 11.05 28.80 18.89
C LYS G 187 9.76 28.84 19.71
N THR G 188 9.44 30.01 20.25
CA THR G 188 8.34 30.19 21.17
C THR G 188 7.15 30.87 20.52
N THR G 189 6.00 30.74 21.17
CA THR G 189 4.71 31.17 20.67
C THR G 189 4.18 32.41 21.42
N MET G 190 3.08 33.00 20.92
CA MET G 190 2.35 34.04 21.68
C MET G 190 1.91 33.58 23.08
N ALA G 191 1.65 32.29 23.26
CA ALA G 191 1.35 31.73 24.58
C ALA G 191 2.54 31.77 25.56
N GLY G 192 3.75 31.99 25.04
CA GLY G 192 4.93 32.32 25.87
C GLY G 192 5.93 31.20 26.13
N GLY G 193 5.73 30.05 25.50
CA GLY G 193 6.66 28.93 25.62
C GLY G 193 6.85 28.24 24.29
N ARG G 194 7.47 27.07 24.34
CA ARG G 194 7.60 26.21 23.17
C ARG G 194 6.28 25.45 22.90
N VAL G 195 6.22 24.78 21.75
CA VAL G 195 4.99 24.24 21.21
C VAL G 195 4.64 22.87 21.81
N THR G 196 3.43 22.78 22.39
CA THR G 196 2.90 21.50 22.88
C THR G 196 2.51 20.58 21.72
N GLU G 197 2.44 19.28 22.01
CA GLU G 197 1.89 18.31 21.06
C GLU G 197 0.41 18.58 20.76
N ALA G 198 -0.34 19.00 21.79
CA ALA G 198 -1.74 19.40 21.63
C ALA G 198 -1.91 20.50 20.56
N ALA G 199 -1.11 21.55 20.63
CA ALA G 199 -1.26 22.69 19.71
C ALA G 199 -0.94 22.35 18.26
N ILE G 200 0.13 21.59 18.04
CA ILE G 200 0.51 21.20 16.67
C ILE G 200 -0.54 20.23 16.10
N ALA G 201 -1.07 19.33 16.93
CA ALA G 201 -2.16 18.45 16.52
C ALA G 201 -3.44 19.21 16.13
N LEU G 202 -3.80 20.23 16.90
CA LEU G 202 -4.95 21.09 16.57
C LEU G 202 -4.72 21.92 15.31
N ALA G 203 -3.49 22.41 15.12
CA ALA G 203 -3.09 23.11 13.91
C ALA G 203 -3.19 22.22 12.66
N LYS G 204 -2.73 20.98 12.80
CA LYS G 204 -2.79 19.98 11.71
C LYS G 204 -4.25 19.64 11.37
N LEU G 205 -5.07 19.40 12.39
CA LEU G 205 -6.51 19.17 12.18
C LEU G 205 -7.18 20.37 11.50
N CYS G 206 -6.74 21.57 11.87
CA CYS G 206 -7.25 22.80 11.25
C CYS G 206 -7.05 22.74 9.73
N TYR G 207 -5.81 22.51 9.29
CA TYR G 207 -5.47 22.41 7.88
C TYR G 207 -6.26 21.31 7.16
N ASP G 208 -6.24 20.11 7.71
CA ASP G 208 -6.98 18.96 7.17
C ASP G 208 -8.46 19.24 7.00
N THR G 209 -9.06 19.94 7.96
CA THR G 209 -10.47 20.30 7.92
C THR G 209 -10.76 21.29 6.78
N GLN G 210 -9.86 22.25 6.55
CA GLN G 210 -10.03 23.17 5.42
C GLN G 210 -10.06 22.41 4.09
N ILE G 211 -9.10 21.51 3.89
CA ILE G 211 -8.97 20.74 2.65
C ILE G 211 -10.20 19.84 2.42
N LEU G 212 -10.61 19.11 3.46
CA LEU G 212 -11.76 18.20 3.36
C LEU G 212 -13.14 18.89 3.27
N GLU G 213 -13.29 20.01 3.99
CA GLU G 213 -14.62 20.61 4.26
C GLU G 213 -14.88 21.99 3.66
N GLY G 214 -13.84 22.71 3.25
CA GLY G 214 -14.00 24.12 2.87
C GLY G 214 -14.99 24.38 1.75
N LEU G 215 -14.87 23.58 0.68
CA LEU G 215 -15.74 23.73 -0.49
C LEU G 215 -17.20 23.41 -0.14
N LYS G 216 -17.42 22.28 0.53
CA LYS G 216 -18.76 21.90 1.00
C LYS G 216 -19.40 22.99 1.87
N ALA G 217 -18.58 23.58 2.74
CA ALA G 217 -19.02 24.66 3.61
C ALA G 217 -19.33 25.91 2.81
N LYS G 218 -18.47 26.28 1.88
CA LYS G 218 -18.74 27.44 1.02
C LYS G 218 -20.06 27.33 0.25
N LEU G 219 -20.31 26.19 -0.37
CA LEU G 219 -21.53 25.99 -1.16
C LEU G 219 -22.83 26.17 -0.34
N ALA G 220 -22.78 25.78 0.93
CA ALA G 220 -23.87 26.02 1.87
C ALA G 220 -23.94 27.50 2.32
N ALA G 221 -22.78 28.08 2.68
CA ALA G 221 -22.73 29.45 3.22
C ALA G 221 -23.09 30.54 2.20
N GLU G 222 -22.81 30.30 0.93
CA GLU G 222 -23.28 31.17 -0.17
C GLU G 222 -24.79 31.39 -0.19
N LYS G 223 -25.56 30.39 0.26
CA LYS G 223 -27.01 30.49 0.38
C LYS G 223 -27.45 30.80 1.81
N HIS G 224 -26.50 31.20 2.65
CA HIS G 224 -26.72 31.51 4.05
C HIS G 224 -27.34 30.36 4.85
N LEU G 225 -26.90 29.14 4.54
CA LEU G 225 -27.40 27.93 5.18
C LEU G 225 -26.32 27.28 6.02
N VAL G 226 -26.74 26.60 7.07
CA VAL G 226 -25.85 25.90 7.99
C VAL G 226 -25.98 24.40 7.80
N THR G 227 -24.91 23.78 7.30
CA THR G 227 -24.74 22.33 7.30
C THR G 227 -23.64 21.95 8.28
N GLU G 228 -23.47 20.66 8.54
CA GLU G 228 -22.39 20.19 9.41
C GLU G 228 -20.98 20.55 8.86
N ALA G 229 -20.85 20.72 7.55
CA ALA G 229 -19.61 21.21 6.96
C ALA G 229 -19.33 22.63 7.41
N VAL G 230 -20.37 23.45 7.45
CA VAL G 230 -20.24 24.83 7.94
C VAL G 230 -19.88 24.81 9.43
N GLU G 231 -20.52 23.94 10.20
CA GLU G 231 -20.18 23.77 11.62
C GLU G 231 -18.71 23.42 11.82
N LYS G 232 -18.18 22.48 11.04
CA LYS G 232 -16.78 22.08 11.19
C LYS G 232 -15.79 23.19 10.80
N ILE G 233 -16.12 23.94 9.75
CA ILE G 233 -15.31 25.05 9.28
C ILE G 233 -15.31 26.19 10.30
N ILE G 234 -16.46 26.50 10.89
CA ILE G 234 -16.54 27.54 11.92
C ILE G 234 -15.64 27.15 13.12
N GLU G 235 -15.69 25.90 13.54
CA GLU G 235 -14.81 25.40 14.61
C GLU G 235 -13.33 25.52 14.18
N ALA G 236 -13.02 25.09 12.96
CA ALA G 236 -11.65 25.16 12.44
C ALA G 236 -11.11 26.59 12.30
N ASN G 237 -11.93 27.48 11.74
CA ASN G 237 -11.61 28.90 11.59
C ASN G 237 -11.39 29.63 12.92
N THR G 238 -11.99 29.13 13.99
CA THR G 238 -12.01 29.85 15.28
C THR G 238 -11.21 29.14 16.36
N TYR G 239 -11.66 27.97 16.80
CA TYR G 239 -10.96 27.31 17.89
C TYR G 239 -9.64 26.69 17.43
N LEU G 240 -9.72 25.80 16.44
CA LEU G 240 -8.54 25.05 15.99
C LEU G 240 -7.42 25.97 15.51
N SER G 241 -7.78 26.92 14.64
CA SER G 241 -6.83 27.91 14.14
C SER G 241 -6.37 28.89 15.21
N GLY G 242 -7.28 29.26 16.13
CA GLY G 242 -6.97 30.15 17.24
C GLY G 242 -5.95 29.59 18.20
N ILE G 243 -6.20 28.37 18.70
CA ILE G 243 -5.24 27.70 19.59
C ILE G 243 -3.97 27.32 18.80
N GLY G 244 -4.17 26.86 17.57
CA GLY G 244 -3.06 26.45 16.71
C GLY G 244 -2.07 27.55 16.44
N SER G 245 -2.55 28.77 16.16
CA SER G 245 -1.61 29.86 15.86
C SER G 245 -1.05 30.50 17.13
N GLU G 246 -1.90 30.79 18.11
CA GLU G 246 -1.43 31.41 19.34
C GLU G 246 -0.53 30.50 20.18
N SER G 247 -0.86 29.21 20.30
CA SER G 247 -0.04 28.27 21.07
C SER G 247 0.89 27.38 20.20
N GLY G 248 0.82 27.52 18.88
CA GLY G 248 1.71 26.79 17.96
C GLY G 248 2.74 27.65 17.24
N GLY G 249 2.44 28.93 17.06
CA GLY G 249 3.43 29.91 16.57
C GLY G 249 3.01 30.53 15.26
N LEU G 250 3.32 31.80 15.10
CA LEU G 250 3.20 32.47 13.81
C LEU G 250 4.61 32.49 13.15
N ALA G 251 4.64 32.78 11.86
CA ALA G 251 5.88 32.73 11.10
C ALA G 251 5.80 33.66 9.86
N ALA G 252 6.16 33.16 8.68
CA ALA G 252 6.36 34.03 7.53
C ALA G 252 5.07 34.56 6.94
N ALA G 253 4.01 33.73 6.97
CA ALA G 253 2.71 34.11 6.38
C ALA G 253 2.09 35.34 7.02
N HIS G 254 2.08 35.39 8.35
CA HIS G 254 1.58 36.58 9.06
C HIS G 254 2.51 37.78 8.90
N ALA G 255 3.82 37.56 8.93
CA ALA G 255 4.78 38.64 8.66
C ALA G 255 4.60 39.22 7.27
N ILE G 256 4.41 38.35 6.27
CA ILE G 256 4.17 38.78 4.89
C ILE G 256 2.81 39.50 4.77
N HIS G 257 1.78 39.00 5.48
CA HIS G 257 0.50 39.73 5.62
C HIS G 257 0.73 41.19 6.08
N ASN G 258 1.54 41.37 7.13
CA ASN G 258 1.83 42.70 7.68
C ASN G 258 2.57 43.58 6.69
N GLY G 259 3.58 43.02 6.03
CA GLY G 259 4.33 43.74 5.00
C GLY G 259 3.51 44.22 3.82
N LEU G 260 2.45 43.48 3.47
CA LEU G 260 1.58 43.86 2.34
C LEU G 260 0.80 45.18 2.58
N THR G 261 0.76 45.68 3.82
CA THR G 261 0.13 46.98 4.14
C THR G 261 0.74 48.13 3.32
N VAL G 262 2.03 48.00 2.98
CA VAL G 262 2.74 48.91 2.08
C VAL G 262 2.02 49.08 0.73
N LEU G 263 1.45 48.00 0.20
CA LEU G 263 0.67 48.06 -1.04
C LEU G 263 -0.77 48.51 -0.75
N GLU G 264 -1.05 49.77 -1.06
CA GLU G 264 -2.33 50.42 -0.79
C GLU G 264 -3.53 49.70 -1.45
N GLU G 265 -3.33 49.22 -2.67
CA GLU G 265 -4.32 48.39 -3.38
C GLU G 265 -4.82 47.14 -2.62
N THR G 266 -4.04 46.63 -1.67
CA THR G 266 -4.43 45.44 -0.90
C THR G 266 -5.24 45.73 0.37
N HIS G 267 -5.41 47.02 0.72
CA HIS G 267 -6.19 47.38 1.92
C HIS G 267 -7.68 46.98 1.83
N HIS G 268 -8.24 46.91 0.63
CA HIS G 268 -9.62 46.43 0.45
C HIS G 268 -9.80 44.90 0.63
N MET G 269 -8.70 44.14 0.68
CA MET G 269 -8.77 42.70 0.93
C MET G 269 -8.79 42.43 2.44
N TYR G 270 -9.53 41.39 2.83
CA TYR G 270 -9.62 41.03 4.23
C TYR G 270 -8.37 40.32 4.73
N HIS G 271 -8.24 40.23 6.05
CA HIS G 271 -7.07 39.69 6.74
C HIS G 271 -6.72 38.29 6.22
N GLY G 272 -7.67 37.37 6.25
CA GLY G 272 -7.40 35.98 5.87
C GLY G 272 -7.13 35.73 4.39
N GLU G 273 -7.68 36.60 3.54
CA GLU G 273 -7.40 36.57 2.11
C GLU G 273 -5.92 36.86 1.86
N LYS G 274 -5.39 37.86 2.54
CA LYS G 274 -3.97 38.18 2.43
C LYS G 274 -3.08 37.13 3.10
N VAL G 275 -3.54 36.55 4.21
CA VAL G 275 -2.82 35.46 4.87
C VAL G 275 -2.73 34.23 3.95
N ALA G 276 -3.78 33.98 3.15
CA ALA G 276 -3.75 32.86 2.19
C ALA G 276 -2.59 32.99 1.21
N PHE G 277 -2.39 34.20 0.68
CA PHE G 277 -1.28 34.46 -0.25
C PHE G 277 0.05 34.41 0.48
N GLY G 278 0.09 34.96 1.69
CA GLY G 278 1.26 34.85 2.57
C GLY G 278 1.65 33.41 2.86
N THR G 279 0.67 32.53 2.95
CA THR G 279 0.94 31.10 3.13
C THR G 279 1.66 30.53 1.92
N LEU G 280 1.21 30.90 0.72
CA LEU G 280 1.86 30.44 -0.51
C LEU G 280 3.31 30.92 -0.54
N ALA G 281 3.52 32.19 -0.21
CA ALA G 281 4.86 32.76 -0.09
C ALA G 281 5.72 32.03 0.94
N GLN G 282 5.14 31.67 2.08
CA GLN G 282 5.89 30.87 3.07
C GLN G 282 6.33 29.54 2.46
N LEU G 283 5.44 28.89 1.72
CA LEU G 283 5.75 27.59 1.14
C LEU G 283 6.90 27.65 0.12
N ILE G 284 6.97 28.73 -0.66
CA ILE G 284 8.10 28.99 -1.54
C ILE G 284 9.37 29.23 -0.71
N LEU G 285 9.27 30.08 0.31
CA LEU G 285 10.38 30.43 1.18
C LEU G 285 11.04 29.21 1.81
N GLU G 286 10.22 28.33 2.40
CA GLU G 286 10.72 27.06 3.00
C GLU G 286 10.93 25.96 1.96
N ASP G 287 10.52 26.24 0.72
CA ASP G 287 10.61 25.32 -0.40
C ASP G 287 9.90 24.01 -0.09
N ALA G 288 8.64 24.13 0.31
CA ALA G 288 7.78 22.97 0.55
C ALA G 288 7.67 22.14 -0.74
N PRO G 289 7.39 20.83 -0.62
CA PRO G 289 7.25 19.99 -1.83
C PRO G 289 6.21 20.55 -2.78
N LYS G 290 6.46 20.38 -4.08
CA LYS G 290 5.51 20.81 -5.11
C LYS G 290 4.09 20.24 -4.87
N ALA G 291 4.00 19.02 -4.33
CA ALA G 291 2.70 18.39 -4.02
C ALA G 291 1.91 19.17 -2.96
N GLU G 292 2.62 19.63 -1.94
CA GLU G 292 2.03 20.46 -0.87
C GLU G 292 1.56 21.82 -1.42
N ILE G 293 2.36 22.43 -2.29
CA ILE G 293 2.01 23.71 -2.93
C ILE G 293 0.76 23.56 -3.81
N GLU G 294 0.72 22.50 -4.61
CA GLU G 294 -0.42 22.22 -5.48
C GLU G 294 -1.70 22.01 -4.70
N GLU G 295 -1.62 21.29 -3.58
CA GLU G 295 -2.81 21.07 -2.72
C GLU G 295 -3.35 22.41 -2.17
N VAL G 296 -2.46 23.31 -1.74
CA VAL G 296 -2.86 24.64 -1.25
C VAL G 296 -3.44 25.52 -2.35
N VAL G 297 -2.75 25.61 -3.47
CA VAL G 297 -3.21 26.47 -4.57
C VAL G 297 -4.55 25.97 -5.09
N SER G 298 -4.68 24.65 -5.21
CA SER G 298 -5.92 24.00 -5.67
C SER G 298 -7.09 24.30 -4.74
N PHE G 299 -6.89 24.10 -3.45
CA PHE G 299 -7.90 24.47 -2.47
C PHE G 299 -8.31 25.95 -2.58
N CYS G 300 -7.32 26.84 -2.67
CA CYS G 300 -7.59 28.29 -2.75
C CYS G 300 -8.42 28.63 -4.00
N LEU G 301 -8.06 28.06 -5.14
CA LEU G 301 -8.84 28.26 -6.36
C LEU G 301 -10.27 27.71 -6.26
N SER G 302 -10.45 26.58 -5.58
CA SER G 302 -11.78 25.99 -5.40
C SER G 302 -12.73 26.87 -4.58
N VAL G 303 -12.23 27.60 -3.59
CA VAL G 303 -13.07 28.43 -2.70
C VAL G 303 -13.00 29.93 -2.97
N GLY G 304 -12.09 30.37 -3.84
CA GLY G 304 -12.00 31.79 -4.23
C GLY G 304 -11.03 32.61 -3.40
N LEU G 305 -10.02 31.97 -2.83
CA LEU G 305 -8.94 32.66 -2.11
C LEU G 305 -7.87 33.11 -3.11
N PRO G 306 -7.20 34.24 -2.83
CA PRO G 306 -6.18 34.74 -3.76
C PRO G 306 -4.88 33.91 -3.74
N VAL G 307 -4.32 33.67 -4.93
CA VAL G 307 -3.00 33.01 -5.09
C VAL G 307 -2.00 33.85 -5.92
N THR G 308 -2.32 35.11 -6.20
CA THR G 308 -1.42 36.04 -6.86
C THR G 308 -1.55 37.41 -6.22
N LEU G 309 -0.59 38.28 -6.51
CA LEU G 309 -0.67 39.70 -6.16
C LEU G 309 -1.82 40.39 -6.91
N GLY G 310 -2.04 39.99 -8.16
CA GLY G 310 -3.23 40.40 -8.91
C GLY G 310 -4.53 40.17 -8.18
N ASP G 311 -4.69 38.97 -7.61
CA ASP G 311 -5.90 38.63 -6.84
C ASP G 311 -6.10 39.52 -5.61
N LEU G 312 -5.02 40.12 -5.10
CA LEU G 312 -5.09 41.11 -4.02
C LEU G 312 -5.27 42.57 -4.50
N GLY G 313 -5.48 42.77 -5.81
CA GLY G 313 -5.69 44.10 -6.38
C GLY G 313 -4.48 44.80 -6.96
N VAL G 314 -3.30 44.15 -6.90
CA VAL G 314 -2.05 44.74 -7.40
C VAL G 314 -2.01 44.56 -8.92
N LYS G 315 -2.20 45.64 -9.66
CA LYS G 315 -2.27 45.60 -11.12
C LYS G 315 -0.90 45.47 -11.80
N GLU G 316 0.15 46.02 -11.16
CA GLU G 316 1.52 46.01 -11.70
C GLU G 316 2.52 45.59 -10.63
N LEU G 317 3.42 44.66 -10.96
CA LEU G 317 4.56 44.37 -10.12
C LEU G 317 5.53 45.54 -10.16
N ASN G 318 5.72 46.18 -9.02
CA ASN G 318 6.63 47.31 -8.87
C ASN G 318 7.76 46.85 -7.95
N GLU G 319 9.00 46.87 -8.44
CA GLU G 319 10.14 46.37 -7.66
C GLU G 319 10.34 47.17 -6.37
N GLU G 320 10.27 48.50 -6.47
CA GLU G 320 10.50 49.35 -5.30
C GLU G 320 9.49 49.08 -4.18
N LYS G 321 8.22 48.98 -4.56
CA LYS G 321 7.15 48.69 -3.60
C LYS G 321 7.28 47.31 -2.97
N LEU G 322 7.55 46.31 -3.81
CA LEU G 322 7.71 44.93 -3.33
C LEU G 322 8.93 44.74 -2.42
N ARG G 323 10.01 45.50 -2.66
CA ARG G 323 11.15 45.55 -1.72
C ARG G 323 10.71 46.05 -0.35
N LYS G 324 9.89 47.10 -0.34
CA LYS G 324 9.39 47.66 0.92
C LYS G 324 8.51 46.64 1.67
N VAL G 325 7.68 45.91 0.92
CA VAL G 325 6.90 44.81 1.48
C VAL G 325 7.81 43.78 2.19
N ALA G 326 8.88 43.39 1.50
CA ALA G 326 9.85 42.44 2.04
C ALA G 326 10.59 42.99 3.26
N GLU G 327 10.99 44.26 3.18
CA GLU G 327 11.68 44.93 4.31
C GLU G 327 10.78 45.01 5.54
N LEU G 328 9.52 45.42 5.34
CA LEU G 328 8.58 45.49 6.46
C LEU G 328 8.28 44.11 7.04
N SER G 329 8.22 43.08 6.18
CA SER G 329 8.02 41.69 6.64
C SER G 329 9.17 41.22 7.54
N CYS G 330 10.38 41.74 7.30
CA CYS G 330 11.59 41.39 8.06
C CYS G 330 11.98 42.38 9.17
N ALA G 331 11.09 43.31 9.54
CA ALA G 331 11.34 44.27 10.64
C ALA G 331 11.72 43.54 11.94
N GLU G 332 12.46 44.23 12.80
CA GLU G 332 12.92 43.76 14.08
C GLU G 332 11.63 43.36 14.85
N GLY G 333 11.67 42.16 15.35
CA GLY G 333 10.56 41.58 16.14
C GLY G 333 9.53 40.77 15.37
N GLU G 334 9.55 40.83 14.03
CA GLU G 334 8.57 40.11 13.22
C GLU G 334 8.63 38.58 13.39
N THR G 335 7.49 37.95 13.12
CA THR G 335 7.33 36.50 13.31
C THR G 335 8.04 35.67 12.24
N ILE G 336 8.47 36.30 11.14
CA ILE G 336 9.23 35.62 10.10
C ILE G 336 10.50 34.94 10.60
N TYR G 337 11.07 35.43 11.70
CA TYR G 337 12.26 34.82 12.29
C TYR G 337 12.00 33.53 13.05
N ASN G 338 10.73 33.09 13.12
CA ASN G 338 10.41 31.75 13.64
C ASN G 338 10.61 30.64 12.60
N MET G 339 10.90 31.01 11.35
CA MET G 339 11.34 30.02 10.36
C MET G 339 12.64 29.35 10.85
N PRO G 340 12.81 28.04 10.59
CA PRO G 340 14.01 27.33 11.08
C PRO G 340 15.28 27.56 10.22
N PHE G 341 15.37 28.68 9.52
CA PHE G 341 16.55 29.06 8.75
C PHE G 341 16.69 30.59 8.75
N GLU G 342 17.82 31.10 8.31
CA GLU G 342 18.06 32.54 8.23
C GLU G 342 17.21 33.16 7.12
N VAL G 343 16.67 34.35 7.39
CA VAL G 343 15.80 35.07 6.48
C VAL G 343 16.34 36.46 6.23
N THR G 344 16.29 36.92 4.98
CA THR G 344 16.70 38.27 4.60
C THR G 344 15.64 38.87 3.70
N PRO G 345 15.60 40.21 3.59
CA PRO G 345 14.66 40.85 2.67
C PRO G 345 14.73 40.35 1.22
N ASP G 346 15.93 40.10 0.71
CA ASP G 346 16.12 39.51 -0.63
C ASP G 346 15.42 38.16 -0.78
N LEU G 347 15.54 37.33 0.25
CA LEU G 347 14.95 35.99 0.26
C LEU G 347 13.42 36.06 0.31
N VAL G 348 12.90 36.99 1.11
CA VAL G 348 11.44 37.22 1.22
C VAL G 348 10.87 37.86 -0.06
N TYR G 349 11.60 38.82 -0.63
CA TYR G 349 11.27 39.37 -1.96
C TYR G 349 11.14 38.24 -2.99
N ALA G 350 12.13 37.35 -3.01
CA ALA G 350 12.14 36.21 -3.93
C ALA G 350 10.94 35.28 -3.71
N ALA G 351 10.62 35.00 -2.44
CA ALA G 351 9.45 34.17 -2.09
C ALA G 351 8.11 34.79 -2.55
N ILE G 352 7.96 36.10 -2.35
CA ILE G 352 6.73 36.80 -2.70
C ILE G 352 6.50 36.82 -4.22
N VAL G 353 7.52 37.25 -4.97
CA VAL G 353 7.38 37.36 -6.43
C VAL G 353 7.24 35.97 -7.05
N THR G 354 7.94 35.00 -6.50
CA THR G 354 7.85 33.61 -6.98
C THR G 354 6.50 32.97 -6.61
N ALA G 355 5.97 33.30 -5.43
CA ALA G 355 4.61 32.87 -5.07
C ALA G 355 3.59 33.38 -6.09
N ASP G 356 3.72 34.65 -6.46
CA ASP G 356 2.92 35.25 -7.52
C ASP G 356 3.08 34.51 -8.87
N SER G 357 4.32 34.17 -9.24
CA SER G 357 4.58 33.39 -10.48
C SER G 357 3.97 31.99 -10.41
N VAL G 358 4.10 31.31 -9.27
CA VAL G 358 3.51 29.97 -9.06
C VAL G 358 1.98 30.01 -9.16
N GLY G 359 1.37 31.02 -8.54
CA GLY G 359 -0.08 31.21 -8.61
C GLY G 359 -0.58 31.45 -10.01
N ARG G 360 0.09 32.34 -10.74
CA ARG G 360 -0.24 32.61 -12.14
C ARG G 360 -0.11 31.35 -12.94
N TYR G 361 0.98 30.61 -12.72
CA TYR G 361 1.26 29.38 -13.45
C TYR G 361 0.14 28.36 -13.31
N TYR G 362 -0.31 28.12 -12.07
CA TYR G 362 -1.36 27.12 -11.82
C TYR G 362 -2.78 27.58 -12.23
N LYS G 363 -3.08 28.87 -12.08
CA LYS G 363 -4.32 29.44 -12.64
C LYS G 363 -4.45 29.21 -14.14
N GLU G 364 -3.37 29.42 -14.87
CA GLU G 364 -3.38 29.27 -16.33
C GLU G 364 -3.44 27.78 -16.72
N LYS G 365 -2.72 26.94 -15.97
CA LYS G 365 -2.69 25.50 -16.26
C LYS G 365 -3.99 24.74 -15.90
N TRP G 366 -4.76 25.24 -14.93
CA TRP G 366 -5.98 24.53 -14.45
C TRP G 366 -7.33 25.17 -14.85
N MET H 1 38.44 -4.92 -11.05
CA MET H 1 37.60 -4.93 -9.80
C MET H 1 37.63 -3.64 -8.95
N THR H 2 38.46 -2.67 -9.29
CA THR H 2 38.60 -1.43 -8.51
C THR H 2 37.42 -0.47 -8.74
N LYS H 3 36.93 0.15 -7.67
CA LYS H 3 35.93 1.21 -7.72
C LYS H 3 36.60 2.53 -7.36
N ILE H 4 36.28 3.58 -8.11
CA ILE H 4 36.83 4.92 -7.87
C ILE H 4 35.71 5.95 -7.89
N ILE H 5 35.76 6.87 -6.92
CA ILE H 5 34.94 8.09 -6.95
C ILE H 5 35.91 9.25 -6.76
N THR H 6 35.77 10.27 -7.61
CA THR H 6 36.60 11.46 -7.57
C THR H 6 35.73 12.68 -7.33
N SER H 7 36.35 13.75 -6.83
CA SER H 7 35.63 14.96 -6.42
C SER H 7 36.55 16.17 -6.39
N PRO H 8 35.98 17.37 -6.57
CA PRO H 8 36.68 18.57 -6.09
C PRO H 8 36.96 18.41 -4.61
N SER H 9 38.01 19.05 -4.13
CA SER H 9 38.36 18.99 -2.71
C SER H 9 37.30 19.70 -1.86
N LYS H 10 36.73 20.78 -2.40
CA LYS H 10 35.64 21.49 -1.75
C LYS H 10 34.66 21.98 -2.82
N PHE H 11 33.36 21.84 -2.53
CA PHE H 11 32.32 22.44 -3.35
C PHE H 11 31.54 23.38 -2.42
N ILE H 12 31.47 24.65 -2.83
CA ILE H 12 31.04 25.76 -1.95
C ILE H 12 29.93 26.53 -2.65
N GLN H 13 28.78 26.68 -1.99
CA GLN H 13 27.61 27.28 -2.64
C GLN H 13 26.86 28.21 -1.69
N GLY H 14 26.46 29.35 -2.21
CA GLY H 14 25.73 30.34 -1.44
C GLY H 14 25.63 31.66 -2.18
N PRO H 15 24.72 32.54 -1.73
CA PRO H 15 24.63 33.87 -2.36
C PRO H 15 25.82 34.76 -1.99
N ASP H 16 26.34 35.50 -2.97
CA ASP H 16 27.43 36.47 -2.79
C ASP H 16 28.77 35.84 -2.33
N GLU H 17 28.99 34.57 -2.70
CA GLU H 17 30.24 33.85 -2.42
C GLU H 17 31.52 34.49 -3.01
N LEU H 18 31.41 35.15 -4.17
CA LEU H 18 32.56 35.85 -4.76
C LEU H 18 33.10 36.98 -3.88
N SER H 19 32.25 37.56 -3.03
CA SER H 19 32.66 38.58 -2.07
C SER H 19 33.61 38.02 -1.00
N ARG H 20 33.66 36.70 -0.85
CA ARG H 20 34.63 36.03 0.03
C ARG H 20 35.72 35.28 -0.77
N LEU H 21 35.92 35.63 -2.03
CA LEU H 21 36.88 34.92 -2.88
C LEU H 21 38.28 34.92 -2.27
N SER H 22 38.70 36.07 -1.72
CA SER H 22 40.00 36.21 -1.07
C SER H 22 40.18 35.26 0.12
N ALA H 23 39.12 35.02 0.89
CA ALA H 23 39.18 34.05 1.98
C ALA H 23 39.48 32.62 1.46
N TYR H 24 38.91 32.28 0.30
CA TYR H 24 39.14 30.96 -0.32
C TYR H 24 40.51 30.84 -0.99
N THR H 25 40.92 31.83 -1.78
CA THR H 25 42.26 31.80 -2.41
C THR H 25 43.39 31.79 -1.37
N GLU H 26 43.21 32.54 -0.28
CA GLU H 26 44.17 32.55 0.85
C GLU H 26 44.39 31.18 1.53
N ARG H 27 43.39 30.29 1.50
CA ARG H 27 43.56 28.92 2.02
C ARG H 27 44.50 28.06 1.16
N LEU H 28 44.61 28.39 -0.13
CA LEU H 28 45.42 27.63 -1.09
C LEU H 28 46.77 28.26 -1.42
N GLY H 29 46.84 29.58 -1.40
CA GLY H 29 48.11 30.29 -1.66
C GLY H 29 48.10 31.79 -1.33
N LYS H 30 49.27 32.40 -1.47
CA LYS H 30 49.48 33.81 -1.16
C LYS H 30 49.12 34.77 -2.30
N LYS H 31 49.07 34.28 -3.55
CA LYS H 31 48.91 35.14 -4.72
C LYS H 31 48.03 34.47 -5.78
N ALA H 32 46.84 35.03 -5.99
CA ALA H 32 45.86 34.48 -6.93
C ALA H 32 45.98 35.11 -8.31
N PHE H 33 45.80 34.27 -9.34
CA PHE H 33 45.76 34.70 -10.73
C PHE H 33 44.31 34.44 -11.20
N ILE H 34 43.56 35.52 -11.43
CA ILE H 34 42.12 35.44 -11.61
C ILE H 34 41.75 35.71 -13.08
N ILE H 35 41.36 34.65 -13.79
CA ILE H 35 41.07 34.71 -15.21
C ILE H 35 39.58 34.96 -15.43
N ALA H 36 39.26 35.94 -16.27
CA ALA H 36 37.89 36.25 -16.64
C ALA H 36 37.85 37.04 -17.97
N ASP H 37 36.82 36.81 -18.76
CA ASP H 37 36.65 37.53 -20.02
C ASP H 37 36.17 38.98 -19.80
N ASP H 38 36.02 39.73 -20.89
CA ASP H 38 35.59 41.13 -20.83
C ASP H 38 34.26 41.30 -20.07
N PHE H 39 33.23 40.59 -20.50
CA PHE H 39 31.91 40.71 -19.90
C PHE H 39 31.89 40.38 -18.39
N VAL H 40 32.52 39.26 -18.02
CA VAL H 40 32.52 38.80 -16.62
C VAL H 40 33.37 39.72 -15.74
N THR H 41 34.47 40.26 -16.28
CA THR H 41 35.29 41.24 -15.56
C THR H 41 34.45 42.48 -15.18
N GLY H 42 33.64 42.98 -16.12
CA GLY H 42 32.70 44.07 -15.84
C GLY H 42 31.61 43.67 -14.86
N LEU H 43 31.13 42.43 -14.97
CA LEU H 43 30.05 41.92 -14.10
C LEU H 43 30.45 41.79 -12.63
N VAL H 44 31.58 41.14 -12.36
CA VAL H 44 32.01 40.79 -10.98
C VAL H 44 33.32 41.45 -10.52
N GLY H 45 33.92 42.28 -11.38
CA GLY H 45 35.21 42.91 -11.08
C GLY H 45 35.25 43.67 -9.78
N LYS H 46 34.20 44.46 -9.53
CA LYS H 46 34.10 45.24 -8.29
C LYS H 46 34.01 44.37 -7.04
N THR H 47 33.21 43.30 -7.13
CA THR H 47 33.05 42.36 -6.00
C THR H 47 34.37 41.68 -5.64
N VAL H 48 35.10 41.26 -6.67
CA VAL H 48 36.39 40.59 -6.48
C VAL H 48 37.41 41.55 -5.86
N GLU H 49 37.56 42.72 -6.47
CA GLU H 49 38.40 43.81 -5.96
C GLU H 49 38.11 44.12 -4.49
N GLU H 50 36.82 44.28 -4.15
CA GLU H 50 36.41 44.56 -2.77
C GLU H 50 36.68 43.40 -1.81
N SER H 51 36.67 42.17 -2.30
CA SER H 51 37.03 40.99 -1.48
C SER H 51 38.47 41.02 -1.00
N TYR H 52 39.37 41.57 -1.80
CA TYR H 52 40.80 41.66 -1.45
C TYR H 52 41.23 42.95 -0.70
N ALA H 53 40.39 44.00 -0.78
CA ALA H 53 40.67 45.27 -0.09
C ALA H 53 40.86 45.05 1.42
N GLY H 54 41.97 45.53 1.95
CA GLY H 54 42.30 45.33 3.37
C GLY H 54 42.77 43.92 3.76
N LYS H 55 43.06 43.09 2.74
CA LYS H 55 43.45 41.68 2.99
C LYS H 55 44.89 41.27 2.64
N GLU H 56 45.59 40.65 3.62
CA GLU H 56 47.02 40.40 3.51
C GLU H 56 47.50 39.44 2.40
N THR H 57 46.59 38.68 1.77
CA THR H 57 46.94 37.94 0.53
C THR H 57 46.78 38.75 -0.77
N GLY H 58 47.45 38.26 -1.81
CA GLY H 58 47.51 38.95 -3.10
C GLY H 58 46.55 38.40 -4.15
N TYR H 59 46.35 39.23 -5.18
CA TYR H 59 45.70 38.81 -6.41
C TYR H 59 46.08 39.72 -7.60
N GLN H 60 45.87 39.21 -8.81
CA GLN H 60 45.85 40.03 -10.01
C GLN H 60 44.84 39.46 -10.99
N MET H 61 44.12 40.35 -11.67
CA MET H 61 43.17 39.99 -12.71
C MET H 61 43.91 39.81 -14.00
N ALA H 62 43.41 38.93 -14.86
CA ALA H 62 43.95 38.73 -16.19
C ALA H 62 42.79 38.57 -17.15
N LEU H 63 42.84 39.30 -18.26
CA LEU H 63 41.79 39.28 -19.26
C LEU H 63 41.91 38.03 -20.14
N PHE H 64 40.84 37.25 -20.18
CA PHE H 64 40.73 36.03 -21.01
C PHE H 64 40.22 36.43 -22.40
N GLY H 65 40.86 35.91 -23.44
CA GLY H 65 40.47 36.21 -24.84
C GLY H 65 39.17 35.59 -25.30
N GLY H 66 38.66 34.58 -24.58
CA GLY H 66 37.34 34.00 -24.84
C GLY H 66 37.38 32.57 -25.37
N GLU H 67 38.55 32.12 -25.83
CA GLU H 67 38.71 30.76 -26.35
C GLU H 67 39.69 29.95 -25.53
N CYS H 68 39.30 28.73 -25.17
CA CYS H 68 40.18 27.80 -24.47
C CYS H 68 41.01 27.09 -25.52
N SER H 69 42.12 27.74 -25.89
CA SER H 69 43.07 27.22 -26.87
C SER H 69 44.44 27.06 -26.24
N LYS H 70 45.32 26.31 -26.90
CA LYS H 70 46.70 26.11 -26.43
C LYS H 70 47.52 27.42 -26.38
N PRO H 71 47.42 28.27 -27.43
CA PRO H 71 48.11 29.57 -27.36
C PRO H 71 47.66 30.46 -26.20
N GLU H 72 46.34 30.56 -26.00
CA GLU H 72 45.79 31.35 -24.89
C GLU H 72 46.16 30.73 -23.51
N ILE H 73 46.16 29.40 -23.42
CA ILE H 73 46.61 28.72 -22.19
C ILE H 73 48.10 29.00 -21.92
N GLU H 74 48.94 28.93 -22.94
CA GLU H 74 50.37 29.20 -22.78
C GLU H 74 50.62 30.67 -22.37
N ARG H 75 49.93 31.61 -23.03
CA ARG H 75 50.04 33.04 -22.71
C ARG H 75 49.74 33.30 -21.22
N LEU H 76 48.64 32.72 -20.74
CA LEU H 76 48.20 32.89 -19.34
C LEU H 76 49.10 32.17 -18.34
N CYS H 77 49.60 30.98 -18.70
CA CYS H 77 50.62 30.30 -17.88
C CYS H 77 51.87 31.17 -17.66
N GLU H 78 52.34 31.82 -18.73
CA GLU H 78 53.52 32.69 -18.66
C GLU H 78 53.25 33.90 -17.78
N MET H 79 52.14 34.59 -18.03
CA MET H 79 51.71 35.69 -17.15
C MET H 79 51.62 35.28 -15.68
N SER H 80 51.03 34.10 -15.44
CA SER H 80 50.90 33.55 -14.08
C SER H 80 52.25 33.28 -13.40
N LYS H 81 53.20 32.66 -14.12
CA LYS H 81 54.59 32.47 -13.61
C LYS H 81 55.29 33.80 -13.37
N SER H 82 55.14 34.72 -14.33
CA SER H 82 55.68 36.08 -14.26
C SER H 82 55.18 36.88 -13.03
N GLU H 83 53.90 36.74 -12.68
CA GLU H 83 53.32 37.37 -11.47
C GLU H 83 53.54 36.55 -10.19
N GLU H 84 54.25 35.42 -10.30
CA GLU H 84 54.50 34.49 -9.20
C GLU H 84 53.24 33.96 -8.50
N ALA H 85 52.19 33.72 -9.29
CA ALA H 85 50.92 33.20 -8.75
C ALA H 85 51.06 31.74 -8.33
N ASP H 86 50.51 31.41 -7.17
CA ASP H 86 50.49 30.04 -6.64
C ASP H 86 49.05 29.44 -6.47
N VAL H 87 48.06 30.12 -7.06
CA VAL H 87 46.70 29.59 -7.17
C VAL H 87 46.00 30.30 -8.34
N VAL H 88 45.25 29.54 -9.14
CA VAL H 88 44.57 30.10 -10.31
C VAL H 88 43.05 30.03 -10.12
N VAL H 89 42.36 31.09 -10.56
CA VAL H 89 40.93 31.18 -10.46
C VAL H 89 40.36 31.45 -11.83
N GLY H 90 39.30 30.73 -12.18
CA GLY H 90 38.52 31.00 -13.39
C GLY H 90 37.12 31.40 -12.98
N ILE H 91 36.61 32.47 -13.60
CA ILE H 91 35.28 32.99 -13.29
C ILE H 91 34.57 33.21 -14.63
N GLY H 92 33.45 32.51 -14.84
CA GLY H 92 32.69 32.64 -16.08
C GLY H 92 32.12 31.33 -16.56
N GLY H 93 32.00 31.22 -17.88
CA GLY H 93 31.49 30.02 -18.55
C GLY H 93 32.55 28.95 -18.72
N GLY H 94 32.14 27.84 -19.34
CA GLY H 94 32.96 26.64 -19.47
C GLY H 94 34.33 26.84 -20.08
N LYS H 95 34.41 27.65 -21.12
CA LYS H 95 35.70 27.94 -21.76
C LYS H 95 36.69 28.61 -20.79
N THR H 96 36.20 29.58 -20.02
CA THR H 96 37.03 30.22 -18.98
C THR H 96 37.46 29.24 -17.89
N LEU H 97 36.51 28.44 -17.40
CA LEU H 97 36.78 27.49 -16.32
C LEU H 97 37.80 26.46 -16.74
N ASP H 98 37.62 25.91 -17.95
CA ASP H 98 38.56 24.92 -18.50
C ASP H 98 39.96 25.50 -18.71
N THR H 99 40.03 26.76 -19.14
CA THR H 99 41.30 27.46 -19.30
C THR H 99 42.04 27.54 -17.95
N ALA H 100 41.31 27.92 -16.90
CA ALA H 100 41.87 27.95 -15.56
C ALA H 100 42.37 26.58 -15.08
N LYS H 101 41.64 25.52 -15.39
CA LYS H 101 42.04 24.16 -14.99
C LYS H 101 43.33 23.75 -15.70
N ALA H 102 43.39 24.03 -17.01
CA ALA H 102 44.60 23.80 -17.81
C ALA H 102 45.81 24.55 -17.27
N VAL H 103 45.63 25.84 -16.95
CA VAL H 103 46.71 26.67 -16.37
C VAL H 103 47.19 26.08 -15.04
N GLY H 104 46.29 25.61 -14.20
CA GLY H 104 46.66 24.99 -12.93
C GLY H 104 47.44 23.71 -13.12
N TYR H 105 47.04 22.94 -14.13
CA TYR H 105 47.73 21.69 -14.50
C TYR H 105 49.16 21.97 -15.00
N TYR H 106 49.29 22.85 -16.00
CA TYR H 106 50.61 23.16 -16.57
C TYR H 106 51.59 23.84 -15.58
N ASN H 107 51.10 24.82 -14.81
CA ASN H 107 51.93 25.49 -13.77
C ASN H 107 51.97 24.72 -12.45
N ASN H 108 51.27 23.59 -12.34
CA ASN H 108 51.24 22.77 -11.12
C ASN H 108 50.82 23.56 -9.86
N ILE H 109 49.72 24.31 -9.99
CA ILE H 109 49.15 25.07 -8.87
C ILE H 109 47.66 24.71 -8.71
N PRO H 110 47.13 24.81 -7.46
CA PRO H 110 45.71 24.51 -7.24
C PRO H 110 44.78 25.46 -8.00
N VAL H 111 43.54 25.01 -8.22
CA VAL H 111 42.57 25.72 -9.06
C VAL H 111 41.26 25.97 -8.35
N ILE H 112 40.67 27.15 -8.59
CA ILE H 112 39.32 27.49 -8.16
C ILE H 112 38.52 27.81 -9.41
N VAL H 113 37.40 27.11 -9.60
CA VAL H 113 36.48 27.42 -10.69
C VAL H 113 35.22 27.99 -10.07
N ALA H 114 34.77 29.12 -10.65
CA ALA H 114 33.62 29.84 -10.14
C ALA H 114 32.70 30.15 -11.31
N PRO H 115 31.80 29.20 -11.67
CA PRO H 115 30.89 29.44 -12.78
C PRO H 115 29.94 30.59 -12.49
N THR H 116 29.64 31.38 -13.52
CA THR H 116 28.63 32.42 -13.46
C THR H 116 27.28 31.94 -14.01
N ILE H 117 27.23 30.67 -14.44
CA ILE H 117 26.03 30.01 -14.94
C ILE H 117 26.06 28.57 -14.44
N ALA H 118 24.90 27.91 -14.44
CA ALA H 118 24.80 26.52 -13.99
C ALA H 118 24.09 25.70 -15.06
N SER H 119 24.77 25.61 -16.22
CA SER H 119 24.20 25.06 -17.46
C SER H 119 24.78 23.72 -17.90
N THR H 120 25.86 23.26 -17.27
CA THR H 120 26.42 21.95 -17.56
C THR H 120 27.00 21.34 -16.29
N ASN H 121 27.32 20.06 -16.36
CA ASN H 121 28.01 19.38 -15.26
C ASN H 121 29.54 19.32 -15.44
N ALA H 122 30.09 20.14 -16.34
CA ALA H 122 31.54 20.19 -16.57
C ALA H 122 32.40 20.79 -15.43
N PRO H 123 31.91 21.81 -14.69
CA PRO H 123 32.76 22.52 -13.73
C PRO H 123 33.54 21.69 -12.73
N THR H 124 32.92 20.66 -12.16
CA THR H 124 33.58 19.80 -11.16
C THR H 124 34.57 18.81 -11.76
N SER H 125 34.56 18.64 -13.09
CA SER H 125 35.25 17.51 -13.74
C SER H 125 36.73 17.78 -13.99
N ALA H 126 37.51 16.69 -13.98
CA ALA H 126 38.93 16.69 -14.30
C ALA H 126 39.16 16.70 -15.82
N LEU H 127 38.72 17.77 -16.48
CA LEU H 127 38.65 17.80 -17.95
C LEU H 127 38.64 19.23 -18.46
N SER H 128 39.51 19.52 -19.43
CA SER H 128 39.44 20.77 -20.18
C SER H 128 39.21 20.45 -21.64
N VAL H 129 38.20 21.07 -22.24
CA VAL H 129 37.93 20.88 -23.67
C VAL H 129 38.70 21.98 -24.38
N ILE H 130 39.67 21.57 -25.19
CA ILE H 130 40.58 22.48 -25.91
C ILE H 130 40.11 22.66 -27.34
N TYR H 131 40.10 23.92 -27.80
CA TYR H 131 39.72 24.28 -29.16
C TYR H 131 40.90 24.92 -29.87
N LYS H 132 40.89 24.86 -31.21
CA LYS H 132 41.79 25.67 -32.03
C LYS H 132 41.37 27.13 -31.88
N GLU H 133 42.25 28.05 -32.27
CA GLU H 133 41.98 29.49 -32.15
C GLU H 133 40.77 29.93 -32.98
N ASN H 134 40.49 29.23 -34.08
CA ASN H 134 39.33 29.52 -34.93
C ASN H 134 37.98 29.00 -34.40
N GLY H 135 38.00 28.22 -33.31
CA GLY H 135 36.77 27.75 -32.66
C GLY H 135 36.45 26.27 -32.83
N GLU H 136 37.18 25.57 -33.70
CA GLU H 136 36.96 24.13 -33.90
C GLU H 136 37.52 23.28 -32.76
N PHE H 137 36.85 22.18 -32.46
CA PHE H 137 37.32 21.24 -31.42
C PHE H 137 38.71 20.72 -31.74
N GLU H 138 39.62 20.77 -30.76
CA GLU H 138 40.94 20.18 -30.94
C GLU H 138 41.10 18.90 -30.15
N GLU H 139 41.04 18.96 -28.82
CA GLU H 139 41.20 17.75 -28.00
C GLU H 139 40.57 17.81 -26.60
N TYR H 140 40.39 16.62 -26.02
CA TYR H 140 40.03 16.47 -24.62
C TYR H 140 41.30 16.36 -23.78
N LEU H 141 41.57 17.36 -22.94
CA LEU H 141 42.69 17.32 -22.00
C LEU H 141 42.23 16.75 -20.66
N MET H 142 42.64 15.52 -20.36
CA MET H 142 42.30 14.82 -19.11
C MET H 142 43.24 15.32 -18.06
N LEU H 143 42.71 15.79 -16.93
CA LEU H 143 43.54 16.34 -15.85
C LEU H 143 43.75 15.28 -14.79
N PRO H 144 44.90 15.30 -14.09
CA PRO H 144 45.14 14.33 -13.02
C PRO H 144 44.19 14.47 -11.83
N LEU H 145 43.72 15.69 -11.58
CA LEU H 145 42.87 16.01 -10.45
C LEU H 145 41.66 16.85 -10.86
N ASN H 146 40.53 16.63 -10.18
CA ASN H 146 39.40 17.54 -10.26
C ASN H 146 39.84 18.87 -9.66
N PRO H 147 39.26 20.00 -10.12
CA PRO H 147 39.63 21.29 -9.57
C PRO H 147 39.57 21.32 -8.06
N THR H 148 40.50 22.03 -7.43
CA THR H 148 40.61 22.05 -5.97
C THR H 148 39.29 22.53 -5.31
N PHE H 149 38.81 23.71 -5.69
CA PHE H 149 37.55 24.26 -5.19
C PHE H 149 36.64 24.57 -6.37
N VAL H 150 35.34 24.28 -6.20
CA VAL H 150 34.29 24.81 -7.06
C VAL H 150 33.44 25.73 -6.20
N ILE H 151 33.22 26.96 -6.66
CA ILE H 151 32.47 27.98 -5.91
C ILE H 151 31.27 28.48 -6.72
N MET H 152 30.07 28.32 -6.16
CA MET H 152 28.82 28.71 -6.83
C MET H 152 28.19 29.92 -6.13
N ASP H 153 28.35 31.10 -6.73
CA ASP H 153 27.73 32.33 -6.24
C ASP H 153 26.32 32.37 -6.83
N THR H 154 25.34 31.96 -6.03
CA THR H 154 23.98 31.78 -6.52
C THR H 154 23.31 33.10 -6.91
N LYS H 155 23.74 34.19 -6.29
CA LYS H 155 23.26 35.53 -6.63
C LYS H 155 23.72 35.93 -8.03
N VAL H 156 25.00 35.74 -8.31
CA VAL H 156 25.53 36.00 -9.65
C VAL H 156 24.87 35.07 -10.68
N ILE H 157 24.76 33.79 -10.35
CA ILE H 157 24.19 32.78 -11.27
C ILE H 157 22.73 33.08 -11.63
N ALA H 158 21.95 33.53 -10.66
CA ALA H 158 20.56 33.87 -10.90
C ALA H 158 20.37 35.05 -11.87
N SER H 159 21.37 35.92 -12.02
CA SER H 159 21.30 37.01 -13.01
C SER H 159 21.41 36.54 -14.48
N ALA H 160 21.88 35.32 -14.71
CA ALA H 160 21.90 34.73 -16.06
C ALA H 160 20.49 34.43 -16.59
N PRO H 161 20.31 34.39 -17.93
CA PRO H 161 18.99 33.98 -18.48
C PRO H 161 18.57 32.58 -18.01
N ALA H 162 17.28 32.41 -17.71
CA ALA H 162 16.77 31.13 -17.17
C ALA H 162 16.95 29.96 -18.14
N ARG H 163 16.96 30.24 -19.44
CA ARG H 163 17.27 29.22 -20.44
C ARG H 163 18.55 28.42 -20.11
N LEU H 164 19.55 29.11 -19.57
CA LEU H 164 20.80 28.48 -19.18
C LEU H 164 20.67 27.55 -17.96
N LEU H 165 19.85 27.94 -16.99
CA LEU H 165 19.60 27.08 -15.82
C LEU H 165 18.82 25.83 -16.25
N VAL H 166 17.83 26.04 -17.12
CA VAL H 166 17.00 24.96 -17.67
C VAL H 166 17.87 23.99 -18.47
N SER H 167 18.77 24.54 -19.29
CA SER H 167 19.72 23.71 -20.04
C SER H 167 20.56 22.82 -19.09
N GLY H 168 20.95 23.37 -17.95
CA GLY H 168 21.64 22.59 -16.92
C GLY H 168 20.79 21.47 -16.33
N MET H 169 19.47 21.69 -16.26
CA MET H 169 18.54 20.62 -15.88
C MET H 169 18.53 19.50 -16.91
N GLY H 170 18.59 19.86 -18.20
CA GLY H 170 18.66 18.89 -19.29
C GLY H 170 19.89 18.00 -19.19
N ASP H 171 21.03 18.64 -18.98
CA ASP H 171 22.30 17.96 -18.76
C ASP H 171 22.23 17.04 -17.52
N ALA H 172 21.68 17.55 -16.43
CA ALA H 172 21.48 16.78 -15.19
C ALA H 172 20.53 15.57 -15.33
N LEU H 173 19.56 15.71 -16.23
CA LEU H 173 18.55 14.67 -16.47
C LEU H 173 19.13 13.34 -16.94
N ALA H 174 20.20 13.39 -17.73
CA ALA H 174 20.85 12.19 -18.25
C ALA H 174 21.61 11.39 -17.19
N THR H 175 22.03 12.04 -16.11
CA THR H 175 23.04 11.47 -15.22
C THR H 175 22.68 10.12 -14.62
N TYR H 176 21.48 9.99 -14.05
CA TYR H 176 21.05 8.71 -13.46
C TYR H 176 20.97 7.57 -14.48
N PHE H 177 20.39 7.86 -15.64
CA PHE H 177 20.17 6.84 -16.66
C PHE H 177 21.49 6.32 -17.25
N GLU H 178 22.43 7.24 -17.46
CA GLU H 178 23.76 6.89 -17.98
C GLU H 178 24.58 6.12 -16.94
N ALA H 179 24.50 6.56 -15.68
CA ALA H 179 25.18 5.86 -14.58
C ALA H 179 24.57 4.48 -14.30
N ARG H 180 23.25 4.40 -14.31
CA ARG H 180 22.53 3.12 -14.17
C ARG H 180 22.96 2.13 -15.24
N ALA H 181 22.99 2.59 -16.49
CA ALA H 181 23.42 1.75 -17.61
C ALA H 181 24.85 1.22 -17.44
N THR H 182 25.76 2.13 -17.10
CA THR H 182 27.17 1.79 -16.88
C THR H 182 27.35 0.79 -15.75
N LYS H 183 26.67 0.99 -14.63
CA LYS H 183 26.75 0.05 -13.51
C LYS H 183 26.17 -1.33 -13.86
N ARG H 184 25.03 -1.34 -14.56
CA ARG H 184 24.41 -2.56 -15.09
C ARG H 184 25.39 -3.32 -15.98
N ALA H 185 26.05 -2.59 -16.87
CA ALA H 185 27.07 -3.15 -17.77
C ALA H 185 28.35 -3.59 -17.08
N ASN H 186 28.56 -3.21 -15.82
CA ASN H 186 29.83 -3.43 -15.11
C ASN H 186 31.03 -2.76 -15.81
N LYS H 187 30.78 -1.63 -16.47
CA LYS H 187 31.79 -0.88 -17.20
C LYS H 187 32.38 0.22 -16.32
N THR H 188 33.40 0.91 -16.84
CA THR H 188 34.16 1.87 -16.09
C THR H 188 33.82 3.30 -16.47
N THR H 189 34.18 4.22 -15.56
CA THR H 189 33.83 5.64 -15.65
C THR H 189 35.04 6.51 -16.01
N MET H 190 34.80 7.79 -16.28
CA MET H 190 35.88 8.78 -16.43
C MET H 190 36.82 8.85 -15.19
N ALA H 191 36.30 8.56 -14.01
CA ALA H 191 37.12 8.45 -12.81
C ALA H 191 38.10 7.26 -12.81
N GLY H 192 37.90 6.30 -13.72
CA GLY H 192 38.89 5.26 -14.02
C GLY H 192 38.66 3.87 -13.45
N GLY H 193 37.52 3.68 -12.78
CA GLY H 193 37.17 2.37 -12.23
C GLY H 193 35.70 2.07 -12.44
N ARG H 194 35.21 1.06 -11.75
CA ARG H 194 33.79 0.74 -11.71
C ARG H 194 33.06 1.69 -10.74
N VAL H 195 31.72 1.62 -10.77
CA VAL H 195 30.86 2.60 -10.12
C VAL H 195 30.67 2.30 -8.63
N THR H 196 30.99 3.29 -7.79
CA THR H 196 30.71 3.21 -6.34
C THR H 196 29.23 3.35 -6.05
N GLU H 197 28.82 2.88 -4.88
CA GLU H 197 27.45 3.10 -4.38
C GLU H 197 27.18 4.59 -4.16
N ALA H 198 28.20 5.32 -3.68
CA ALA H 198 28.11 6.78 -3.52
C ALA H 198 27.72 7.48 -4.82
N ALA H 199 28.39 7.15 -5.92
CA ALA H 199 28.15 7.85 -7.19
C ALA H 199 26.77 7.59 -7.78
N ILE H 200 26.31 6.34 -7.73
CA ILE H 200 24.97 5.99 -8.24
C ILE H 200 23.88 6.64 -7.36
N ALA H 201 24.10 6.68 -6.05
CA ALA H 201 23.20 7.38 -5.13
C ALA H 201 23.11 8.89 -5.41
N LEU H 202 24.24 9.53 -5.68
CA LEU H 202 24.27 10.95 -6.04
C LEU H 202 23.62 11.21 -7.41
N ALA H 203 23.83 10.30 -8.36
CA ALA H 203 23.18 10.36 -9.66
C ALA H 203 21.65 10.25 -9.55
N LYS H 204 21.19 9.32 -8.70
CA LYS H 204 19.75 9.11 -8.45
C LYS H 204 19.14 10.36 -7.77
N LEU H 205 19.82 10.89 -6.76
CA LEU H 205 19.36 12.13 -6.11
C LEU H 205 19.32 13.29 -7.11
N CYS H 206 20.28 13.32 -8.03
CA CYS H 206 20.29 14.33 -9.08
C CYS H 206 18.98 14.31 -9.86
N TYR H 207 18.62 13.14 -10.40
CA TYR H 207 17.37 12.95 -11.15
C TYR H 207 16.13 13.32 -10.34
N ASP H 208 16.02 12.77 -9.14
CA ASP H 208 14.90 13.06 -8.24
C ASP H 208 14.74 14.55 -7.95
N THR H 209 15.85 15.25 -7.77
CA THR H 209 15.85 16.69 -7.52
C THR H 209 15.33 17.46 -8.73
N GLN H 210 15.70 17.04 -9.95
CA GLN H 210 15.17 17.69 -11.15
C GLN H 210 13.65 17.58 -11.21
N ILE H 211 13.13 16.37 -10.99
CA ILE H 211 11.68 16.10 -11.07
C ILE H 211 10.91 16.91 -9.98
N LEU H 212 11.39 16.88 -8.75
CA LEU H 212 10.74 17.57 -7.64
C LEU H 212 10.88 19.11 -7.66
N GLU H 213 12.03 19.61 -8.12
CA GLU H 213 12.43 21.01 -7.92
C GLU H 213 12.57 21.87 -9.18
N GLY H 214 12.68 21.25 -10.36
CA GLY H 214 13.04 21.99 -11.58
C GLY H 214 12.10 23.12 -11.94
N LEU H 215 10.80 22.83 -11.89
CA LEU H 215 9.76 23.81 -12.24
C LEU H 215 9.75 24.97 -11.25
N LYS H 216 9.74 24.66 -9.95
CA LYS H 216 9.81 25.68 -8.90
C LYS H 216 11.04 26.59 -9.05
N ALA H 217 12.17 25.97 -9.39
CA ALA H 217 13.41 26.70 -9.63
C ALA H 217 13.31 27.56 -10.88
N LYS H 218 12.78 27.02 -11.97
CA LYS H 218 12.59 27.82 -13.19
C LYS H 218 11.74 29.08 -12.96
N LEU H 219 10.61 28.93 -12.29
CA LEU H 219 9.69 30.06 -12.04
C LEU H 219 10.36 31.22 -11.26
N ALA H 220 11.26 30.88 -10.35
CA ALA H 220 12.08 31.85 -9.64
C ALA H 220 13.20 32.43 -10.53
N ALA H 221 13.91 31.57 -11.26
CA ALA H 221 15.07 31.99 -12.07
C ALA H 221 14.69 32.86 -13.27
N GLU H 222 13.51 32.66 -13.83
CA GLU H 222 12.95 33.56 -14.86
C GLU H 222 12.89 35.03 -14.45
N LYS H 223 12.70 35.28 -13.15
CA LYS H 223 12.69 36.65 -12.59
C LYS H 223 14.02 37.00 -11.95
N HIS H 224 15.04 36.19 -12.22
CA HIS H 224 16.39 36.36 -11.67
C HIS H 224 16.44 36.38 -10.15
N LEU H 225 15.61 35.54 -9.52
CA LEU H 225 15.50 35.46 -8.07
C LEU H 225 16.01 34.12 -7.58
N VAL H 226 16.55 34.12 -6.35
CA VAL H 226 17.08 32.93 -5.72
C VAL H 226 16.15 32.48 -4.61
N THR H 227 15.53 31.31 -4.81
CA THR H 227 14.82 30.58 -3.74
C THR H 227 15.60 29.31 -3.41
N GLU H 228 15.21 28.62 -2.36
CA GLU H 228 15.83 27.35 -1.99
C GLU H 228 15.69 26.26 -3.10
N ALA H 229 14.66 26.36 -3.93
CA ALA H 229 14.53 25.49 -5.09
C ALA H 229 15.65 25.74 -6.08
N VAL H 230 15.98 27.02 -6.28
CA VAL H 230 17.10 27.37 -7.16
C VAL H 230 18.41 26.88 -6.55
N GLU H 231 18.58 27.03 -5.24
CA GLU H 231 19.75 26.49 -4.53
C GLU H 231 19.91 24.98 -4.76
N LYS H 232 18.82 24.22 -4.62
CA LYS H 232 18.89 22.77 -4.79
C LYS H 232 19.21 22.35 -6.22
N ILE H 233 18.64 23.06 -7.19
CA ILE H 233 18.89 22.81 -8.60
C ILE H 233 20.32 23.14 -9.00
N ILE H 234 20.86 24.24 -8.48
CA ILE H 234 22.26 24.59 -8.74
C ILE H 234 23.19 23.50 -8.22
N GLU H 235 22.94 22.99 -7.01
CA GLU H 235 23.70 21.88 -6.45
C GLU H 235 23.54 20.62 -7.33
N ALA H 236 22.30 20.32 -7.74
CA ALA H 236 22.04 19.14 -8.58
C ALA H 236 22.69 19.23 -9.97
N ASN H 237 22.56 20.39 -10.61
CA ASN H 237 23.16 20.68 -11.91
C ASN H 237 24.69 20.61 -11.92
N THR H 238 25.31 20.83 -10.75
CA THR H 238 26.77 20.99 -10.68
C THR H 238 27.43 19.85 -9.90
N TYR H 239 27.19 19.75 -8.61
CA TYR H 239 27.87 18.72 -7.83
C TYR H 239 27.30 17.34 -8.11
N LEU H 240 26.00 17.17 -7.87
CA LEU H 240 25.37 15.85 -7.98
C LEU H 240 25.53 15.25 -9.37
N SER H 241 25.21 16.04 -10.39
CA SER H 241 25.37 15.63 -11.78
C SER H 241 26.84 15.48 -12.19
N GLY H 242 27.69 16.34 -11.67
CA GLY H 242 29.13 16.28 -11.93
C GLY H 242 29.80 15.01 -11.41
N ILE H 243 29.59 14.71 -10.13
CA ILE H 243 30.12 13.47 -9.55
C ILE H 243 29.39 12.26 -10.14
N GLY H 244 28.08 12.39 -10.31
CA GLY H 244 27.24 11.33 -10.87
C GLY H 244 27.67 10.87 -12.25
N SER H 245 27.98 11.82 -13.14
CA SER H 245 28.37 11.44 -14.50
C SER H 245 29.83 11.03 -14.58
N GLU H 246 30.74 11.80 -14.00
CA GLU H 246 32.16 11.48 -14.05
C GLU H 246 32.53 10.20 -13.29
N SER H 247 31.96 9.98 -12.11
CA SER H 247 32.22 8.76 -11.32
C SER H 247 31.14 7.67 -11.43
N GLY H 248 30.06 7.95 -12.17
CA GLY H 248 29.00 6.96 -12.41
C GLY H 248 28.91 6.45 -13.84
N GLY H 249 29.36 7.24 -14.81
CA GLY H 249 29.54 6.79 -16.18
C GLY H 249 28.67 7.57 -17.15
N LEU H 250 29.19 7.81 -18.34
CA LEU H 250 28.39 8.32 -19.44
C LEU H 250 27.98 7.13 -20.34
N ALA H 251 27.02 7.36 -21.23
CA ALA H 251 26.47 6.29 -22.05
C ALA H 251 25.86 6.87 -23.36
N ALA H 252 24.63 6.49 -23.69
CA ALA H 252 24.09 6.77 -25.02
C ALA H 252 23.71 8.23 -25.21
N ALA H 253 23.22 8.87 -24.14
CA ALA H 253 22.76 10.26 -24.21
C ALA H 253 23.85 11.24 -24.59
N HIS H 254 25.02 11.12 -23.97
CA HIS H 254 26.18 11.97 -24.34
C HIS H 254 26.73 11.62 -25.72
N ALA H 255 26.78 10.33 -26.05
CA ALA H 255 27.20 9.91 -27.39
C ALA H 255 26.26 10.47 -28.47
N ILE H 256 24.96 10.40 -28.22
CA ILE H 256 23.96 10.95 -29.13
C ILE H 256 24.06 12.49 -29.20
N HIS H 257 24.32 13.15 -28.06
CA HIS H 257 24.66 14.59 -28.05
C HIS H 257 25.82 14.91 -29.03
N ASN H 258 26.89 14.12 -28.98
CA ASN H 258 28.05 14.32 -29.84
C ASN H 258 27.71 14.11 -31.31
N GLY H 259 26.97 13.05 -31.60
CA GLY H 259 26.53 12.76 -32.97
C GLY H 259 25.65 13.85 -33.60
N LEU H 260 24.87 14.55 -32.78
CA LEU H 260 24.00 15.61 -33.28
C LEU H 260 24.75 16.81 -33.88
N THR H 261 26.07 16.92 -33.64
CA THR H 261 26.91 17.97 -34.24
C THR H 261 26.83 17.97 -35.79
N VAL H 262 26.62 16.78 -36.35
CA VAL H 262 26.35 16.58 -37.79
C VAL H 262 25.20 17.46 -38.31
N LEU H 263 24.14 17.61 -37.50
CA LEU H 263 23.02 18.48 -37.85
C LEU H 263 23.34 19.94 -37.48
N GLU H 264 23.65 20.74 -38.51
CA GLU H 264 24.06 22.14 -38.36
C GLU H 264 23.02 23.01 -37.64
N GLU H 265 21.74 22.78 -37.94
CA GLU H 265 20.62 23.46 -37.26
C GLU H 265 20.63 23.33 -35.71
N THR H 266 21.28 22.29 -35.16
CA THR H 266 21.33 22.09 -33.72
C THR H 266 22.49 22.79 -33.00
N HIS H 267 23.40 23.42 -33.75
CA HIS H 267 24.53 24.14 -33.15
C HIS H 267 24.10 25.35 -32.30
N HIS H 268 22.95 25.97 -32.60
CA HIS H 268 22.42 27.06 -31.77
C HIS H 268 21.80 26.59 -30.42
N MET H 269 21.60 25.27 -30.25
CA MET H 269 21.11 24.73 -28.99
C MET H 269 22.26 24.47 -28.03
N TYR H 270 22.02 24.69 -26.74
CA TYR H 270 23.05 24.47 -25.72
C TYR H 270 23.24 22.99 -25.43
N HIS H 271 24.34 22.69 -24.76
CA HIS H 271 24.80 21.33 -24.46
C HIS H 271 23.68 20.51 -23.79
N GLY H 272 23.16 21.00 -22.68
CA GLY H 272 22.17 20.27 -21.90
C GLY H 272 20.80 20.09 -22.55
N GLU H 273 20.44 21.04 -23.41
CA GLU H 273 19.22 20.93 -24.20
C GLU H 273 19.30 19.73 -25.14
N LYS H 274 20.44 19.56 -25.79
CA LYS H 274 20.66 18.40 -26.65
C LYS H 274 20.80 17.10 -25.86
N VAL H 275 21.43 17.17 -24.68
CA VAL H 275 21.53 16.00 -23.79
C VAL H 275 20.14 15.54 -23.33
N ALA H 276 19.21 16.48 -23.11
CA ALA H 276 17.83 16.14 -22.73
C ALA H 276 17.18 15.24 -23.78
N PHE H 277 17.34 15.59 -25.05
CA PHE H 277 16.79 14.78 -26.15
C PHE H 277 17.53 13.47 -26.28
N GLY H 278 18.85 13.52 -26.13
CA GLY H 278 19.68 12.32 -26.08
C GLY H 278 19.27 11.34 -24.97
N THR H 279 18.79 11.88 -23.85
CA THR H 279 18.27 11.06 -22.77
C THR H 279 17.02 10.30 -23.21
N LEU H 280 16.12 10.99 -23.91
CA LEU H 280 14.90 10.36 -24.42
C LEU H 280 15.28 9.24 -25.39
N ALA H 281 16.21 9.51 -26.30
CA ALA H 281 16.74 8.51 -27.22
C ALA H 281 17.36 7.32 -26.48
N GLN H 282 18.11 7.56 -25.39
CA GLN H 282 18.63 6.45 -24.60
C GLN H 282 17.51 5.60 -24.05
N LEU H 283 16.44 6.23 -23.56
CA LEU H 283 15.32 5.50 -22.96
C LEU H 283 14.60 4.60 -23.98
N ILE H 284 14.48 5.05 -25.22
CA ILE H 284 13.97 4.22 -26.31
C ILE H 284 14.94 3.06 -26.59
N LEU H 285 16.23 3.39 -26.70
CA LEU H 285 17.28 2.40 -26.99
C LEU H 285 17.29 1.25 -25.98
N GLU H 286 17.27 1.58 -24.69
CA GLU H 286 17.21 0.56 -23.61
C GLU H 286 15.78 0.05 -23.36
N ASP H 287 14.81 0.67 -24.03
CA ASP H 287 13.39 0.36 -23.91
C ASP H 287 12.93 0.46 -22.47
N ALA H 288 13.20 1.60 -21.85
CA ALA H 288 12.74 1.89 -20.49
C ALA H 288 11.21 1.81 -20.44
N PRO H 289 10.64 1.53 -19.26
CA PRO H 289 9.17 1.47 -19.14
C PRO H 289 8.51 2.75 -19.63
N LYS H 290 7.34 2.62 -20.24
CA LYS H 290 6.57 3.76 -20.70
C LYS H 290 6.34 4.81 -19.58
N ALA H 291 6.20 4.35 -18.33
CA ALA H 291 6.01 5.24 -17.19
C ALA H 291 7.23 6.14 -16.94
N GLU H 292 8.42 5.58 -17.07
CA GLU H 292 9.68 6.31 -16.96
C GLU H 292 9.83 7.34 -18.10
N ILE H 293 9.47 6.95 -19.31
CA ILE H 293 9.50 7.86 -20.48
C ILE H 293 8.55 9.04 -20.29
N GLU H 294 7.33 8.74 -19.86
CA GLU H 294 6.32 9.78 -19.62
C GLU H 294 6.76 10.77 -18.55
N GLU H 295 7.37 10.29 -17.47
CA GLU H 295 7.89 11.18 -16.43
C GLU H 295 8.96 12.14 -16.97
N VAL H 296 9.87 11.64 -17.80
CA VAL H 296 10.92 12.47 -18.43
C VAL H 296 10.34 13.47 -19.42
N VAL H 297 9.49 13.01 -20.32
CA VAL H 297 8.92 13.89 -21.34
C VAL H 297 8.08 14.98 -20.68
N SER H 298 7.31 14.59 -19.65
CA SER H 298 6.46 15.51 -18.89
C SER H 298 7.28 16.60 -18.21
N PHE H 299 8.32 16.18 -17.50
CA PHE H 299 9.25 17.13 -16.89
C PHE H 299 9.83 18.11 -17.93
N CYS H 300 10.30 17.57 -19.06
CA CYS H 300 10.90 18.40 -20.12
C CYS H 300 9.92 19.43 -20.67
N LEU H 301 8.69 19.01 -20.93
CA LEU H 301 7.65 19.94 -21.37
C LEU H 301 7.32 21.01 -20.33
N SER H 302 7.33 20.65 -19.04
CA SER H 302 7.05 21.61 -17.97
C SER H 302 8.09 22.73 -17.87
N VAL H 303 9.36 22.45 -18.14
CA VAL H 303 10.45 23.44 -18.02
C VAL H 303 10.98 24.00 -19.34
N GLY H 304 10.53 23.45 -20.48
CA GLY H 304 10.89 23.96 -21.80
C GLY H 304 12.13 23.32 -22.43
N LEU H 305 12.41 22.08 -22.04
CA LEU H 305 13.48 21.28 -22.64
C LEU H 305 12.96 20.58 -23.90
N PRO H 306 13.84 20.38 -24.91
CA PRO H 306 13.40 19.72 -26.15
C PRO H 306 13.13 18.22 -26.00
N VAL H 307 12.05 17.75 -26.63
CA VAL H 307 11.71 16.31 -26.72
C VAL H 307 11.52 15.83 -28.18
N THR H 308 11.86 16.66 -29.16
CA THR H 308 11.85 16.28 -30.56
C THR H 308 13.07 16.88 -31.26
N LEU H 309 13.35 16.38 -32.46
CA LEU H 309 14.36 16.97 -33.34
C LEU H 309 13.93 18.38 -33.78
N GLY H 310 12.63 18.57 -34.00
CA GLY H 310 12.06 19.90 -34.22
C GLY H 310 12.42 20.90 -33.15
N ASP H 311 12.31 20.51 -31.88
CA ASP H 311 12.68 21.40 -30.76
C ASP H 311 14.16 21.79 -30.76
N LEU H 312 15.01 20.98 -31.41
CA LEU H 312 16.42 21.32 -31.63
C LEU H 312 16.69 22.12 -32.91
N GLY H 313 15.64 22.53 -33.64
CA GLY H 313 15.77 23.33 -34.86
C GLY H 313 15.74 22.55 -36.17
N VAL H 314 15.60 21.22 -36.11
CA VAL H 314 15.59 20.37 -37.31
C VAL H 314 14.19 20.40 -37.91
N LYS H 315 14.04 21.12 -39.03
CA LYS H 315 12.75 21.30 -39.69
C LYS H 315 12.28 20.08 -40.48
N GLU H 316 13.23 19.31 -41.03
CA GLU H 316 12.94 18.11 -41.83
C GLU H 316 13.77 16.92 -41.39
N LEU H 317 13.13 15.78 -41.20
CA LEU H 317 13.83 14.51 -41.01
C LEU H 317 14.48 14.11 -42.32
N ASN H 318 15.81 14.06 -42.34
CA ASN H 318 16.58 13.65 -43.50
C ASN H 318 17.27 12.34 -43.13
N GLU H 319 16.99 11.28 -43.90
CA GLU H 319 17.54 9.96 -43.58
C GLU H 319 19.07 9.95 -43.64
N GLU H 320 19.64 10.54 -44.67
CA GLU H 320 21.10 10.54 -44.86
C GLU H 320 21.81 11.23 -43.68
N LYS H 321 21.30 12.39 -43.28
CA LYS H 321 21.87 13.16 -42.17
C LYS H 321 21.74 12.40 -40.85
N LEU H 322 20.55 11.84 -40.60
CA LEU H 322 20.30 11.11 -39.36
C LEU H 322 21.12 9.81 -39.25
N ARG H 323 21.41 9.16 -40.38
CA ARG H 323 22.36 8.04 -40.41
C ARG H 323 23.74 8.48 -39.95
N LYS H 324 24.20 9.64 -40.43
CA LYS H 324 25.51 10.17 -40.03
C LYS H 324 25.55 10.48 -38.52
N VAL H 325 24.44 11.04 -38.00
CA VAL H 325 24.29 11.24 -36.56
C VAL H 325 24.50 9.93 -35.78
N ALA H 326 23.82 8.88 -36.24
CA ALA H 326 23.92 7.55 -35.62
C ALA H 326 25.32 6.95 -35.74
N GLU H 327 25.94 7.11 -36.92
CA GLU H 327 27.30 6.61 -37.15
C GLU H 327 28.30 7.32 -36.25
N LEU H 328 28.21 8.65 -36.16
CA LEU H 328 29.11 9.40 -35.29
C LEU H 328 28.89 9.06 -33.81
N SER H 329 27.63 8.81 -33.41
CA SER H 329 27.32 8.39 -32.05
C SER H 329 27.97 7.06 -31.68
N CYS H 330 28.15 6.19 -32.68
CA CYS H 330 28.77 4.87 -32.51
C CYS H 330 30.26 4.77 -32.88
N ALA H 331 30.95 5.90 -33.06
CA ALA H 331 32.40 5.91 -33.37
C ALA H 331 33.19 5.15 -32.31
N GLU H 332 34.35 4.63 -32.72
CA GLU H 332 35.17 3.71 -31.87
C GLU H 332 35.14 3.80 -30.34
N GLY H 333 35.69 4.86 -29.72
CA GLY H 333 35.72 4.97 -28.27
C GLY H 333 34.54 5.67 -27.61
N GLU H 334 33.42 5.83 -28.32
CA GLU H 334 32.26 6.54 -27.76
C GLU H 334 31.66 5.86 -26.52
N THR H 335 30.98 6.67 -25.72
CA THR H 335 30.41 6.22 -24.45
C THR H 335 29.14 5.36 -24.61
N ILE H 336 28.57 5.35 -25.82
CA ILE H 336 27.41 4.51 -26.11
C ILE H 336 27.63 3.02 -25.84
N TYR H 337 28.89 2.57 -25.90
CA TYR H 337 29.22 1.17 -25.62
C TYR H 337 29.21 0.80 -24.13
N ASN H 338 28.93 1.78 -23.25
CA ASN H 338 28.66 1.48 -21.84
C ASN H 338 27.25 0.97 -21.58
N MET H 339 26.38 0.99 -22.58
CA MET H 339 25.09 0.33 -22.49
C MET H 339 25.31 -1.18 -22.24
N PRO H 340 24.44 -1.82 -21.42
CA PRO H 340 24.65 -3.25 -21.10
C PRO H 340 24.14 -4.23 -22.21
N PHE H 341 24.12 -3.78 -23.46
CA PHE H 341 23.76 -4.63 -24.61
C PHE H 341 24.54 -4.14 -25.83
N GLU H 342 24.54 -4.93 -26.91
CA GLU H 342 25.22 -4.54 -28.14
C GLU H 342 24.47 -3.41 -28.84
N VAL H 343 25.24 -2.48 -29.40
CA VAL H 343 24.71 -1.30 -30.07
C VAL H 343 25.25 -1.22 -31.49
N THR H 344 24.40 -0.84 -32.44
CA THR H 344 24.80 -0.64 -33.83
C THR H 344 24.21 0.67 -34.33
N PRO H 345 24.77 1.23 -35.40
CA PRO H 345 24.20 2.45 -35.98
C PRO H 345 22.71 2.36 -36.35
N ASP H 346 22.28 1.22 -36.89
CA ASP H 346 20.86 0.96 -37.17
C ASP H 346 19.99 1.10 -35.93
N LEU H 347 20.46 0.54 -34.83
CA LEU H 347 19.74 0.54 -33.55
C LEU H 347 19.64 1.96 -32.97
N VAL H 348 20.74 2.72 -33.09
CA VAL H 348 20.78 4.12 -32.63
C VAL H 348 19.95 5.04 -33.54
N TYR H 349 20.02 4.82 -34.86
CA TYR H 349 19.12 5.49 -35.80
C TYR H 349 17.65 5.28 -35.39
N ALA H 350 17.29 4.03 -35.10
CA ALA H 350 15.94 3.67 -34.68
C ALA H 350 15.54 4.38 -33.38
N ALA H 351 16.46 4.41 -32.42
CA ALA H 351 16.22 5.10 -31.13
C ALA H 351 15.99 6.61 -31.30
N ILE H 352 16.79 7.25 -32.15
CA ILE H 352 16.70 8.70 -32.37
C ILE H 352 15.38 9.08 -33.05
N VAL H 353 15.06 8.41 -34.15
CA VAL H 353 13.85 8.75 -34.90
C VAL H 353 12.59 8.40 -34.08
N THR H 354 12.66 7.30 -33.33
CA THR H 354 11.55 6.90 -32.48
C THR H 354 11.40 7.82 -31.26
N ALA H 355 12.52 8.30 -30.72
CA ALA H 355 12.47 9.33 -29.66
C ALA H 355 11.74 10.58 -30.14
N ASP H 356 12.06 11.00 -31.36
CA ASP H 356 11.36 12.10 -32.02
C ASP H 356 9.86 11.81 -32.19
N SER H 357 9.50 10.59 -32.61
CA SER H 357 8.08 10.19 -32.73
C SER H 357 7.37 10.18 -31.36
N VAL H 358 8.03 9.65 -30.33
CA VAL H 358 7.47 9.63 -28.96
C VAL H 358 7.25 11.05 -28.43
N GLY H 359 8.22 11.93 -28.66
CA GLY H 359 8.09 13.33 -28.25
C GLY H 359 6.95 14.05 -28.92
N ARG H 360 6.84 13.89 -30.24
CA ARG H 360 5.74 14.46 -31.01
C ARG H 360 4.43 13.93 -30.49
N TYR H 361 4.37 12.62 -30.25
CA TYR H 361 3.15 11.95 -29.77
C TYR H 361 2.66 12.57 -28.45
N TYR H 362 3.55 12.73 -27.48
CA TYR H 362 3.17 13.27 -26.17
C TYR H 362 2.90 14.78 -26.16
N LYS H 363 3.64 15.55 -26.97
CA LYS H 363 3.30 16.97 -27.19
C LYS H 363 1.88 17.18 -27.71
N GLU H 364 1.46 16.35 -28.66
CA GLU H 364 0.12 16.46 -29.25
C GLU H 364 -0.93 15.99 -28.27
N LYS H 365 -0.64 14.91 -27.53
CA LYS H 365 -1.60 14.35 -26.58
C LYS H 365 -1.79 15.18 -25.30
N TRP H 366 -0.81 15.99 -24.89
CA TRP H 366 -0.86 16.76 -23.63
C TRP H 366 -1.05 18.28 -23.78
#